data_1DDO
#
_entry.id   1DDO
#
_cell.length_a   325.200
_cell.length_b   137.100
_cell.length_c   196.800
_cell.angle_alpha   90.00
_cell.angle_beta   90.00
_cell.angle_gamma   90.00
#
_symmetry.space_group_name_H-M   'C 2 2 21'
#
loop_
_entity.id
_entity.type
_entity.pdbx_description
1 polymer 'D-AMINO ACID OXIDASE'
2 non-polymer 'FLAVIN-ADENINE DINUCLEOTIDE'
3 non-polymer IMINO-TRYPTOPHAN
4 non-polymer D-TRYPTOPHAN
5 water water
#
_entity_poly.entity_id   1
_entity_poly.type   'polypeptide(L)'
_entity_poly.pdbx_seq_one_letter_code
;MRVVVIGAGVIGLSTALCIHERYHSVLQPLDVKVYADRFTPFTTTDVAAGLWQPYTSEPSNPQEANWNQQTFNYLLSHIG
SPNAANMGLTPVSGYNLFREAVPDPYWKDMVLGFRKLTPRELDMFPDYRYGWFNTSLILEGRKYLQWLTERLTERGVKFF
LRKVESFEEVARGGADVIINCTGVWAGVLQPDPLLQPGRGQIIKVDAPWLKNFIITHDLERGIYNSPYIIPGLQAVTLGG
TFQVGNWNEINNIQDHNTIWEGCCRLEPTLKDAKIVGEYTGFRPVRPQVRLEREQLRFGSSNTEVIHNYGHGGYGLTIHW
GCALEVAKLFGKVLEERNLLTMPPSHL
;
_entity_poly.pdbx_strand_id   A,B,C,D,E,F,G,H
#
# COMPACT_ATOMS: atom_id res chain seq x y z
N MET A 1 46.37 17.99 64.57
CA MET A 1 47.05 18.99 63.75
C MET A 1 46.42 19.20 62.39
N ARG A 2 46.95 20.21 61.69
CA ARG A 2 46.44 20.60 60.41
C ARG A 2 47.04 19.72 59.38
N VAL A 3 46.20 18.97 58.66
CA VAL A 3 46.77 18.15 57.59
C VAL A 3 46.05 18.50 56.29
N VAL A 4 46.78 18.60 55.19
CA VAL A 4 46.15 18.92 53.92
C VAL A 4 46.59 17.94 52.86
N VAL A 5 45.58 17.34 52.26
CA VAL A 5 45.92 16.37 51.25
C VAL A 5 45.65 17.03 49.94
N ILE A 6 46.68 17.08 49.12
CA ILE A 6 46.45 17.70 47.83
C ILE A 6 46.24 16.56 46.89
N GLY A 7 45.01 16.49 46.35
CA GLY A 7 44.63 15.46 45.37
C GLY A 7 43.42 14.63 45.79
N ALA A 8 42.48 14.37 44.88
CA ALA A 8 41.33 13.60 45.29
C ALA A 8 41.19 12.35 44.40
N GLY A 9 42.33 11.85 43.92
CA GLY A 9 42.35 10.65 43.09
C GLY A 9 42.45 9.45 44.04
N VAL A 10 42.67 8.25 43.50
CA VAL A 10 42.72 7.11 44.41
C VAL A 10 43.74 7.31 45.48
N ILE A 11 44.90 7.78 45.07
CA ILE A 11 45.94 8.04 46.07
C ILE A 11 45.60 8.97 47.25
N GLY A 12 45.22 10.21 46.96
CA GLY A 12 44.93 11.09 48.08
C GLY A 12 43.86 10.55 49.00
N LEU A 13 42.72 10.24 48.38
CA LEU A 13 41.60 9.76 49.15
C LEU A 13 41.96 8.62 50.03
N SER A 14 42.67 7.62 49.50
CA SER A 14 43.01 6.50 50.37
C SER A 14 43.83 7.04 51.53
N THR A 15 44.89 7.71 51.14
CA THR A 15 45.80 8.23 52.12
C THR A 15 45.08 9.07 53.14
N ALA A 16 44.23 9.97 52.68
CA ALA A 16 43.54 10.78 53.64
C ALA A 16 42.87 9.84 54.63
N LEU A 17 42.03 8.97 54.08
CA LEU A 17 41.31 8.04 54.92
C LEU A 17 42.24 7.26 55.81
N CYS A 18 43.21 6.66 55.19
CA CYS A 18 44.11 5.86 55.95
C CYS A 18 44.75 6.60 57.12
N ILE A 19 45.21 7.83 56.90
CA ILE A 19 45.85 8.59 57.97
C ILE A 19 44.77 8.82 58.99
N HIS A 20 43.65 9.30 58.50
CA HIS A 20 42.59 9.61 59.42
C HIS A 20 42.13 8.44 60.24
N GLU A 21 42.08 7.30 59.61
CA GLU A 21 41.59 6.12 60.29
C GLU A 21 42.55 5.81 61.43
N ARG A 22 43.83 5.76 61.14
CA ARG A 22 44.92 5.45 62.07
C ARG A 22 45.44 6.43 63.11
N TYR A 23 45.11 7.73 63.02
CA TYR A 23 45.58 8.60 64.08
C TYR A 23 44.56 9.48 64.72
N HIS A 24 43.26 9.38 64.38
CA HIS A 24 42.25 10.22 64.98
C HIS A 24 42.01 9.97 66.49
N SER A 25 42.47 8.84 67.02
CA SER A 25 42.30 8.54 68.43
C SER A 25 43.61 8.86 69.14
N VAL A 26 44.68 8.77 68.38
CA VAL A 26 46.04 9.07 68.79
C VAL A 26 46.24 10.58 68.87
N LEU A 27 45.31 11.36 68.35
CA LEU A 27 45.38 12.83 68.33
C LEU A 27 44.02 13.52 68.30
N GLN A 28 43.65 14.20 69.37
CA GLN A 28 42.36 14.87 69.32
C GLN A 28 42.17 15.78 68.09
N PRO A 29 42.62 17.02 68.12
CA PRO A 29 42.45 17.84 66.93
C PRO A 29 43.35 17.30 65.83
N LEU A 30 42.75 16.59 64.88
CA LEU A 30 43.48 16.06 63.76
C LEU A 30 42.63 16.44 62.57
N ASP A 31 42.93 17.64 62.06
CA ASP A 31 42.22 18.24 60.96
C ASP A 31 42.75 17.84 59.63
N VAL A 32 41.87 17.17 58.91
CA VAL A 32 42.21 16.84 57.54
C VAL A 32 41.34 17.53 56.51
N LYS A 33 41.97 18.01 55.45
CA LYS A 33 41.21 18.68 54.41
C LYS A 33 41.80 18.15 53.12
N VAL A 34 40.98 18.20 52.09
CA VAL A 34 41.48 17.70 50.86
C VAL A 34 41.26 18.80 49.86
N TYR A 35 42.36 19.16 49.24
CA TYR A 35 42.25 20.18 48.23
C TYR A 35 42.49 19.46 46.91
N ALA A 36 41.68 19.75 45.89
CA ALA A 36 41.90 19.16 44.57
C ALA A 36 41.18 19.98 43.53
N ASP A 37 41.81 20.07 42.37
CA ASP A 37 41.29 20.88 41.27
C ASP A 37 40.36 20.02 40.45
N ARG A 38 40.40 18.71 40.71
CA ARG A 38 39.55 17.77 40.00
C ARG A 38 39.15 16.72 41.02
N PHE A 39 37.92 16.28 40.85
CA PHE A 39 37.30 15.24 41.66
C PHE A 39 36.56 14.31 40.69
N THR A 40 36.27 13.10 41.13
CA THR A 40 35.61 12.18 40.21
C THR A 40 34.35 12.84 39.77
N PRO A 41 33.90 12.57 38.56
CA PRO A 41 34.54 11.66 37.65
C PRO A 41 35.74 12.26 36.96
N PHE A 42 36.30 13.33 37.51
CA PHE A 42 37.43 13.89 36.74
C PHE A 42 38.90 13.48 36.83
N THR A 43 39.26 12.58 37.74
CA THR A 43 40.65 12.17 37.88
C THR A 43 41.17 11.14 36.94
N THR A 44 42.46 10.86 37.08
CA THR A 44 43.02 9.85 36.22
C THR A 44 42.41 8.57 36.67
N THR A 45 42.36 8.42 38.00
CA THR A 45 41.79 7.25 38.61
C THR A 45 40.46 6.89 37.95
N ASP A 46 39.55 7.86 37.80
CA ASP A 46 38.30 7.60 37.11
C ASP A 46 38.45 6.91 35.73
N VAL A 47 39.60 6.90 35.11
CA VAL A 47 39.68 6.30 33.79
C VAL A 47 40.20 4.89 33.85
N ALA A 48 40.87 4.61 34.96
CA ALA A 48 41.47 3.32 35.06
C ALA A 48 40.52 2.17 35.03
N ALA A 49 40.91 1.27 34.14
CA ALA A 49 40.33 -0.03 33.95
C ALA A 49 40.06 -0.62 35.36
N GLY A 50 40.99 -0.51 36.29
CA GLY A 50 40.78 -0.99 37.64
C GLY A 50 41.23 -2.40 37.96
N LEU A 51 41.96 -3.02 37.03
CA LEU A 51 42.38 -4.39 37.29
C LEU A 51 43.58 -4.46 38.18
N TRP A 52 43.62 -5.38 39.13
CA TRP A 52 44.82 -5.46 39.94
C TRP A 52 45.79 -6.36 39.23
N GLN A 53 46.92 -5.82 38.79
CA GLN A 53 47.97 -6.57 38.13
C GLN A 53 49.13 -5.60 37.93
N PRO A 54 50.25 -5.85 38.60
CA PRO A 54 51.47 -5.07 38.50
C PRO A 54 52.10 -5.33 37.17
N TYR A 55 53.36 -4.91 37.09
CA TYR A 55 54.07 -5.17 35.88
C TYR A 55 54.83 -6.52 35.96
N THR A 56 55.10 -7.13 34.80
CA THR A 56 55.83 -8.37 34.64
C THR A 56 57.02 -8.52 35.57
N SER A 57 57.97 -7.58 35.51
CA SER A 57 59.21 -7.62 36.29
C SER A 57 59.15 -6.95 37.65
N GLU A 58 59.97 -7.45 38.57
CA GLU A 58 60.06 -6.83 39.92
C GLU A 58 60.54 -5.38 39.91
N PRO A 59 59.89 -4.58 40.75
CA PRO A 59 60.20 -3.16 40.90
C PRO A 59 61.61 -2.85 41.32
N SER A 60 62.17 -1.74 40.81
CA SER A 60 63.55 -1.32 41.08
C SER A 60 63.56 -1.17 42.59
N ASN A 61 62.47 -0.58 43.09
CA ASN A 61 62.32 -0.37 44.50
C ASN A 61 61.56 -1.57 45.02
N PRO A 62 62.34 -2.50 45.61
CA PRO A 62 61.87 -3.79 45.97
C PRO A 62 60.73 -3.78 46.91
N GLN A 63 60.71 -2.69 47.65
CA GLN A 63 59.61 -2.50 48.59
C GLN A 63 58.27 -2.42 47.93
N GLU A 64 58.22 -1.99 46.68
CA GLU A 64 56.97 -1.75 45.99
C GLU A 64 56.13 -3.03 45.87
N ALA A 65 56.76 -4.19 45.60
CA ALA A 65 56.03 -5.45 45.59
C ALA A 65 55.27 -5.61 46.89
N ASN A 66 55.89 -5.27 48.00
CA ASN A 66 55.08 -5.44 49.20
C ASN A 66 53.87 -4.56 49.15
N TRP A 67 54.05 -3.35 48.65
CA TRP A 67 52.89 -2.51 48.58
C TRP A 67 51.83 -3.18 47.73
N ASN A 68 52.25 -3.73 46.60
CA ASN A 68 51.29 -4.42 45.75
C ASN A 68 50.59 -5.54 46.47
N GLN A 69 51.39 -6.35 47.16
CA GLN A 69 50.78 -7.43 47.89
C GLN A 69 49.82 -6.95 48.95
N GLN A 70 50.24 -6.03 49.78
CA GLN A 70 49.36 -5.55 50.83
C GLN A 70 48.06 -5.08 50.23
N THR A 71 48.13 -4.40 49.09
CA THR A 71 46.93 -3.91 48.45
C THR A 71 46.04 -5.09 48.08
N PHE A 72 46.62 -6.09 47.42
CA PHE A 72 45.82 -7.22 47.03
C PHE A 72 45.12 -7.84 48.20
N ASN A 73 45.83 -7.97 49.30
CA ASN A 73 45.17 -8.56 50.45
C ASN A 73 44.04 -7.73 51.02
N TYR A 74 44.29 -6.45 51.25
CA TYR A 74 43.23 -5.56 51.77
C TYR A 74 42.07 -5.77 50.82
N LEU A 75 42.34 -5.82 49.52
CA LEU A 75 41.19 -6.03 48.70
C LEU A 75 40.56 -7.39 48.92
N LEU A 76 41.33 -8.47 48.77
CA LEU A 76 40.73 -9.79 48.95
C LEU A 76 39.84 -9.91 50.17
N SER A 77 40.35 -9.33 51.28
CA SER A 77 39.67 -9.38 52.54
C SER A 77 38.25 -8.85 52.47
N HIS A 78 37.98 -7.95 51.52
CA HIS A 78 36.63 -7.41 51.44
C HIS A 78 35.75 -8.26 50.55
N ILE A 79 36.33 -9.32 50.00
CA ILE A 79 35.57 -10.22 49.15
C ILE A 79 34.83 -11.14 50.09
N GLY A 80 33.50 -10.91 50.14
CA GLY A 80 32.67 -11.71 51.01
C GLY A 80 31.77 -10.73 51.72
N SER A 81 32.28 -9.50 51.86
CA SER A 81 31.47 -8.47 52.45
C SER A 81 30.38 -8.15 51.46
N PRO A 82 29.23 -7.80 51.97
CA PRO A 82 28.12 -7.40 51.12
C PRO A 82 28.38 -6.06 50.47
N ASN A 83 29.49 -5.41 50.79
CA ASN A 83 29.73 -4.10 50.17
C ASN A 83 30.67 -3.96 49.01
N ALA A 84 31.53 -4.95 48.93
CA ALA A 84 32.53 -5.04 47.94
C ALA A 84 32.15 -4.45 46.60
N ALA A 85 30.96 -4.75 46.12
CA ALA A 85 30.76 -4.21 44.80
C ALA A 85 30.38 -2.79 44.90
N ASN A 86 29.87 -2.45 46.07
CA ASN A 86 29.49 -1.07 46.25
C ASN A 86 30.78 -0.32 46.42
N MET A 87 31.79 -1.04 46.84
CA MET A 87 33.07 -0.44 47.02
C MET A 87 33.74 -0.45 45.62
N GLY A 88 33.11 -1.03 44.61
CA GLY A 88 33.67 -1.08 43.26
C GLY A 88 34.59 -2.29 43.06
N LEU A 89 34.50 -3.26 43.97
CA LEU A 89 35.33 -4.45 43.92
C LEU A 89 34.63 -5.76 43.50
N THR A 90 35.29 -6.61 42.71
CA THR A 90 34.82 -8.00 42.40
C THR A 90 35.89 -8.86 41.79
N PRO A 91 35.84 -10.16 42.03
CA PRO A 91 36.89 -10.96 41.45
C PRO A 91 36.68 -11.03 39.96
N VAL A 92 37.74 -11.25 39.20
CA VAL A 92 37.64 -11.40 37.75
C VAL A 92 38.77 -12.34 37.41
N SER A 93 38.51 -13.26 36.48
CA SER A 93 39.58 -14.18 36.13
C SER A 93 39.97 -13.87 34.71
N GLY A 94 41.15 -14.27 34.30
CA GLY A 94 41.52 -13.92 32.94
C GLY A 94 42.90 -14.33 32.46
N TYR A 95 43.09 -14.06 31.18
CA TYR A 95 44.30 -14.38 30.43
C TYR A 95 45.31 -13.27 30.18
N ASN A 96 46.59 -13.60 30.24
CA ASN A 96 47.71 -12.72 29.84
C ASN A 96 48.33 -13.48 28.64
N LEU A 97 48.16 -12.97 27.43
CA LEU A 97 48.70 -13.63 26.23
C LEU A 97 50.04 -13.04 25.80
N PHE A 98 50.91 -13.90 25.33
CA PHE A 98 52.23 -13.49 24.88
C PHE A 98 52.46 -14.17 23.57
N ARG A 99 53.47 -13.64 22.85
CA ARG A 99 53.76 -14.15 21.53
C ARG A 99 54.92 -15.12 21.57
N GLU A 100 55.41 -15.37 22.78
CA GLU A 100 56.53 -16.27 22.98
C GLU A 100 56.68 -16.49 24.48
N ALA A 101 57.43 -17.54 24.83
CA ALA A 101 57.66 -17.89 26.23
C ALA A 101 58.28 -16.75 26.97
N VAL A 102 57.81 -16.60 28.20
CA VAL A 102 58.22 -15.49 29.05
C VAL A 102 58.22 -15.90 30.50
N PRO A 103 59.16 -15.38 31.26
CA PRO A 103 59.28 -15.75 32.65
C PRO A 103 58.01 -15.35 33.44
N ASP A 104 57.75 -16.07 34.47
CA ASP A 104 56.58 -15.90 35.39
C ASP A 104 56.62 -14.57 36.10
N PRO A 105 55.48 -13.95 36.34
CA PRO A 105 55.48 -12.64 37.00
C PRO A 105 55.86 -12.79 38.47
N TYR A 106 56.50 -11.79 39.07
CA TYR A 106 56.85 -11.90 40.49
C TYR A 106 55.59 -12.02 41.31
N TRP A 107 54.49 -11.49 40.81
CA TRP A 107 53.27 -11.58 41.59
C TRP A 107 52.52 -12.90 41.41
N LYS A 108 53.08 -13.80 40.63
CA LYS A 108 52.43 -15.07 40.33
C LYS A 108 51.74 -15.65 41.54
N ASP A 109 52.35 -15.50 42.70
CA ASP A 109 51.70 -16.09 43.86
C ASP A 109 50.81 -15.14 44.63
N MET A 110 50.78 -13.87 44.25
CA MET A 110 49.93 -12.93 44.96
C MET A 110 48.50 -13.08 44.48
N VAL A 111 48.34 -13.41 43.20
CA VAL A 111 47.01 -13.57 42.68
C VAL A 111 46.52 -14.98 42.97
N LEU A 112 45.23 -15.24 42.73
CA LEU A 112 44.65 -16.57 42.94
C LEU A 112 44.74 -17.49 41.71
N GLY A 113 45.31 -18.66 41.90
CA GLY A 113 45.36 -19.66 40.82
C GLY A 113 46.25 -19.50 39.61
N PHE A 114 47.36 -18.78 39.79
CA PHE A 114 48.26 -18.54 38.66
C PHE A 114 48.59 -19.86 37.99
N ARG A 115 48.63 -19.88 36.67
CA ARG A 115 48.97 -21.13 36.02
C ARG A 115 49.24 -20.81 34.56
N LYS A 116 50.02 -21.62 33.86
CA LYS A 116 50.34 -21.34 32.44
C LYS A 116 49.21 -21.84 31.57
N LEU A 117 48.87 -21.15 30.50
CA LEU A 117 47.75 -21.64 29.72
C LEU A 117 48.16 -22.86 29.00
N THR A 118 47.18 -23.72 28.77
CA THR A 118 47.40 -24.95 28.01
C THR A 118 47.13 -24.58 26.56
N PRO A 119 47.50 -25.50 25.69
CA PRO A 119 47.31 -25.31 24.26
C PRO A 119 45.86 -25.14 23.91
N ARG A 120 44.99 -26.00 24.43
CA ARG A 120 43.57 -25.81 24.08
C ARG A 120 43.15 -24.38 24.39
N GLU A 121 43.62 -23.88 25.53
CA GLU A 121 43.28 -22.53 25.90
C GLU A 121 43.84 -21.57 24.88
N LEU A 122 45.10 -21.81 24.56
CA LEU A 122 45.80 -20.96 23.61
C LEU A 122 45.07 -20.93 22.32
N ASP A 123 44.31 -21.98 22.01
CA ASP A 123 43.60 -21.94 20.76
C ASP A 123 42.41 -21.02 20.88
N MET A 124 42.03 -20.72 22.09
CA MET A 124 40.98 -19.75 22.12
C MET A 124 41.57 -18.42 21.63
N PHE A 125 42.87 -18.31 21.36
CA PHE A 125 43.51 -17.07 20.88
C PHE A 125 44.57 -17.46 19.89
N PRO A 126 44.18 -17.54 18.63
CA PRO A 126 45.08 -18.02 17.61
C PRO A 126 46.34 -17.19 17.40
N ASP A 127 46.36 -15.95 17.82
CA ASP A 127 47.55 -15.18 17.61
C ASP A 127 48.67 -15.50 18.57
N TYR A 128 48.38 -15.44 19.85
CA TYR A 128 49.35 -15.69 20.92
C TYR A 128 49.86 -17.08 20.95
N ARG A 129 50.99 -17.28 21.59
CA ARG A 129 51.57 -18.62 21.56
C ARG A 129 51.98 -19.03 22.97
N TYR A 130 51.81 -18.21 23.96
CA TYR A 130 52.23 -18.59 25.30
C TYR A 130 51.51 -17.65 26.22
N GLY A 131 51.28 -18.04 27.48
CA GLY A 131 50.57 -17.14 28.37
C GLY A 131 50.18 -17.69 29.73
N TRP A 132 49.45 -16.89 30.49
CA TRP A 132 49.06 -17.31 31.80
C TRP A 132 47.57 -17.15 32.04
N PHE A 133 47.13 -17.71 33.16
CA PHE A 133 45.75 -17.62 33.58
C PHE A 133 45.75 -17.44 35.09
N ASN A 134 44.82 -16.61 35.56
CA ASN A 134 44.76 -16.37 37.00
C ASN A 134 43.53 -15.57 37.35
N THR A 135 43.23 -15.54 38.63
CA THR A 135 42.02 -14.84 39.07
C THR A 135 42.57 -13.65 39.81
N SER A 136 41.83 -12.55 39.77
CA SER A 136 42.26 -11.35 40.45
C SER A 136 41.07 -10.49 40.80
N LEU A 137 41.33 -9.20 41.00
CA LEU A 137 40.26 -8.30 41.38
C LEU A 137 40.14 -7.12 40.48
N ILE A 138 39.00 -6.50 40.60
CA ILE A 138 38.76 -5.30 39.87
C ILE A 138 38.31 -4.35 40.95
N LEU A 139 38.96 -3.19 40.95
CA LEU A 139 38.66 -2.15 41.92
C LEU A 139 38.46 -1.00 40.96
N GLU A 140 37.21 -0.71 40.63
CA GLU A 140 36.89 0.36 39.70
C GLU A 140 37.08 1.77 40.29
N GLY A 141 37.84 2.58 39.56
CA GLY A 141 38.20 3.91 40.00
C GLY A 141 37.04 4.75 40.46
N ARG A 142 36.18 5.06 39.49
CA ARG A 142 35.06 5.94 39.78
C ARG A 142 34.32 5.44 40.98
N LYS A 143 34.02 4.15 41.00
CA LYS A 143 33.28 3.71 42.16
C LYS A 143 34.05 3.86 43.44
N TYR A 144 35.26 3.28 43.50
CA TYR A 144 36.12 3.39 44.69
C TYR A 144 36.23 4.86 45.11
N LEU A 145 36.32 5.77 44.14
CA LEU A 145 36.44 7.16 44.53
C LEU A 145 35.21 7.56 45.30
N GLN A 146 34.05 7.27 44.74
CA GLN A 146 32.83 7.60 45.45
C GLN A 146 32.77 6.98 46.84
N TRP A 147 33.23 5.73 47.00
CA TRP A 147 33.19 5.12 48.30
C TRP A 147 34.07 5.88 49.28
N LEU A 148 35.35 6.00 48.90
CA LEU A 148 36.34 6.70 49.71
C LEU A 148 35.75 8.06 50.08
N THR A 149 35.16 8.69 49.09
CA THR A 149 34.60 9.96 49.42
C THR A 149 33.57 9.91 50.53
N GLU A 150 32.58 9.01 50.39
CA GLU A 150 31.54 8.90 51.41
C GLU A 150 32.19 8.57 52.73
N ARG A 151 33.07 7.58 52.73
CA ARG A 151 33.76 7.27 53.98
C ARG A 151 34.41 8.52 54.58
N LEU A 152 35.24 9.22 53.80
CA LEU A 152 35.95 10.39 54.35
C LEU A 152 34.93 11.36 54.87
N THR A 153 33.95 11.60 54.03
CA THR A 153 32.96 12.54 54.44
C THR A 153 32.35 12.21 55.79
N GLU A 154 31.99 10.97 56.00
CA GLU A 154 31.40 10.62 57.29
C GLU A 154 32.42 10.85 58.37
N ARG A 155 33.68 10.61 58.08
CA ARG A 155 34.69 10.78 59.11
C ARG A 155 34.96 12.26 59.32
N GLY A 156 34.24 13.07 58.56
CA GLY A 156 34.39 14.50 58.66
C GLY A 156 35.55 15.13 57.94
N VAL A 157 36.08 14.48 56.93
CA VAL A 157 37.18 15.12 56.24
C VAL A 157 36.52 16.10 55.30
N LYS A 158 37.03 17.32 55.20
CA LYS A 158 36.41 18.27 54.31
C LYS A 158 37.10 18.40 52.97
N PHE A 159 36.29 18.56 51.93
CA PHE A 159 36.85 18.67 50.60
C PHE A 159 36.74 20.09 50.06
N PHE A 160 37.69 20.53 49.25
CA PHE A 160 37.65 21.87 48.63
C PHE A 160 38.18 21.83 47.22
N LEU A 161 37.37 22.37 46.32
CA LEU A 161 37.79 22.34 44.94
C LEU A 161 38.76 23.49 44.82
N ARG A 162 40.07 23.20 44.83
CA ARG A 162 41.13 24.22 44.77
C ARG A 162 42.36 23.88 43.95
N LYS A 163 42.87 24.88 43.27
CA LYS A 163 44.12 24.57 42.59
C LYS A 163 45.32 25.01 43.43
N VAL A 164 46.07 24.09 44.00
CA VAL A 164 47.19 24.55 44.76
C VAL A 164 48.19 25.10 43.77
N GLU A 165 48.70 26.27 44.13
CA GLU A 165 49.72 27.02 43.42
C GLU A 165 51.16 26.67 43.80
N SER A 166 51.39 26.58 45.12
CA SER A 166 52.70 26.37 45.71
C SER A 166 52.52 25.70 47.06
N PHE A 167 53.44 24.82 47.46
CA PHE A 167 53.25 24.19 48.76
C PHE A 167 53.23 25.30 49.78
N GLU A 168 54.03 26.31 49.46
CA GLU A 168 54.19 27.47 50.30
C GLU A 168 52.80 28.01 50.62
N GLU A 169 52.07 28.27 49.56
CA GLU A 169 50.70 28.76 49.66
C GLU A 169 49.97 27.98 50.73
N VAL A 170 50.00 26.64 50.64
CA VAL A 170 49.21 25.84 51.58
C VAL A 170 49.66 25.96 52.96
N ALA A 171 50.98 25.98 52.97
CA ALA A 171 51.74 26.00 54.20
C ALA A 171 51.38 27.32 54.74
N ARG A 172 51.50 28.33 53.90
CA ARG A 172 51.13 29.64 54.39
C ARG A 172 49.71 29.55 54.90
N GLY A 173 48.96 28.61 54.32
CA GLY A 173 47.58 28.42 54.74
C GLY A 173 47.50 28.09 56.21
N GLY A 174 48.39 27.21 56.64
CA GLY A 174 48.39 26.87 58.03
C GLY A 174 48.76 25.42 58.09
N ALA A 175 48.83 24.80 56.93
CA ALA A 175 49.13 23.37 56.91
C ALA A 175 50.24 22.93 57.83
N ASP A 176 49.96 21.88 58.58
CA ASP A 176 51.11 21.47 59.37
C ASP A 176 51.87 20.47 58.49
N VAL A 177 51.18 19.42 58.08
CA VAL A 177 51.78 18.48 57.19
C VAL A 177 51.01 18.65 55.90
N ILE A 178 51.56 18.16 54.80
CA ILE A 178 50.98 18.32 53.48
C ILE A 178 51.28 17.02 52.79
N ILE A 179 50.21 16.42 52.31
CA ILE A 179 50.41 15.14 51.64
C ILE A 179 50.22 15.41 50.15
N ASN A 180 51.30 15.28 49.40
CA ASN A 180 51.26 15.60 47.99
C ASN A 180 50.87 14.37 47.21
N CYS A 181 49.68 14.42 46.62
CA CYS A 181 49.18 13.27 45.86
C CYS A 181 48.62 13.82 44.57
N THR A 182 49.44 14.57 43.87
CA THR A 182 49.04 15.24 42.65
C THR A 182 49.27 14.49 41.36
N GLY A 183 49.65 13.22 41.46
CA GLY A 183 49.81 12.45 40.24
C GLY A 183 50.65 13.06 39.15
N VAL A 184 50.38 12.81 37.87
CA VAL A 184 51.25 13.41 36.85
C VAL A 184 51.50 14.89 37.01
N TRP A 185 50.55 15.60 37.60
CA TRP A 185 50.78 17.01 37.72
C TRP A 185 51.62 17.41 38.89
N ALA A 186 52.24 16.45 39.54
CA ALA A 186 53.02 16.73 40.74
C ALA A 186 54.15 17.71 40.44
N GLY A 187 54.57 17.63 39.17
CA GLY A 187 55.69 18.43 38.71
C GLY A 187 55.54 19.92 39.00
N VAL A 188 54.39 20.45 38.63
CA VAL A 188 54.14 21.84 38.86
C VAL A 188 54.41 22.30 40.28
N LEU A 189 54.10 21.49 41.28
CA LEU A 189 54.31 21.90 42.65
C LEU A 189 55.78 21.95 43.03
N GLN A 190 56.54 21.10 42.32
CA GLN A 190 57.96 20.98 42.46
C GLN A 190 58.43 20.13 41.27
N PRO A 191 59.40 20.58 40.51
CA PRO A 191 59.86 19.84 39.33
C PRO A 191 60.41 18.50 39.73
N ASP A 192 60.15 17.60 38.78
CA ASP A 192 60.54 16.19 38.85
C ASP A 192 60.53 15.65 37.45
N PRO A 193 61.71 15.68 36.85
CA PRO A 193 61.91 15.24 35.49
C PRO A 193 61.68 13.77 35.38
N LEU A 194 61.55 13.11 36.52
CA LEU A 194 61.34 11.68 36.50
C LEU A 194 59.95 11.24 36.11
N LEU A 195 59.02 12.08 36.55
CA LEU A 195 57.60 11.95 36.35
C LEU A 195 57.18 12.30 34.93
N GLN A 196 56.27 11.55 34.34
CA GLN A 196 55.79 11.82 32.99
C GLN A 196 54.45 11.22 32.62
N PRO A 197 53.72 11.91 31.76
CA PRO A 197 52.44 11.39 31.33
C PRO A 197 52.65 10.11 30.50
N GLY A 198 51.96 9.04 30.90
CA GLY A 198 51.94 7.76 30.19
C GLY A 198 50.49 7.80 29.71
N ARG A 199 50.27 8.36 28.53
CA ARG A 199 48.91 8.53 28.07
C ARG A 199 48.23 7.26 27.65
N GLY A 200 46.96 7.16 28.01
CA GLY A 200 46.22 6.01 27.57
C GLY A 200 44.80 6.43 27.24
N GLN A 201 44.30 5.91 26.13
CA GLN A 201 42.93 6.16 25.69
C GLN A 201 42.24 4.80 25.77
N ILE A 202 40.93 4.74 26.01
CA ILE A 202 40.23 3.46 26.04
C ILE A 202 38.82 3.70 25.55
N ILE A 203 38.22 2.62 25.04
CA ILE A 203 36.85 2.69 24.60
C ILE A 203 36.07 1.87 25.62
N LYS A 204 34.94 2.37 26.10
CA LYS A 204 34.06 1.60 26.99
C LYS A 204 32.97 1.05 26.12
N VAL A 205 32.75 -0.24 26.23
CA VAL A 205 31.77 -0.80 25.35
C VAL A 205 30.83 -1.65 26.18
N ASP A 206 29.62 -1.83 25.68
CA ASP A 206 28.65 -2.66 26.38
C ASP A 206 28.71 -4.04 25.75
N ALA A 207 29.25 -5.02 26.47
CA ALA A 207 29.39 -6.38 25.93
C ALA A 207 29.47 -7.35 27.11
N PRO A 208 28.33 -7.50 27.76
CA PRO A 208 28.15 -8.33 28.95
C PRO A 208 28.54 -9.76 28.78
N TRP A 209 28.47 -10.28 27.59
CA TRP A 209 28.84 -11.67 27.62
C TRP A 209 30.31 -11.85 27.87
N LEU A 210 31.11 -10.80 27.89
CA LEU A 210 32.55 -11.04 28.15
C LEU A 210 32.80 -11.07 29.66
N LYS A 211 33.14 -12.24 30.20
CA LYS A 211 33.31 -12.34 31.64
C LYS A 211 34.73 -12.32 32.15
N ASN A 212 35.68 -12.40 31.23
CA ASN A 212 37.06 -12.44 31.72
C ASN A 212 37.95 -11.45 31.04
N PHE A 213 38.99 -11.01 31.74
CA PHE A 213 39.88 -10.08 31.09
C PHE A 213 40.88 -10.84 30.21
N ILE A 214 41.41 -10.17 29.21
CA ILE A 214 42.40 -10.72 28.31
C ILE A 214 43.36 -9.54 28.10
N ILE A 215 44.60 -9.76 28.46
CA ILE A 215 45.61 -8.74 28.37
C ILE A 215 46.74 -9.31 27.52
N THR A 216 46.86 -8.73 26.35
CA THR A 216 47.84 -9.07 25.35
C THR A 216 49.14 -8.33 25.61
N HIS A 217 50.28 -8.92 25.27
CA HIS A 217 51.64 -8.40 25.51
C HIS A 217 52.59 -8.43 24.28
N ASP A 218 53.00 -7.24 23.84
CA ASP A 218 53.93 -7.28 22.72
C ASP A 218 55.33 -6.96 23.23
N LEU A 219 56.24 -7.83 22.80
CA LEU A 219 57.64 -7.78 23.18
C LEU A 219 58.65 -6.78 22.59
N GLU A 220 58.30 -6.24 21.43
CA GLU A 220 59.10 -5.24 20.73
C GLU A 220 58.22 -4.07 20.38
N ARG A 221 57.20 -3.84 21.21
CA ARG A 221 56.29 -2.73 20.99
C ARG A 221 55.83 -2.06 22.28
N GLY A 222 56.78 -1.79 23.15
CA GLY A 222 56.50 -1.14 24.42
C GLY A 222 55.42 -1.86 25.21
N ILE A 223 55.18 -1.38 26.43
CA ILE A 223 54.18 -2.02 27.26
C ILE A 223 52.74 -1.84 26.80
N TYR A 224 52.33 -0.65 26.38
CA TYR A 224 50.92 -0.56 26.00
C TYR A 224 50.20 -0.67 24.72
N ASN A 225 50.88 -0.60 23.60
CA ASN A 225 49.99 -0.67 22.49
C ASN A 225 49.26 -2.01 22.41
N SER A 226 49.56 -3.08 23.23
CA SER A 226 48.88 -4.21 22.66
C SER A 226 47.42 -4.10 23.08
N PRO A 227 46.51 -4.74 22.35
CA PRO A 227 45.13 -4.62 22.77
C PRO A 227 44.89 -5.41 24.04
N TYR A 228 43.92 -4.92 24.83
CA TYR A 228 43.51 -5.57 26.06
C TYR A 228 42.04 -5.31 26.33
N ILE A 229 41.40 -6.25 27.02
CA ILE A 229 39.97 -6.17 27.29
C ILE A 229 39.73 -6.46 28.74
N ILE A 230 39.02 -5.56 29.42
CA ILE A 230 38.78 -5.82 30.83
C ILE A 230 37.37 -5.52 31.29
N PRO A 231 36.68 -6.62 31.56
CA PRO A 231 35.30 -6.58 31.98
C PRO A 231 35.30 -5.89 33.32
N GLY A 232 34.41 -4.92 33.50
CA GLY A 232 34.30 -4.16 34.72
C GLY A 232 32.94 -4.40 35.38
N LEU A 233 32.56 -3.58 36.35
CA LEU A 233 31.32 -3.78 37.04
C LEU A 233 30.12 -3.64 36.18
N GLN A 234 30.18 -2.82 35.15
CA GLN A 234 28.96 -2.60 34.40
C GLN A 234 29.20 -2.42 32.92
N ALA A 235 30.47 -2.38 32.52
CA ALA A 235 30.84 -2.22 31.11
C ALA A 235 32.20 -2.81 30.88
N VAL A 236 32.62 -2.84 29.62
CA VAL A 236 33.91 -3.42 29.32
C VAL A 236 34.84 -2.37 28.80
N THR A 237 36.09 -2.50 29.21
CA THR A 237 37.09 -1.58 28.76
C THR A 237 37.92 -2.18 27.65
N LEU A 238 37.83 -1.55 26.48
CA LEU A 238 38.62 -1.93 25.33
C LEU A 238 39.84 -1.01 25.46
N GLY A 239 41.02 -1.61 25.40
CA GLY A 239 42.17 -0.78 25.58
C GLY A 239 43.34 -1.11 24.70
N GLY A 240 44.30 -0.18 24.78
CA GLY A 240 45.48 -0.37 24.01
C GLY A 240 46.41 0.77 23.68
N THR A 241 46.74 1.65 24.62
CA THR A 241 47.77 2.67 24.29
C THR A 241 48.47 3.19 25.53
N PHE A 242 49.76 3.45 25.39
CA PHE A 242 50.52 3.94 26.54
C PHE A 242 51.63 4.80 25.95
N GLN A 243 51.36 6.08 25.71
CA GLN A 243 52.31 7.00 25.10
C GLN A 243 52.99 7.92 26.10
N VAL A 244 54.24 7.63 26.41
CA VAL A 244 54.92 8.48 27.37
C VAL A 244 55.28 9.86 26.84
N GLY A 245 54.99 10.88 27.63
CA GLY A 245 55.29 12.23 27.20
C GLY A 245 54.11 12.86 26.46
N ASN A 246 53.13 12.08 26.00
CA ASN A 246 52.03 12.76 25.34
C ASN A 246 51.11 13.43 26.34
N TRP A 247 50.91 14.73 26.22
CA TRP A 247 50.06 15.40 27.17
C TRP A 247 48.75 15.71 26.54
N ASN A 248 48.53 15.21 25.34
CA ASN A 248 47.27 15.55 24.70
C ASN A 248 46.13 14.92 25.49
N GLU A 249 45.22 15.72 26.00
CA GLU A 249 44.15 15.05 26.70
C GLU A 249 42.86 14.75 26.04
N ILE A 250 42.81 14.82 24.73
CA ILE A 250 41.59 14.56 23.99
C ILE A 250 41.66 13.17 23.37
N ASN A 251 40.54 12.48 23.28
CA ASN A 251 40.62 11.17 22.65
C ASN A 251 40.89 11.48 21.20
N ASN A 252 41.74 10.65 20.61
CA ASN A 252 42.17 10.74 19.23
C ASN A 252 41.47 9.67 18.38
N ILE A 253 41.06 10.01 17.17
CA ILE A 253 40.45 8.99 16.35
C ILE A 253 41.35 7.81 16.05
N GLN A 254 42.59 7.93 15.60
CA GLN A 254 43.37 6.75 15.24
C GLN A 254 43.50 5.91 16.45
N ASP A 255 43.82 6.49 17.63
CA ASP A 255 43.88 5.59 18.76
C ASP A 255 42.58 4.78 18.89
N HIS A 256 41.47 5.50 18.78
CA HIS A 256 40.20 4.83 18.87
C HIS A 256 40.21 3.73 17.83
N ASN A 257 40.59 4.03 16.61
CA ASN A 257 40.58 2.92 15.68
C ASN A 257 41.58 1.83 15.99
N THR A 258 42.73 2.15 16.52
CA THR A 258 43.59 0.99 16.63
C THR A 258 43.11 0.15 17.78
N ILE A 259 42.53 0.79 18.77
CA ILE A 259 42.06 0.03 19.90
C ILE A 259 40.92 -0.84 19.42
N TRP A 260 39.99 -0.18 18.76
CA TRP A 260 38.87 -0.93 18.29
C TRP A 260 39.29 -2.05 17.40
N GLU A 261 40.17 -1.79 16.46
CA GLU A 261 40.49 -2.90 15.59
C GLU A 261 41.25 -3.97 16.30
N GLY A 262 42.09 -3.59 17.23
CA GLY A 262 42.88 -4.63 17.87
C GLY A 262 42.08 -5.58 18.71
N CYS A 263 41.16 -4.99 19.48
CA CYS A 263 40.34 -5.79 20.36
C CYS A 263 39.38 -6.60 19.50
N CYS A 264 38.78 -5.97 18.50
CA CYS A 264 37.83 -6.67 17.66
C CYS A 264 38.55 -7.89 17.08
N ARG A 265 39.85 -7.75 16.99
CA ARG A 265 40.55 -8.86 16.44
C ARG A 265 40.81 -9.95 17.40
N LEU A 266 41.05 -9.58 18.65
CA LEU A 266 41.33 -10.51 19.74
C LEU A 266 40.01 -11.14 20.18
N GLU A 267 38.88 -10.45 19.95
CA GLU A 267 37.54 -10.84 20.40
C GLU A 267 36.43 -10.38 19.49
N PRO A 268 36.28 -11.18 18.46
CA PRO A 268 35.37 -10.96 17.35
C PRO A 268 33.95 -10.70 17.74
N THR A 269 33.62 -11.08 18.95
CA THR A 269 32.24 -10.87 19.31
C THR A 269 31.97 -9.41 19.51
N LEU A 270 33.03 -8.64 19.76
CA LEU A 270 32.92 -7.20 20.00
C LEU A 270 32.22 -6.56 18.83
N LYS A 271 32.19 -7.28 17.73
CA LYS A 271 31.51 -6.87 16.47
C LYS A 271 30.08 -6.35 16.79
N ASP A 272 29.62 -6.72 18.00
CA ASP A 272 28.29 -6.23 18.32
C ASP A 272 28.26 -5.47 19.61
N ALA A 273 29.41 -5.16 20.19
CA ALA A 273 29.37 -4.42 21.44
C ALA A 273 28.94 -3.00 21.05
N LYS A 274 28.05 -2.36 21.82
CA LYS A 274 27.59 -0.98 21.58
C LYS A 274 28.71 -0.19 22.29
N ILE A 275 29.26 0.83 21.64
CA ILE A 275 30.32 1.61 22.31
C ILE A 275 29.67 2.62 23.25
N VAL A 276 30.02 2.65 24.53
CA VAL A 276 29.34 3.64 25.36
C VAL A 276 30.14 4.88 25.71
N GLY A 277 31.45 4.86 25.44
CA GLY A 277 32.29 6.02 25.72
C GLY A 277 33.77 5.83 25.41
N GLU A 278 34.54 6.91 25.32
CA GLU A 278 35.99 6.80 25.11
C GLU A 278 36.64 7.71 26.11
N TYR A 279 37.83 7.35 26.57
CA TYR A 279 38.44 8.21 27.55
C TYR A 279 39.93 8.18 27.40
N THR A 280 40.56 9.26 27.85
CA THR A 280 42.02 9.24 27.83
C THR A 280 42.54 9.77 29.16
N GLY A 281 43.68 9.30 29.62
CA GLY A 281 44.15 9.78 30.90
C GLY A 281 45.66 9.64 30.94
N PHE A 282 46.25 10.35 31.90
CA PHE A 282 47.69 10.31 31.99
C PHE A 282 48.24 9.41 33.08
N ARG A 283 48.87 8.32 32.73
CA ARG A 283 49.38 7.52 33.83
C ARG A 283 50.56 8.29 34.38
N PRO A 284 50.59 8.49 35.68
CA PRO A 284 51.71 9.23 36.27
C PRO A 284 52.93 8.35 36.28
N VAL A 285 53.66 8.35 35.18
CA VAL A 285 54.87 7.55 35.09
C VAL A 285 56.11 8.07 35.82
N ARG A 286 56.87 7.19 36.46
CA ARG A 286 58.11 7.50 37.18
C ARG A 286 58.78 6.16 37.40
N PRO A 287 60.10 6.12 37.29
CA PRO A 287 60.88 4.89 37.45
C PRO A 287 60.59 4.20 38.76
N GLN A 288 60.17 4.94 39.74
CA GLN A 288 59.92 4.33 41.01
C GLN A 288 58.96 5.36 41.60
N VAL A 289 58.11 4.91 42.47
CA VAL A 289 57.08 5.74 43.08
C VAL A 289 57.76 6.70 44.02
N ARG A 290 57.28 7.93 44.10
CA ARG A 290 57.89 8.84 45.05
C ARG A 290 57.04 8.86 46.30
N LEU A 291 57.57 8.28 47.38
CA LEU A 291 56.81 8.24 48.62
C LEU A 291 57.87 8.47 49.68
N GLU A 292 57.94 9.70 50.14
CA GLU A 292 58.96 10.08 51.08
C GLU A 292 58.63 11.42 51.68
N ARG A 293 59.20 11.62 52.85
CA ARG A 293 58.98 12.83 53.60
C ARG A 293 59.94 13.93 53.10
N GLU A 294 59.58 15.20 53.30
CA GLU A 294 60.41 16.31 52.85
C GLU A 294 60.01 17.55 53.64
N GLN A 295 60.99 18.13 54.34
CA GLN A 295 60.72 19.33 55.12
C GLN A 295 60.85 20.55 54.20
N LEU A 296 59.81 21.38 54.20
CA LEU A 296 59.84 22.58 53.38
C LEU A 296 59.83 23.68 54.39
N ARG A 297 60.77 24.60 54.21
CA ARG A 297 60.85 25.77 55.09
C ARG A 297 60.61 27.08 54.31
N PHE A 298 59.74 27.92 54.85
CA PHE A 298 59.40 29.19 54.21
C PHE A 298 59.41 30.19 55.35
N GLY A 299 60.55 30.89 55.46
CA GLY A 299 60.85 31.87 56.51
C GLY A 299 60.97 31.20 57.89
N SER A 300 59.91 31.35 58.69
CA SER A 300 59.79 30.75 60.02
C SER A 300 58.88 29.50 60.01
N SER A 301 58.21 29.25 58.88
CA SER A 301 57.31 28.13 58.72
C SER A 301 57.96 26.76 58.54
N ASN A 302 57.75 25.87 59.51
CA ASN A 302 58.27 24.51 59.43
C ASN A 302 57.19 23.51 59.05
N THR A 303 56.88 23.40 57.76
CA THR A 303 55.86 22.45 57.30
C THR A 303 56.42 21.18 56.64
N GLU A 304 55.93 20.02 57.10
CA GLU A 304 56.37 18.74 56.56
C GLU A 304 55.54 18.41 55.36
N VAL A 305 56.17 17.67 54.46
CA VAL A 305 55.50 17.28 53.25
C VAL A 305 55.79 15.81 52.98
N ILE A 306 54.75 15.04 52.73
CA ILE A 306 54.97 13.64 52.41
C ILE A 306 54.50 13.45 50.99
N HIS A 307 55.38 12.94 50.16
CA HIS A 307 54.99 12.74 48.79
C HIS A 307 54.50 11.32 48.56
N ASN A 308 53.58 11.16 47.62
CA ASN A 308 53.08 9.85 47.30
C ASN A 308 52.57 10.05 45.87
N TYR A 309 53.43 9.80 44.90
CA TYR A 309 52.99 9.97 43.52
C TYR A 309 53.90 9.22 42.56
N GLY A 310 53.47 9.04 41.32
CA GLY A 310 54.26 8.32 40.32
C GLY A 310 53.90 6.86 40.23
N HIS A 311 52.67 6.54 40.63
CA HIS A 311 52.24 5.15 40.59
C HIS A 311 51.97 4.56 39.23
N GLY A 312 52.29 5.31 38.21
CA GLY A 312 52.19 4.83 36.85
C GLY A 312 50.87 4.22 36.57
N GLY A 313 50.91 3.14 35.84
CA GLY A 313 49.70 2.43 35.47
C GLY A 313 49.30 1.38 36.50
N TYR A 314 49.46 1.65 37.79
CA TYR A 314 49.16 0.62 38.74
C TYR A 314 48.69 1.15 40.01
N GLY A 315 48.36 2.38 39.94
CA GLY A 315 47.90 3.08 41.13
C GLY A 315 46.86 2.30 41.92
N LEU A 316 45.80 1.84 41.25
CA LEU A 316 44.77 1.11 41.96
C LEU A 316 45.41 -0.12 42.58
N THR A 317 46.16 -0.78 41.72
CA THR A 317 46.86 -1.98 42.12
C THR A 317 47.71 -1.89 43.33
N ILE A 318 48.23 -0.71 43.63
CA ILE A 318 49.14 -0.57 44.77
C ILE A 318 48.73 0.50 45.81
N HIS A 319 47.62 1.18 45.54
CA HIS A 319 47.20 2.23 46.43
C HIS A 319 47.31 2.04 47.91
N TRP A 320 46.81 0.92 48.43
CA TRP A 320 46.80 0.72 49.87
C TRP A 320 48.14 0.66 50.54
N GLY A 321 49.11 0.04 49.87
CA GLY A 321 50.44 -0.08 50.45
C GLY A 321 51.01 1.29 50.78
N CYS A 322 51.14 2.08 49.72
CA CYS A 322 51.62 3.44 49.82
C CYS A 322 50.86 4.16 50.92
N ALA A 323 49.55 3.97 50.95
CA ALA A 323 48.78 4.66 51.96
C ALA A 323 49.23 4.30 53.33
N LEU A 324 49.40 3.01 53.55
CA LEU A 324 49.86 2.56 54.85
C LEU A 324 51.20 3.23 55.08
N GLU A 325 52.05 3.22 54.07
CA GLU A 325 53.34 3.86 54.22
C GLU A 325 53.32 5.33 54.64
N VAL A 326 52.58 6.14 53.89
CA VAL A 326 52.52 7.54 54.21
C VAL A 326 52.07 7.67 55.65
N ALA A 327 51.18 6.78 56.03
CA ALA A 327 50.68 6.83 57.39
C ALA A 327 51.84 6.71 58.38
N LYS A 328 52.66 5.68 58.18
CA LYS A 328 53.83 5.44 59.01
C LYS A 328 54.63 6.76 59.06
N LEU A 329 55.01 7.32 57.93
CA LEU A 329 55.75 8.56 58.03
C LEU A 329 54.94 9.61 58.78
N PHE A 330 53.68 9.78 58.41
CA PHE A 330 52.92 10.82 59.08
C PHE A 330 52.97 10.63 60.56
N GLY A 331 53.18 9.38 60.93
CA GLY A 331 53.26 9.05 62.34
C GLY A 331 54.56 9.65 62.86
N LYS A 332 55.67 9.32 62.21
CA LYS A 332 56.98 9.85 62.61
C LYS A 332 56.89 11.35 62.66
N VAL A 333 56.23 11.95 61.69
CA VAL A 333 56.12 13.38 61.78
C VAL A 333 55.44 13.65 63.10
N LEU A 334 54.35 12.96 63.39
CA LEU A 334 53.73 13.18 64.68
C LEU A 334 54.70 12.84 65.81
N GLU A 335 55.48 11.77 65.68
CA GLU A 335 56.37 11.46 66.81
C GLU A 335 57.41 12.52 67.12
N GLU A 336 57.93 13.14 66.07
CA GLU A 336 58.90 14.23 66.22
C GLU A 336 58.28 15.42 66.93
N ARG A 337 56.96 15.51 66.89
CA ARG A 337 56.24 16.56 67.56
C ARG A 337 55.88 16.01 68.97
N ASN A 338 56.31 14.80 69.29
CA ASN A 338 55.97 14.27 70.60
C ASN A 338 54.45 14.16 70.72
N LEU A 339 53.78 14.03 69.59
CA LEU A 339 52.32 13.92 69.56
C LEU A 339 51.67 15.27 69.86
N MET B 1 -6.54 1.12 68.26
CA MET B 1 -7.20 -0.17 68.13
C MET B 1 -6.48 -1.13 67.17
N ARG B 2 -6.77 -2.41 67.31
CA ARG B 2 -6.13 -3.37 66.46
C ARG B 2 -6.84 -3.22 65.10
N VAL B 3 -6.05 -3.10 64.02
CA VAL B 3 -6.53 -3.06 62.65
C VAL B 3 -5.74 -4.08 61.84
N VAL B 4 -6.41 -4.81 60.96
CA VAL B 4 -5.71 -5.81 60.15
C VAL B 4 -6.06 -5.62 58.69
N VAL B 5 -5.00 -5.46 57.91
CA VAL B 5 -5.25 -5.26 56.52
C VAL B 5 -4.92 -6.56 55.85
N ILE B 6 -5.90 -7.08 55.14
CA ILE B 6 -5.62 -8.33 54.47
C ILE B 6 -5.32 -7.94 53.05
N GLY B 7 -4.07 -8.18 52.66
CA GLY B 7 -3.60 -7.92 51.29
C GLY B 7 -2.38 -6.98 51.23
N ALA B 8 -1.40 -7.28 50.39
CA ALA B 8 -0.24 -6.40 50.36
C ALA B 8 -0.02 -5.90 48.92
N GLY B 9 -1.11 -5.78 48.17
CA GLY B 9 -1.05 -5.29 46.80
C GLY B 9 -1.18 -3.76 46.87
N VAL B 10 -1.33 -3.10 45.72
CA VAL B 10 -1.40 -1.64 45.81
C VAL B 10 -2.48 -1.20 46.72
N ILE B 11 -3.63 -1.84 46.60
CA ILE B 11 -4.73 -1.47 47.49
C ILE B 11 -4.49 -1.55 48.99
N GLY B 12 -4.13 -2.72 49.51
CA GLY B 12 -3.94 -2.79 50.94
C GLY B 12 -2.90 -1.80 51.45
N LEU B 13 -1.73 -1.88 50.83
CA LEU B 13 -0.64 -1.05 51.26
C LEU B 13 -1.02 0.40 51.29
N SER B 14 -1.66 0.89 50.24
CA SER B 14 -2.03 2.31 50.28
C SER B 14 -2.93 2.53 51.47
N THR B 15 -3.98 1.74 51.48
CA THR B 15 -4.95 1.88 52.52
C THR B 15 -4.33 1.79 53.87
N ALA B 16 -3.47 0.80 54.07
CA ALA B 16 -2.87 0.70 55.38
C ALA B 16 -2.24 2.05 55.68
N LEU B 17 -1.35 2.45 54.78
CA LEU B 17 -0.65 3.70 54.97
C LEU B 17 -1.60 4.84 55.19
N CYS B 18 -2.52 4.96 54.27
CA CYS B 18 -3.44 6.05 54.37
C CYS B 18 -4.17 6.10 55.71
N ILE B 19 -4.65 4.97 56.22
CA ILE B 19 -5.37 4.97 57.48
C ILE B 19 -4.36 5.38 58.51
N HIS B 20 -3.23 4.72 58.46
CA HIS B 20 -2.23 5.01 59.45
C HIS B 20 -1.79 6.44 59.49
N GLU B 21 -1.67 7.02 58.31
CA GLU B 21 -1.19 8.37 58.21
C GLU B 21 -2.22 9.28 58.90
N ARG B 22 -3.47 9.18 58.47
CA ARG B 22 -4.56 10.03 59.00
C ARG B 22 -4.76 9.68 60.48
N TYR B 23 -4.35 8.47 60.84
CA TYR B 23 -4.58 8.11 62.23
C TYR B 23 -3.61 8.01 63.40
N HIS B 24 -2.38 7.50 63.27
CA HIS B 24 -1.54 7.37 64.47
C HIS B 24 -1.42 8.53 65.43
N SER B 25 -2.05 9.64 65.05
CA SER B 25 -2.09 10.85 65.85
C SER B 25 -3.41 11.02 66.60
N VAL B 26 -4.53 10.84 65.89
CA VAL B 26 -5.86 10.97 66.48
C VAL B 26 -6.24 9.85 67.44
N LEU B 27 -5.44 8.80 67.44
CA LEU B 27 -5.68 7.66 68.32
C LEU B 27 -4.32 7.26 68.84
N GLN B 28 -4.15 7.32 70.15
CA GLN B 28 -2.88 6.96 70.76
C GLN B 28 -2.51 5.55 70.30
N PRO B 29 -3.33 4.55 70.62
CA PRO B 29 -3.00 3.22 70.14
C PRO B 29 -3.70 2.94 68.79
N LEU B 30 -2.92 2.79 67.73
CA LEU B 30 -3.45 2.48 66.40
C LEU B 30 -2.54 1.39 65.87
N ASP B 31 -2.97 0.15 66.15
CA ASP B 31 -2.24 -1.06 65.78
C ASP B 31 -2.62 -1.65 64.40
N VAL B 32 -1.69 -1.43 63.47
CA VAL B 32 -1.94 -1.96 62.14
C VAL B 32 -1.03 -3.11 61.76
N LYS B 33 -1.61 -4.13 61.14
CA LYS B 33 -0.81 -5.26 60.72
C LYS B 33 -1.30 -5.59 59.33
N VAL B 34 -0.42 -6.21 58.58
CA VAL B 34 -0.83 -6.52 57.24
C VAL B 34 -0.59 -7.99 57.10
N TYR B 35 -1.66 -8.67 56.72
CA TYR B 35 -1.52 -10.08 56.49
C TYR B 35 -1.66 -10.26 55.00
N ALA B 36 -0.81 -11.08 54.39
CA ALA B 36 -0.92 -11.37 52.95
C ALA B 36 -0.16 -12.62 52.63
N ASP B 37 -0.73 -13.37 51.70
CA ASP B 37 -0.16 -14.66 51.31
C ASP B 37 0.83 -14.43 50.20
N ARG B 38 0.82 -13.21 49.66
CA ARG B 38 1.73 -12.85 48.59
C ARG B 38 2.09 -11.41 48.84
N PHE B 39 3.35 -11.12 48.53
CA PHE B 39 3.94 -9.80 48.62
C PHE B 39 4.76 -9.60 47.34
N THR B 40 5.06 -8.36 47.01
CA THR B 40 5.80 -8.11 45.77
C THR B 40 7.07 -8.91 45.88
N PRO B 41 7.60 -9.38 44.77
CA PRO B 41 7.04 -9.17 43.46
C PRO B 41 5.87 -10.07 43.17
N PHE B 42 5.24 -10.63 44.20
CA PHE B 42 4.14 -11.54 43.82
C PHE B 42 2.68 -11.17 43.57
N THR B 43 2.29 -9.92 43.76
CA THR B 43 0.92 -9.53 43.56
C THR B 43 0.48 -9.24 42.15
N THR B 44 -0.81 -8.94 42.03
CA THR B 44 -1.30 -8.63 40.71
C THR B 44 -0.68 -7.32 40.38
N THR B 45 -0.70 -6.42 41.37
CA THR B 45 -0.13 -5.10 41.23
C THR B 45 1.24 -5.18 40.57
N ASP B 46 2.13 -6.05 41.06
CA ASP B 46 3.43 -6.21 40.44
C ASP B 46 3.39 -6.45 38.91
N VAL B 47 2.27 -6.82 38.33
CA VAL B 47 2.29 -7.10 36.89
C VAL B 47 1.79 -5.91 36.09
N ALA B 48 1.07 -5.06 36.79
CA ALA B 48 0.50 -3.95 36.08
C ALA B 48 1.48 -3.02 35.46
N ALA B 49 1.17 -2.81 34.20
CA ALA B 49 1.80 -1.86 33.32
C ALA B 49 2.00 -0.56 34.15
N GLY B 50 1.01 -0.11 34.90
CA GLY B 50 1.16 1.06 35.74
C GLY B 50 0.72 2.39 35.15
N LEU B 51 0.07 2.35 33.99
CA LEU B 51 -0.32 3.62 33.38
C LEU B 51 -1.57 4.17 33.98
N TRP B 52 -1.65 5.47 34.22
CA TRP B 52 -2.88 5.99 34.76
C TRP B 52 -3.79 6.30 33.59
N GLN B 53 -4.90 5.58 33.49
CA GLN B 53 -5.89 5.80 32.45
C GLN B 53 -7.06 4.90 32.76
N PRO B 54 -8.21 5.47 33.09
CA PRO B 54 -9.45 4.77 33.39
C PRO B 54 -9.99 4.19 32.11
N TYR B 55 -11.17 3.55 32.09
CA TYR B 55 -11.73 3.15 30.78
C TYR B 55 -12.54 4.34 30.31
N THR B 56 -12.67 4.52 28.98
CA THR B 56 -13.44 5.63 28.44
C THR B 56 -14.92 5.78 28.82
N SER B 57 -15.59 4.65 29.10
CA SER B 57 -17.02 4.66 29.52
C SER B 57 -17.16 5.15 30.95
N GLU B 58 -17.92 6.23 31.14
CA GLU B 58 -18.15 6.84 32.45
C GLU B 58 -18.46 5.81 33.54
N PRO B 59 -18.11 6.05 34.80
CA PRO B 59 -18.25 5.05 35.84
C PRO B 59 -19.71 4.72 36.07
N SER B 60 -19.93 3.50 36.56
CA SER B 60 -21.28 3.04 36.87
C SER B 60 -21.70 3.78 38.14
N ASN B 61 -20.68 4.45 38.71
CA ASN B 61 -20.79 5.24 39.93
C ASN B 61 -20.09 6.57 39.60
N PRO B 62 -20.53 7.68 40.13
CA PRO B 62 -19.78 8.90 39.83
C PRO B 62 -18.51 8.90 40.70
N GLN B 63 -18.64 8.44 41.95
CA GLN B 63 -17.57 8.35 42.96
C GLN B 63 -16.30 7.78 42.33
N GLU B 64 -16.47 6.80 41.43
CA GLU B 64 -15.35 6.18 40.77
C GLU B 64 -14.52 7.26 40.09
N ALA B 65 -15.17 8.10 39.33
CA ALA B 65 -14.40 9.12 38.64
C ALA B 65 -13.73 10.00 39.65
N ASN B 66 -14.41 10.37 40.72
CA ASN B 66 -13.67 11.22 41.64
C ASN B 66 -12.49 10.49 42.19
N TRP B 67 -12.67 9.21 42.47
CA TRP B 67 -11.53 8.50 42.97
C TRP B 67 -10.41 8.56 41.96
N ASN B 68 -10.74 8.35 40.69
CA ASN B 68 -9.72 8.43 39.67
C ASN B 68 -9.03 9.77 39.66
N GLN B 69 -9.84 10.82 39.68
CA GLN B 69 -9.25 12.13 39.70
C GLN B 69 -8.37 12.38 40.90
N GLN B 70 -8.86 12.09 42.07
CA GLN B 70 -8.07 12.32 43.27
C GLN B 70 -6.73 11.59 43.14
N THR B 71 -6.76 10.39 42.60
CA THR B 71 -5.53 9.63 42.44
C THR B 71 -4.59 10.38 41.51
N PHE B 72 -5.12 10.81 40.36
CA PHE B 72 -4.26 11.52 39.44
C PHE B 72 -3.61 12.71 40.08
N ASN B 73 -4.38 13.44 40.84
CA ASN B 73 -3.78 14.60 41.48
C ASN B 73 -2.70 14.26 42.50
N TYR B 74 -3.00 13.35 43.42
CA TYR B 74 -2.00 12.95 44.42
C TYR B 74 -0.77 12.58 43.60
N LEU B 75 -0.97 11.87 42.50
CA LEU B 75 0.23 11.57 41.78
C LEU B 75 0.90 12.81 41.22
N LEU B 76 0.16 13.60 40.41
CA LEU B 76 0.78 14.79 39.85
C LEU B 76 1.59 15.60 40.82
N SER B 77 1.01 15.77 42.02
CA SER B 77 1.62 16.55 43.06
C SER B 77 3.02 16.09 43.40
N HIS B 78 3.33 14.81 43.17
CA HIS B 78 4.65 14.34 43.49
C HIS B 78 5.62 14.52 42.34
N ILE B 79 5.09 15.07 41.25
CA ILE B 79 5.93 15.32 40.08
C ILE B 79 6.64 16.62 40.35
N GLY B 80 7.95 16.48 40.62
CA GLY B 80 8.76 17.64 40.93
C GLY B 80 9.59 17.25 42.13
N SER B 81 9.04 16.33 42.91
CA SER B 81 9.77 15.85 44.04
C SER B 81 10.92 15.03 43.50
N PRO B 82 12.03 15.05 44.18
CA PRO B 82 13.16 14.25 43.80
C PRO B 82 12.90 12.78 44.02
N ASN B 83 11.77 12.41 44.58
CA ASN B 83 11.53 10.99 44.83
C ASN B 83 10.65 10.18 43.91
N ALA B 84 9.84 10.94 43.22
CA ALA B 84 8.89 10.42 42.29
C ALA B 84 9.34 9.18 41.57
N ALA B 85 10.55 9.15 41.07
CA ALA B 85 10.82 7.95 40.33
C ALA B 85 11.15 6.86 41.26
N ASN B 86 11.58 7.27 42.44
CA ASN B 86 11.92 6.25 43.42
C ASN B 86 10.60 5.73 43.90
N MET B 87 9.58 6.55 43.76
CA MET B 87 8.28 6.13 44.17
C MET B 87 7.69 5.33 42.99
N GLY B 88 8.40 5.22 41.87
CA GLY B 88 7.92 4.48 40.71
C GLY B 88 7.05 5.34 39.79
N LEU B 89 7.11 6.65 39.97
CA LEU B 89 6.32 7.59 39.18
C LEU B 89 7.08 8.42 38.14
N THR B 90 6.49 8.66 36.96
CA THR B 90 7.01 9.61 35.94
C THR B 90 6.01 9.94 34.87
N PRO B 91 6.08 11.13 34.32
CA PRO B 91 5.09 11.44 33.31
C PRO B 91 5.38 10.64 32.07
N VAL B 92 4.38 10.37 31.25
CA VAL B 92 4.58 9.64 29.99
C VAL B 92 3.49 10.20 29.11
N SER B 93 3.82 10.42 27.84
CA SER B 93 2.81 10.95 26.95
C SER B 93 2.50 9.87 25.95
N GLY B 94 1.35 9.94 25.30
CA GLY B 94 1.05 8.86 24.38
C GLY B 94 -0.28 8.92 23.67
N TYR B 95 -0.40 7.94 22.76
CA TYR B 95 -1.55 7.76 21.90
C TYR B 95 -2.58 6.69 22.27
N ASN B 96 -3.86 6.99 22.04
CA ASN B 96 -4.98 6.03 22.16
C ASN B 96 -5.50 5.94 20.71
N LEU B 97 -5.26 4.83 20.02
CA LEU B 97 -5.72 4.67 18.64
C LEU B 97 -7.05 3.91 18.54
N PHE B 98 -7.88 4.33 17.60
CA PHE B 98 -9.18 3.72 17.38
C PHE B 98 -9.30 3.51 15.91
N ARG B 99 -10.29 2.67 15.58
CA ARG B 99 -10.48 2.30 14.19
C ARG B 99 -11.62 3.09 13.58
N GLU B 100 -12.17 3.99 14.39
CA GLU B 100 -13.27 4.83 13.97
C GLU B 100 -13.51 5.89 15.04
N ALA B 101 -14.25 6.93 14.68
CA ALA B 101 -14.54 8.03 15.60
C ALA B 101 -15.24 7.52 16.81
N VAL B 102 -14.85 8.11 17.93
CA VAL B 102 -15.34 7.69 19.23
C VAL B 102 -15.42 8.87 20.18
N PRO B 103 -16.41 8.87 21.04
CA PRO B 103 -16.60 9.99 21.95
C PRO B 103 -15.40 10.13 22.90
N ASP B 104 -15.17 11.31 23.33
CA ASP B 104 -14.07 11.72 24.26
C ASP B 104 -14.18 11.06 25.61
N PRO B 105 -13.07 10.70 26.23
CA PRO B 105 -13.15 10.01 27.52
C PRO B 105 -13.62 10.97 28.60
N TYR B 106 -14.31 10.51 29.64
CA TYR B 106 -14.74 11.41 30.70
C TYR B 106 -13.54 12.01 31.39
N TRP B 107 -12.42 11.29 31.36
CA TRP B 107 -11.25 11.83 32.02
C TRP B 107 -10.46 12.81 31.15
N LYS B 108 -10.95 13.09 29.96
CA LYS B 108 -10.24 13.95 29.03
C LYS B 108 -9.61 15.15 29.72
N ASP B 109 -10.29 15.69 30.71
CA ASP B 109 -9.68 16.84 31.35
C ASP B 109 -8.87 16.53 32.58
N MET B 110 -8.85 15.27 33.01
CA MET B 110 -8.08 14.93 34.18
C MET B 110 -6.62 14.79 33.79
N VAL B 111 -6.38 14.32 32.58
CA VAL B 111 -5.01 14.16 32.15
C VAL B 111 -4.51 15.48 31.60
N LEU B 112 -3.20 15.57 31.34
CA LEU B 112 -2.59 16.78 30.79
C LEU B 112 -2.59 16.82 29.24
N GLY B 113 -3.13 17.87 28.67
CA GLY B 113 -3.09 18.06 27.22
C GLY B 113 -3.91 17.22 26.27
N PHE B 114 -5.04 16.72 26.77
CA PHE B 114 -5.90 15.88 25.93
C PHE B 114 -6.14 16.55 24.60
N ARG B 115 -6.10 15.81 23.51
CA ARG B 115 -6.37 16.44 22.23
C ARG B 115 -6.56 15.32 21.21
N LYS B 116 -7.27 15.57 20.13
CA LYS B 116 -7.52 14.52 19.12
C LYS B 116 -6.32 14.44 18.18
N LEU B 117 -5.94 13.26 17.75
CA LEU B 117 -4.76 13.22 16.91
C LEU B 117 -5.09 13.80 15.58
N THR B 118 -4.08 14.38 14.95
CA THR B 118 -4.22 14.95 13.62
C THR B 118 -3.88 13.80 12.67
N PRO B 119 -4.16 14.04 11.40
CA PRO B 119 -3.90 13.06 10.37
C PRO B 119 -2.43 12.73 10.27
N ARG B 120 -1.57 13.74 10.25
CA ARG B 120 -0.14 13.40 10.17
C ARG B 120 0.21 12.42 11.27
N GLU B 121 -0.34 12.66 12.45
CA GLU B 121 -0.05 11.79 13.56
C GLU B 121 -0.58 10.40 13.25
N LEU B 122 -1.81 10.40 12.78
CA LEU B 122 -2.47 9.15 12.44
C LEU B 122 -1.67 8.39 11.45
N ASP B 123 -1.08 9.11 10.54
CA ASP B 123 -0.32 8.39 9.52
C ASP B 123 0.82 7.61 10.15
N MET B 124 1.15 8.01 11.37
CA MET B 124 2.23 7.26 12.00
C MET B 124 1.69 5.85 12.20
N PHE B 125 0.36 5.67 12.34
CA PHE B 125 -0.30 4.41 12.59
C PHE B 125 -1.37 4.22 11.59
N PRO B 126 -1.00 3.71 10.44
CA PRO B 126 -1.90 3.48 9.33
C PRO B 126 -3.17 2.75 9.67
N ASP B 127 -3.03 1.51 10.12
CA ASP B 127 -4.16 0.67 10.44
C ASP B 127 -5.19 1.42 11.26
N TYR B 128 -4.81 2.33 12.11
CA TYR B 128 -5.90 3.00 12.85
C TYR B 128 -6.55 4.19 12.11
N ARG B 129 -7.59 4.82 12.65
CA ARG B 129 -8.15 5.90 11.84
C ARG B 129 -8.67 7.10 12.61
N TYR B 130 -8.57 7.03 13.94
CA TYR B 130 -9.05 8.12 14.77
C TYR B 130 -8.42 7.90 16.12
N GLY B 131 -8.26 8.95 16.92
CA GLY B 131 -7.62 8.73 18.22
C GLY B 131 -7.30 9.98 19.04
N TRP B 132 -6.64 9.77 20.16
CA TRP B 132 -6.31 10.88 21.01
C TRP B 132 -4.85 10.92 21.39
N PHE B 133 -4.45 12.02 22.00
CA PHE B 133 -3.10 12.20 22.49
C PHE B 133 -3.20 12.93 23.82
N ASN B 134 -2.33 12.55 24.74
CA ASN B 134 -2.35 13.18 26.05
C ASN B 134 -1.18 12.74 26.88
N THR B 135 -0.94 13.46 27.96
CA THR B 135 0.21 13.16 28.80
C THR B 135 -0.41 12.62 30.05
N SER B 136 0.30 11.70 30.72
CA SER B 136 -0.21 11.12 31.93
C SER B 136 0.94 10.63 32.78
N LEU B 137 0.64 9.69 33.68
CA LEU B 137 1.65 9.20 34.58
C LEU B 137 1.79 7.71 34.54
N ILE B 138 2.90 7.28 35.07
CA ILE B 138 3.16 5.88 35.18
C ILE B 138 3.52 5.75 36.64
N LEU B 139 2.84 4.80 37.28
CA LEU B 139 3.05 4.52 38.67
C LEU B 139 3.28 3.02 38.58
N GLU B 140 4.54 2.61 38.56
CA GLU B 140 4.88 1.21 38.44
C GLU B 140 4.62 0.39 39.71
N GLY B 141 3.88 -0.70 39.55
CA GLY B 141 3.46 -1.53 40.66
C GLY B 141 4.57 -1.93 41.58
N ARG B 142 5.46 -2.75 41.04
CA ARG B 142 6.54 -3.28 41.86
C ARG B 142 7.23 -2.17 42.59
N LYS B 143 7.56 -1.11 41.87
CA LYS B 143 8.25 -0.07 42.61
C LYS B 143 7.39 0.54 43.69
N TYR B 144 6.20 1.03 43.32
CA TYR B 144 5.27 1.64 44.30
C TYR B 144 5.10 0.68 45.49
N LEU B 145 5.03 -0.62 45.22
CA LEU B 145 4.86 -1.54 46.33
C LEU B 145 6.02 -1.40 47.27
N GLN B 146 7.22 -1.48 46.72
CA GLN B 146 8.39 -1.32 47.56
C GLN B 146 8.37 0.00 48.35
N TRP B 147 7.95 1.09 47.71
CA TRP B 147 7.93 2.36 48.42
C TRP B 147 6.98 2.29 49.61
N LEU B 148 5.72 1.94 49.29
CA LEU B 148 4.65 1.83 50.28
C LEU B 148 5.18 0.95 51.41
N THR B 149 5.82 -0.13 51.01
CA THR B 149 6.32 -0.96 52.04
C THR B 149 7.29 -0.27 52.98
N GLU B 150 8.31 0.38 52.41
CA GLU B 150 9.29 1.08 53.25
C GLU B 150 8.57 2.11 54.09
N ARG B 151 7.72 2.92 53.47
CA ARG B 151 6.97 3.88 54.25
C ARG B 151 6.25 3.21 55.42
N LEU B 152 5.44 2.18 55.14
CA LEU B 152 4.68 1.52 56.20
C LEU B 152 5.63 1.05 57.26
N THR B 153 6.65 0.38 56.78
CA THR B 153 7.59 -0.14 57.72
C THR B 153 8.13 0.91 58.67
N GLU B 154 8.51 2.06 58.14
CA GLU B 154 9.03 3.09 59.02
C GLU B 154 7.95 3.52 59.98
N ARG B 155 6.71 3.54 59.52
CA ARG B 155 5.65 3.98 60.40
C ARG B 155 5.32 2.89 61.40
N GLY B 156 6.06 1.80 61.30
CA GLY B 156 5.87 0.69 62.20
C GLY B 156 4.72 -0.25 61.91
N VAL B 157 4.27 -0.32 60.67
CA VAL B 157 3.21 -1.25 60.41
C VAL B 157 3.89 -2.58 60.25
N LYS B 158 3.36 -3.65 60.85
CA LYS B 158 4.00 -4.93 60.71
C LYS B 158 3.39 -5.83 59.65
N PHE B 159 4.25 -6.55 58.96
CA PHE B 159 3.78 -7.41 57.89
C PHE B 159 3.87 -8.87 58.30
N PHE B 160 2.95 -9.73 57.83
CA PHE B 160 3.00 -11.16 58.10
C PHE B 160 2.57 -11.96 56.89
N LEU B 161 3.39 -12.92 56.53
CA LEU B 161 3.07 -13.69 55.36
C LEU B 161 2.08 -14.71 55.87
N ARG B 162 0.78 -14.43 55.68
CA ARG B 162 -0.25 -15.31 56.23
C ARG B 162 -1.50 -15.54 55.38
N LYS B 163 -1.98 -16.79 55.15
CA LYS B 163 -3.18 -16.94 54.33
C LYS B 163 -4.43 -16.84 55.20
N VAL B 164 -5.18 -15.76 55.08
CA VAL B 164 -6.37 -15.71 55.90
C VAL B 164 -7.33 -16.74 55.34
N GLU B 165 -7.99 -17.46 56.24
CA GLU B 165 -8.98 -18.50 55.89
C GLU B 165 -10.41 -18.02 56.08
N SER B 166 -10.63 -17.20 57.10
CA SER B 166 -11.97 -16.71 57.37
C SER B 166 -11.85 -15.37 58.09
N PHE B 167 -12.77 -14.44 57.84
CA PHE B 167 -12.64 -13.17 58.55
C PHE B 167 -12.70 -13.48 60.02
N GLU B 168 -13.52 -14.50 60.29
CA GLU B 168 -13.76 -14.97 61.64
C GLU B 168 -12.41 -15.19 62.29
N GLU B 169 -11.62 -16.02 61.63
CA GLU B 169 -10.27 -16.35 62.08
C GLU B 169 -9.59 -15.08 62.56
N VAL B 170 -9.82 -14.10 61.64
CA VAL B 170 -9.25 -12.82 61.84
C VAL B 170 -9.98 -12.13 62.93
N ALA B 171 -11.28 -12.35 63.07
CA ALA B 171 -11.75 -11.54 64.18
C ALA B 171 -11.22 -12.21 65.45
N ARG B 172 -11.08 -13.55 65.42
CA ARG B 172 -10.54 -14.32 66.57
C ARG B 172 -9.16 -13.86 66.99
N GLY B 173 -8.43 -13.27 66.03
CA GLY B 173 -7.08 -12.76 66.24
C GLY B 173 -7.08 -11.41 66.93
N GLY B 174 -8.29 -11.07 67.43
CA GLY B 174 -8.52 -9.84 68.10
C GLY B 174 -8.49 -8.68 67.11
N ALA B 175 -8.78 -8.97 65.85
CA ALA B 175 -8.80 -7.91 64.86
C ALA B 175 -10.02 -7.06 65.23
N ASP B 176 -9.78 -5.79 65.48
CA ASP B 176 -10.81 -4.86 65.90
C ASP B 176 -11.66 -4.36 64.78
N VAL B 177 -10.96 -4.27 63.61
CA VAL B 177 -11.49 -3.84 62.34
C VAL B 177 -10.66 -4.51 61.29
N ILE B 178 -11.35 -4.99 60.24
CA ILE B 178 -10.62 -5.66 59.19
C ILE B 178 -10.72 -4.92 57.85
N ILE B 179 -9.61 -4.74 57.14
CA ILE B 179 -9.73 -4.09 55.83
C ILE B 179 -9.46 -5.17 54.79
N ASN B 180 -10.49 -5.50 54.03
CA ASN B 180 -10.37 -6.60 53.07
C ASN B 180 -9.90 -6.04 51.76
N CYS B 181 -8.67 -6.40 51.38
CA CYS B 181 -8.10 -5.90 50.13
C CYS B 181 -7.48 -7.09 49.44
N THR B 182 -8.28 -8.11 49.25
CA THR B 182 -7.82 -9.36 48.68
C THR B 182 -7.96 -9.51 47.17
N GLY B 183 -8.31 -8.41 46.49
CA GLY B 183 -8.39 -8.49 45.05
C GLY B 183 -9.16 -9.64 44.46
N VAL B 184 -8.82 -10.17 43.29
CA VAL B 184 -9.65 -11.26 42.75
C VAL B 184 -9.94 -12.38 43.72
N TRP B 185 -9.05 -12.59 44.67
CA TRP B 185 -9.32 -13.68 45.57
C TRP B 185 -10.24 -13.34 46.72
N ALA B 186 -10.86 -12.18 46.64
CA ALA B 186 -11.73 -11.73 47.73
C ALA B 186 -12.86 -12.71 47.96
N GLY B 187 -13.21 -13.39 46.87
CA GLY B 187 -14.32 -14.33 46.89
C GLY B 187 -14.23 -15.37 47.99
N VAL B 188 -13.07 -15.99 48.08
CA VAL B 188 -12.88 -17.00 49.08
C VAL B 188 -13.23 -16.56 50.48
N LEU B 189 -12.97 -15.31 50.84
CA LEU B 189 -13.27 -14.85 52.18
C LEU B 189 -14.77 -14.69 52.43
N GLN B 190 -15.45 -14.42 51.31
CA GLN B 190 -16.87 -14.25 51.26
C GLN B 190 -17.25 -14.25 49.77
N PRO B 191 -18.18 -15.08 49.35
CA PRO B 191 -18.56 -15.16 47.94
C PRO B 191 -19.09 -13.84 47.45
N ASP B 192 -18.75 -13.66 46.18
CA ASP B 192 -19.11 -12.48 45.39
C ASP B 192 -19.00 -12.85 43.94
N PRO B 193 -20.13 -13.23 43.41
CA PRO B 193 -20.24 -13.67 42.03
C PRO B 193 -19.97 -12.52 41.09
N LEU B 194 -19.90 -11.32 41.66
CA LEU B 194 -19.64 -10.16 40.82
C LEU B 194 -18.22 -10.03 40.35
N LEU B 195 -17.34 -10.44 41.24
CA LEU B 195 -15.90 -10.43 41.09
C LEU B 195 -15.42 -11.54 40.17
N GLN B 196 -14.45 -11.25 39.31
CA GLN B 196 -13.90 -12.25 38.40
C GLN B 196 -12.53 -11.96 37.84
N PRO B 197 -11.77 -13.01 37.58
CA PRO B 197 -10.45 -12.81 37.01
C PRO B 197 -10.57 -12.26 35.59
N GLY B 198 -9.88 -11.15 35.34
CA GLY B 198 -9.78 -10.52 34.03
C GLY B 198 -8.30 -10.80 33.75
N ARG B 199 -8.03 -11.94 33.13
CA ARG B 199 -6.66 -12.34 32.95
C ARG B 199 -5.92 -11.54 31.91
N GLY B 200 -4.66 -11.24 32.22
CA GLY B 200 -3.87 -10.54 31.24
C GLY B 200 -2.45 -11.06 31.31
N GLN B 201 -1.86 -11.27 30.15
CA GLN B 201 -0.48 -11.72 30.02
C GLN B 201 0.25 -10.55 29.34
N ILE B 202 1.54 -10.35 29.59
CA ILE B 202 2.27 -9.28 28.91
C ILE B 202 3.70 -9.74 28.74
N ILE B 203 4.36 -9.14 27.74
CA ILE B 203 5.75 -9.44 27.51
C ILE B 203 6.48 -8.17 27.91
N LYS B 204 7.58 -8.28 28.67
CA LYS B 204 8.41 -7.14 29.00
C LYS B 204 9.59 -7.18 28.05
N VAL B 205 9.83 -6.06 27.41
CA VAL B 205 10.87 -6.11 26.44
C VAL B 205 11.78 -4.93 26.68
N ASP B 206 13.03 -5.05 26.24
CA ASP B 206 13.97 -3.96 26.40
C ASP B 206 13.99 -3.20 25.07
N ALA B 207 13.43 -1.99 25.06
CA ALA B 207 13.37 -1.19 23.83
C ALA B 207 13.24 0.27 24.22
N PRO B 208 14.35 0.79 24.74
CA PRO B 208 14.47 2.16 25.23
C PRO B 208 14.13 3.22 24.25
N TRP B 209 14.29 2.95 22.97
CA TRP B 209 13.95 4.10 22.18
C TRP B 209 12.48 4.39 22.18
N LEU B 210 11.64 3.52 22.76
CA LEU B 210 10.21 3.86 22.73
C LEU B 210 9.86 4.75 23.92
N LYS B 211 9.53 6.02 23.66
CA LYS B 211 9.28 6.92 24.77
C LYS B 211 7.83 7.19 25.11
N ASN B 212 6.94 6.71 24.25
CA ASN B 212 5.53 7.02 24.53
C ASN B 212 4.65 5.81 24.49
N PHE B 213 3.57 5.83 25.25
CA PHE B 213 2.70 4.69 25.20
C PHE B 213 1.77 4.79 23.98
N ILE B 214 1.27 3.65 23.53
CA ILE B 214 0.36 3.56 22.42
C ILE B 214 -0.62 2.47 22.87
N ILE B 215 -1.88 2.85 22.95
CA ILE B 215 -2.90 1.95 23.40
C ILE B 215 -3.96 1.91 22.32
N THR B 216 -4.03 0.75 21.69
CA THR B 216 -4.94 0.44 20.62
C THR B 216 -6.26 -0.01 21.17
N HIS B 217 -7.35 0.23 20.41
CA HIS B 217 -8.65 -0.21 20.89
C HIS B 217 -9.53 -0.78 19.80
N ASP B 218 -10.39 -1.71 20.19
CA ASP B 218 -11.27 -2.29 19.19
C ASP B 218 -12.72 -2.37 19.69
N LEU B 219 -13.56 -1.43 19.26
CA LEU B 219 -14.94 -1.41 19.72
C LEU B 219 -15.71 -2.73 19.75
N GLU B 220 -15.37 -3.65 18.84
CA GLU B 220 -15.99 -4.98 18.66
C GLU B 220 -15.48 -6.12 19.57
N ARG B 221 -14.17 -6.32 19.54
CA ARG B 221 -13.41 -7.36 20.24
C ARG B 221 -13.02 -7.21 21.71
N GLY B 222 -13.73 -6.39 22.48
CA GLY B 222 -13.34 -6.23 23.87
C GLY B 222 -12.26 -5.14 23.88
N ILE B 223 -11.85 -4.71 25.06
CA ILE B 223 -10.87 -3.64 25.18
C ILE B 223 -9.33 -3.79 25.21
N TYR B 224 -8.80 -4.79 25.90
CA TYR B 224 -7.35 -4.95 26.05
C TYR B 224 -6.73 -5.98 25.08
N ASN B 225 -7.54 -6.84 24.42
CA ASN B 225 -6.92 -7.76 23.46
C ASN B 225 -6.28 -6.95 22.32
N SER B 226 -6.69 -5.68 22.25
CA SER B 226 -5.95 -5.09 21.18
C SER B 226 -4.52 -4.92 21.67
N PRO B 227 -3.55 -4.81 20.77
CA PRO B 227 -2.19 -4.65 21.26
C PRO B 227 -2.02 -3.26 21.85
N TYR B 228 -1.11 -3.19 22.85
CA TYR B 228 -0.76 -1.95 23.49
C TYR B 228 0.69 -1.99 23.95
N ILE B 229 1.31 -0.81 24.02
CA ILE B 229 2.72 -0.70 24.38
C ILE B 229 2.88 0.37 25.40
N ILE B 230 3.52 0.04 26.52
CA ILE B 230 3.69 1.07 27.54
C ILE B 230 5.06 1.12 28.17
N PRO B 231 5.76 2.18 27.80
CA PRO B 231 7.11 2.41 28.25
C PRO B 231 7.02 2.62 29.74
N GLY B 232 7.87 1.95 30.50
CA GLY B 232 7.88 2.03 31.95
C GLY B 232 9.21 2.63 32.43
N LEU B 233 9.50 2.52 33.71
CA LEU B 233 10.72 3.11 34.24
C LEU B 233 11.95 2.50 33.70
N GLN B 234 11.93 1.24 33.33
CA GLN B 234 13.19 0.64 32.93
C GLN B 234 13.03 -0.37 31.81
N ALA B 235 11.79 -0.64 31.43
CA ALA B 235 11.50 -1.60 30.35
C ALA B 235 10.16 -1.28 29.73
N VAL B 236 9.83 -1.98 28.67
CA VAL B 236 8.56 -1.70 28.01
C VAL B 236 7.66 -2.87 28.13
N THR B 237 6.39 -2.53 28.31
CA THR B 237 5.38 -3.56 28.41
C THR B 237 4.64 -3.72 27.11
N LEU B 238 4.77 -4.90 26.53
CA LEU B 238 4.06 -5.27 25.32
C LEU B 238 2.81 -5.96 25.87
N GLY B 239 1.67 -5.53 25.40
CA GLY B 239 0.49 -6.11 25.96
C GLY B 239 -0.64 -6.37 24.98
N GLY B 240 -1.61 -7.09 25.52
CA GLY B 240 -2.75 -7.40 24.71
C GLY B 240 -3.69 -8.52 25.04
N THR B 241 -4.09 -8.71 26.30
CA THR B 241 -5.13 -9.74 26.55
C THR B 241 -5.92 -9.46 27.81
N PHE B 242 -7.20 -9.76 27.77
CA PHE B 242 -8.04 -9.50 28.93
C PHE B 242 -9.14 -10.56 28.88
N GLN B 243 -8.90 -11.74 29.45
CA GLN B 243 -9.83 -12.85 29.42
C GLN B 243 -10.59 -13.04 30.72
N VAL B 244 -11.86 -12.63 30.73
CA VAL B 244 -12.62 -12.77 31.96
C VAL B 244 -12.97 -14.20 32.30
N GLY B 245 -12.76 -14.58 33.55
CA GLY B 245 -13.06 -15.93 33.95
C GLY B 245 -11.86 -16.86 33.81
N ASN B 246 -10.84 -16.48 33.05
CA ASN B 246 -9.72 -17.41 32.96
C ASN B 246 -8.88 -17.36 34.24
N TRP B 247 -8.71 -18.49 34.90
CA TRP B 247 -7.93 -18.48 36.11
C TRP B 247 -6.60 -19.07 35.87
N ASN B 248 -6.30 -19.36 34.61
CA ASN B 248 -5.01 -19.98 34.37
C ASN B 248 -3.90 -19.01 34.72
N GLU B 249 -3.04 -19.35 35.66
CA GLU B 249 -2.01 -18.38 35.91
C GLU B 249 -0.66 -18.51 35.28
N ILE B 250 -0.53 -19.34 34.26
CA ILE B 250 0.74 -19.52 33.58
C ILE B 250 0.74 -18.75 32.29
N ASN B 251 1.88 -18.24 31.87
CA ASN B 251 1.86 -17.53 30.59
C ASN B 251 1.67 -18.62 29.57
N ASN B 252 0.89 -18.30 28.57
CA ASN B 252 0.53 -19.18 27.46
C ASN B 252 1.31 -18.79 26.19
N ILE B 253 1.79 -19.77 25.45
CA ILE B 253 2.46 -19.41 24.22
C ILE B 253 1.62 -18.62 23.23
N GLN B 254 0.43 -19.14 22.93
CA GLN B 254 -0.55 -18.54 22.03
C GLN B 254 -0.68 -17.03 22.33
N ASP B 255 -0.89 -16.66 23.60
CA ASP B 255 -1.00 -15.27 24.00
C ASP B 255 0.32 -14.53 23.71
N HIS B 256 1.40 -15.17 24.11
CA HIS B 256 2.68 -14.55 23.88
C HIS B 256 2.76 -14.26 22.41
N ASN B 257 2.45 -15.21 21.56
CA ASN B 257 2.55 -14.85 20.15
C ASN B 257 1.56 -13.79 19.71
N THR B 258 0.38 -13.75 20.25
CA THR B 258 -0.46 -12.76 19.63
C THR B 258 -0.03 -11.40 20.10
N ILE B 259 0.48 -11.35 21.32
CA ILE B 259 0.90 -10.06 21.82
C ILE B 259 2.09 -9.62 21.00
N TRP B 260 3.04 -10.52 20.90
CA TRP B 260 4.20 -10.17 20.16
C TRP B 260 3.87 -9.78 18.76
N GLU B 261 3.05 -10.54 18.09
CA GLU B 261 2.80 -10.15 16.71
C GLU B 261 2.02 -8.87 16.63
N GLY B 262 1.14 -8.65 17.55
CA GLY B 262 0.33 -7.44 17.42
C GLY B 262 1.11 -6.18 17.61
N CYS B 263 1.96 -6.19 18.63
CA CYS B 263 2.76 -5.04 18.94
C CYS B 263 3.78 -4.86 17.83
N CYS B 264 4.44 -5.94 17.43
CA CYS B 264 5.44 -5.84 16.38
C CYS B 264 4.79 -5.20 15.18
N ARG B 265 3.47 -5.28 15.01
CA ARG B 265 2.88 -4.60 13.84
C ARG B 265 2.55 -3.19 14.06
N LEU B 266 2.24 -2.94 15.30
CA LEU B 266 1.93 -1.56 15.63
C LEU B 266 3.24 -0.77 15.72
N GLU B 267 4.36 -1.45 16.00
CA GLU B 267 5.68 -0.86 16.23
C GLU B 267 6.82 -1.75 15.82
N PRO B 268 7.06 -1.69 14.53
CA PRO B 268 8.03 -2.50 13.81
C PRO B 268 9.42 -2.47 14.38
N THR B 269 9.69 -1.45 15.16
CA THR B 269 11.03 -1.40 15.65
C THR B 269 11.25 -2.47 16.69
N LEU B 270 10.16 -2.97 17.26
CA LEU B 270 10.21 -4.00 18.30
C LEU B 270 10.97 -5.18 17.77
N LYS B 271 11.05 -5.17 16.46
CA LYS B 271 11.80 -6.11 15.70
C LYS B 271 13.12 -6.38 16.37
N ASP B 272 13.61 -5.51 17.17
CA ASP B 272 14.91 -5.71 17.80
C ASP B 272 14.84 -5.58 19.30
N ALA B 273 13.65 -5.50 19.87
CA ALA B 273 13.59 -5.39 21.31
C ALA B 273 14.01 -6.76 21.84
N LYS B 274 14.82 -6.84 22.90
CA LYS B 274 15.27 -8.09 23.53
C LYS B 274 14.08 -8.34 24.49
N ILE B 275 13.55 -9.55 24.52
CA ILE B 275 12.43 -9.81 25.45
C ILE B 275 13.00 -10.08 26.82
N VAL B 276 12.57 -9.38 27.87
CA VAL B 276 13.17 -9.69 29.16
C VAL B 276 12.31 -10.50 30.11
N GLY B 277 11.03 -10.66 29.81
CA GLY B 277 10.14 -11.45 30.65
C GLY B 277 8.68 -11.49 30.19
N GLU B 278 7.89 -12.44 30.70
CA GLU B 278 6.47 -12.48 30.36
C GLU B 278 5.73 -12.65 31.66
N TYR B 279 4.52 -12.11 31.76
CA TYR B 279 3.84 -12.26 33.01
C TYR B 279 2.36 -12.33 32.77
N THR B 280 1.67 -12.97 33.72
CA THR B 280 0.22 -12.98 33.60
C THR B 280 -0.40 -12.64 34.95
N GLY B 281 -1.55 -12.00 34.98
CA GLY B 281 -2.11 -11.66 36.27
C GLY B 281 -3.60 -11.54 36.12
N PHE B 282 -4.27 -11.57 37.27
CA PHE B 282 -5.72 -11.51 37.24
C PHE B 282 -6.30 -10.15 37.57
N ARG B 283 -6.88 -9.47 36.60
CA ARG B 283 -7.44 -8.18 37.01
C ARG B 283 -8.67 -8.51 37.83
N PRO B 284 -8.78 -7.91 38.99
CA PRO B 284 -9.94 -8.20 39.83
C PRO B 284 -11.15 -7.49 39.26
N VAL B 285 -11.80 -8.13 38.31
CA VAL B 285 -12.98 -7.55 37.70
C VAL B 285 -14.28 -7.57 38.52
N ARG B 286 -15.06 -6.48 38.47
CA ARG B 286 -16.34 -6.34 39.16
C ARG B 286 -16.99 -5.11 38.52
N PRO B 287 -18.29 -5.17 38.31
CA PRO B 287 -19.04 -4.08 37.69
C PRO B 287 -18.82 -2.74 38.37
N GLN B 288 -18.53 -2.84 39.63
CA GLN B 288 -18.31 -1.59 40.33
C GLN B 288 -17.41 -2.08 41.44
N VAL B 289 -16.59 -1.15 41.97
CA VAL B 289 -15.62 -1.47 43.01
C VAL B 289 -16.37 -1.72 44.29
N ARG B 290 -15.94 -2.67 45.08
CA ARG B 290 -16.63 -2.86 46.35
C ARG B 290 -15.86 -2.14 47.44
N LEU B 291 -16.42 -1.06 47.94
CA LEU B 291 -15.74 -0.29 48.98
C LEU B 291 -16.87 0.13 49.90
N GLU B 292 -17.00 -0.62 50.98
CA GLU B 292 -18.09 -0.39 51.91
C GLU B 292 -17.82 -1.13 53.18
N ARG B 293 -18.47 -0.62 54.21
CA ARG B 293 -18.33 -1.17 55.54
C ARG B 293 -19.29 -2.37 55.71
N GLU B 294 -18.97 -3.29 56.63
CA GLU B 294 -19.81 -4.46 56.86
C GLU B 294 -19.49 -5.01 58.23
N GLN B 295 -20.52 -5.09 59.08
CA GLN B 295 -20.34 -5.61 60.43
C GLN B 295 -20.44 -7.14 60.38
N LEU B 296 -19.43 -7.81 60.92
CA LEU B 296 -19.44 -9.26 60.94
C LEU B 296 -19.52 -9.57 62.40
N ARG B 297 -20.48 -10.44 62.74
CA ARG B 297 -20.64 -10.88 64.12
C ARG B 297 -20.38 -12.39 64.26
N PHE B 298 -19.57 -12.76 65.24
CA PHE B 298 -19.24 -14.16 65.47
C PHE B 298 -19.35 -14.32 66.99
N GLY B 299 -20.52 -14.83 67.40
CA GLY B 299 -20.88 -15.04 68.80
C GLY B 299 -21.07 -13.68 69.53
N SER B 300 -20.06 -13.33 70.34
CA SER B 300 -20.01 -12.06 71.08
C SER B 300 -19.07 -11.05 70.41
N SER B 301 -18.32 -11.49 69.39
CA SER B 301 -17.38 -10.65 68.66
C SER B 301 -17.99 -9.65 67.68
N ASN B 302 -17.81 -8.37 67.97
CA ASN B 302 -18.30 -7.31 67.08
C ASN B 302 -17.15 -6.70 66.26
N THR B 303 -16.77 -7.36 65.18
CA THR B 303 -15.70 -6.83 64.31
C THR B 303 -16.19 -6.18 63.01
N GLU B 304 -15.69 -4.98 62.74
CA GLU B 304 -16.07 -4.24 61.55
C GLU B 304 -15.16 -4.66 60.42
N VAL B 305 -15.71 -4.59 59.22
CA VAL B 305 -14.96 -4.97 58.05
C VAL B 305 -15.20 -3.93 56.97
N ILE B 306 -14.11 -3.42 56.38
CA ILE B 306 -14.29 -2.48 55.29
C ILE B 306 -13.73 -3.14 54.07
N HIS B 307 -14.53 -3.21 53.04
CA HIS B 307 -14.06 -3.85 51.83
C HIS B 307 -13.53 -2.80 50.86
N ASN B 308 -12.54 -3.21 50.06
CA ASN B 308 -11.98 -2.33 49.06
C ASN B 308 -11.39 -3.31 48.06
N TYR B 309 -12.19 -3.68 47.07
CA TYR B 309 -11.68 -4.61 46.08
C TYR B 309 -12.50 -4.55 44.81
N GLY B 310 -12.00 -5.14 43.71
CA GLY B 310 -12.71 -5.14 42.44
C GLY B 310 -12.31 -3.99 41.54
N HIS B 311 -11.10 -3.48 41.76
CA HIS B 311 -10.62 -2.36 40.95
C HIS B 311 -10.26 -2.67 39.52
N GLY B 312 -10.55 -3.88 39.10
CA GLY B 312 -10.34 -4.27 37.74
C GLY B 312 -8.99 -3.92 37.23
N GLY B 313 -8.96 -3.47 36.00
CA GLY B 313 -7.71 -3.10 35.37
C GLY B 313 -7.34 -1.64 35.64
N TYR B 314 -7.59 -1.11 36.82
CA TYR B 314 -7.30 0.28 36.95
C TYR B 314 -7.08 0.59 38.42
N GLY B 315 -6.63 -0.45 39.07
CA GLY B 315 -6.26 -0.33 40.47
C GLY B 315 -5.25 0.79 40.72
N LEU B 316 -4.15 0.79 39.99
CA LEU B 316 -3.14 1.81 40.21
C LEU B 316 -3.78 3.17 39.96
N THR B 317 -4.47 3.19 38.82
CA THR B 317 -5.14 4.40 38.40
C THR B 317 -6.07 5.00 39.40
N ILE B 318 -6.63 4.21 40.29
CA ILE B 318 -7.61 4.75 41.25
C ILE B 318 -7.30 4.48 42.72
N HIS B 319 -6.20 3.79 42.97
CA HIS B 319 -5.86 3.44 44.33
C HIS B 319 -6.05 4.47 45.42
N TRP B 320 -5.55 5.68 45.22
CA TRP B 320 -5.62 6.68 46.27
C TRP B 320 -6.99 7.11 46.70
N GLY B 321 -7.90 7.20 45.74
CA GLY B 321 -9.26 7.63 46.05
C GLY B 321 -9.91 6.70 47.08
N CYS B 322 -9.97 5.43 46.67
CA CYS B 322 -10.50 4.38 47.50
C CYS B 322 -9.83 4.44 48.86
N ALA B 323 -8.52 4.62 48.86
CA ALA B 323 -7.83 4.65 50.13
C ALA B 323 -8.35 5.74 51.00
N LEU B 324 -8.50 6.91 50.43
CA LEU B 324 -9.03 8.03 51.19
C LEU B 324 -10.40 7.61 51.69
N GLU B 325 -11.18 7.01 50.80
CA GLU B 325 -12.50 6.57 51.22
C GLU B 325 -12.53 5.61 52.41
N VAL B 326 -11.77 4.53 52.32
CA VAL B 326 -11.77 3.57 53.40
C VAL B 326 -11.41 4.29 54.66
N ALA B 327 -10.53 5.25 54.51
CA ALA B 327 -10.11 6.00 55.68
C ALA B 327 -11.32 6.66 56.35
N LYS B 328 -12.09 7.38 55.53
CA LYS B 328 -13.30 8.04 55.99
C LYS B 328 -14.15 7.00 56.74
N LEU B 329 -14.47 5.86 56.12
CA LEU B 329 -15.25 4.92 56.88
C LEU B 329 -14.52 4.50 58.15
N PHE B 330 -13.24 4.16 58.03
CA PHE B 330 -12.55 3.71 59.22
C PHE B 330 -12.68 4.72 60.32
N GLY B 331 -12.88 5.96 59.87
CA GLY B 331 -13.04 7.04 60.82
C GLY B 331 -14.38 6.83 61.51
N LYS B 332 -15.44 6.72 60.72
CA LYS B 332 -16.79 6.50 61.26
C LYS B 332 -16.75 5.31 62.18
N VAL B 333 -16.05 4.27 61.78
CA VAL B 333 -15.98 3.16 62.70
C VAL B 333 -15.38 3.71 63.97
N LEU B 334 -14.29 4.45 63.87
CA LEU B 334 -13.75 5.02 65.09
C LEU B 334 -14.78 5.94 65.75
N GLU B 335 -15.53 6.74 64.98
CA GLU B 335 -16.47 7.63 65.65
C GLU B 335 -17.55 6.93 66.46
N GLU B 336 -18.03 5.81 65.93
CA GLU B 336 -19.03 5.01 66.62
C GLU B 336 -18.49 4.45 67.92
N ARG B 337 -17.17 4.36 68.02
CA ARG B 337 -16.52 3.90 69.23
C ARG B 337 -16.24 5.16 70.07
N ASN B 338 -16.65 6.33 69.60
CA ASN B 338 -16.38 7.53 70.38
C ASN B 338 -14.86 7.71 70.52
N LEU B 339 -14.12 7.17 69.56
CA LEU B 339 -12.66 7.25 69.57
C LEU B 339 -12.06 6.34 70.64
N MET C 1 -40.09 36.67 -55.34
CA MET C 1 -41.44 36.14 -55.43
C MET C 1 -41.73 35.02 -54.44
N ARG C 2 -43.02 34.75 -54.27
CA ARG C 2 -43.40 33.75 -53.30
C ARG C 2 -43.34 32.34 -53.91
N VAL C 3 -42.37 31.49 -53.39
CA VAL C 3 -42.12 30.15 -53.91
C VAL C 3 -42.48 29.14 -52.82
N VAL C 4 -43.13 28.04 -53.18
CA VAL C 4 -43.49 27.03 -52.18
C VAL C 4 -43.05 25.68 -52.64
N VAL C 5 -42.28 25.06 -51.77
CA VAL C 5 -41.79 23.76 -52.14
C VAL C 5 -42.61 22.78 -51.35
N ILE C 6 -43.26 21.88 -52.08
CA ILE C 6 -44.04 20.91 -51.35
C ILE C 6 -43.17 19.69 -51.28
N GLY C 7 -42.78 19.33 -50.06
CA GLY C 7 -41.97 18.13 -49.80
C GLY C 7 -40.66 18.42 -49.07
N ALA C 8 -40.29 17.62 -48.07
CA ALA C 8 -39.06 17.91 -47.37
C ALA C 8 -38.12 16.70 -47.43
N GLY C 9 -38.24 15.93 -48.51
CA GLY C 9 -37.38 14.76 -48.72
C GLY C 9 -36.12 15.25 -49.44
N VAL C 10 -35.28 14.32 -49.89
CA VAL C 10 -34.04 14.80 -50.53
C VAL C 10 -34.36 15.72 -51.65
N ILE C 11 -35.33 15.34 -52.46
CA ILE C 11 -35.70 16.21 -53.57
C ILE C 11 -36.09 17.65 -53.26
N GLY C 12 -37.12 17.84 -52.45
CA GLY C 12 -37.53 19.21 -52.17
C GLY C 12 -36.40 20.05 -51.59
N LEU C 13 -35.83 19.52 -50.51
CA LEU C 13 -34.80 20.24 -49.83
C LEU C 13 -33.70 20.65 -50.75
N SER C 14 -33.20 19.73 -51.58
CA SER C 14 -32.13 20.14 -52.48
C SER C 14 -32.64 21.27 -53.33
N THR C 15 -33.74 20.99 -53.99
CA THR C 15 -34.30 21.94 -54.89
C THR C 15 -34.52 23.27 -54.22
N ALA C 16 -35.10 23.25 -53.03
CA ALA C 16 -35.33 24.52 -52.38
C ALA C 16 -33.99 25.22 -52.33
N LEU C 17 -33.03 24.54 -51.71
CA LEU C 17 -31.71 25.12 -51.55
C LEU C 17 -31.16 25.58 -52.87
N CYS C 18 -31.16 24.66 -53.80
CA CYS C 18 -30.59 25.00 -55.08
C CYS C 18 -31.22 26.24 -55.71
N ILE C 19 -32.53 26.38 -55.68
CA ILE C 19 -33.19 27.52 -56.28
C ILE C 19 -32.72 28.71 -55.48
N HIS C 20 -32.84 28.56 -54.17
CA HIS C 20 -32.47 29.67 -53.33
C HIS C 20 -31.06 30.14 -53.49
N GLU C 21 -30.17 29.18 -53.67
CA GLU C 21 -28.78 29.50 -53.77
C GLU C 21 -28.58 30.33 -55.04
N ARG C 22 -29.08 29.93 -56.21
CA ARG C 22 -28.84 30.73 -57.43
C ARG C 22 -29.62 32.06 -57.49
N TYR C 23 -30.78 32.10 -56.83
CA TYR C 23 -31.61 33.27 -56.87
C TYR C 23 -32.07 33.82 -55.54
N HIS C 24 -31.24 34.64 -54.93
CA HIS C 24 -31.73 35.29 -53.73
C HIS C 24 -30.89 36.57 -53.83
N SER C 25 -30.24 36.59 -54.99
CA SER C 25 -29.42 37.71 -55.44
C SER C 25 -29.99 38.40 -56.68
N VAL C 26 -30.51 37.62 -57.64
CA VAL C 26 -31.06 38.16 -58.88
C VAL C 26 -32.35 38.95 -58.65
N LEU C 27 -33.41 38.23 -58.29
CA LEU C 27 -34.70 38.82 -57.98
C LEU C 27 -34.29 39.43 -56.64
N GLN C 28 -34.90 40.50 -56.16
CA GLN C 28 -34.40 40.98 -54.87
C GLN C 28 -34.72 39.89 -53.83
N PRO C 29 -35.47 40.17 -52.79
CA PRO C 29 -35.74 39.11 -51.82
C PRO C 29 -36.57 37.99 -52.46
N LEU C 30 -36.20 36.75 -52.18
CA LEU C 30 -36.91 35.58 -52.70
C LEU C 30 -37.62 34.81 -51.57
N ASP C 31 -38.93 34.65 -51.68
CA ASP C 31 -39.63 33.97 -50.60
C ASP C 31 -39.92 32.51 -50.81
N VAL C 32 -39.04 31.75 -50.09
CA VAL C 32 -39.21 30.31 -50.17
C VAL C 32 -39.75 29.68 -48.89
N LYS C 33 -40.69 28.77 -49.04
CA LYS C 33 -41.25 28.11 -47.88
C LYS C 33 -41.33 26.65 -48.26
N VAL C 34 -41.32 25.82 -47.25
CA VAL C 34 -41.37 24.43 -47.56
C VAL C 34 -42.52 23.90 -46.75
N TYR C 35 -43.42 23.27 -47.48
CA TYR C 35 -44.53 22.66 -46.81
C TYR C 35 -44.32 21.17 -46.93
N ALA C 36 -44.53 20.42 -45.84
CA ALA C 36 -44.40 18.96 -45.90
C ALA C 36 -45.10 18.35 -44.72
N ASP C 37 -45.73 17.21 -44.98
CA ASP C 37 -46.51 16.52 -43.97
C ASP C 37 -45.60 15.60 -43.19
N ARG C 38 -44.39 15.42 -43.72
CA ARG C 38 -43.41 14.57 -43.08
C ARG C 38 -42.08 15.24 -43.31
N PHE C 39 -41.24 15.11 -42.28
CA PHE C 39 -39.88 15.61 -42.26
C PHE C 39 -39.02 14.51 -41.65
N THR C 40 -37.72 14.56 -41.89
CA THR C 40 -36.86 13.50 -41.35
C THR C 40 -37.09 13.47 -39.87
N PRO C 41 -36.97 12.32 -39.26
CA PRO C 41 -36.63 11.08 -39.91
C PRO C 41 -37.80 10.47 -40.64
N PHE C 42 -38.84 11.25 -40.94
CA PHE C 42 -39.95 10.55 -41.60
C PHE C 42 -40.13 10.30 -43.09
N THR C 43 -39.25 10.81 -43.95
CA THR C 43 -39.39 10.62 -45.37
C THR C 43 -38.90 9.32 -45.95
N THR C 44 -39.11 9.19 -47.25
CA THR C 44 -38.66 7.98 -47.88
C THR C 44 -37.18 8.08 -47.85
N THR C 45 -36.69 9.27 -48.19
CA THR C 45 -35.27 9.55 -48.19
C THR C 45 -34.60 9.00 -46.94
N ASP C 46 -35.16 9.29 -45.76
CA ASP C 46 -34.61 8.74 -44.53
C ASP C 46 -34.40 7.21 -44.54
N VAL C 47 -34.98 6.47 -45.44
CA VAL C 47 -34.81 5.02 -45.38
C VAL C 47 -33.74 4.55 -46.33
N ALA C 48 -33.49 5.40 -47.31
CA ALA C 48 -32.55 4.99 -48.31
C ALA C 48 -31.16 4.73 -47.80
N ALA C 49 -30.74 3.55 -48.23
CA ALA C 49 -29.40 3.03 -48.08
C ALA C 49 -28.42 4.20 -48.37
N GLY C 50 -28.65 4.98 -49.42
CA GLY C 50 -27.81 6.12 -49.71
C GLY C 50 -26.64 5.89 -50.67
N LEU C 51 -26.60 4.72 -51.30
CA LEU C 51 -25.48 4.47 -52.19
C LEU C 51 -25.66 5.10 -53.53
N TRP C 52 -24.63 5.68 -54.10
CA TRP C 52 -24.81 6.25 -55.43
C TRP C 52 -24.56 5.16 -56.43
N GLN C 53 -25.59 4.77 -57.17
CA GLN C 53 -25.49 3.76 -58.21
C GLN C 53 -26.84 3.72 -58.91
N PRO C 54 -26.88 4.12 -60.18
CA PRO C 54 -28.06 4.11 -61.01
C PRO C 54 -28.42 2.68 -61.33
N TYR C 55 -29.62 2.52 -61.92
CA TYR C 55 -30.06 1.20 -62.30
C TYR C 55 -29.18 0.65 -63.43
N THR C 56 -28.98 -0.66 -63.36
CA THR C 56 -28.15 -1.42 -64.31
C THR C 56 -28.44 -1.07 -65.79
N SER C 57 -29.75 -1.11 -66.07
CA SER C 57 -30.33 -0.89 -67.38
C SER C 57 -29.94 0.47 -67.94
N GLU C 58 -29.81 0.51 -69.26
CA GLU C 58 -29.46 1.75 -69.90
C GLU C 58 -30.62 2.67 -69.53
N PRO C 59 -30.34 3.96 -69.55
CA PRO C 59 -31.29 5.00 -69.20
C PRO C 59 -32.61 5.03 -70.00
N SER C 60 -33.64 5.66 -69.43
CA SER C 60 -34.95 5.82 -70.05
C SER C 60 -34.91 7.01 -71.02
N ASN C 61 -34.62 8.18 -70.47
CA ASN C 61 -34.47 9.49 -71.12
C ASN C 61 -32.97 9.81 -71.13
N PRO C 62 -32.43 10.32 -72.22
CA PRO C 62 -31.01 10.62 -72.15
C PRO C 62 -30.59 11.59 -71.02
N GLN C 63 -31.50 12.46 -70.58
CA GLN C 63 -31.24 13.47 -69.53
C GLN C 63 -30.82 12.86 -68.19
N GLU C 64 -31.56 11.84 -67.83
CA GLU C 64 -31.30 11.17 -66.59
C GLU C 64 -29.84 10.82 -66.36
N ALA C 65 -29.10 10.30 -67.31
CA ALA C 65 -27.72 9.98 -67.05
C ALA C 65 -26.97 11.25 -66.74
N ASN C 66 -27.22 12.32 -67.47
CA ASN C 66 -26.46 13.49 -67.09
C ASN C 66 -26.80 13.90 -65.68
N TRP C 67 -28.05 13.80 -65.32
CA TRP C 67 -28.37 14.17 -63.97
C TRP C 67 -27.59 13.30 -63.01
N ASN C 68 -27.55 12.00 -63.30
CA ASN C 68 -26.77 11.12 -62.43
C ASN C 68 -25.32 11.54 -62.34
N GLN C 69 -24.74 11.80 -63.50
CA GLN C 69 -23.36 12.22 -63.48
C GLN C 69 -23.15 13.51 -62.72
N GLN C 70 -23.93 14.52 -63.00
CA GLN C 70 -23.75 15.78 -62.30
C GLN C 70 -23.82 15.56 -60.81
N THR C 71 -24.73 14.70 -60.38
CA THR C 71 -24.87 14.43 -58.96
C THR C 71 -23.57 13.82 -58.44
N PHE C 72 -23.08 12.79 -59.13
CA PHE C 72 -21.86 12.19 -58.67
C PHE C 72 -20.75 13.17 -58.53
N ASN C 73 -20.63 14.06 -59.49
CA ASN C 73 -19.56 15.03 -59.37
C ASN C 73 -19.72 15.99 -58.21
N TYR C 74 -20.90 16.59 -58.08
CA TYR C 74 -21.15 17.51 -56.95
C TYR C 74 -20.76 16.72 -55.72
N LEU C 75 -21.14 15.45 -55.66
CA LEU C 75 -20.72 14.77 -54.48
C LEU C 75 -19.21 14.62 -54.39
N LEU C 76 -18.58 14.03 -55.41
CA LEU C 76 -17.13 13.85 -55.35
C LEU C 76 -16.38 15.08 -54.87
N SER C 77 -16.82 16.23 -55.43
CA SER C 77 -16.19 17.49 -55.13
C SER C 77 -16.14 17.80 -53.64
N HIS C 78 -17.07 17.24 -52.87
CA HIS C 78 -17.05 17.52 -51.45
C HIS C 78 -16.19 16.55 -50.70
N ILE C 79 -15.59 15.60 -51.44
CA ILE C 79 -14.72 14.62 -50.83
C ILE C 79 -13.37 15.30 -50.69
N GLY C 80 -13.06 15.60 -49.41
CA GLY C 80 -11.82 16.30 -49.13
C GLY C 80 -12.16 17.39 -48.15
N SER C 81 -13.41 17.85 -48.26
CA SER C 81 -13.87 18.84 -47.34
C SER C 81 -13.98 18.18 -45.99
N PRO C 82 -13.72 18.93 -44.94
CA PRO C 82 -13.87 18.42 -43.61
C PRO C 82 -15.32 18.20 -43.24
N ASN C 83 -16.25 18.55 -44.12
CA ASN C 83 -17.65 18.37 -43.75
C ASN C 83 -18.44 17.20 -44.29
N ALA C 84 -17.89 16.69 -45.36
CA ALA C 84 -18.45 15.59 -46.07
C ALA C 84 -19.16 14.58 -45.18
N ALA C 85 -18.56 14.20 -44.09
CA ALA C 85 -19.30 13.16 -43.40
C ALA C 85 -20.38 13.77 -42.63
N ASN C 86 -20.20 15.05 -42.34
CA ASN C 86 -21.23 15.73 -41.58
C ASN C 86 -22.35 15.94 -42.55
N MET C 87 -21.99 15.96 -43.81
CA MET C 87 -22.99 16.14 -44.83
C MET C 87 -23.58 14.74 -45.10
N GLY C 88 -23.07 13.69 -44.47
CA GLY C 88 -23.58 12.34 -44.66
C GLY C 88 -22.90 11.63 -45.83
N LEU C 89 -21.79 12.18 -46.29
CA LEU C 89 -21.05 11.63 -47.43
C LEU C 89 -19.73 10.91 -47.11
N THR C 90 -19.42 9.81 -47.79
CA THR C 90 -18.09 9.14 -47.74
C THR C 90 -17.89 8.13 -48.84
N PRO C 91 -16.65 7.94 -49.27
CA PRO C 91 -16.50 7.00 -50.35
C PRO C 91 -16.72 5.60 -49.82
N VAL C 92 -17.12 4.66 -50.67
CA VAL C 92 -17.32 3.28 -50.25
C VAL C 92 -17.00 2.50 -51.51
N SER C 93 -16.32 1.38 -51.35
CA SER C 93 -16.00 0.59 -52.53
C SER C 93 -16.77 -0.68 -52.43
N GLY C 94 -16.98 -1.37 -53.54
CA GLY C 94 -17.77 -2.57 -53.42
C GLY C 94 -18.05 -3.35 -54.70
N TYR C 95 -18.70 -4.50 -54.46
CA TYR C 95 -19.06 -5.46 -55.49
C TYR C 95 -20.50 -5.48 -55.98
N ASN C 96 -20.68 -5.71 -57.28
CA ASN C 96 -21.99 -5.95 -57.92
C ASN C 96 -21.86 -7.41 -58.43
N LEU C 97 -22.54 -8.35 -57.80
CA LEU C 97 -22.46 -9.76 -58.21
C LEU C 97 -23.62 -10.16 -59.13
N PHE C 98 -23.31 -11.00 -60.10
CA PHE C 98 -24.29 -11.49 -61.06
C PHE C 98 -24.10 -12.95 -61.16
N ARG C 99 -25.14 -13.59 -61.74
CA ARG C 99 -25.14 -15.03 -61.83
C ARG C 99 -24.71 -15.48 -63.22
N GLU C 100 -24.37 -14.49 -64.05
CA GLU C 100 -23.96 -14.75 -65.41
C GLU C 100 -23.44 -13.44 -66.00
N ALA C 101 -22.71 -13.55 -67.11
CA ALA C 101 -22.13 -12.39 -67.77
C ALA C 101 -23.20 -11.42 -68.16
N VAL C 102 -22.85 -10.15 -67.98
CA VAL C 102 -23.78 -9.07 -68.20
C VAL C 102 -23.05 -7.83 -68.71
N PRO C 103 -23.69 -7.08 -69.58
CA PRO C 103 -23.04 -5.91 -70.15
C PRO C 103 -22.73 -4.88 -69.07
N ASP C 104 -21.72 -4.10 -69.31
CA ASP C 104 -21.21 -3.03 -68.42
C ASP C 104 -22.21 -1.93 -68.20
N PRO C 105 -22.27 -1.35 -67.01
CA PRO C 105 -23.26 -0.32 -66.76
C PRO C 105 -22.92 0.95 -67.52
N TYR C 106 -23.90 1.76 -67.92
CA TYR C 106 -23.57 3.01 -68.62
C TYR C 106 -22.79 3.92 -67.73
N TRP C 107 -22.96 3.77 -66.43
CA TRP C 107 -22.21 4.64 -65.53
C TRP C 107 -20.80 4.14 -65.24
N LYS C 108 -20.41 3.04 -65.86
CA LYS C 108 -19.10 2.44 -65.59
C LYS C 108 -18.01 3.48 -65.45
N ASP C 109 -18.09 4.54 -66.25
CA ASP C 109 -17.03 5.52 -66.12
C ASP C 109 -17.34 6.67 -65.21
N MET C 110 -18.55 6.72 -64.66
CA MET C 110 -18.88 7.82 -63.76
C MET C 110 -18.32 7.51 -62.39
N VAL C 111 -18.28 6.24 -62.04
CA VAL C 111 -17.76 5.88 -60.73
C VAL C 111 -16.25 5.76 -60.83
N LEU C 112 -15.59 5.64 -59.68
CA LEU C 112 -14.13 5.49 -59.63
C LEU C 112 -13.65 4.03 -59.71
N GLY C 113 -12.77 3.74 -60.65
CA GLY C 113 -12.18 2.40 -60.75
C GLY C 113 -12.98 1.20 -61.21
N PHE C 114 -13.99 1.45 -62.03
CA PHE C 114 -14.83 0.34 -62.51
C PHE C 114 -13.96 -0.75 -63.07
N ARG C 115 -14.28 -2.00 -62.79
CA ARG C 115 -13.47 -3.08 -63.34
C ARG C 115 -14.22 -4.37 -63.11
N LYS C 116 -13.98 -5.40 -63.91
CA LYS C 116 -14.70 -6.67 -63.76
C LYS C 116 -14.04 -7.50 -62.68
N LEU C 117 -14.79 -8.22 -61.88
CA LEU C 117 -14.11 -8.95 -60.81
C LEU C 117 -13.36 -10.08 -61.41
N THR C 118 -12.28 -10.45 -60.75
CA THR C 118 -11.46 -11.57 -61.15
C THR C 118 -12.05 -12.78 -60.43
N PRO C 119 -11.60 -13.95 -60.84
CA PRO C 119 -12.05 -15.19 -60.25
C PRO C 119 -11.73 -15.27 -58.78
N ARG C 120 -10.50 -14.93 -58.40
CA ARG C 120 -10.22 -15.00 -56.96
C ARG C 120 -11.24 -14.20 -56.19
N GLU C 121 -11.59 -13.03 -56.74
CA GLU C 121 -12.56 -12.19 -56.07
C GLU C 121 -13.88 -12.92 -56.02
N LEU C 122 -14.24 -13.47 -57.18
CA LEU C 122 -15.49 -14.18 -57.30
C LEU C 122 -15.57 -15.29 -56.30
N ASP C 123 -14.42 -15.88 -56.14
CA ASP C 123 -14.42 -16.96 -55.19
C ASP C 123 -14.90 -16.50 -53.84
N MET C 124 -14.84 -15.22 -53.53
CA MET C 124 -15.35 -14.81 -52.23
C MET C 124 -16.87 -14.85 -52.27
N PHE C 125 -17.52 -15.03 -53.42
CA PHE C 125 -18.99 -14.99 -53.42
C PHE C 125 -19.47 -16.02 -54.41
N PRO C 126 -19.37 -17.23 -53.93
CA PRO C 126 -19.66 -18.41 -54.70
C PRO C 126 -21.05 -18.61 -55.37
N ASP C 127 -22.07 -17.93 -54.91
CA ASP C 127 -23.31 -18.15 -55.64
C ASP C 127 -23.23 -17.33 -56.93
N TYR C 128 -22.46 -16.25 -56.91
CA TYR C 128 -22.34 -15.41 -58.09
C TYR C 128 -21.28 -15.91 -59.03
N ARG C 129 -21.41 -15.62 -60.31
CA ARG C 129 -20.46 -16.11 -61.32
C ARG C 129 -19.81 -15.05 -62.19
N TYR C 130 -20.17 -13.80 -61.98
CA TYR C 130 -19.65 -12.74 -62.81
C TYR C 130 -19.98 -11.46 -62.09
N GLY C 131 -19.23 -10.39 -62.31
CA GLY C 131 -19.54 -9.16 -61.59
C GLY C 131 -18.56 -8.01 -61.75
N TRP C 132 -18.80 -6.94 -61.02
CA TRP C 132 -17.94 -5.79 -61.12
C TRP C 132 -17.45 -5.31 -59.78
N PHE C 133 -16.51 -4.38 -59.83
CA PHE C 133 -15.96 -3.76 -58.65
C PHE C 133 -15.74 -2.30 -58.96
N ASN C 134 -15.99 -1.46 -57.97
CA ASN C 134 -15.82 -0.03 -58.18
C ASN C 134 -15.98 0.73 -56.89
N THR C 135 -15.57 1.99 -56.92
CA THR C 135 -15.61 2.79 -55.71
C THR C 135 -16.70 3.79 -56.01
N SER C 136 -17.40 4.22 -54.96
CA SER C 136 -18.47 5.18 -55.14
C SER C 136 -18.68 5.95 -53.86
N LEU C 137 -19.88 6.52 -53.72
CA LEU C 137 -20.17 7.32 -52.55
C LEU C 137 -21.40 6.88 -51.84
N ILE C 138 -21.49 7.35 -50.61
CA ILE C 138 -22.64 7.08 -49.83
C ILE C 138 -23.04 8.47 -49.37
N LEU C 139 -24.31 8.75 -49.59
CA LEU C 139 -24.88 10.04 -49.22
C LEU C 139 -26.07 9.54 -48.42
N GLU C 140 -25.93 9.50 -47.11
CA GLU C 140 -26.99 9.02 -46.24
C GLU C 140 -28.16 10.00 -46.09
N GLY C 141 -29.36 9.47 -46.35
CA GLY C 141 -30.57 10.28 -46.36
C GLY C 141 -30.75 11.12 -45.14
N ARG C 142 -30.94 10.44 -44.01
CA ARG C 142 -31.22 11.16 -42.77
C ARG C 142 -30.19 12.22 -42.56
N LYS C 143 -28.93 11.86 -42.71
CA LYS C 143 -27.97 12.91 -42.46
C LYS C 143 -28.07 14.05 -43.44
N TYR C 144 -28.02 13.75 -44.74
CA TYR C 144 -28.13 14.78 -45.80
C TYR C 144 -29.38 15.63 -45.52
N LEU C 145 -30.46 15.01 -45.07
CA LEU C 145 -31.65 15.80 -44.81
C LEU C 145 -31.34 16.83 -43.76
N GLN C 146 -30.77 16.37 -42.66
CA GLN C 146 -30.41 17.32 -41.61
C GLN C 146 -29.50 18.43 -42.11
N TRP C 147 -28.53 18.10 -42.96
CA TRP C 147 -27.64 19.13 -43.46
C TRP C 147 -28.41 20.17 -44.25
N LEU C 148 -29.11 19.68 -45.28
CA LEU C 148 -29.91 20.51 -46.16
C LEU C 148 -30.80 21.39 -45.29
N THR C 149 -31.38 20.74 -44.29
CA THR C 149 -32.21 21.54 -43.45
C THR C 149 -31.48 22.71 -42.80
N GLU C 150 -30.35 22.42 -42.15
CA GLU C 150 -29.59 23.49 -41.49
C GLU C 150 -29.22 24.53 -42.52
N ARG C 151 -28.67 24.09 -43.64
CA ARG C 151 -28.35 25.05 -44.68
C ARG C 151 -29.56 25.93 -45.03
N LEU C 152 -30.70 25.32 -45.36
CA LEU C 152 -31.87 26.10 -45.76
C LEU C 152 -32.21 27.05 -44.65
N THR C 153 -32.26 26.48 -43.47
CA THR C 153 -32.61 27.30 -42.36
C THR C 153 -31.75 28.55 -42.25
N GLU C 154 -30.45 28.39 -42.37
CA GLU C 154 -29.60 29.57 -42.26
C GLU C 154 -29.92 30.51 -43.39
N ARG C 155 -30.26 29.99 -44.55
CA ARG C 155 -30.54 30.87 -45.68
C ARG C 155 -31.91 31.50 -45.49
N GLY C 156 -32.54 31.15 -44.38
CA GLY C 156 -33.85 31.70 -44.07
C GLY C 156 -35.04 31.06 -44.75
N VAL C 157 -34.92 29.82 -45.19
CA VAL C 157 -36.08 29.24 -45.82
C VAL C 157 -36.93 28.76 -44.66
N LYS C 158 -38.24 28.99 -44.70
CA LYS C 158 -39.07 28.55 -43.60
C LYS C 158 -39.79 27.24 -43.86
N PHE C 159 -39.88 26.45 -42.82
CA PHE C 159 -40.52 25.15 -42.95
C PHE C 159 -41.87 25.13 -42.26
N PHE C 160 -42.84 24.37 -42.79
CA PHE C 160 -44.16 24.24 -42.16
C PHE C 160 -44.68 22.83 -42.30
N LEU C 161 -45.09 22.27 -41.17
CA LEU C 161 -45.56 20.91 -41.21
C LEU C 161 -46.98 21.04 -41.70
N ARG C 162 -47.26 20.71 -42.97
CA ARG C 162 -48.60 20.83 -43.53
C ARG C 162 -48.94 19.87 -44.62
N LYS C 163 -50.19 19.46 -44.61
CA LYS C 163 -50.56 18.55 -45.69
C LYS C 163 -51.20 19.31 -46.84
N VAL C 164 -50.52 19.45 -47.97
CA VAL C 164 -51.18 20.15 -49.02
C VAL C 164 -52.30 19.26 -49.52
N GLU C 165 -53.38 19.99 -49.83
CA GLU C 165 -54.58 19.36 -50.25
C GLU C 165 -54.85 19.42 -51.73
N SER C 166 -54.51 20.56 -52.29
CA SER C 166 -54.68 20.85 -53.69
C SER C 166 -53.67 21.92 -54.09
N PHE C 167 -53.15 21.89 -55.31
CA PHE C 167 -52.19 22.93 -55.67
C PHE C 167 -52.92 24.25 -55.54
N GLU C 168 -54.20 24.16 -55.87
CA GLU C 168 -55.09 25.31 -55.84
C GLU C 168 -54.95 25.97 -54.49
N GLU C 169 -55.16 25.16 -53.46
CA GLU C 169 -55.06 25.60 -52.07
C GLU C 169 -53.81 26.47 -51.94
N VAL C 170 -52.78 25.92 -52.54
CA VAL C 170 -51.54 26.62 -52.46
C VAL C 170 -51.62 27.83 -53.33
N ALA C 171 -52.03 27.56 -54.55
CA ALA C 171 -52.13 28.54 -55.63
C ALA C 171 -52.84 29.86 -55.37
N ARG C 172 -54.15 29.75 -55.22
CA ARG C 172 -55.00 30.89 -54.96
C ARG C 172 -54.41 31.59 -53.76
N GLY C 173 -53.62 30.85 -52.98
CA GLY C 173 -52.94 31.46 -51.86
C GLY C 173 -51.91 32.54 -52.31
N GLY C 174 -51.72 32.77 -53.61
CA GLY C 174 -50.73 33.75 -54.06
C GLY C 174 -49.34 33.14 -54.36
N ALA C 175 -49.34 31.84 -54.56
CA ALA C 175 -48.12 31.11 -54.87
C ALA C 175 -47.70 31.46 -56.30
N ASP C 176 -46.53 32.07 -56.49
CA ASP C 176 -46.10 32.37 -57.86
C ASP C 176 -45.71 31.10 -58.60
N VAL C 177 -44.98 30.26 -57.87
CA VAL C 177 -44.52 28.96 -58.38
C VAL C 177 -44.83 27.96 -57.24
N ILE C 178 -45.06 26.71 -57.59
CA ILE C 178 -45.27 25.70 -56.57
C ILE C 178 -44.31 24.58 -57.09
N ILE C 179 -43.23 24.16 -56.31
CA ILE C 179 -42.35 23.09 -56.74
C ILE C 179 -42.88 21.81 -56.10
N ASN C 180 -43.36 20.92 -56.96
CA ASN C 180 -43.99 19.71 -56.45
C ASN C 180 -42.94 18.63 -56.31
N CYS C 181 -42.68 18.26 -55.05
CA CYS C 181 -41.66 17.25 -54.78
C CYS C 181 -42.24 16.30 -53.77
N THR C 182 -43.40 15.77 -54.09
CA THR C 182 -44.15 14.91 -53.21
C THR C 182 -43.90 13.42 -53.35
N GLY C 183 -42.89 13.06 -54.14
CA GLY C 183 -42.57 11.63 -54.23
C GLY C 183 -43.71 10.69 -54.52
N VAL C 184 -43.70 9.46 -54.04
CA VAL C 184 -44.83 8.57 -54.39
C VAL C 184 -46.20 9.16 -54.17
N TRP C 185 -46.31 10.08 -53.23
CA TRP C 185 -47.62 10.61 -53.00
C TRP C 185 -48.01 11.74 -53.93
N ALA C 186 -47.23 11.94 -54.96
CA ALA C 186 -47.49 13.05 -55.89
C ALA C 186 -48.86 12.91 -56.53
N GLY C 187 -49.26 11.65 -56.62
CA GLY C 187 -50.53 11.32 -57.26
C GLY C 187 -51.72 12.09 -56.71
N VAL C 188 -51.83 12.09 -55.42
CA VAL C 188 -52.92 12.78 -54.79
C VAL C 188 -53.08 14.22 -55.23
N LEU C 189 -51.99 14.93 -55.46
CA LEU C 189 -52.09 16.32 -55.86
C LEU C 189 -52.60 16.49 -57.29
N GLN C 190 -52.32 15.44 -58.07
CA GLN C 190 -52.72 15.33 -59.45
C GLN C 190 -52.45 13.88 -59.85
N PRO C 191 -53.42 13.18 -60.40
CA PRO C 191 -53.23 11.78 -60.77
C PRO C 191 -52.15 11.64 -61.81
N ASP C 192 -51.49 10.50 -61.63
CA ASP C 192 -50.37 10.04 -62.46
C ASP C 192 -50.23 8.55 -62.28
N PRO C 193 -50.87 7.85 -63.18
CA PRO C 193 -50.90 6.41 -63.17
C PRO C 193 -49.52 5.86 -63.42
N LEU C 194 -48.61 6.74 -63.81
CA LEU C 194 -47.25 6.29 -64.07
C LEU C 194 -46.43 5.97 -62.85
N LEU C 195 -46.71 6.77 -61.84
CA LEU C 195 -46.09 6.74 -60.54
C LEU C 195 -46.61 5.59 -59.69
N GLN C 196 -45.72 4.91 -58.95
CA GLN C 196 -46.12 3.81 -58.09
C GLN C 196 -45.16 3.45 -56.97
N PRO C 197 -45.71 2.98 -55.86
CA PRO C 197 -44.86 2.59 -54.77
C PRO C 197 -44.02 1.37 -55.16
N GLY C 198 -42.70 1.49 -54.98
CA GLY C 198 -41.74 0.41 -55.20
C GLY C 198 -41.33 0.18 -53.74
N ARG C 199 -42.04 -0.71 -53.07
CA ARG C 199 -41.79 -0.90 -51.67
C ARG C 199 -40.50 -1.60 -51.35
N GLY C 200 -39.83 -1.13 -50.30
CA GLY C 200 -38.63 -1.81 -49.90
C GLY C 200 -38.54 -1.78 -48.39
N GLN C 201 -38.17 -2.92 -47.82
CA GLN C 201 -37.98 -3.05 -46.38
C GLN C 201 -36.48 -3.32 -46.22
N ILE C 202 -35.86 -2.93 -45.10
CA ILE C 202 -34.44 -3.22 -44.88
C ILE C 202 -34.23 -3.41 -43.40
N ILE C 203 -33.17 -4.15 -43.08
CA ILE C 203 -32.82 -4.35 -41.69
C ILE C 203 -31.53 -3.56 -41.51
N LYS C 204 -31.42 -2.78 -40.43
CA LYS C 204 -30.18 -2.08 -40.10
C LYS C 204 -29.48 -2.91 -39.05
N VAL C 205 -28.23 -3.20 -39.31
CA VAL C 205 -27.58 -4.07 -38.38
C VAL C 205 -26.26 -3.44 -38.00
N ASP C 206 -25.75 -3.80 -36.83
CA ASP C 206 -24.47 -3.26 -36.39
C ASP C 206 -23.42 -4.32 -36.74
N ALA C 207 -22.58 -4.03 -37.73
CA ALA C 207 -21.55 -5.00 -38.15
C ALA C 207 -20.43 -4.22 -38.84
N PRO C 208 -19.69 -3.50 -38.01
CA PRO C 208 -18.59 -2.64 -38.42
C PRO C 208 -17.51 -3.31 -39.19
N TRP C 209 -17.33 -4.59 -39.01
CA TRP C 209 -16.23 -5.05 -39.81
C TRP C 209 -16.56 -5.08 -41.28
N LEU C 210 -17.80 -4.83 -41.66
CA LEU C 210 -18.07 -4.87 -43.12
C LEU C 210 -17.76 -3.51 -43.73
N LYS C 211 -16.71 -3.43 -44.55
CA LYS C 211 -16.35 -2.13 -45.10
C LYS C 211 -16.79 -1.85 -46.51
N ASN C 212 -17.30 -2.86 -47.18
CA ASN C 212 -17.67 -2.61 -48.57
C ASN C 212 -19.07 -3.06 -48.90
N PHE C 213 -19.69 -2.41 -49.87
CA PHE C 213 -21.01 -2.83 -50.21
C PHE C 213 -20.94 -4.04 -51.15
N ILE C 214 -22.00 -4.83 -51.18
CA ILE C 214 -22.11 -6.00 -52.03
C ILE C 214 -23.58 -5.95 -52.48
N ILE C 215 -23.78 -5.86 -53.77
CA ILE C 215 -25.10 -5.75 -54.33
C ILE C 215 -25.23 -6.88 -55.34
N THR C 216 -26.10 -7.81 -54.97
CA THR C 216 -26.41 -8.98 -55.73
C THR C 216 -27.50 -8.67 -56.74
N HIS C 217 -27.47 -9.35 -57.90
CA HIS C 217 -28.49 -9.17 -58.98
C HIS C 217 -29.08 -10.45 -59.59
N ASP C 218 -30.39 -10.58 -59.48
CA ASP C 218 -31.20 -11.69 -60.05
C ASP C 218 -32.12 -11.12 -61.15
N LEU C 219 -31.70 -11.36 -62.40
CA LEU C 219 -32.38 -10.83 -63.56
C LEU C 219 -33.82 -11.21 -63.74
N GLU C 220 -34.19 -12.45 -63.36
CA GLU C 220 -35.58 -12.81 -63.52
C GLU C 220 -36.48 -12.39 -62.35
N ARG C 221 -35.88 -12.03 -61.21
CA ARG C 221 -36.67 -11.61 -60.07
C ARG C 221 -36.74 -10.10 -59.90
N GLY C 222 -36.76 -9.38 -61.02
CA GLY C 222 -36.80 -7.92 -60.98
C GLY C 222 -35.63 -7.38 -60.17
N ILE C 223 -35.43 -6.08 -60.22
CA ILE C 223 -34.35 -5.41 -59.51
C ILE C 223 -34.67 -5.22 -58.05
N TYR C 224 -33.61 -5.17 -57.24
CA TYR C 224 -33.70 -5.01 -55.79
C TYR C 224 -34.56 -6.07 -55.12
N ASN C 225 -34.43 -7.34 -55.54
CA ASN C 225 -35.18 -8.44 -54.92
C ASN C 225 -34.17 -9.48 -54.43
N SER C 226 -32.92 -9.27 -54.81
CA SER C 226 -31.81 -10.08 -54.43
C SER C 226 -31.23 -9.45 -53.17
N PRO C 227 -30.50 -10.21 -52.36
CA PRO C 227 -29.96 -9.59 -51.16
C PRO C 227 -28.86 -8.62 -51.53
N TYR C 228 -28.72 -7.58 -50.67
CA TYR C 228 -27.68 -6.59 -50.82
C TYR C 228 -27.28 -6.05 -49.45
N ILE C 229 -26.03 -5.62 -49.35
CA ILE C 229 -25.48 -5.13 -48.09
C ILE C 229 -24.76 -3.84 -48.32
N ILE C 230 -25.12 -2.81 -47.55
CA ILE C 230 -24.45 -1.54 -47.77
C ILE C 230 -24.05 -0.83 -46.50
N PRO C 231 -22.74 -0.82 -46.30
CA PRO C 231 -22.14 -0.23 -45.13
C PRO C 231 -22.42 1.25 -45.23
N GLY C 232 -22.89 1.86 -44.16
CA GLY C 232 -23.22 3.26 -44.10
C GLY C 232 -22.32 4.00 -43.11
N LEU C 233 -22.66 5.21 -42.74
CA LEU C 233 -21.83 5.97 -41.84
C LEU C 233 -21.71 5.38 -40.49
N GLN C 234 -22.71 4.67 -40.02
CA GLN C 234 -22.63 4.21 -38.64
C GLN C 234 -23.26 2.85 -38.44
N ALA C 235 -23.88 2.32 -39.48
CA ALA C 235 -24.51 0.99 -39.41
C ALA C 235 -24.58 0.39 -40.80
N VAL C 236 -25.03 -0.86 -40.88
CA VAL C 236 -25.08 -1.50 -42.18
C VAL C 236 -26.49 -1.79 -42.54
N THR C 237 -26.76 -1.61 -43.83
CA THR C 237 -28.08 -1.87 -44.34
C THR C 237 -28.14 -3.22 -45.00
N LEU C 238 -28.96 -4.10 -44.44
CA LEU C 238 -29.22 -5.41 -45.00
C LEU C 238 -30.46 -5.17 -45.84
N GLY C 239 -30.40 -5.58 -47.08
CA GLY C 239 -31.54 -5.30 -47.91
C GLY C 239 -31.92 -6.39 -48.88
N GLY C 240 -33.09 -6.15 -49.46
CA GLY C 240 -33.58 -7.10 -50.41
C GLY C 240 -35.03 -7.17 -50.81
N THR C 241 -35.69 -6.05 -51.05
CA THR C 241 -37.07 -6.18 -51.59
C THR C 241 -37.51 -4.95 -52.36
N PHE C 242 -38.26 -5.16 -53.42
CA PHE C 242 -38.70 -4.04 -54.24
C PHE C 242 -40.05 -4.47 -54.82
N GLN C 243 -41.13 -4.23 -54.10
CA GLN C 243 -42.47 -4.65 -54.52
C GLN C 243 -43.30 -3.52 -55.08
N VAL C 244 -43.45 -3.49 -56.40
CA VAL C 244 -44.23 -2.41 -56.99
C VAL C 244 -45.71 -2.51 -56.73
N GLY C 245 -46.32 -1.40 -56.34
CA GLY C 245 -47.73 -1.41 -56.05
C GLY C 245 -48.03 -1.73 -54.59
N ASN C 246 -47.08 -2.27 -53.84
CA ASN C 246 -47.42 -2.52 -52.44
C ASN C 246 -47.41 -1.23 -51.65
N TRP C 247 -48.52 -0.90 -51.01
CA TRP C 247 -48.55 0.31 -50.25
C TRP C 247 -48.48 0.02 -48.79
N ASN C 248 -48.26 -1.23 -48.46
CA ASN C 248 -48.23 -1.54 -47.05
C ASN C 248 -47.04 -0.86 -46.40
N GLU C 249 -47.27 0.01 -45.43
CA GLU C 249 -46.08 0.60 -44.86
C GLU C 249 -45.48 0.06 -43.60
N ILE C 250 -45.87 -1.14 -43.20
CA ILE C 250 -45.34 -1.75 -42.00
C ILE C 250 -44.29 -2.77 -42.37
N ASN C 251 -43.27 -2.93 -41.54
CA ASN C 251 -42.29 -3.96 -41.89
C ASN C 251 -43.03 -5.25 -41.69
N ASN C 252 -42.77 -6.19 -42.57
CA ASN C 252 -43.35 -7.52 -42.60
C ASN C 252 -42.35 -8.56 -42.09
N ILE C 253 -42.80 -9.51 -41.30
CA ILE C 253 -41.87 -10.54 -40.87
C ILE C 253 -41.24 -11.32 -42.00
N GLN C 254 -42.08 -11.77 -42.95
CA GLN C 254 -41.62 -12.55 -44.11
C GLN C 254 -40.43 -11.86 -44.79
N ASP C 255 -40.61 -10.62 -45.07
CA ASP C 255 -39.56 -9.85 -45.70
C ASP C 255 -38.31 -9.82 -44.81
N HIS C 256 -38.55 -9.53 -43.54
CA HIS C 256 -37.44 -9.48 -42.63
C HIS C 256 -36.73 -10.82 -42.74
N ASN C 257 -37.46 -11.92 -42.69
CA ASN C 257 -36.69 -13.15 -42.80
C ASN C 257 -36.03 -13.35 -44.14
N THR C 258 -36.62 -12.91 -45.22
CA THR C 258 -35.90 -13.29 -46.41
C THR C 258 -34.67 -12.43 -46.53
N ILE C 259 -34.78 -11.22 -46.03
CA ILE C 259 -33.63 -10.34 -46.14
C ILE C 259 -32.54 -10.91 -45.27
N TRP C 260 -32.94 -11.18 -44.04
CA TRP C 260 -31.96 -11.70 -43.14
C TRP C 260 -31.35 -12.96 -43.67
N GLU C 261 -32.15 -13.88 -44.16
CA GLU C 261 -31.51 -15.10 -44.59
C GLU C 261 -30.66 -14.90 -45.81
N GLY C 262 -31.09 -14.01 -46.68
CA GLY C 262 -30.32 -13.86 -47.89
C GLY C 262 -28.96 -13.27 -47.68
N CYS C 263 -28.93 -12.23 -46.85
CA CYS C 263 -27.69 -11.55 -46.57
C CYS C 263 -26.82 -12.49 -45.76
N CYS C 264 -27.39 -13.12 -44.74
CA CYS C 264 -26.61 -14.01 -43.90
C CYS C 264 -25.95 -15.04 -44.81
N ARG C 265 -26.62 -15.34 -45.89
CA ARG C 265 -26.04 -16.30 -46.81
C ARG C 265 -24.91 -15.71 -47.61
N LEU C 266 -25.02 -14.48 -48.04
CA LEU C 266 -24.03 -13.80 -48.86
C LEU C 266 -22.85 -13.41 -47.97
N GLU C 267 -23.08 -13.24 -46.67
CA GLU C 267 -22.11 -12.76 -45.68
C GLU C 267 -22.32 -13.31 -44.29
N PRO C 268 -21.81 -14.51 -44.15
CA PRO C 268 -21.93 -15.35 -42.98
C PRO C 268 -21.53 -14.69 -41.69
N THR C 269 -20.75 -13.64 -41.82
CA THR C 269 -20.32 -13.06 -40.58
C THR C 269 -21.46 -12.35 -39.90
N LEU C 270 -22.50 -12.02 -40.68
CA LEU C 270 -23.67 -11.30 -40.18
C LEU C 270 -24.25 -12.09 -39.04
N LYS C 271 -23.74 -13.32 -38.99
CA LYS C 271 -24.07 -14.33 -38.01
C LYS C 271 -23.93 -13.73 -36.63
N ASP C 272 -23.32 -12.56 -36.51
CA ASP C 272 -23.18 -11.92 -35.22
C ASP C 272 -23.51 -10.45 -35.27
N ALA C 273 -24.08 -9.97 -36.36
CA ALA C 273 -24.41 -8.57 -36.40
C ALA C 273 -25.60 -8.41 -35.44
N LYS C 274 -25.65 -7.36 -34.62
CA LYS C 274 -26.74 -7.07 -33.69
C LYS C 274 -27.70 -6.31 -34.63
N ILE C 275 -28.99 -6.66 -34.64
CA ILE C 275 -29.92 -5.93 -35.51
C ILE C 275 -30.33 -4.64 -34.83
N VAL C 276 -30.19 -3.49 -35.45
CA VAL C 276 -30.58 -2.29 -34.72
C VAL C 276 -31.90 -1.67 -35.14
N GLY C 277 -32.46 -2.10 -36.27
CA GLY C 277 -33.75 -1.58 -36.73
C GLY C 277 -34.22 -2.14 -38.06
N GLU C 278 -35.50 -1.98 -38.39
CA GLU C 278 -36.00 -2.42 -39.69
C GLU C 278 -36.81 -1.29 -40.25
N TYR C 279 -36.85 -1.13 -41.56
CA TYR C 279 -37.60 -0.02 -42.08
C TYR C 279 -38.18 -0.38 -43.42
N THR C 280 -39.27 0.30 -43.75
CA THR C 280 -39.82 0.08 -45.08
C THR C 280 -40.17 1.41 -45.71
N GLY C 281 -40.06 1.53 -47.02
CA GLY C 281 -40.35 2.82 -47.62
C GLY C 281 -40.80 2.60 -49.04
N PHE C 282 -41.41 3.65 -49.59
CA PHE C 282 -41.91 3.52 -50.94
C PHE C 282 -41.05 4.17 -52.00
N ARG C 283 -40.41 3.40 -52.85
CA ARG C 283 -39.63 4.09 -53.85
C ARG C 283 -40.63 4.70 -54.81
N PRO C 284 -40.49 5.98 -55.09
CA PRO C 284 -41.43 6.61 -56.01
C PRO C 284 -41.11 6.17 -57.43
N VAL C 285 -41.67 5.04 -57.82
CA VAL C 285 -41.45 4.53 -59.16
C VAL C 285 -42.21 5.20 -60.30
N ARG C 286 -41.55 5.41 -61.44
CA ARG C 286 -42.14 6.01 -62.64
C ARG C 286 -41.14 5.69 -63.76
N PRO C 287 -41.64 5.38 -64.95
CA PRO C 287 -40.81 5.03 -66.09
C PRO C 287 -39.75 6.07 -66.38
N GLN C 288 -40.11 7.32 -66.13
CA GLN C 288 -39.12 8.35 -66.33
C GLN C 288 -39.50 9.34 -65.21
N VAL C 289 -38.50 10.12 -64.81
CA VAL C 289 -38.69 11.11 -63.75
C VAL C 289 -39.57 12.21 -64.29
N ARG C 290 -40.47 12.74 -63.47
CA ARG C 290 -41.27 13.84 -63.97
C ARG C 290 -40.65 15.14 -63.50
N LEU C 291 -40.07 15.88 -64.44
CA LEU C 291 -39.43 17.13 -64.07
C LEU C 291 -39.77 18.05 -65.23
N GLU C 292 -40.78 18.88 -65.01
CA GLU C 292 -41.28 19.74 -66.05
C GLU C 292 -42.19 20.78 -65.44
N ARG C 293 -42.29 21.86 -66.20
CA ARG C 293 -43.10 22.98 -65.79
C ARG C 293 -44.57 22.74 -66.19
N GLU C 294 -45.50 23.38 -65.49
CA GLU C 294 -46.92 23.21 -65.78
C GLU C 294 -47.68 24.40 -65.21
N GLN C 295 -48.39 25.11 -66.09
CA GLN C 295 -49.16 26.27 -65.65
C GLN C 295 -50.53 25.79 -65.13
N LEU C 296 -50.86 26.19 -63.92
CA LEU C 296 -52.14 25.81 -63.35
C LEU C 296 -52.86 27.11 -63.24
N ARG C 297 -54.09 27.11 -63.75
CA ARG C 297 -54.95 28.30 -63.66
C ARG C 297 -56.20 28.02 -62.82
N PHE C 298 -56.49 28.94 -61.88
CA PHE C 298 -57.64 28.79 -61.00
C PHE C 298 -58.26 30.18 -60.98
N GLY C 299 -59.28 30.35 -61.82
CA GLY C 299 -60.01 31.60 -62.03
C GLY C 299 -59.11 32.67 -62.70
N SER C 300 -58.63 33.61 -61.88
CA SER C 300 -57.72 34.68 -62.30
C SER C 300 -56.27 34.39 -61.87
N SER C 301 -56.07 33.34 -61.06
CA SER C 301 -54.76 32.97 -60.57
C SER C 301 -53.84 32.25 -61.56
N ASN C 302 -52.73 32.91 -61.90
CA ASN C 302 -51.74 32.31 -62.80
C ASN C 302 -50.54 31.79 -62.04
N THR C 303 -50.65 30.59 -61.47
CA THR C 303 -49.51 30.00 -60.74
C THR C 303 -48.77 28.89 -61.50
N GLU C 304 -47.44 29.01 -61.54
CA GLU C 304 -46.60 28.04 -62.23
C GLU C 304 -46.29 26.92 -61.28
N VAL C 305 -46.09 25.75 -61.87
CA VAL C 305 -45.80 24.58 -61.08
C VAL C 305 -44.67 23.81 -61.76
N ILE C 306 -43.65 23.47 -61.00
CA ILE C 306 -42.57 22.69 -61.58
C ILE C 306 -42.58 21.37 -60.86
N HIS C 307 -42.67 20.29 -61.61
CA HIS C 307 -42.69 19.01 -60.98
C HIS C 307 -41.28 18.41 -60.95
N ASN C 308 -41.03 17.60 -59.93
CA ASN C 308 -39.76 16.94 -59.81
C ASN C 308 -40.08 15.74 -58.92
N TYR C 309 -40.44 14.63 -59.55
CA TYR C 309 -40.78 13.47 -58.76
C TYR C 309 -40.68 12.20 -59.58
N GLY C 310 -40.67 11.03 -58.94
CA GLY C 310 -40.60 9.75 -59.66
C GLY C 310 -39.18 9.24 -59.78
N HIS C 311 -38.32 9.69 -58.86
CA HIS C 311 -36.93 9.27 -58.90
C HIS C 311 -36.64 7.84 -58.52
N GLY C 312 -37.69 7.08 -58.32
CA GLY C 312 -37.56 5.67 -58.04
C GLY C 312 -36.58 5.39 -56.95
N GLY C 313 -35.81 4.34 -57.17
CA GLY C 313 -34.82 3.94 -56.21
C GLY C 313 -33.47 4.63 -56.43
N TYR C 314 -33.46 5.85 -57.03
CA TYR C 314 -32.18 6.52 -57.29
C TYR C 314 -32.24 8.00 -57.01
N GLY C 315 -33.14 8.30 -56.11
CA GLY C 315 -33.28 9.71 -55.76
C GLY C 315 -31.99 10.33 -55.25
N LEU C 316 -31.35 9.71 -54.28
CA LEU C 316 -30.11 10.28 -53.75
C LEU C 316 -29.12 10.37 -54.88
N THR C 317 -29.04 9.25 -55.58
CA THR C 317 -28.14 9.13 -56.69
C THR C 317 -28.25 10.18 -57.75
N ILE C 318 -29.42 10.77 -57.91
CA ILE C 318 -29.61 11.76 -58.97
C ILE C 318 -30.14 13.12 -58.51
N HIS C 319 -30.39 13.25 -57.22
CA HIS C 319 -30.95 14.48 -56.71
C HIS C 319 -30.44 15.80 -57.24
N TRP C 320 -29.12 15.99 -57.27
CA TRP C 320 -28.57 17.26 -57.69
C TRP C 320 -28.87 17.69 -59.10
N GLY C 321 -28.87 16.73 -60.01
CA GLY C 321 -29.13 17.04 -61.42
C GLY C 321 -30.48 17.72 -61.58
N CYS C 322 -31.49 16.96 -61.16
CA CYS C 322 -32.86 17.43 -61.19
C CYS C 322 -32.93 18.80 -60.54
N ALA C 323 -32.26 18.95 -59.41
CA ALA C 323 -32.33 20.22 -58.73
C ALA C 323 -31.83 21.32 -59.60
N LEU C 324 -30.69 21.09 -60.23
CA LEU C 324 -30.15 22.09 -61.13
C LEU C 324 -31.20 22.35 -62.19
N GLU C 325 -31.77 21.28 -62.72
CA GLU C 325 -32.79 21.45 -63.73
C GLU C 325 -33.99 22.31 -63.32
N VAL C 326 -34.61 21.98 -62.20
CA VAL C 326 -35.75 22.75 -61.77
C VAL C 326 -35.34 24.19 -61.67
N ALA C 327 -34.11 24.38 -61.24
CA ALA C 327 -33.62 25.75 -61.12
C ALA C 327 -33.72 26.47 -62.45
N LYS C 328 -33.17 25.83 -63.48
CA LYS C 328 -33.20 26.37 -64.84
C LYS C 328 -34.66 26.73 -65.17
N LEU C 329 -35.59 25.79 -65.04
CA LEU C 329 -36.95 26.20 -65.33
C LEU C 329 -37.38 27.35 -64.44
N PHE C 330 -37.15 27.23 -63.13
CA PHE C 330 -37.61 28.30 -62.28
C PHE C 330 -37.09 29.62 -62.76
N GLY C 331 -35.96 29.54 -63.44
CA GLY C 331 -35.35 30.73 -63.98
C GLY C 331 -36.26 31.23 -65.10
N LYS C 332 -36.55 30.36 -66.06
CA LYS C 332 -37.42 30.72 -67.18
C LYS C 332 -38.71 31.27 -66.63
N VAL C 333 -39.23 30.65 -65.59
CA VAL C 333 -40.43 31.21 -65.04
C VAL C 333 -40.08 32.63 -64.66
N LEU C 334 -38.97 32.83 -63.96
CA LEU C 334 -38.62 34.20 -63.65
C LEU C 334 -38.41 35.01 -64.91
N GLU C 335 -37.78 34.44 -65.96
CA GLU C 335 -37.56 35.26 -67.14
C GLU C 335 -38.83 35.75 -67.82
N GLU C 336 -39.85 34.90 -67.83
CA GLU C 336 -41.15 35.26 -68.40
C GLU C 336 -41.80 36.39 -67.63
N ARG C 337 -41.38 36.57 -66.38
CA ARG C 337 -41.87 37.64 -65.54
C ARG C 337 -40.89 38.82 -65.75
N ASN C 338 -39.90 38.67 -66.61
CA ASN C 338 -38.97 39.77 -66.81
C ASN C 338 -38.26 40.07 -65.49
N LEU C 339 -38.16 39.05 -64.63
CA LEU C 339 -37.52 39.19 -63.33
C LEU C 339 -38.39 40.00 -62.37
N MET D 1 -2.51 41.69 -13.54
CA MET D 1 -1.16 41.19 -13.32
C MET D 1 -0.87 39.88 -14.04
N ARG D 2 0.41 39.60 -14.22
CA ARG D 2 0.70 38.40 -14.96
C ARG D 2 0.54 37.28 -13.94
N VAL D 3 -0.17 36.21 -14.29
CA VAL D 3 -0.41 35.01 -13.50
C VAL D 3 -0.04 33.80 -14.35
N VAL D 4 0.62 32.81 -13.75
CA VAL D 4 1.00 31.62 -14.51
C VAL D 4 0.56 30.38 -13.77
N VAL D 5 -0.20 29.59 -14.49
CA VAL D 5 -0.68 28.39 -13.85
C VAL D 5 0.16 27.26 -14.40
N ILE D 6 0.80 26.55 -13.50
CA ILE D 6 1.61 25.46 -14.00
C ILE D 6 0.75 24.25 -13.79
N GLY D 7 0.37 23.63 -14.92
CA GLY D 7 -0.44 22.40 -14.90
C GLY D 7 -1.74 22.49 -15.70
N ALA D 8 -2.10 21.50 -16.49
CA ALA D 8 -3.33 21.62 -17.25
C ALA D 8 -4.25 20.44 -16.93
N GLY D 9 -4.13 19.93 -15.70
CA GLY D 9 -4.99 18.82 -15.25
C GLY D 9 -6.25 19.43 -14.67
N VAL D 10 -7.10 18.63 -14.03
CA VAL D 10 -8.34 19.21 -13.51
C VAL D 10 -8.04 20.36 -12.61
N ILE D 11 -7.06 20.17 -11.73
CA ILE D 11 -6.71 21.27 -10.83
C ILE D 11 -6.33 22.61 -11.46
N GLY D 12 -5.29 22.63 -12.29
CA GLY D 12 -4.90 23.91 -12.84
C GLY D 12 -6.03 24.59 -13.60
N LEU D 13 -6.58 23.84 -14.55
CA LEU D 13 -7.62 24.39 -15.38
C LEU D 13 -8.74 24.97 -14.57
N SER D 14 -9.22 24.25 -13.55
CA SER D 14 -10.31 24.84 -12.77
C SER D 14 -9.83 26.13 -12.18
N THR D 15 -8.72 26.01 -11.48
CA THR D 15 -8.17 27.15 -10.80
C THR D 15 -7.96 28.29 -11.75
N ALA D 16 -7.37 28.02 -12.89
CA ALA D 16 -7.15 29.12 -13.79
C ALA D 16 -8.50 29.78 -14.02
N LEU D 17 -9.44 28.98 -14.47
CA LEU D 17 -10.77 29.49 -14.76
C LEU D 17 -11.33 30.22 -13.56
N CYS D 18 -11.34 29.53 -12.46
CA CYS D 18 -11.90 30.13 -11.29
C CYS D 18 -11.30 31.48 -10.95
N ILE D 19 -9.98 31.61 -11.01
CA ILE D 19 -9.34 32.88 -10.66
C ILE D 19 -9.81 33.85 -11.70
N HIS D 20 -9.69 33.43 -12.94
CA HIS D 20 -10.06 34.32 -14.01
C HIS D 20 -11.48 34.80 -13.95
N GLU D 21 -12.35 33.89 -13.58
CA GLU D 21 -13.76 34.22 -13.56
C GLU D 21 -13.96 35.30 -12.49
N ARG D 22 -13.28 35.31 -11.38
CA ARG D 22 -13.44 36.33 -10.33
C ARG D 22 -12.52 37.49 -10.64
N TYR D 23 -11.51 37.27 -11.45
CA TYR D 23 -10.69 38.44 -11.67
C TYR D 23 -10.74 39.38 -12.84
N HIS D 24 -11.48 39.04 -13.88
CA HIS D 24 -11.46 40.00 -14.93
C HIS D 24 -12.08 41.37 -14.65
N SER D 25 -13.19 41.40 -13.94
CA SER D 25 -13.81 42.70 -13.65
C SER D 25 -12.90 43.55 -12.78
N VAL D 26 -12.62 43.05 -11.58
CA VAL D 26 -11.80 43.72 -10.58
C VAL D 26 -10.43 44.29 -10.99
N LEU D 27 -9.89 43.85 -12.11
CA LEU D 27 -8.54 44.30 -12.59
C LEU D 27 -8.30 44.58 -14.10
N GLN D 28 -8.49 45.81 -14.58
CA GLN D 28 -8.27 46.12 -16.00
C GLN D 28 -7.31 45.19 -16.74
N PRO D 29 -6.05 45.13 -16.32
CA PRO D 29 -5.12 44.19 -16.93
C PRO D 29 -4.82 42.99 -16.02
N LEU D 30 -5.36 41.82 -16.34
CA LEU D 30 -5.09 40.55 -15.64
C LEU D 30 -4.78 39.48 -16.68
N ASP D 31 -3.55 39.02 -16.65
CA ASP D 31 -3.11 38.08 -17.64
C ASP D 31 -2.74 36.69 -17.14
N VAL D 32 -3.48 35.72 -17.60
CA VAL D 32 -3.30 34.33 -17.21
C VAL D 32 -2.75 33.45 -18.31
N LYS D 33 -1.80 32.60 -17.96
CA LYS D 33 -1.22 31.70 -18.96
C LYS D 33 -1.14 30.37 -18.26
N VAL D 34 -1.15 29.34 -19.08
CA VAL D 34 -1.08 28.05 -18.47
C VAL D 34 0.07 27.36 -19.13
N TYR D 35 0.98 26.92 -18.29
CA TYR D 35 2.10 26.19 -18.81
C TYR D 35 1.90 24.76 -18.36
N ALA D 36 2.12 23.79 -19.27
CA ALA D 36 2.01 22.39 -18.89
C ALA D 36 2.73 21.54 -19.91
N ASP D 37 3.37 20.49 -19.40
CA ASP D 37 4.16 19.60 -20.23
C ASP D 37 3.26 18.53 -20.78
N ARG D 38 2.05 18.46 -20.25
CA ARG D 38 1.08 17.48 -20.70
C ARG D 38 -0.26 18.16 -20.62
N PHE D 39 -1.09 17.80 -21.60
CA PHE D 39 -2.45 18.28 -21.73
C PHE D 39 -3.30 17.06 -22.09
N THR D 40 -4.60 17.16 -21.88
CA THR D 40 -5.44 15.98 -22.16
C THR D 40 -5.21 15.64 -23.61
N PRO D 41 -5.31 14.38 -23.96
CA PRO D 41 -5.64 13.32 -23.06
C PRO D 41 -4.47 12.88 -22.21
N PHE D 42 -3.45 13.72 -22.07
CA PHE D 42 -2.33 13.20 -21.29
C PHE D 42 -2.16 13.28 -19.77
N THR D 43 -3.05 13.95 -19.05
CA THR D 43 -2.92 14.07 -17.61
C THR D 43 -3.40 12.93 -16.77
N THR D 44 -3.19 13.09 -15.47
CA THR D 44 -3.64 12.03 -14.59
C THR D 44 -5.13 12.11 -14.65
N THR D 45 -5.63 13.34 -14.59
CA THR D 45 -7.05 13.60 -14.64
C THR D 45 -7.70 12.78 -15.76
N ASP D 46 -7.15 12.81 -16.97
CA ASP D 46 -7.68 12.01 -18.05
C ASP D 46 -7.88 10.51 -17.71
N VAL D 47 -7.28 9.99 -16.67
CA VAL D 47 -7.44 8.56 -16.41
C VAL D 47 -8.51 8.30 -15.38
N ALA D 48 -8.79 9.34 -14.61
CA ALA D 48 -9.73 9.15 -13.56
C ALA D 48 -11.11 8.77 -14.00
N ALA D 49 -11.52 7.71 -13.33
CA ALA D 49 -12.85 7.15 -13.37
C ALA D 49 -13.84 8.34 -13.34
N GLY D 50 -13.63 9.33 -12.48
CA GLY D 50 -14.49 10.51 -12.45
C GLY D 50 -15.66 10.48 -11.48
N LEU D 51 -15.70 9.48 -10.60
CA LEU D 51 -16.82 9.41 -9.68
C LEU D 51 -16.66 10.32 -8.52
N TRP D 52 -17.69 11.00 -8.08
CA TRP D 52 -17.52 11.84 -6.91
C TRP D 52 -17.77 10.99 -5.70
N GLN D 53 -16.74 10.79 -4.89
CA GLN D 53 -16.83 10.03 -3.65
C GLN D 53 -15.49 10.15 -2.96
N PRO D 54 -15.46 10.81 -1.81
CA PRO D 54 -14.28 10.99 -0.99
C PRO D 54 -13.93 9.68 -0.35
N TYR D 55 -12.67 9.52 0.06
CA TYR D 55 -12.31 8.30 0.73
C TYR D 55 -13.34 7.98 1.84
N THR D 56 -13.35 6.69 2.24
CA THR D 56 -14.27 6.10 3.21
C THR D 56 -14.06 6.46 4.69
N SER D 57 -12.89 7.02 5.01
CA SER D 57 -12.53 7.35 6.38
C SER D 57 -12.80 8.80 6.67
N GLU D 58 -12.71 9.14 7.97
CA GLU D 58 -12.87 10.51 8.49
C GLU D 58 -12.01 11.53 7.69
N PRO D 59 -12.37 12.80 7.68
CA PRO D 59 -11.69 13.79 6.87
C PRO D 59 -10.31 14.04 7.44
N SER D 60 -9.42 14.45 6.55
CA SER D 60 -8.04 14.80 6.94
C SER D 60 -8.20 16.03 7.80
N ASN D 61 -8.61 17.10 7.11
CA ASN D 61 -8.88 18.38 7.71
C ASN D 61 -10.37 18.60 7.58
N PRO D 62 -10.98 19.43 8.40
CA PRO D 62 -12.39 19.67 8.19
C PRO D 62 -12.56 20.46 6.85
N GLN D 63 -11.45 21.06 6.45
CA GLN D 63 -11.40 21.83 5.20
C GLN D 63 -11.57 20.93 3.99
N GLU D 64 -10.84 19.85 3.98
CA GLU D 64 -11.07 18.89 2.92
C GLU D 64 -12.55 18.42 2.76
N ALA D 65 -13.34 18.41 3.83
CA ALA D 65 -14.72 18.03 3.64
C ALA D 65 -15.48 19.20 3.05
N ASN D 66 -15.24 20.40 3.53
CA ASN D 66 -16.01 21.46 2.91
C ASN D 66 -15.68 21.56 1.45
N TRP D 67 -14.40 21.38 1.13
CA TRP D 67 -14.09 21.46 -0.27
C TRP D 67 -14.85 20.39 -1.02
N ASN D 68 -14.89 19.19 -0.46
CA ASN D 68 -15.64 18.14 -1.12
C ASN D 68 -17.09 18.51 -1.30
N GLN D 69 -17.69 19.01 -0.23
CA GLN D 69 -19.08 19.40 -0.35
C GLN D 69 -19.29 20.49 -1.37
N GLN D 70 -18.52 21.55 -1.31
CA GLN D 70 -18.70 22.63 -2.27
C GLN D 70 -18.63 22.09 -3.69
N THR D 71 -17.70 21.16 -3.91
CA THR D 71 -17.56 20.59 -5.24
C THR D 71 -18.85 19.87 -5.62
N PHE D 72 -19.33 19.01 -4.72
CA PHE D 72 -20.54 18.31 -5.04
C PHE D 72 -21.66 19.23 -5.41
N ASN D 73 -21.80 20.30 -4.65
CA ASN D 73 -22.88 21.21 -4.99
C ASN D 73 -22.71 21.89 -6.33
N TYR D 74 -21.54 22.47 -6.59
CA TYR D 74 -21.30 23.13 -7.88
C TYR D 74 -21.67 22.08 -8.92
N LEU D 75 -21.27 20.84 -8.69
CA LEU D 75 -21.68 19.91 -9.70
C LEU D 75 -23.19 19.75 -9.76
N LEU D 76 -23.82 19.37 -8.63
CA LEU D 76 -25.27 19.17 -8.67
C LEU D 76 -26.02 20.25 -9.41
N SER D 77 -25.61 21.50 -9.11
CA SER D 77 -26.24 22.66 -9.67
C SER D 77 -26.29 22.64 -11.19
N HIS D 78 -25.35 21.94 -11.82
CA HIS D 78 -25.35 21.90 -13.27
C HIS D 78 -26.20 20.78 -13.80
N ILE D 79 -26.79 20.01 -12.87
CA ILE D 79 -27.66 18.91 -13.26
C ILE D 79 -29.01 19.53 -13.55
N GLY D 80 -29.32 19.55 -14.86
CA GLY D 80 -30.57 20.15 -15.30
C GLY D 80 -30.22 21.01 -16.48
N SER D 81 -28.98 21.49 -16.47
CA SER D 81 -28.52 22.27 -17.58
C SER D 81 -28.39 21.33 -18.76
N PRO D 82 -28.66 21.84 -19.94
CA PRO D 82 -28.50 21.05 -21.13
C PRO D 82 -27.04 20.77 -21.44
N ASN D 83 -26.12 21.30 -20.66
CA ASN D 83 -24.71 21.06 -20.97
C ASN D 83 -23.92 20.05 -20.19
N ALA D 84 -24.47 19.78 -19.04
CA ALA D 84 -23.90 18.86 -18.10
C ALA D 84 -23.18 17.70 -18.74
N ALA D 85 -23.77 17.08 -19.73
CA ALA D 85 -23.02 15.93 -20.17
C ALA D 85 -21.93 16.37 -21.07
N ASN D 86 -22.13 17.53 -21.62
CA ASN D 86 -21.10 18.05 -22.50
C ASN D 86 -19.99 18.47 -21.59
N MET D 87 -20.35 18.77 -20.36
CA MET D 87 -19.36 19.18 -19.41
C MET D 87 -18.77 17.88 -18.84
N GLY D 88 -19.25 16.71 -19.24
CA GLY D 88 -18.74 15.43 -18.75
C GLY D 88 -19.41 14.99 -17.45
N LEU D 89 -20.54 15.62 -17.12
CA LEU D 89 -21.27 15.31 -15.90
C LEU D 89 -22.59 14.53 -16.07
N THR D 90 -22.89 13.61 -15.16
CA THR D 90 -24.22 12.92 -15.07
C THR D 90 -24.41 12.18 -13.77
N PRO D 91 -25.66 12.08 -13.32
CA PRO D 91 -25.81 11.39 -12.06
C PRO D 91 -25.57 9.91 -12.28
N VAL D 92 -25.16 9.18 -11.25
CA VAL D 92 -24.95 7.75 -11.35
C VAL D 92 -25.27 7.25 -9.95
N SER D 93 -25.95 6.11 -9.87
CA SER D 93 -26.26 5.60 -8.55
C SER D 93 -25.47 4.34 -8.36
N GLY D 94 -25.27 3.92 -7.13
CA GLY D 94 -24.46 2.73 -6.98
C GLY D 94 -24.19 2.25 -5.57
N TYR D 95 -23.53 1.09 -5.54
CA TYR D 95 -23.17 0.36 -4.34
C TYR D 95 -21.73 0.47 -3.85
N ASN D 96 -21.55 0.52 -2.52
CA ASN D 96 -20.25 0.44 -1.85
C ASN D 96 -20.37 -0.87 -1.04
N LEU D 97 -19.67 -1.93 -1.43
CA LEU D 97 -19.74 -3.21 -0.73
C LEU D 97 -18.59 -3.38 0.26
N PHE D 98 -18.89 -4.00 1.39
CA PHE D 98 -17.92 -4.25 2.43
C PHE D 98 -18.09 -5.67 2.85
N ARG D 99 -17.06 -6.15 3.56
CA ARG D 99 -17.05 -7.55 3.96
C ARG D 99 -17.47 -7.69 5.40
N GLU D 100 -17.83 -6.54 6.00
CA GLU D 100 -18.25 -6.50 7.38
C GLU D 100 -18.78 -5.10 7.67
N ALA D 101 -19.52 -4.98 8.79
CA ALA D 101 -20.11 -3.71 9.18
C ALA D 101 -19.05 -2.66 9.35
N VAL D 102 -19.41 -1.47 8.90
CA VAL D 102 -18.50 -0.34 8.88
C VAL D 102 -19.23 0.97 9.10
N PRO D 103 -18.61 1.89 9.79
CA PRO D 103 -19.26 3.15 10.09
C PRO D 103 -19.59 3.92 8.81
N ASP D 104 -20.61 4.71 8.87
CA ASP D 104 -21.12 5.57 7.77
C ASP D 104 -20.13 6.59 7.32
N PRO D 105 -20.07 6.91 6.04
CA PRO D 105 -19.08 7.88 5.57
C PRO D 105 -19.45 9.27 6.03
N TYR D 106 -18.47 10.16 6.26
CA TYR D 106 -18.81 11.52 6.67
C TYR D 106 -19.61 12.21 5.60
N TRP D 107 -19.42 11.79 4.35
CA TRP D 107 -20.17 12.43 3.29
C TRP D 107 -21.58 11.87 3.10
N LYS D 108 -21.97 10.92 3.95
CA LYS D 108 -23.26 10.27 3.81
C LYS D 108 -24.35 11.25 3.45
N ASP D 109 -24.29 12.45 4.00
CA ASP D 109 -25.36 13.37 3.66
C ASP D 109 -25.06 14.30 2.51
N MET D 110 -23.84 14.25 1.98
CA MET D 110 -23.52 15.12 0.87
C MET D 110 -24.07 14.52 -0.42
N VAL D 111 -24.08 13.20 -0.49
CA VAL D 111 -24.60 12.57 -1.67
C VAL D 111 -26.10 12.45 -1.57
N LEU D 112 -26.77 12.07 -2.67
CA LEU D 112 -28.23 11.90 -2.69
C LEU D 112 -28.69 10.49 -2.30
N GLY D 113 -29.57 10.40 -1.32
CA GLY D 113 -30.15 9.11 -0.93
C GLY D 113 -29.35 8.04 -0.21
N PHE D 114 -28.33 8.47 0.54
CA PHE D 114 -27.49 7.51 1.25
C PHE D 114 -28.36 6.55 2.02
N ARG D 115 -28.03 5.27 2.02
CA ARG D 115 -28.84 4.34 2.79
C ARG D 115 -28.07 3.03 2.84
N LYS D 116 -28.30 2.20 3.86
CA LYS D 116 -27.57 0.93 3.99
C LYS D 116 -28.21 -0.12 3.10
N LEU D 117 -27.45 -0.99 2.49
CA LEU D 117 -28.11 -1.94 1.60
C LEU D 117 -28.85 -2.92 2.42
N THR D 118 -29.93 -3.44 1.85
CA THR D 118 -30.74 -4.45 2.49
C THR D 118 -30.14 -5.78 2.04
N PRO D 119 -30.59 -6.83 2.71
CA PRO D 119 -30.11 -8.17 2.41
C PRO D 119 -30.43 -8.57 0.98
N ARG D 120 -31.66 -8.33 0.53
CA ARG D 120 -31.93 -8.72 -0.86
C ARG D 120 -30.91 -8.09 -1.79
N GLU D 121 -30.57 -6.83 -1.50
CA GLU D 121 -29.61 -6.15 -2.33
C GLU D 121 -28.27 -6.85 -2.21
N LEU D 122 -27.92 -7.14 -0.96
CA LEU D 122 -26.67 -7.80 -0.69
C LEU D 122 -26.58 -9.09 -1.42
N ASP D 123 -27.69 -9.77 -1.53
CA ASP D 123 -27.56 -11.00 -2.25
C ASP D 123 -27.23 -10.72 -3.70
N MET D 124 -27.35 -9.47 -4.16
CA MET D 124 -27.02 -9.15 -5.55
C MET D 124 -25.57 -9.32 -5.86
N PHE D 125 -24.73 -9.23 -4.85
CA PHE D 125 -23.30 -9.28 -4.99
C PHE D 125 -22.89 -10.30 -3.99
N PRO D 126 -22.97 -11.53 -4.44
CA PRO D 126 -22.59 -12.61 -3.62
C PRO D 126 -21.55 -12.52 -2.49
N ASP D 127 -20.25 -12.29 -2.79
CA ASP D 127 -19.45 -12.36 -1.52
C ASP D 127 -19.72 -11.45 -0.37
N TYR D 128 -20.00 -10.18 -0.70
CA TYR D 128 -20.17 -9.14 0.25
C TYR D 128 -21.24 -9.33 1.29
N ARG D 129 -21.15 -8.58 2.41
CA ARG D 129 -22.02 -8.69 3.54
C ARG D 129 -22.49 -7.49 4.23
N TYR D 130 -22.02 -6.36 3.82
CA TYR D 130 -22.55 -5.14 4.40
C TYR D 130 -22.23 -4.06 3.41
N GLY D 131 -22.99 -2.97 3.40
CA GLY D 131 -22.70 -1.92 2.43
C GLY D 131 -23.69 -0.77 2.33
N TRP D 132 -23.45 0.11 1.38
CA TRP D 132 -24.32 1.26 1.23
C TRP D 132 -24.80 1.42 -0.18
N PHE D 133 -25.75 2.33 -0.34
CA PHE D 133 -26.30 2.68 -1.63
C PHE D 133 -26.54 4.18 -1.64
N ASN D 134 -26.29 4.78 -2.79
CA ASN D 134 -26.47 6.23 -2.89
C ASN D 134 -26.31 6.68 -4.32
N THR D 135 -26.73 7.91 -4.56
CA THR D 135 -26.69 8.44 -5.92
C THR D 135 -25.61 9.48 -5.85
N SER D 136 -24.90 9.69 -6.95
CA SER D 136 -23.85 10.67 -6.98
C SER D 136 -23.63 11.14 -8.40
N LEU D 137 -22.45 11.68 -8.65
CA LEU D 137 -22.15 12.21 -9.97
C LEU D 137 -20.92 11.64 -10.57
N ILE D 138 -20.82 11.83 -11.86
CA ILE D 138 -19.67 11.41 -12.56
C ILE D 138 -19.27 12.67 -13.31
N LEU D 139 -18.00 13.01 -13.15
CA LEU D 139 -17.45 14.19 -13.79
C LEU D 139 -16.25 13.55 -14.46
N GLU D 140 -16.38 13.22 -15.74
CA GLU D 140 -15.31 12.57 -16.47
C GLU D 140 -14.14 13.50 -16.82
N GLY D 141 -12.94 13.07 -16.45
CA GLY D 141 -11.74 13.86 -16.62
C GLY D 141 -11.55 14.42 -17.99
N ARG D 142 -11.35 13.52 -18.93
CA ARG D 142 -11.07 13.95 -20.30
C ARG D 142 -12.12 14.93 -20.75
N LYS D 143 -13.37 14.61 -20.53
CA LYS D 143 -14.34 15.56 -21.00
C LYS D 143 -14.25 16.88 -20.29
N TYR D 144 -14.32 16.87 -18.95
CA TYR D 144 -14.21 18.11 -18.16
C TYR D 144 -12.98 18.89 -18.60
N LEU D 145 -11.88 18.19 -18.90
CA LEU D 145 -10.70 18.93 -19.31
C LEU D 145 -11.02 19.71 -20.57
N GLN D 146 -11.57 19.01 -21.55
CA GLN D 146 -11.93 19.70 -22.78
C GLN D 146 -12.86 20.88 -22.53
N TRP D 147 -13.83 20.73 -21.63
CA TRP D 147 -14.73 21.84 -21.38
C TRP D 147 -13.97 23.04 -20.83
N LEU D 148 -13.28 22.79 -19.71
CA LEU D 148 -12.49 23.80 -19.03
C LEU D 148 -11.60 24.48 -20.07
N THR D 149 -11.02 23.63 -20.90
CA THR D 149 -10.19 24.24 -21.90
C THR D 149 -10.92 25.23 -22.79
N GLU D 150 -12.05 24.80 -23.36
CA GLU D 150 -12.81 25.69 -24.24
C GLU D 150 -13.20 26.92 -23.45
N ARG D 151 -13.74 26.74 -22.27
CA ARG D 151 -14.08 27.90 -21.46
C ARG D 151 -12.88 28.84 -21.32
N LEU D 152 -11.74 28.33 -20.85
CA LEU D 152 -10.58 29.19 -20.63
C LEU D 152 -10.24 29.88 -21.91
N THR D 153 -10.17 29.06 -22.95
CA THR D 153 -9.83 29.64 -24.21
C THR D 153 -10.70 30.81 -24.58
N GLU D 154 -12.00 30.67 -24.44
CA GLU D 154 -12.86 31.78 -24.80
C GLU D 154 -12.56 32.97 -23.91
N ARG D 155 -12.22 32.71 -22.66
CA ARG D 155 -11.95 33.82 -21.76
C ARG D 155 -10.59 34.41 -22.07
N GLY D 156 -9.95 33.83 -23.07
CA GLY D 156 -8.64 34.30 -23.48
C GLY D 156 -7.45 33.84 -22.67
N VAL D 157 -7.56 32.73 -21.97
CA VAL D 157 -6.40 32.31 -21.24
C VAL D 157 -5.53 31.60 -22.25
N LYS D 158 -4.23 31.85 -22.27
CA LYS D 158 -3.39 31.19 -23.22
C LYS D 158 -2.66 29.98 -22.69
N PHE D 159 -2.56 28.97 -23.55
CA PHE D 159 -1.90 27.74 -23.12
C PHE D 159 -0.55 27.58 -23.78
N PHE D 160 0.42 26.97 -23.10
CA PHE D 160 1.74 26.71 -23.69
C PHE D 160 2.28 25.37 -23.24
N LEU D 161 2.70 24.59 -24.22
CA LEU D 161 3.18 23.27 -23.88
C LEU D 161 4.60 23.53 -23.44
N ARG D 162 4.89 23.61 -22.17
CA ARG D 162 6.29 23.86 -21.74
C ARG D 162 6.55 23.06 -20.45
N LYS D 163 7.80 22.64 -20.23
CA LYS D 163 8.18 22.00 -18.98
C LYS D 163 8.81 23.00 -18.02
N VAL D 164 8.12 23.36 -16.95
CA VAL D 164 8.77 24.29 -16.07
C VAL D 164 9.89 23.53 -15.38
N GLU D 165 10.98 24.27 -15.14
CA GLU D 165 12.20 23.71 -14.55
C GLU D 165 12.42 24.20 -13.17
N SER D 166 12.07 25.43 -12.96
CA SER D 166 12.23 26.02 -11.64
C SER D 166 11.21 27.15 -11.50
N PHE D 167 10.68 27.36 -10.30
CA PHE D 167 9.71 28.45 -10.18
C PHE D 167 10.42 29.72 -10.59
N GLU D 168 11.70 29.71 -10.25
CA GLU D 168 12.58 30.84 -10.51
C GLU D 168 12.45 31.19 -11.98
N GLU D 169 12.66 30.17 -12.81
CA GLU D 169 12.57 30.31 -14.26
C GLU D 169 11.31 31.10 -14.58
N VAL D 170 10.14 30.59 -14.30
CA VAL D 170 8.95 31.29 -14.68
C VAL D 170 8.86 32.70 -14.15
N ALA D 171 9.41 33.01 -13.00
CA ALA D 171 9.21 34.38 -12.56
C ALA D 171 10.11 35.38 -13.33
N ARG D 172 11.24 34.88 -13.81
CA ARG D 172 12.12 35.74 -14.56
C ARG D 172 11.43 35.82 -15.89
N GLY D 173 10.24 35.26 -15.92
CA GLY D 173 9.44 35.29 -17.14
C GLY D 173 8.55 36.50 -16.86
N GLY D 174 8.76 37.13 -15.73
CA GLY D 174 7.89 38.27 -15.47
C GLY D 174 6.54 37.90 -14.90
N ALA D 175 6.37 36.64 -14.54
CA ALA D 175 5.10 36.19 -13.99
C ALA D 175 4.78 36.78 -12.63
N ASP D 176 3.78 37.59 -12.47
CA ASP D 176 3.63 38.12 -11.11
C ASP D 176 3.32 37.16 -9.97
N VAL D 177 2.48 36.17 -10.28
CA VAL D 177 2.03 35.14 -9.35
C VAL D 177 2.04 33.81 -10.09
N ILE D 178 2.37 32.74 -9.38
CA ILE D 178 2.39 31.42 -10.01
C ILE D 178 1.60 30.46 -9.18
N ILE D 179 0.74 29.71 -9.86
CA ILE D 179 -0.15 28.74 -9.22
C ILE D 179 0.40 27.37 -9.55
N ASN D 180 0.88 26.68 -8.53
CA ASN D 180 1.54 25.39 -8.74
C ASN D 180 0.49 24.30 -8.66
N CYS D 181 0.23 23.67 -9.81
CA CYS D 181 -0.77 22.61 -9.85
C CYS D 181 -0.18 21.47 -10.64
N THR D 182 0.99 21.04 -10.20
CA THR D 182 1.75 20.02 -10.87
C THR D 182 1.52 18.58 -10.41
N GLY D 183 0.50 18.39 -9.58
CA GLY D 183 0.19 17.01 -9.17
C GLY D 183 1.34 16.17 -8.68
N VAL D 184 1.35 14.86 -8.87
CA VAL D 184 2.48 14.08 -8.34
C VAL D 184 3.84 14.63 -8.67
N TRP D 185 3.96 15.32 -9.80
CA TRP D 185 5.26 15.81 -10.13
C TRP D 185 5.64 17.11 -9.46
N ALA D 186 4.84 17.52 -8.50
CA ALA D 186 5.09 18.80 -7.84
C ALA D 186 6.46 18.83 -7.18
N GLY D 187 6.88 17.62 -6.81
CA GLY D 187 8.14 17.45 -6.11
C GLY D 187 9.33 18.10 -6.80
N VAL D 188 9.45 17.80 -8.08
CA VAL D 188 10.53 18.35 -8.84
C VAL D 188 10.67 19.86 -8.72
N LEU D 189 9.58 20.61 -8.64
CA LEU D 189 9.67 22.04 -8.56
C LEU D 189 10.16 22.52 -7.20
N GLN D 190 9.88 21.67 -6.21
CA GLN D 190 10.28 21.87 -4.84
C GLN D 190 10.01 20.53 -4.14
N PRO D 191 10.99 19.97 -3.44
CA PRO D 191 10.82 18.69 -2.78
C PRO D 191 9.73 18.76 -1.73
N ASP D 192 9.08 17.60 -1.66
CA ASP D 192 7.96 17.33 -0.76
C ASP D 192 7.84 15.84 -0.62
N PRO D 193 8.47 15.36 0.43
CA PRO D 193 8.51 13.95 0.73
C PRO D 193 7.14 13.45 1.08
N LEU D 194 6.22 14.37 1.26
CA LEU D 194 4.87 13.97 1.62
C LEU D 194 4.05 13.41 0.48
N LEU D 195 4.32 13.97 -0.67
CA LEU D 195 3.72 13.65 -1.94
C LEU D 195 4.25 12.34 -2.52
N GLN D 196 3.38 11.51 -3.09
CA GLN D 196 3.79 10.25 -3.69
C GLN D 196 2.85 9.66 -4.71
N PRO D 197 3.40 8.96 -5.68
CA PRO D 197 2.56 8.32 -6.67
C PRO D 197 1.72 7.22 -6.03
N GLY D 198 0.41 7.28 -6.24
CA GLY D 198 -0.54 6.27 -5.79
C GLY D 198 -0.94 5.72 -7.17
N ARG D 199 -0.22 4.72 -7.62
CA ARG D 199 -0.46 4.22 -8.96
C ARG D 199 -1.74 3.45 -9.12
N GLY D 200 -2.40 3.68 -10.24
CA GLY D 200 -3.60 2.91 -10.50
C GLY D 200 -3.68 2.61 -11.98
N GLN D 201 -4.03 1.38 -12.30
CA GLN D 201 -4.22 0.93 -13.67
C GLN D 201 -5.71 0.62 -13.78
N ILE D 202 -6.32 0.74 -14.96
CA ILE D 202 -7.74 0.41 -15.10
C ILE D 202 -7.94 -0.10 -16.52
N ILE D 203 -8.99 -0.90 -16.68
CA ILE D 203 -9.33 -1.41 -17.98
C ILE D 203 -10.63 -0.68 -18.34
N LYS D 204 -10.74 -0.16 -19.57
CA LYS D 204 -11.97 0.44 -20.04
C LYS D 204 -12.67 -0.61 -20.88
N VAL D 205 -13.92 -0.84 -20.58
CA VAL D 205 -14.55 -1.90 -21.30
C VAL D 205 -15.88 -1.38 -21.82
N ASP D 206 -16.38 -1.99 -22.88
CA ASP D 206 -17.66 -1.58 -23.43
C ASP D 206 -18.69 -2.55 -22.87
N ALA D 207 -19.55 -2.06 -21.96
CA ALA D 207 -20.56 -2.92 -21.34
C ALA D 207 -21.70 -2.03 -20.84
N PRO D 208 -22.44 -1.50 -21.82
CA PRO D 208 -23.55 -0.59 -21.60
C PRO D 208 -24.63 -1.08 -20.72
N TRP D 209 -24.80 -2.38 -20.62
CA TRP D 209 -25.90 -2.67 -19.74
C TRP D 209 -25.58 -2.38 -18.30
N LEU D 210 -24.34 -2.04 -17.97
CA LEU D 210 -24.08 -1.75 -16.54
C LEU D 210 -24.41 -0.29 -16.24
N LYS D 211 -25.46 -0.05 -15.46
CA LYS D 211 -25.85 1.33 -15.21
C LYS D 211 -25.42 1.93 -13.89
N ASN D 212 -24.89 1.08 -13.02
CA ASN D 212 -24.54 1.63 -11.70
C ASN D 212 -23.14 1.28 -11.29
N PHE D 213 -22.54 2.14 -10.48
CA PHE D 213 -21.20 1.81 -10.04
C PHE D 213 -21.27 0.83 -8.86
N ILE D 214 -20.20 0.07 -8.67
CA ILE D 214 -20.08 -0.88 -7.57
C ILE D 214 -18.62 -0.71 -7.14
N ILE D 215 -18.43 -0.34 -5.90
CA ILE D 215 -17.12 -0.11 -5.37
C ILE D 215 -16.99 -0.99 -4.14
N THR D 216 -16.11 -1.97 -4.30
CA THR D 216 -15.78 -2.95 -3.30
C THR D 216 -14.71 -2.42 -2.38
N HIS D 217 -14.75 -2.91 -1.19
CA HIS D 217 -13.74 -2.55 -0.21
C HIS D 217 -13.19 -3.72 0.70
N ASP D 218 -11.88 -3.92 0.60
CA ASP D 218 -11.07 -4.87 1.39
C ASP D 218 -10.26 -4.15 2.45
N LEU D 219 -10.75 -4.12 3.68
CA LEU D 219 -10.05 -3.37 4.70
C LEU D 219 -8.60 -3.83 4.84
N GLU D 220 -8.37 -5.08 4.44
CA GLU D 220 -7.07 -5.68 4.51
C GLU D 220 -6.13 -5.22 3.39
N ARG D 221 -6.62 -5.31 2.14
CA ARG D 221 -5.82 -4.98 0.95
C ARG D 221 -5.56 -3.47 0.78
N GLY D 222 -6.33 -2.63 1.48
CA GLY D 222 -6.18 -1.17 1.34
C GLY D 222 -7.12 -0.55 0.27
N ILE D 223 -7.32 0.77 0.42
CA ILE D 223 -8.19 1.57 -0.43
C ILE D 223 -7.83 1.48 -1.91
N TYR D 224 -8.87 1.21 -2.73
CA TYR D 224 -8.76 1.16 -4.17
C TYR D 224 -7.96 -0.02 -4.68
N ASN D 225 -8.00 -1.12 -3.96
CA ASN D 225 -7.29 -2.30 -4.43
C ASN D 225 -8.21 -3.37 -4.84
N SER D 226 -9.26 -3.37 -4.11
CA SER D 226 -10.38 -4.25 -4.32
C SER D 226 -10.95 -3.92 -5.68
N PRO D 227 -11.66 -4.84 -6.31
CA PRO D 227 -12.20 -4.50 -7.62
C PRO D 227 -13.32 -3.48 -7.47
N TYR D 228 -13.45 -2.66 -8.54
CA TYR D 228 -14.50 -1.65 -8.61
C TYR D 228 -14.91 -1.44 -10.06
N ILE D 229 -16.16 -1.05 -10.27
CA ILE D 229 -16.71 -0.86 -11.59
C ILE D 229 -17.43 0.45 -11.66
N ILE D 230 -17.08 1.29 -12.62
CA ILE D 230 -17.76 2.57 -12.70
C ILE D 230 -18.16 2.99 -14.09
N PRO D 231 -19.47 2.93 -14.30
CA PRO D 231 -20.07 3.25 -15.57
C PRO D 231 -19.80 4.73 -15.79
N GLY D 232 -19.33 5.08 -16.97
CA GLY D 232 -19.01 6.45 -17.33
C GLY D 232 -19.91 6.94 -18.45
N LEU D 233 -19.57 8.05 -19.08
CA LEU D 233 -20.41 8.59 -20.13
C LEU D 233 -20.51 7.72 -21.32
N GLN D 234 -19.51 6.93 -21.62
CA GLN D 234 -19.57 6.19 -22.85
C GLN D 234 -18.94 4.82 -22.77
N ALA D 235 -18.32 4.53 -21.63
CA ALA D 235 -17.68 3.23 -21.39
C ALA D 235 -17.61 2.94 -19.92
N VAL D 236 -17.15 1.75 -19.57
CA VAL D 236 -17.09 1.40 -18.16
C VAL D 236 -15.68 1.22 -17.75
N THR D 237 -15.43 1.67 -16.52
CA THR D 237 -14.11 1.54 -15.96
C THR D 237 -14.04 0.37 -15.02
N LEU D 238 -13.21 -0.61 -15.38
CA LEU D 238 -12.94 -1.76 -14.54
C LEU D 238 -11.71 -1.32 -13.77
N GLY D 239 -11.77 -1.46 -12.46
CA GLY D 239 -10.64 -0.99 -11.72
C GLY D 239 -10.26 -1.84 -10.53
N GLY D 240 -9.10 -1.47 -10.01
CA GLY D 240 -8.60 -2.19 -8.88
C GLY D 240 -7.16 -2.16 -8.46
N THR D 241 -6.50 -1.00 -8.46
CA THR D 241 -5.12 -0.99 -7.91
C THR D 241 -4.71 0.38 -7.42
N PHE D 242 -3.95 0.40 -6.33
CA PHE D 242 -3.53 1.68 -5.79
C PHE D 242 -2.19 1.40 -5.11
N GLN D 243 -1.10 1.49 -5.86
CA GLN D 243 0.24 1.18 -5.35
C GLN D 243 1.06 2.42 -5.05
N VAL D 244 1.20 2.74 -3.77
CA VAL D 244 1.96 3.92 -3.43
C VAL D 244 3.45 3.79 -3.65
N GLY D 245 4.04 4.79 -4.27
CA GLY D 245 5.47 4.73 -4.54
C GLY D 245 5.77 4.11 -5.90
N ASN D 246 4.84 3.40 -6.52
CA ASN D 246 5.19 2.87 -7.82
C ASN D 246 5.17 3.95 -8.89
N TRP D 247 6.29 4.14 -9.57
CA TRP D 247 6.30 5.17 -10.58
C TRP D 247 6.25 4.56 -11.94
N ASN D 248 6.03 3.26 -11.99
CA ASN D 248 6.01 2.65 -13.30
C ASN D 248 4.82 3.17 -14.08
N GLU D 249 5.05 3.81 -15.22
CA GLU D 249 3.87 4.25 -15.91
C GLU D 249 3.28 3.44 -17.02
N ILE D 250 3.68 2.20 -17.14
CA ILE D 250 3.16 1.33 -18.19
C ILE D 250 2.12 0.40 -17.62
N ASN D 251 1.11 0.05 -18.39
CA ASN D 251 0.14 -0.88 -17.83
C ASN D 251 0.89 -2.19 -17.75
N ASN D 252 0.63 -2.91 -16.69
CA ASN D 252 1.23 -4.20 -16.37
C ASN D 252 0.23 -5.33 -16.64
N ILE D 253 0.70 -6.43 -17.20
CA ILE D 253 -0.22 -7.53 -17.40
C ILE D 253 -0.85 -8.06 -16.13
N GLN D 254 -0.01 -8.24 -15.16
CA GLN D 254 -0.43 -8.75 -13.88
C GLN D 254 -1.65 -8.02 -13.36
N ASP D 255 -1.50 -6.70 -13.29
CA ASP D 255 -2.57 -5.84 -12.84
C ASP D 255 -3.81 -6.01 -13.73
N HIS D 256 -3.57 -6.01 -15.03
CA HIS D 256 -4.67 -6.17 -15.93
C HIS D 256 -5.36 -7.45 -15.54
N ASN D 257 -4.63 -8.53 -15.36
CA ASN D 257 -5.38 -9.72 -14.97
C ASN D 257 -6.05 -9.63 -13.62
N THR D 258 -5.48 -8.95 -12.66
CA THR D 258 -6.19 -9.08 -11.42
C THR D 258 -7.43 -8.22 -11.50
N ILE D 259 -7.33 -7.15 -12.25
CA ILE D 259 -8.49 -6.28 -12.34
C ILE D 259 -9.57 -7.04 -13.08
N TRP D 260 -9.16 -7.56 -14.21
CA TRP D 260 -10.13 -8.27 -14.97
C TRP D 260 -10.74 -9.40 -14.19
N GLU D 261 -9.93 -10.17 -13.52
CA GLU D 261 -10.57 -11.29 -12.83
C GLU D 261 -11.42 -10.82 -11.68
N GLY D 262 -11.00 -9.77 -11.03
CA GLY D 262 -11.78 -9.36 -9.88
C GLY D 262 -13.15 -8.85 -10.22
N CYS D 263 -13.18 -8.02 -11.26
CA CYS D 263 -14.43 -7.43 -11.68
C CYS D 263 -15.28 -8.52 -12.28
N CYS D 264 -14.70 -9.36 -13.13
CA CYS D 264 -15.46 -10.42 -13.75
C CYS D 264 -16.12 -11.23 -12.65
N ARG D 265 -15.51 -11.32 -11.49
CA ARG D 265 -16.20 -12.11 -10.46
C ARG D 265 -17.21 -11.29 -9.75
N LEU D 266 -17.09 -10.00 -9.62
CA LEU D 266 -18.08 -9.17 -8.98
C LEU D 266 -19.26 -8.99 -9.93
N GLU D 267 -19.01 -9.10 -11.24
CA GLU D 267 -19.99 -8.86 -12.31
C GLU D 267 -19.77 -9.70 -13.55
N PRO D 268 -20.26 -10.90 -13.43
CA PRO D 268 -20.12 -11.97 -14.38
C PRO D 268 -20.54 -11.61 -15.78
N THR D 269 -21.31 -10.57 -15.90
CA THR D 269 -21.74 -10.27 -17.24
C THR D 269 -20.61 -9.71 -18.04
N LEU D 270 -19.58 -9.21 -17.35
CA LEU D 270 -18.41 -8.61 -17.99
C LEU D 270 -17.81 -9.63 -18.93
N LYS D 271 -18.40 -10.77 -18.83
CA LYS D 271 -17.98 -11.91 -19.58
C LYS D 271 -18.00 -11.62 -20.99
N ASP D 272 -18.71 -10.64 -21.30
CA ASP D 272 -18.87 -10.29 -22.70
C ASP D 272 -18.54 -8.85 -22.97
N ALA D 273 -17.99 -8.14 -22.01
CA ALA D 273 -17.66 -6.75 -22.27
C ALA D 273 -16.48 -6.80 -23.24
N LYS D 274 -16.42 -5.95 -24.27
CA LYS D 274 -15.33 -5.85 -25.23
C LYS D 274 -14.38 -4.91 -24.47
N ILE D 275 -13.10 -5.23 -24.38
CA ILE D 275 -12.18 -4.32 -23.69
C ILE D 275 -11.77 -3.20 -24.63
N VAL D 276 -11.94 -1.94 -24.28
CA VAL D 276 -11.54 -0.92 -25.25
C VAL D 276 -10.23 -0.23 -24.97
N GLY D 277 -9.67 -0.39 -23.76
CA GLY D 277 -8.40 0.23 -23.43
C GLY D 277 -7.92 -0.03 -22.00
N GLU D 278 -6.65 0.22 -21.70
CA GLU D 278 -6.15 0.08 -20.34
C GLU D 278 -5.35 1.31 -20.05
N TYR D 279 -5.33 1.75 -18.79
CA TYR D 279 -4.60 2.96 -18.53
C TYR D 279 -4.02 2.89 -17.15
N THR D 280 -2.93 3.65 -16.96
CA THR D 280 -2.39 3.72 -15.61
C THR D 280 -2.07 5.17 -15.28
N GLY D 281 -2.18 5.57 -14.02
CA GLY D 281 -1.90 6.95 -13.73
C GLY D 281 -1.46 7.06 -12.29
N PHE D 282 -0.86 8.20 -11.97
CA PHE D 282 -0.36 8.38 -10.63
C PHE D 282 -1.24 9.23 -9.74
N ARG D 283 -1.88 8.65 -8.75
CA ARG D 283 -2.69 9.55 -7.92
C ARG D 283 -1.69 10.35 -7.11
N PRO D 284 -1.84 11.66 -7.11
CA PRO D 284 -0.91 12.49 -6.35
C PRO D 284 -1.23 12.36 -4.87
N VAL D 285 -0.67 11.34 -4.25
CA VAL D 285 -0.89 11.13 -2.82
C VAL D 285 -0.14 12.05 -1.85
N ARG D 286 -0.81 12.50 -0.79
CA ARG D 286 -0.24 13.35 0.27
C ARG D 286 -1.24 13.27 1.41
N PRO D 287 -0.75 13.23 2.64
CA PRO D 287 -1.58 13.12 3.82
C PRO D 287 -2.65 14.20 3.88
N GLN D 288 -2.44 15.31 3.21
CA GLN D 288 -3.42 16.39 3.23
C GLN D 288 -2.95 17.06 1.98
N VAL D 289 -3.93 17.79 1.46
CA VAL D 289 -3.73 18.53 0.22
C VAL D 289 -2.87 19.72 0.51
N ARG D 290 -1.97 20.08 -0.40
CA ARG D 290 -1.19 21.27 -0.15
C ARG D 290 -1.83 22.43 -0.89
N LEU D 291 -2.41 23.35 -0.14
CA LEU D 291 -3.05 24.49 -0.78
C LEU D 291 -2.73 25.64 0.16
N GLU D 292 -1.72 26.41 -0.24
CA GLU D 292 -1.24 27.48 0.60
C GLU D 292 -0.35 28.37 -0.21
N ARG D 293 -0.25 29.59 0.29
CA ARG D 293 0.55 30.61 -0.35
C ARG D 293 2.02 30.47 0.09
N GLU D 294 2.95 30.96 -0.71
CA GLU D 294 4.38 30.87 -0.39
C GLU D 294 5.12 31.91 -1.20
N GLN D 295 5.82 32.80 -0.50
CA GLN D 295 6.58 33.85 -1.17
C GLN D 295 7.95 33.28 -1.57
N LEU D 296 8.29 33.41 -2.83
CA LEU D 296 9.58 32.92 -3.31
C LEU D 296 10.29 34.18 -3.70
N ARG D 297 11.52 34.31 -3.19
CA ARG D 297 12.35 35.45 -3.53
C ARG D 297 13.62 35.02 -4.29
N PHE D 298 13.90 35.70 -5.40
CA PHE D 298 15.07 35.38 -6.21
C PHE D 298 15.67 36.74 -6.55
N GLY D 299 16.68 37.10 -5.75
CA GLY D 299 17.40 38.38 -5.82
C GLY D 299 16.49 39.55 -5.40
N SER D 300 16.00 40.29 -6.41
CA SER D 300 15.09 41.42 -6.23
C SER D 300 13.63 41.02 -6.58
N SER D 301 13.46 39.82 -7.16
CA SER D 301 12.15 39.34 -7.56
C SER D 301 11.24 38.85 -6.44
N ASN D 302 10.12 39.54 -6.26
CA ASN D 302 9.13 39.16 -5.26
C ASN D 302 7.93 38.46 -5.89
N THR D 303 8.06 37.17 -6.18
CA THR D 303 6.93 36.42 -6.77
C THR D 303 6.19 35.50 -5.79
N GLU D 304 4.86 35.62 -5.78
CA GLU D 304 4.03 34.80 -4.91
C GLU D 304 3.73 33.50 -5.59
N VAL D 305 3.55 32.49 -4.77
CA VAL D 305 3.26 31.17 -5.29
C VAL D 305 2.14 30.56 -4.46
N ILE D 306 1.12 30.05 -5.13
CA ILE D 306 0.05 29.40 -4.40
C ILE D 306 0.07 27.96 -4.81
N HIS D 307 0.17 27.08 -3.84
CA HIS D 307 0.20 25.67 -4.18
C HIS D 307 -1.19 25.07 -4.09
N ASN D 308 -1.44 24.06 -4.92
CA ASN D 308 -2.70 23.38 -4.89
C ASN D 308 -2.35 22.03 -5.50
N TYR D 309 -1.99 21.08 -4.64
CA TYR D 309 -1.64 19.77 -5.16
C TYR D 309 -1.73 18.71 -4.07
N GLY D 310 -1.73 17.43 -4.44
CA GLY D 310 -1.80 16.33 -3.48
C GLY D 310 -3.21 15.86 -3.26
N HIS D 311 -4.07 16.07 -4.25
CA HIS D 311 -5.46 15.66 -4.12
C HIS D 311 -5.73 14.18 -4.19
N GLY D 312 -4.66 13.40 -4.22
CA GLY D 312 -4.79 11.97 -4.18
C GLY D 312 -5.76 11.45 -5.18
N GLY D 313 -6.51 10.47 -4.75
CA GLY D 313 -7.50 9.85 -5.61
C GLY D 313 -8.85 10.56 -5.54
N TYR D 314 -8.87 11.81 -5.07
CA TYR D 314 -10.09 12.55 -5.04
C TYR D 314 -10.05 13.93 -5.66
N GLY D 315 -9.21 14.07 -6.66
CA GLY D 315 -9.08 15.37 -7.30
C GLY D 315 -10.38 15.85 -7.94
N LEU D 316 -11.01 15.03 -8.76
CA LEU D 316 -12.24 15.46 -9.40
C LEU D 316 -13.25 15.79 -8.32
N THR D 317 -13.32 14.84 -7.40
CA THR D 317 -14.23 14.96 -6.28
C THR D 317 -14.13 16.21 -5.49
N ILE D 318 -12.97 16.84 -5.45
CA ILE D 318 -12.79 18.04 -4.63
C ILE D 318 -12.27 19.28 -5.37
N HIS D 319 -12.02 19.12 -6.66
CA HIS D 319 -11.47 20.21 -7.42
C HIS D 319 -12.00 21.61 -7.18
N TRP D 320 -13.31 21.79 -7.21
CA TRP D 320 -13.87 23.12 -7.08
C TRP D 320 -13.59 23.85 -5.79
N GLY D 321 -13.58 23.10 -4.70
CA GLY D 321 -13.34 23.71 -3.39
C GLY D 321 -12.00 24.43 -3.37
N CYS D 322 -10.96 23.61 -3.61
CA CYS D 322 -9.61 24.09 -3.67
C CYS D 322 -9.55 25.28 -4.61
N ALA D 323 -10.21 25.18 -5.74
CA ALA D 323 -10.16 26.28 -6.68
C ALA D 323 -10.67 27.53 -6.08
N LEU D 324 -11.81 27.42 -5.41
CA LEU D 324 -12.36 28.60 -4.76
C LEU D 324 -11.32 29.09 -3.77
N GLU D 325 -10.75 28.16 -3.03
CA GLU D 325 -9.73 28.56 -2.07
C GLU D 325 -8.54 29.33 -2.65
N VAL D 326 -7.90 28.77 -3.67
CA VAL D 326 -6.77 29.43 -4.26
C VAL D 326 -7.19 30.81 -4.66
N ALA D 327 -8.41 30.90 -5.12
CA ALA D 327 -8.92 32.19 -5.54
C ALA D 327 -8.84 33.19 -4.40
N LYS D 328 -9.39 32.79 -3.26
CA LYS D 328 -9.38 33.60 -2.05
C LYS D 328 -7.92 34.04 -1.81
N LEU D 329 -6.98 33.11 -1.73
CA LEU D 329 -5.62 33.59 -1.52
C LEU D 329 -5.20 34.52 -2.63
N PHE D 330 -5.43 34.12 -3.89
CA PHE D 330 -4.97 34.98 -4.96
C PHE D 330 -5.50 36.37 -4.77
N GLY D 331 -6.63 36.42 -4.09
CA GLY D 331 -7.26 37.70 -3.82
C GLY D 331 -6.36 38.44 -2.85
N LYS D 332 -6.07 37.81 -1.72
CA LYS D 332 -5.21 38.41 -0.70
C LYS D 332 -3.92 38.83 -1.35
N VAL D 333 -3.39 38.01 -2.23
CA VAL D 333 -2.19 38.46 -2.88
C VAL D 333 -2.55 39.76 -3.56
N LEU D 334 -3.65 39.79 -4.29
CA LEU D 334 -4.02 41.04 -4.90
C LEU D 334 -4.25 42.11 -3.83
N GLU D 335 -4.87 41.77 -2.70
CA GLU D 335 -5.11 42.84 -1.72
C GLU D 335 -3.85 43.47 -1.15
N GLU D 336 -2.82 42.65 -0.96
CA GLU D 336 -1.53 43.13 -0.47
C GLU D 336 -0.88 44.08 -1.48
N ARG D 337 -1.30 43.97 -2.73
CA ARG D 337 -0.82 44.85 -3.77
C ARG D 337 -1.80 46.04 -3.84
N ASN D 338 -2.80 46.07 -2.96
CA ASN D 338 -3.74 47.18 -3.02
C ASN D 338 -4.44 47.17 -4.37
N LEU D 339 -4.52 45.99 -4.99
CA LEU D 339 -5.16 45.84 -6.29
C LEU D 339 -4.30 46.43 -7.40
N MET E 1 13.63 -38.17 1.93
CA MET E 1 12.46 -38.73 2.60
C MET E 1 11.82 -37.79 3.60
N ARG E 2 10.55 -37.95 3.87
CA ARG E 2 9.97 -37.02 4.81
C ARG E 2 10.39 -37.48 6.21
N VAL E 3 10.87 -36.54 7.00
CA VAL E 3 11.35 -36.68 8.37
C VAL E 3 10.59 -35.68 9.24
N VAL E 4 10.18 -36.09 10.44
CA VAL E 4 9.46 -35.19 11.32
C VAL E 4 10.09 -35.19 12.68
N VAL E 5 10.43 -33.99 13.10
CA VAL E 5 11.05 -33.90 14.39
C VAL E 5 10.01 -33.37 15.33
N ILE E 6 9.76 -34.13 16.37
CA ILE E 6 8.76 -33.67 17.30
C ILE E 6 9.54 -33.05 18.42
N GLY E 7 9.39 -31.73 18.56
CA GLY E 7 10.04 -30.96 19.63
C GLY E 7 10.91 -29.80 19.12
N ALA E 8 10.84 -28.63 19.74
CA ALA E 8 11.64 -27.53 19.24
C ALA E 8 12.54 -27.00 20.36
N GLY E 9 12.92 -27.88 21.28
CA GLY E 9 13.81 -27.53 22.38
C GLY E 9 15.24 -27.72 21.88
N VAL E 10 16.24 -27.62 22.78
CA VAL E 10 17.60 -27.75 22.29
C VAL E 10 17.78 -29.04 21.55
N ILE E 11 17.25 -30.11 22.14
CA ILE E 11 17.37 -31.39 21.47
C ILE E 11 16.84 -31.52 20.03
N GLY E 12 15.56 -31.25 19.84
CA GLY E 12 15.05 -31.39 18.48
C GLY E 12 15.79 -30.55 17.47
N LEU E 13 15.85 -29.25 17.78
CA LEU E 13 16.48 -28.33 16.88
C LEU E 13 17.86 -28.77 16.51
N SER E 14 18.68 -29.15 17.48
CA SER E 14 20.03 -29.58 17.10
C SER E 14 19.91 -30.74 16.15
N THR E 15 19.19 -31.72 16.63
CA THR E 15 19.05 -32.93 15.86
C THR E 15 18.53 -32.64 14.48
N ALA E 16 17.50 -31.82 14.39
CA ALA E 16 16.99 -31.55 13.07
C ALA E 16 18.15 -31.04 12.24
N LEU E 17 18.77 -29.98 12.73
CA LEU E 17 19.89 -29.39 12.03
C LEU E 17 20.94 -30.42 11.70
N CYS E 18 21.36 -31.09 12.73
CA CYS E 18 22.40 -32.05 12.53
C CYS E 18 22.08 -33.08 11.45
N ILE E 19 20.86 -33.62 11.44
CA ILE E 19 20.51 -34.62 10.44
C ILE E 19 20.55 -33.91 9.12
N HIS E 20 19.89 -32.77 9.10
CA HIS E 20 19.84 -32.04 7.86
C HIS E 20 21.18 -31.68 7.29
N GLU E 21 22.07 -31.30 8.17
CA GLU E 21 23.38 -30.86 7.74
C GLU E 21 24.07 -32.06 7.08
N ARG E 22 24.04 -33.24 7.62
CA ARG E 22 24.69 -34.39 6.96
C ARG E 22 24.09 -35.12 5.74
N TYR E 23 22.76 -35.20 5.66
CA TYR E 23 22.15 -35.87 4.52
C TYR E 23 21.49 -34.96 3.49
N HIS E 24 21.44 -33.65 3.70
CA HIS E 24 20.78 -32.82 2.72
C HIS E 24 21.45 -33.04 1.39
N SER E 25 22.77 -33.14 1.44
CA SER E 25 23.46 -33.36 0.19
C SER E 25 23.10 -34.73 -0.35
N VAL E 26 23.45 -35.76 0.42
CA VAL E 26 23.26 -37.18 0.08
C VAL E 26 21.84 -37.66 -0.19
N LEU E 27 21.00 -37.71 0.83
CA LEU E 27 19.63 -38.15 0.61
C LEU E 27 18.89 -37.42 -0.54
N GLN E 28 18.19 -38.20 -1.34
CA GLN E 28 17.46 -37.57 -2.42
C GLN E 28 16.40 -36.62 -1.83
N PRO E 29 15.13 -36.66 -2.26
CA PRO E 29 14.18 -35.72 -1.65
C PRO E 29 14.14 -35.67 -0.13
N LEU E 30 14.95 -34.81 0.48
CA LEU E 30 15.00 -34.65 1.94
C LEU E 30 14.10 -33.59 2.55
N ASP E 31 13.03 -34.01 3.22
CA ASP E 31 12.07 -33.08 3.76
C ASP E 31 11.85 -33.17 5.25
N VAL E 32 12.46 -32.24 5.97
CA VAL E 32 12.39 -32.14 7.42
C VAL E 32 11.37 -31.12 7.91
N LYS E 33 10.60 -31.50 8.92
CA LYS E 33 9.61 -30.58 9.47
C LYS E 33 9.75 -30.72 10.95
N VAL E 34 9.35 -29.67 11.64
CA VAL E 34 9.47 -29.74 13.06
C VAL E 34 8.10 -29.41 13.58
N TYR E 35 7.61 -30.34 14.38
CA TYR E 35 6.33 -30.10 15.00
C TYR E 35 6.61 -29.87 16.46
N ALA E 36 5.98 -28.86 17.07
CA ALA E 36 6.15 -28.63 18.50
C ALA E 36 5.03 -27.77 19.00
N ASP E 37 4.62 -28.08 20.22
CA ASP E 37 3.48 -27.38 20.83
C ASP E 37 4.00 -26.17 21.55
N ARG E 38 5.32 -26.09 21.69
CA ARG E 38 5.96 -24.97 22.35
C ARG E 38 7.25 -24.73 21.60
N PHE E 39 7.56 -23.44 21.51
CA PHE E 39 8.78 -22.93 20.88
C PHE E 39 9.32 -21.84 21.81
N THR E 40 10.60 -21.52 21.66
CA THR E 40 11.17 -20.52 22.56
C THR E 40 10.33 -19.28 22.40
N PRO E 41 10.20 -18.49 23.44
CA PRO E 41 10.82 -18.73 24.72
C PRO E 41 10.10 -19.77 25.53
N PHE E 42 9.27 -20.60 24.91
CA PHE E 42 8.55 -21.54 25.79
C PHE E 42 9.03 -22.91 26.26
N THR E 43 10.19 -23.38 25.80
CA THR E 43 10.68 -24.69 26.19
C THR E 43 11.40 -24.79 27.50
N THR E 44 11.76 -26.02 27.83
CA THR E 44 12.47 -26.19 29.07
C THR E 44 13.80 -25.56 28.83
N THR E 45 14.35 -25.85 27.65
CA THR E 45 15.64 -25.32 27.25
C THR E 45 15.71 -23.82 27.56
N ASP E 46 14.70 -23.05 27.16
CA ASP E 46 14.69 -21.63 27.48
C ASP E 46 14.92 -21.30 28.97
N VAL E 47 14.79 -22.23 29.88
CA VAL E 47 14.95 -21.87 31.29
C VAL E 47 16.34 -22.20 31.78
N ALA E 48 16.97 -23.10 31.05
CA ALA E 48 18.26 -23.52 31.50
C ALA E 48 19.30 -22.46 31.56
N ALA E 49 19.89 -22.47 32.74
CA ALA E 49 21.04 -21.69 33.11
C ALA E 49 22.03 -21.73 31.91
N GLY E 50 22.26 -22.89 31.31
CA GLY E 50 23.11 -23.00 30.15
C GLY E 50 24.58 -23.32 30.40
N LEU E 51 24.92 -23.68 31.62
CA LEU E 51 26.33 -23.96 31.90
C LEU E 51 26.71 -25.33 31.48
N TRP E 52 27.87 -25.51 30.88
CA TRP E 52 28.26 -26.86 30.53
C TRP E 52 28.94 -27.48 31.72
N GLN E 53 28.33 -28.50 32.29
CA GLN E 53 28.90 -29.23 33.42
C GLN E 53 27.98 -30.42 33.69
N PRO E 54 28.47 -31.62 33.47
CA PRO E 54 27.75 -32.86 33.72
C PRO E 54 27.61 -33.06 35.19
N TYR E 55 26.83 -34.07 35.58
CA TYR E 55 26.67 -34.38 37.00
C TYR E 55 28.07 -34.78 37.51
N THR E 56 28.26 -34.53 38.80
CA THR E 56 29.50 -34.86 39.50
C THR E 56 29.75 -36.38 39.62
N SER E 57 28.66 -37.18 39.57
CA SER E 57 28.65 -38.64 39.64
C SER E 57 29.03 -39.24 38.28
N GLU E 58 29.63 -40.42 38.28
CA GLU E 58 30.00 -41.08 37.04
C GLU E 58 28.89 -41.26 36.02
N PRO E 59 29.25 -41.52 34.77
CA PRO E 59 28.29 -41.66 33.66
C PRO E 59 27.40 -42.85 33.90
N SER E 60 26.09 -42.67 33.62
CA SER E 60 25.12 -43.77 33.78
C SER E 60 25.38 -44.88 32.73
N ASN E 61 25.60 -44.40 31.50
CA ASN E 61 26.00 -45.23 30.38
C ASN E 61 27.43 -44.74 30.01
N PRO E 62 28.16 -45.46 29.21
CA PRO E 62 29.46 -44.98 28.77
C PRO E 62 29.29 -43.75 27.86
N GLN E 63 28.46 -43.93 26.79
CA GLN E 63 28.16 -42.96 25.72
C GLN E 63 27.85 -41.56 26.26
N GLU E 64 27.30 -41.51 27.46
CA GLU E 64 27.01 -40.22 28.02
C GLU E 64 28.21 -39.37 28.19
N ALA E 65 29.35 -39.95 28.56
CA ALA E 65 30.50 -39.08 28.73
C ALA E 65 31.01 -38.70 27.35
N ASN E 66 31.06 -39.63 26.43
CA ASN E 66 31.57 -39.16 25.14
C ASN E 66 30.66 -38.12 24.58
N TRP E 67 29.36 -38.31 24.76
CA TRP E 67 28.49 -37.29 24.22
C TRP E 67 28.81 -35.97 24.87
N ASN E 68 29.01 -35.99 26.19
CA ASN E 68 29.35 -34.75 26.87
C ASN E 68 30.61 -34.13 26.31
N GLN E 69 31.63 -34.96 26.16
CA GLN E 69 32.85 -34.44 25.62
C GLN E 69 32.69 -33.88 24.22
N GLN E 70 32.08 -34.63 23.34
CA GLN E 70 31.90 -34.14 21.97
C GLN E 70 31.22 -32.79 22.00
N THR E 71 30.23 -32.64 22.87
CA THR E 71 29.51 -31.39 22.95
C THR E 71 30.47 -30.28 23.36
N PHE E 72 31.24 -30.53 24.41
CA PHE E 72 32.16 -29.51 24.85
C PHE E 72 33.08 -29.07 23.74
N ASN E 73 33.58 -30.03 23.00
CA ASN E 73 34.47 -29.64 21.93
C ASN E 73 33.79 -28.82 20.83
N TYR E 74 32.66 -29.30 20.33
CA TYR E 74 31.93 -28.54 19.28
C TYR E 74 31.78 -27.14 19.87
N LEU E 75 31.44 -27.06 21.14
CA LEU E 75 31.33 -25.71 21.61
C LEU E 75 32.66 -24.98 21.59
N LEU E 76 33.68 -25.53 22.27
CA LEU E 76 34.97 -24.83 22.30
C LEU E 76 35.41 -24.30 20.95
N SER E 77 35.23 -25.16 19.94
CA SER E 77 35.64 -24.85 18.59
C SER E 77 35.04 -23.55 18.09
N HIS E 78 33.88 -23.15 18.62
CA HIS E 78 33.28 -21.92 18.14
C HIS E 78 33.77 -20.73 18.92
N ILE E 79 34.64 -20.99 19.89
CA ILE E 79 35.20 -19.92 20.70
C ILE E 79 36.34 -19.33 19.89
N GLY E 80 36.07 -18.12 19.37
CA GLY E 80 37.06 -17.45 18.55
C GLY E 80 36.30 -16.92 17.35
N SER E 81 35.20 -17.61 17.04
CA SER E 81 34.36 -17.14 15.97
C SER E 81 33.70 -15.87 16.45
N PRO E 82 33.48 -14.95 15.54
CA PRO E 82 32.78 -13.73 15.87
C PRO E 82 31.32 -13.98 16.17
N ASN E 83 30.85 -15.21 16.04
CA ASN E 83 29.43 -15.44 16.30
C ASN E 83 28.98 -16.04 17.60
N ALA E 84 29.95 -16.70 18.20
CA ALA E 84 29.76 -17.38 19.44
C ALA E 84 28.78 -16.73 20.37
N ALA E 85 28.86 -15.43 20.55
CA ALA E 85 27.93 -14.95 21.53
C ALA E 85 26.59 -14.82 20.93
N ASN E 86 26.61 -14.68 19.62
CA ASN E 86 25.34 -14.56 18.94
C ASN E 86 24.73 -15.93 18.97
N MET E 87 25.60 -16.90 19.09
CA MET E 87 25.13 -18.26 19.14
C MET E 87 24.74 -18.52 20.61
N GLY E 88 24.96 -17.56 21.52
CA GLY E 88 24.61 -17.73 22.92
C GLY E 88 25.75 -18.38 23.72
N LEU E 89 26.94 -18.42 23.14
CA LEU E 89 28.10 -19.03 23.77
C LEU E 89 29.18 -18.07 24.30
N THR E 90 29.78 -18.37 25.46
CA THR E 90 30.97 -17.67 25.99
C THR E 90 31.65 -18.40 27.12
N PRO E 91 32.96 -18.24 27.25
CA PRO E 91 33.59 -18.99 28.32
C PRO E 91 33.19 -18.36 29.64
N VAL E 92 33.21 -19.14 30.71
CA VAL E 92 32.89 -18.63 32.04
C VAL E 92 33.74 -19.49 32.95
N SER E 93 34.32 -18.87 33.98
CA SER E 93 35.12 -19.67 34.88
C SER E 93 34.42 -19.69 36.20
N GLY E 94 34.72 -20.66 37.05
CA GLY E 94 33.98 -20.69 38.29
C GLY E 94 34.30 -21.81 39.26
N TYR E 95 33.65 -21.68 40.42
CA TYR E 95 33.78 -22.59 41.54
C TYR E 95 32.69 -23.63 41.77
N ASN E 96 33.09 -24.83 42.19
CA ASN E 96 32.18 -25.91 42.64
C ASN E 96 32.56 -26.06 44.13
N LEU E 97 31.70 -25.64 45.05
CA LEU E 97 31.98 -25.74 46.47
C LEU E 97 31.34 -26.99 47.10
N PHE E 98 32.06 -27.58 48.04
CA PHE E 98 31.59 -28.76 48.74
C PHE E 98 31.84 -28.54 50.19
N ARG E 99 31.16 -29.38 50.99
CA ARG E 99 31.25 -29.22 52.43
C ARG E 99 32.23 -30.21 53.01
N GLU E 100 32.87 -30.98 52.13
CA GLU E 100 33.83 -31.97 52.53
C GLU E 100 34.52 -32.50 51.28
N ALA E 101 35.66 -33.18 51.47
CA ALA E 101 36.44 -33.71 50.36
C ALA E 101 35.60 -34.67 49.56
N VAL E 102 35.82 -34.57 48.25
CA VAL E 102 35.04 -35.33 47.29
C VAL E 102 35.88 -35.69 46.07
N PRO E 103 35.66 -36.85 45.52
CA PRO E 103 36.46 -37.29 44.38
C PRO E 103 36.26 -36.35 43.18
N ASP E 104 37.25 -36.27 42.36
CA ASP E 104 37.31 -35.44 41.13
C ASP E 104 36.28 -35.84 40.11
N PRO E 105 35.71 -34.90 39.37
CA PRO E 105 34.66 -35.26 38.42
C PRO E 105 35.28 -36.01 37.24
N TYR E 106 34.54 -36.91 36.59
CA TYR E 106 35.10 -37.61 35.42
C TYR E 106 35.41 -36.63 34.33
N TRP E 107 34.69 -35.51 34.31
CA TRP E 107 34.96 -34.55 33.26
C TRP E 107 36.13 -33.61 33.58
N LYS E 108 36.78 -33.82 34.72
CA LYS E 108 37.86 -32.93 35.15
C LYS E 108 38.76 -32.53 34.00
N ASP E 109 39.00 -33.45 33.09
CA ASP E 109 39.89 -33.05 32.00
C ASP E 109 39.17 -32.54 30.76
N MET E 110 37.86 -32.59 30.75
CA MET E 110 37.14 -32.10 29.58
C MET E 110 37.07 -30.59 29.63
N VAL E 111 36.98 -30.04 30.84
CA VAL E 111 36.90 -28.61 30.97
C VAL E 111 38.31 -28.04 30.94
N LEU E 112 38.44 -26.72 30.85
CA LEU E 112 39.73 -26.04 30.85
C LEU E 112 40.23 -25.67 32.27
N GLY E 113 41.44 -26.09 32.60
CA GLY E 113 42.05 -25.71 33.88
C GLY E 113 41.56 -26.27 35.21
N PHE E 114 40.98 -27.45 35.17
CA PHE E 114 40.46 -28.05 36.40
C PHE E 114 41.51 -28.01 37.47
N ARG E 115 41.13 -27.68 38.70
CA ARG E 115 42.13 -27.67 39.75
C ARG E 115 41.39 -27.56 41.07
N LYS E 116 41.97 -28.01 42.17
CA LYS E 116 41.29 -27.97 43.48
C LYS E 116 41.44 -26.59 44.08
N LEU E 117 40.44 -26.06 44.75
CA LEU E 117 40.61 -24.71 45.26
C LEU E 117 41.58 -24.75 46.38
N THR E 118 42.28 -23.64 46.55
CA THR E 118 43.23 -23.47 47.65
C THR E 118 42.41 -22.87 48.79
N PRO E 119 43.04 -22.87 49.95
CA PRO E 119 42.40 -22.33 51.15
C PRO E 119 42.07 -20.86 50.98
N ARG E 120 43.00 -20.07 50.48
CA ARG E 120 42.64 -18.65 50.33
C ARG E 120 41.36 -18.52 49.53
N GLU E 121 41.26 -19.35 48.49
CA GLU E 121 40.08 -19.30 47.66
C GLU E 121 38.88 -19.69 48.49
N LEU E 122 39.06 -20.77 49.23
CA LEU E 122 38.01 -21.28 50.07
C LEU E 122 37.55 -20.24 51.02
N ASP E 123 38.38 -19.27 51.21
CA ASP E 123 37.98 -18.30 52.17
C ASP E 123 36.96 -17.41 51.61
N MET E 124 36.89 -17.45 50.30
CA MET E 124 35.93 -16.51 49.73
C MET E 124 34.48 -16.86 50.11
N PHE E 125 34.17 -18.12 50.31
CA PHE E 125 32.85 -18.59 50.67
C PHE E 125 33.28 -19.42 51.89
N PRO E 126 33.08 -18.82 53.04
CA PRO E 126 33.49 -19.48 54.27
C PRO E 126 32.78 -20.83 54.56
N ASP E 127 31.48 -20.89 54.39
CA ASP E 127 30.76 -22.11 54.67
C ASP E 127 31.29 -23.38 54.00
N TYR E 128 32.09 -23.29 52.96
CA TYR E 128 32.43 -24.57 52.39
C TYR E 128 33.79 -24.95 52.82
N ARG E 129 34.28 -26.12 52.41
CA ARG E 129 35.58 -26.56 52.93
C ARG E 129 36.36 -27.24 51.89
N TYR E 130 35.76 -27.48 50.77
CA TYR E 130 36.57 -28.19 49.79
C TYR E 130 35.92 -27.88 48.46
N GLY E 131 36.67 -27.96 47.37
CA GLY E 131 36.05 -27.65 46.08
C GLY E 131 36.98 -27.57 44.87
N TRP E 132 36.41 -27.18 43.75
CA TRP E 132 37.21 -27.11 42.53
C TRP E 132 37.07 -25.78 41.84
N PHE E 133 37.92 -25.59 40.85
CA PHE E 133 37.90 -24.40 40.02
C PHE E 133 38.19 -24.83 38.59
N ASN E 134 37.51 -24.19 37.66
CA ASN E 134 37.72 -24.55 36.26
C ASN E 134 37.01 -23.59 35.34
N THR E 135 37.37 -23.64 34.07
CA THR E 135 36.79 -22.71 33.12
C THR E 135 35.91 -23.59 32.27
N SER E 136 34.81 -23.02 31.77
CA SER E 136 33.90 -23.78 30.95
C SER E 136 33.14 -22.86 30.03
N LEU E 137 31.98 -23.33 29.56
CA LEU E 137 31.20 -22.54 28.64
C LEU E 137 29.79 -22.33 29.09
N ILE E 138 29.18 -21.36 28.47
CA ILE E 138 27.81 -21.09 28.73
C ILE E 138 27.22 -21.08 27.34
N LEU E 139 26.15 -21.86 27.20
CA LEU E 139 25.45 -21.97 25.95
C LEU E 139 24.04 -21.67 26.43
N GLU E 140 23.61 -20.43 26.28
CA GLU E 140 22.29 -20.02 26.73
C GLU E 140 21.15 -20.55 25.86
N GLY E 141 20.19 -21.18 26.52
CA GLY E 141 19.08 -21.83 25.84
C GLY E 141 18.37 -20.95 24.85
N ARG E 142 17.73 -19.92 25.39
CA ARG E 142 16.92 -19.05 24.54
C ARG E 142 17.74 -18.59 23.37
N LYS E 143 18.96 -18.15 23.62
CA LYS E 143 19.70 -17.69 22.47
C LYS E 143 19.99 -18.80 21.48
N TYR E 144 20.60 -19.89 21.96
CA TYR E 144 20.92 -21.05 21.09
C TYR E 144 19.65 -21.46 20.33
N LEU E 145 18.50 -21.41 21.00
CA LEU E 145 17.30 -21.81 20.29
C LEU E 145 17.11 -20.91 19.09
N GLN E 146 17.15 -19.61 19.34
CA GLN E 146 17.00 -18.67 18.23
C GLN E 146 18.02 -18.93 17.13
N TRP E 147 19.27 -19.23 17.48
CA TRP E 147 20.26 -19.47 16.45
C TRP E 147 19.88 -20.67 15.59
N LEU E 148 19.69 -21.79 16.29
CA LEU E 148 19.32 -23.07 15.66
C LEU E 148 18.12 -22.79 14.76
N THR E 149 17.19 -22.04 15.31
CA THR E 149 16.06 -21.77 14.48
C THR E 149 16.41 -21.07 13.18
N GLU E 150 17.16 -19.98 13.26
CA GLU E 150 17.54 -19.25 12.05
C GLU E 150 18.30 -20.18 11.13
N ARG E 151 19.28 -20.89 11.66
CA ARG E 151 19.99 -21.84 10.83
C ARG E 151 19.02 -22.79 10.12
N LEU E 152 18.16 -23.47 10.89
CA LEU E 152 17.23 -24.44 10.28
C LEU E 152 16.43 -23.74 9.22
N THR E 153 15.89 -22.62 9.62
CA THR E 153 15.08 -21.91 8.69
C THR E 153 15.78 -21.66 7.37
N GLU E 154 17.01 -21.20 7.42
CA GLU E 154 17.71 -20.93 6.17
C GLU E 154 17.88 -22.23 5.42
N ARG E 155 18.08 -23.32 6.12
CA ARG E 155 18.28 -24.59 5.44
C ARG E 155 16.95 -25.09 4.91
N GLY E 156 15.91 -24.32 5.17
CA GLY E 156 14.58 -24.67 4.71
C GLY E 156 13.82 -25.68 5.55
N VAL E 157 14.15 -25.82 6.82
CA VAL E 157 13.37 -26.76 7.58
C VAL E 157 12.13 -26.01 7.98
N LYS E 158 10.96 -26.63 7.87
CA LYS E 158 9.75 -25.93 8.23
C LYS E 158 9.25 -26.24 9.63
N PHE E 159 8.74 -25.21 10.28
CA PHE E 159 8.25 -25.39 11.64
C PHE E 159 6.74 -25.33 11.69
N PHE E 160 6.10 -26.08 12.59
CA PHE E 160 4.65 -26.05 12.76
C PHE E 160 4.27 -26.16 14.21
N LEU E 161 3.44 -25.23 14.65
CA LEU E 161 3.06 -25.24 16.04
C LEU E 161 1.98 -26.28 16.11
N ARG E 162 2.32 -27.38 16.71
CA ARG E 162 1.29 -28.32 16.74
C ARG E 162 1.42 -29.28 17.92
N LYS E 163 0.36 -29.97 18.38
CA LYS E 163 0.52 -30.94 19.45
C LYS E 163 0.40 -32.36 18.92
N VAL E 164 1.49 -33.11 18.88
CA VAL E 164 1.33 -34.45 18.39
C VAL E 164 0.56 -35.21 19.44
N GLU E 165 -0.40 -35.97 18.98
CA GLU E 165 -1.24 -36.75 19.87
C GLU E 165 -0.83 -38.24 19.83
N SER E 166 -0.29 -38.81 18.75
CA SER E 166 0.15 -40.20 18.67
C SER E 166 1.20 -40.30 17.57
N PHE E 167 2.19 -41.17 17.73
CA PHE E 167 3.18 -41.27 16.66
C PHE E 167 2.44 -41.67 15.41
N GLU E 168 1.43 -42.48 15.67
CA GLU E 168 0.58 -43.02 14.61
C GLU E 168 0.11 -41.86 13.76
N GLU E 169 -0.50 -40.90 14.44
CA GLU E 169 -1.01 -39.68 13.80
C GLU E 169 0.05 -39.18 12.81
N VAL E 170 1.14 -38.70 13.33
CA VAL E 170 2.17 -38.13 12.51
C VAL E 170 2.60 -39.11 11.42
N ALA E 171 2.54 -40.38 11.79
CA ALA E 171 2.94 -41.43 10.85
C ALA E 171 1.98 -41.31 9.73
N ARG E 172 0.74 -40.97 10.09
CA ARG E 172 -0.29 -40.89 9.05
C ARG E 172 -0.04 -39.81 8.03
N GLY E 173 0.54 -38.68 8.45
CA GLY E 173 0.83 -37.56 7.55
C GLY E 173 1.82 -37.91 6.43
N GLY E 174 2.29 -39.15 6.39
CA GLY E 174 3.24 -39.48 5.33
C GLY E 174 4.65 -39.36 5.87
N ALA E 175 4.72 -39.15 7.17
CA ALA E 175 6.00 -39.03 7.81
C ALA E 175 6.81 -40.30 7.47
N ASP E 176 8.06 -40.17 6.96
CA ASP E 176 8.91 -41.32 6.66
C ASP E 176 9.58 -41.76 7.94
N VAL E 177 10.25 -40.82 8.57
CA VAL E 177 10.97 -41.11 9.81
C VAL E 177 10.59 -40.07 10.85
N ILE E 178 10.31 -40.46 12.10
CA ILE E 178 9.99 -39.51 13.19
C ILE E 178 11.12 -39.45 14.21
N ILE E 179 11.52 -38.29 14.70
CA ILE E 179 12.54 -38.13 15.74
C ILE E 179 11.82 -37.58 16.96
N ASN E 180 11.77 -38.39 18.00
CA ASN E 180 11.01 -38.01 19.19
C ASN E 180 11.92 -37.26 20.13
N CYS E 181 11.65 -35.97 20.29
CA CYS E 181 12.48 -35.14 21.15
C CYS E 181 11.54 -34.32 22.02
N THR E 182 10.65 -35.01 22.68
CA THR E 182 9.62 -34.39 23.48
C THR E 182 9.94 -34.16 24.95
N GLY E 183 11.19 -34.38 25.32
CA GLY E 183 11.55 -34.11 26.71
C GLY E 183 10.67 -34.69 27.78
N VAL E 184 10.51 -34.05 28.94
CA VAL E 184 9.67 -34.68 29.95
C VAL E 184 8.33 -35.16 29.47
N TRP E 185 7.79 -34.51 28.45
CA TRP E 185 6.49 -34.95 28.02
C TRP E 185 6.51 -36.12 27.07
N ALA E 186 7.66 -36.76 26.94
CA ALA E 186 7.79 -37.86 25.99
C ALA E 186 6.83 -38.99 26.35
N GLY E 187 6.53 -39.04 27.64
CA GLY E 187 5.68 -40.08 28.18
C GLY E 187 4.34 -40.22 27.45
N VAL E 188 3.68 -39.10 27.29
CA VAL E 188 2.41 -39.11 26.62
C VAL E 188 2.42 -39.81 25.27
N LEU E 189 3.49 -39.68 24.50
CA LEU E 189 3.53 -40.30 23.19
C LEU E 189 3.68 -41.82 23.27
N GLN E 190 4.29 -42.23 24.38
CA GLN E 190 4.52 -43.61 24.72
C GLN E 190 4.99 -43.62 26.18
N PRO E 191 4.35 -44.40 27.05
CA PRO E 191 4.71 -44.43 28.46
C PRO E 191 6.14 -44.87 28.64
N ASP E 192 6.69 -44.24 29.68
CA ASP E 192 8.06 -44.45 30.13
C ASP E 192 8.15 -43.99 31.56
N PRO E 193 7.99 -44.95 32.44
CA PRO E 193 7.99 -44.71 33.86
C PRO E 193 9.35 -44.26 34.31
N LEU E 194 10.32 -44.38 33.42
CA LEU E 194 11.67 -43.97 33.78
C LEU E 194 11.90 -42.48 33.83
N LEU E 195 11.20 -41.83 32.93
CA LEU E 195 11.19 -40.41 32.72
C LEU E 195 10.40 -39.66 33.80
N GLN E 196 10.90 -38.53 34.28
CA GLN E 196 10.20 -37.75 35.28
C GLN E 196 10.59 -36.29 35.38
N PRO E 197 9.64 -35.45 35.76
CA PRO E 197 9.95 -34.05 35.92
C PRO E 197 10.92 -33.85 37.09
N GLY E 198 12.03 -33.15 36.82
CA GLY E 198 13.02 -32.78 37.82
C GLY E 198 12.77 -31.26 37.82
N ARG E 199 11.87 -30.81 38.67
CA ARG E 199 11.49 -29.42 38.64
C ARG E 199 12.54 -28.48 39.17
N GLY E 200 12.68 -27.36 38.49
CA GLY E 200 13.62 -26.38 39.00
C GLY E 200 13.05 -24.99 38.75
N GLN E 201 13.17 -24.14 39.76
CA GLN E 201 12.74 -22.75 39.67
C GLN E 201 14.02 -21.93 39.79
N ILE E 202 14.09 -20.74 39.19
CA ILE E 202 15.29 -19.91 39.31
C ILE E 202 14.85 -18.46 39.27
N ILE E 203 15.69 -17.61 39.86
CA ILE E 203 15.42 -16.19 39.83
C ILE E 203 16.49 -15.62 38.91
N LYS E 204 16.11 -14.74 37.98
CA LYS E 204 17.07 -14.04 37.13
C LYS E 204 17.28 -12.68 37.74
N VAL E 205 18.52 -12.34 37.94
CA VAL E 205 18.74 -11.09 38.60
C VAL E 205 19.75 -10.31 37.81
N ASP E 206 19.73 -8.98 37.96
CA ASP E 206 20.68 -8.15 37.26
C ASP E 206 21.80 -7.85 38.24
N ALA E 207 22.98 -8.43 38.02
CA ALA E 207 24.10 -8.23 38.93
C ALA E 207 25.40 -8.50 38.16
N PRO E 208 25.69 -7.56 37.26
CA PRO E 208 26.85 -7.61 36.37
C PRO E 208 28.16 -7.74 37.03
N TRP E 209 28.29 -7.29 38.26
CA TRP E 209 29.63 -7.47 38.72
C TRP E 209 29.96 -8.91 38.98
N LEU E 210 28.99 -9.82 38.91
CA LEU E 210 29.38 -11.22 39.16
C LEU E 210 29.88 -11.87 37.88
N LYS E 211 31.17 -12.17 37.82
CA LYS E 211 31.71 -12.72 36.58
C LYS E 211 31.91 -14.21 36.54
N ASN E 212 31.76 -14.86 37.68
CA ASN E 212 32.01 -16.30 37.66
C ASN E 212 30.90 -17.10 38.27
N PHE E 213 30.73 -18.34 37.81
CA PHE E 213 29.70 -19.14 38.41
C PHE E 213 30.20 -19.75 39.73
N ILE E 214 29.27 -20.07 40.61
CA ILE E 214 29.56 -20.69 41.89
C ILE E 214 28.43 -21.72 42.03
N ILE E 215 28.80 -22.97 42.13
CA ILE E 215 27.84 -24.04 42.24
C ILE E 215 28.17 -24.80 43.50
N THR E 216 27.27 -24.68 44.45
CA THR E 216 27.32 -25.30 45.74
C THR E 216 26.76 -26.71 45.68
N HIS E 217 27.25 -27.51 46.60
CA HIS E 217 26.79 -28.87 46.69
C HIS E 217 26.49 -29.27 48.13
N ASP E 218 25.25 -29.65 48.33
CA ASP E 218 24.80 -30.25 49.59
C ASP E 218 24.74 -31.72 49.14
N LEU E 219 25.54 -32.58 49.79
CA LEU E 219 25.63 -33.96 49.39
C LEU E 219 24.45 -34.79 49.87
N GLU E 220 23.87 -34.30 50.97
CA GLU E 220 22.72 -34.96 51.61
C GLU E 220 21.41 -34.52 50.95
N ARG E 221 21.34 -33.23 50.59
CA ARG E 221 20.16 -32.62 49.97
C ARG E 221 20.00 -32.86 48.46
N GLY E 222 20.90 -33.64 47.88
CA GLY E 222 20.91 -33.95 46.44
C GLY E 222 21.48 -32.89 45.50
N ILE E 223 21.46 -33.21 44.20
CA ILE E 223 21.98 -32.37 43.11
C ILE E 223 21.02 -31.24 42.79
N TYR E 224 21.63 -30.05 42.60
CA TYR E 224 20.93 -28.81 42.25
C TYR E 224 19.83 -28.44 43.23
N ASN E 225 20.09 -28.55 44.53
CA ASN E 225 19.14 -28.18 45.55
C ASN E 225 19.75 -27.09 46.40
N SER E 226 21.06 -27.15 46.51
CA SER E 226 21.93 -26.21 47.14
C SER E 226 21.89 -24.95 46.29
N PRO E 227 22.22 -23.79 46.86
CA PRO E 227 22.18 -22.60 46.04
C PRO E 227 23.32 -22.63 45.04
N TYR E 228 23.05 -21.98 43.87
CA TYR E 228 24.03 -21.83 42.81
C TYR E 228 23.79 -20.54 42.06
N ILE E 229 24.87 -19.99 41.51
CA ILE E 229 24.82 -18.72 40.80
C ILE E 229 25.52 -18.84 39.49
N ILE E 230 24.85 -18.47 38.40
CA ILE E 230 25.51 -18.59 37.12
C ILE E 230 25.32 -17.41 36.21
N PRO E 231 26.41 -16.68 36.05
CA PRO E 231 26.44 -15.48 35.25
C PRO E 231 26.19 -15.94 33.82
N GLY E 232 25.29 -15.27 33.13
CA GLY E 232 24.93 -15.59 31.77
C GLY E 232 25.31 -14.44 30.83
N LEU E 233 24.81 -14.46 29.60
CA LEU E 233 25.16 -13.43 28.65
C LEU E 233 24.70 -12.08 29.03
N GLN E 234 23.61 -11.97 29.77
CA GLN E 234 23.11 -10.63 30.02
C GLN E 234 22.49 -10.48 31.40
N ALA E 235 22.39 -11.58 32.13
CA ALA E 235 21.82 -11.57 33.48
C ALA E 235 22.37 -12.74 34.26
N VAL E 236 22.03 -12.79 35.54
CA VAL E 236 22.55 -13.86 36.36
C VAL E 236 21.43 -14.73 36.82
N THR E 237 21.74 -16.02 36.86
CA THR E 237 20.78 -16.99 37.32
C THR E 237 21.03 -17.39 38.73
N LEU E 238 20.09 -17.07 39.60
CA LEU E 238 20.12 -17.47 41.00
C LEU E 238 19.35 -18.78 40.99
N GLY E 239 19.95 -19.81 41.56
CA GLY E 239 19.26 -21.06 41.51
C GLY E 239 19.36 -21.90 42.75
N GLY E 240 18.54 -22.96 42.71
CA GLY E 240 18.54 -23.85 43.81
C GLY E 240 17.40 -24.80 44.07
N THR E 241 16.86 -25.48 43.06
CA THR E 241 15.85 -26.52 43.39
C THR E 241 15.76 -27.58 42.33
N PHE E 242 15.54 -28.82 42.75
CA PHE E 242 15.46 -29.91 41.80
C PHE E 242 14.50 -30.92 42.44
N GLN E 243 13.21 -30.78 42.20
CA GLN E 243 12.19 -31.64 42.79
C GLN E 243 11.65 -32.68 41.83
N VAL E 244 12.08 -33.93 42.00
CA VAL E 244 11.60 -34.95 41.08
C VAL E 244 10.15 -35.33 41.29
N GLY E 245 9.40 -35.41 40.21
CA GLY E 245 8.00 -35.74 40.31
C GLY E 245 7.12 -34.51 40.44
N ASN E 246 7.67 -33.34 40.78
CA ASN E 246 6.77 -32.20 40.87
C ASN E 246 6.41 -31.70 39.48
N TRP E 247 5.12 -31.65 39.18
CA TRP E 247 4.75 -31.18 37.87
C TRP E 247 4.19 -29.80 37.96
N ASN E 248 4.28 -29.21 39.13
CA ASN E 248 3.71 -27.88 39.24
C ASN E 248 4.50 -26.92 38.36
N GLU E 249 3.85 -26.29 37.39
CA GLU E 249 4.66 -25.38 36.62
C GLU E 249 4.68 -23.93 36.92
N ILE E 250 4.20 -23.53 38.09
CA ILE E 250 4.19 -22.13 38.47
C ILE E 250 5.30 -21.85 39.44
N ASN E 251 5.88 -20.66 39.39
CA ASN E 251 6.94 -20.40 40.36
C ASN E 251 6.21 -20.30 41.67
N ASN E 252 6.85 -20.84 42.69
CA ASN E 252 6.37 -20.88 44.06
C ASN E 252 7.09 -19.84 44.92
N ILE E 253 6.37 -19.17 45.80
CA ILE E 253 7.05 -18.24 46.66
C ILE E 253 8.13 -18.85 47.53
N GLN E 254 7.82 -19.91 48.22
CA GLN E 254 8.87 -20.49 49.09
C GLN E 254 10.13 -20.73 48.30
N ASP E 255 9.99 -21.45 47.20
CA ASP E 255 11.19 -21.69 46.44
C ASP E 255 11.93 -20.38 46.17
N HIS E 256 11.17 -19.39 45.73
CA HIS E 256 11.77 -18.12 45.46
C HIS E 256 12.50 -17.71 46.71
N ASN E 257 11.85 -17.77 47.86
CA ASN E 257 12.63 -17.36 49.01
C ASN E 257 13.80 -18.25 49.35
N THR E 258 13.72 -19.53 49.11
CA THR E 258 14.89 -20.24 49.59
C THR E 258 16.02 -19.97 48.63
N ILE E 259 15.68 -19.77 47.39
CA ILE E 259 16.74 -19.53 46.42
C ILE E 259 17.37 -18.20 46.77
N TRP E 260 16.49 -17.22 46.90
CA TRP E 260 17.01 -15.93 47.20
C TRP E 260 17.82 -15.94 48.45
N GLU E 261 17.33 -16.55 49.50
CA GLU E 261 18.12 -16.48 50.72
C GLU E 261 19.40 -17.25 50.59
N GLY E 262 19.36 -18.34 49.88
CA GLY E 262 20.57 -19.13 49.83
C GLY E 262 21.70 -18.47 49.09
N CYS E 263 21.35 -17.88 47.94
CA CYS E 263 22.32 -17.23 47.13
C CYS E 263 22.80 -15.98 47.86
N CYS E 264 21.87 -15.21 48.40
CA CYS E 264 22.23 -13.99 49.08
C CYS E 264 23.24 -14.36 50.16
N ARG E 265 23.24 -15.60 50.63
CA ARG E 265 24.20 -15.87 51.67
C ARG E 265 25.51 -16.16 51.01
N LEU E 266 25.44 -16.94 49.97
CA LEU E 266 26.67 -17.37 49.32
C LEU E 266 27.35 -16.16 48.70
N GLU E 267 26.58 -15.11 48.37
CA GLU E 267 27.02 -13.90 47.67
C GLU E 267 26.24 -12.66 48.05
N PRO E 268 26.68 -12.13 49.16
CA PRO E 268 26.09 -10.99 49.84
C PRO E 268 25.90 -9.78 48.98
N THR E 269 26.62 -9.74 47.87
CA THR E 269 26.47 -8.55 47.10
C THR E 269 25.13 -8.54 46.41
N LEU E 270 24.53 -9.72 46.29
CA LEU E 270 23.23 -9.87 45.62
C LEU E 270 22.23 -8.98 46.30
N LYS E 271 22.55 -8.45 47.46
CA LYS E 271 21.66 -7.59 48.19
C LYS E 271 21.23 -6.50 47.30
N ASP E 272 22.00 -6.25 46.34
CA ASP E 272 21.57 -5.13 45.50
C ASP E 272 21.25 -5.56 44.10
N ALA E 273 21.19 -6.86 43.83
CA ALA E 273 20.86 -7.26 42.48
C ALA E 273 19.38 -6.93 42.30
N LYS E 274 18.96 -6.38 41.15
CA LYS E 274 17.56 -6.05 40.84
C LYS E 274 17.08 -7.42 40.32
N ILE E 275 15.94 -7.92 40.78
CA ILE E 275 15.45 -9.20 40.27
C ILE E 275 14.75 -8.98 38.94
N VAL E 276 15.12 -9.66 37.87
CA VAL E 276 14.41 -9.37 36.63
C VAL E 276 13.39 -10.39 36.20
N GLY E 277 13.38 -11.56 36.84
CA GLY E 277 12.40 -12.61 36.50
C GLY E 277 12.56 -13.90 37.29
N GLU E 278 11.53 -14.76 37.30
CA GLU E 278 11.64 -16.06 37.95
C GLU E 278 11.11 -17.08 36.99
N TYR E 279 11.64 -18.29 37.02
CA TYR E 279 11.16 -19.25 36.06
C TYR E 279 11.22 -20.62 36.65
N THR E 280 10.35 -21.50 36.13
CA THR E 280 10.43 -22.88 36.59
C THR E 280 10.35 -23.80 35.39
N GLY E 281 11.01 -24.95 35.45
CA GLY E 281 10.96 -25.81 34.28
C GLY E 281 11.18 -27.24 34.73
N PHE E 282 10.82 -28.15 33.84
CA PHE E 282 10.95 -29.55 34.19
C PHE E 282 12.17 -30.24 33.61
N ARG E 283 13.13 -30.61 34.43
CA ARG E 283 14.25 -31.30 33.81
C ARG E 283 13.74 -32.67 33.45
N PRO E 284 13.96 -33.08 32.21
CA PRO E 284 13.48 -34.40 31.80
C PRO E 284 14.38 -35.45 32.40
N VAL E 285 14.08 -35.84 33.62
CA VAL E 285 14.86 -36.87 34.29
C VAL E 285 14.64 -38.32 33.85
N ARG E 286 15.72 -39.10 33.74
CA ARG E 286 15.70 -40.51 33.38
C ARG E 286 17.07 -41.04 33.75
N PRO E 287 17.13 -42.25 34.26
CA PRO E 287 18.39 -42.87 34.69
C PRO E 287 19.44 -42.87 33.60
N GLN E 288 19.04 -43.08 32.34
CA GLN E 288 19.97 -43.06 31.19
C GLN E 288 19.13 -42.39 30.10
N VAL E 289 19.79 -41.60 29.27
CA VAL E 289 19.13 -40.90 28.17
C VAL E 289 18.54 -41.93 27.25
N ARG E 290 17.38 -41.67 26.70
CA ARG E 290 16.84 -42.63 25.76
C ARG E 290 17.17 -42.15 24.35
N LEU E 291 18.07 -42.88 23.69
CA LEU E 291 18.46 -42.48 22.35
C LEU E 291 18.63 -43.82 21.63
N GLU E 292 17.59 -44.17 20.88
CA GLU E 292 17.57 -45.46 20.22
C GLU E 292 16.46 -45.46 19.20
N ARG E 293 16.67 -46.36 18.25
CA ARG E 293 15.73 -46.52 17.16
C ARG E 293 14.58 -47.44 17.59
N GLU E 294 13.42 -47.31 16.94
CA GLU E 294 12.26 -48.14 17.29
C GLU E 294 11.31 -48.14 16.11
N GLN E 295 11.02 -49.34 15.59
CA GLN E 295 10.10 -49.46 14.47
C GLN E 295 8.67 -49.49 15.00
N LEU E 296 7.83 -48.62 14.46
CA LEU E 296 6.44 -48.57 14.88
C LEU E 296 5.70 -48.99 13.64
N ARG E 297 4.82 -49.97 13.82
CA ARG E 297 3.98 -50.43 12.73
C ARG E 297 2.49 -50.16 12.99
N PHE E 298 1.81 -49.59 11.99
CA PHE E 298 0.40 -49.28 12.13
C PHE E 298 -0.21 -49.73 10.80
N GLY E 299 -0.78 -50.94 10.86
CA GLY E 299 -1.38 -51.63 9.71
C GLY E 299 -0.31 -52.03 8.67
N SER E 300 -0.25 -51.26 7.58
CA SER E 300 0.73 -51.42 6.50
C SER E 300 1.86 -50.40 6.59
N SER E 301 1.72 -49.41 7.50
CA SER E 301 2.71 -48.37 7.68
C SER E 301 3.98 -48.75 8.43
N ASN E 302 5.11 -48.70 7.73
CA ASN E 302 6.40 -48.99 8.34
C ASN E 302 7.19 -47.71 8.66
N THR E 303 6.87 -47.06 9.76
CA THR E 303 7.59 -45.83 10.14
C THR E 303 8.62 -46.03 11.27
N GLU E 304 9.83 -45.53 11.03
CA GLU E 304 10.91 -45.62 12.01
C GLU E 304 10.82 -44.46 12.95
N VAL E 305 11.27 -44.72 14.17
CA VAL E 305 11.24 -43.69 15.19
C VAL E 305 12.56 -43.71 15.93
N ILE E 306 13.18 -42.54 16.07
CA ILE E 306 14.41 -42.49 16.82
C ILE E 306 14.13 -41.63 18.02
N HIS E 307 14.40 -42.16 19.19
CA HIS E 307 14.15 -41.39 20.38
C HIS E 307 15.42 -40.67 20.83
N ASN E 308 15.24 -39.52 21.46
CA ASN E 308 16.35 -38.79 21.98
C ASN E 308 15.70 -37.93 23.06
N TYR E 309 15.68 -38.46 24.29
CA TYR E 309 15.06 -37.70 25.35
C TYR E 309 15.54 -38.19 26.71
N GLY E 310 15.30 -37.42 27.78
CA GLY E 310 15.70 -37.81 29.13
C GLY E 310 17.06 -37.25 29.51
N HIS E 311 17.43 -36.14 28.87
CA HIS E 311 18.72 -35.53 29.16
C HIS E 311 18.85 -34.83 30.50
N GLY E 312 17.83 -34.96 31.31
CA GLY E 312 17.86 -34.43 32.64
C GLY E 312 18.30 -33.01 32.68
N GLY E 313 19.11 -32.71 33.67
CA GLY E 313 19.60 -31.35 33.84
C GLY E 313 20.90 -31.12 33.07
N TYR E 314 21.19 -31.94 32.07
CA TYR E 314 22.40 -31.80 31.29
C TYR E 314 22.15 -31.77 29.79
N GLY E 315 20.96 -31.29 29.37
CA GLY E 315 20.65 -31.26 27.95
C GLY E 315 21.59 -30.37 27.14
N LEU E 316 21.78 -29.14 27.56
CA LEU E 316 22.65 -28.24 26.81
C LEU E 316 24.03 -28.86 26.79
N THR E 317 24.42 -29.26 27.98
CA THR E 317 25.72 -29.86 28.17
C THR E 317 26.04 -31.02 27.29
N ILE E 318 25.04 -31.75 26.84
CA ILE E 318 25.29 -32.94 26.02
C ILE E 318 24.58 -32.98 24.66
N HIS E 319 23.81 -31.95 24.39
CA HIS E 319 23.05 -31.92 23.16
C HIS E 319 23.71 -32.41 21.89
N TRP E 320 24.90 -31.92 21.58
CA TRP E 320 25.54 -32.27 20.33
C TRP E 320 25.87 -33.73 20.13
N GLY E 321 26.28 -34.38 21.20
CA GLY E 321 26.64 -35.79 21.11
C GLY E 321 25.47 -36.61 20.59
N CYS E 322 24.39 -36.54 21.37
CA CYS E 322 23.16 -37.22 21.05
C CYS E 322 22.79 -36.89 19.61
N ALA E 323 22.90 -35.62 19.25
CA ALA E 323 22.52 -35.26 17.90
C ALA E 323 23.32 -36.01 16.89
N LEU E 324 24.62 -36.05 17.11
CA LEU E 324 25.47 -36.79 16.18
C LEU E 324 24.96 -38.22 16.18
N GLU E 325 24.70 -38.76 17.36
CA GLU E 325 24.20 -40.12 17.42
C GLU E 325 22.93 -40.40 16.62
N VAL E 326 21.89 -39.60 16.85
CA VAL E 326 20.66 -39.82 16.15
C VAL E 326 20.95 -39.79 14.68
N ALA E 327 21.87 -38.93 14.31
CA ALA E 327 22.23 -38.84 12.91
C ALA E 327 22.70 -40.20 12.38
N LYS E 328 23.65 -40.77 13.11
CA LYS E 328 24.19 -42.08 12.76
C LYS E 328 22.99 -43.04 12.59
N LEU E 329 22.12 -43.17 13.58
CA LEU E 329 21.01 -44.07 13.35
C LEU E 329 20.21 -43.64 12.13
N PHE E 330 19.87 -42.35 12.05
CA PHE E 330 19.06 -41.95 10.92
C PHE E 330 19.70 -42.39 9.63
N GLY E 331 21.01 -42.51 9.71
CA GLY E 331 21.76 -42.94 8.55
C GLY E 331 21.40 -44.39 8.29
N LYS E 332 21.58 -45.24 9.31
CA LYS E 332 21.26 -46.65 9.19
C LYS E 332 19.84 -46.79 8.69
N VAL E 333 18.94 -45.98 9.21
CA VAL E 333 17.61 -46.09 8.68
C VAL E 333 17.72 -45.84 7.20
N LEU E 334 18.42 -44.78 6.81
CA LEU E 334 18.58 -44.57 5.39
C LEU E 334 19.29 -45.75 4.74
N GLU E 335 20.31 -46.32 5.39
CA GLU E 335 20.99 -47.43 4.72
C GLU E 335 20.12 -48.65 4.45
N GLU E 336 19.23 -48.94 5.38
CA GLU E 336 18.29 -50.05 5.23
C GLU E 336 17.35 -49.81 4.06
N ARG E 337 17.19 -48.55 3.69
CA ARG E 337 16.37 -48.19 2.56
C ARG E 337 17.30 -48.16 1.32
N ASN E 338 18.57 -48.49 1.50
CA ASN E 338 19.47 -48.46 0.36
C ASN E 338 19.53 -47.03 -0.18
N LEU E 339 19.28 -46.06 0.69
CA LEU E 339 19.31 -44.65 0.32
C LEU E 339 18.09 -44.29 -0.53
N MET F 1 31.22 11.44 -13.33
CA MET F 1 32.35 12.30 -13.03
C MET F 1 32.92 12.13 -11.63
N ARG F 2 34.06 12.78 -11.43
CA ARG F 2 34.74 12.73 -10.16
C ARG F 2 34.26 13.68 -9.11
N VAL F 3 33.62 13.12 -8.09
CA VAL F 3 33.05 14.00 -7.08
C VAL F 3 33.75 13.72 -5.75
N VAL F 4 34.08 14.76 -5.00
CA VAL F 4 34.73 14.55 -3.71
C VAL F 4 34.02 15.32 -2.64
N VAL F 5 33.63 14.56 -1.62
CA VAL F 5 32.92 15.22 -0.56
C VAL F 5 33.90 15.37 0.57
N ILE F 6 34.08 16.60 1.00
CA ILE F 6 35.02 16.78 2.08
C ILE F 6 34.14 16.89 3.30
N GLY F 7 34.28 15.91 4.19
CA GLY F 7 33.55 15.88 5.46
C GLY F 7 32.72 14.61 5.67
N ALA F 8 32.73 14.02 6.85
CA ALA F 8 31.95 12.81 7.03
C ALA F 8 30.97 12.99 8.20
N GLY F 9 30.54 14.23 8.41
CA GLY F 9 29.58 14.55 9.46
C GLY F 9 28.18 14.38 8.87
N VAL F 10 27.14 14.78 9.59
CA VAL F 10 25.81 14.56 9.02
C VAL F 10 25.69 15.19 7.67
N ILE F 11 26.19 16.41 7.57
CA ILE F 11 26.13 17.06 6.26
C ILE F 11 26.75 16.35 5.06
N GLY F 12 28.04 16.06 5.13
CA GLY F 12 28.63 15.42 3.98
C GLY F 12 27.96 14.12 3.60
N LEU F 13 27.86 13.24 4.59
CA LEU F 13 27.29 11.95 4.36
C LEU F 13 25.93 12.04 3.73
N SER F 14 25.06 12.90 4.24
CA SER F 14 23.75 12.98 3.61
C SER F 14 23.94 13.38 2.17
N THR F 15 24.63 14.49 2.02
CA THR F 15 24.84 15.03 0.72
C THR F 15 25.45 14.01 -0.21
N ALA F 16 26.47 13.32 0.25
CA ALA F 16 27.07 12.35 -0.63
C ALA F 16 25.95 11.43 -1.08
N LEU F 17 25.29 10.83 -0.10
CA LEU F 17 24.22 9.90 -0.41
C LEU F 17 23.20 10.52 -1.33
N CYS F 18 22.72 11.66 -0.91
CA CYS F 18 21.71 12.29 -1.69
C CYS F 18 22.11 12.51 -3.15
N ILE F 19 23.32 12.98 -3.39
CA ILE F 19 23.76 13.24 -4.76
C ILE F 19 23.80 11.90 -5.42
N HIS F 20 24.44 10.97 -4.75
CA HIS F 20 24.58 9.67 -5.33
C HIS F 20 23.28 9.00 -5.66
N GLU F 21 22.32 9.18 -4.78
CA GLU F 21 21.05 8.52 -4.95
C GLU F 21 20.41 9.09 -6.21
N ARG F 22 20.45 10.40 -6.45
CA ARG F 22 19.85 11.08 -7.60
C ARG F 22 20.54 11.09 -8.98
N TYR F 23 21.77 10.62 -9.02
CA TYR F 23 22.52 10.69 -10.26
C TYR F 23 23.35 9.48 -10.52
N HIS F 24 23.13 8.35 -9.89
CA HIS F 24 24.04 7.35 -10.30
C HIS F 24 23.30 6.74 -11.47
N SER F 25 22.00 6.99 -11.59
CA SER F 25 21.17 6.46 -12.68
C SER F 25 21.22 7.23 -14.00
N VAL F 26 21.47 8.53 -13.89
CA VAL F 26 21.53 9.40 -15.06
C VAL F 26 22.95 9.40 -15.64
N LEU F 27 23.91 9.85 -14.85
CA LEU F 27 25.29 9.87 -15.29
C LEU F 27 25.92 8.53 -14.93
N GLN F 28 26.26 7.74 -15.95
CA GLN F 28 26.84 6.42 -15.73
C GLN F 28 28.05 6.53 -14.83
N PRO F 29 29.18 7.04 -15.34
CA PRO F 29 30.32 7.15 -14.47
C PRO F 29 30.12 8.32 -13.51
N LEU F 30 29.81 7.99 -12.26
CA LEU F 30 29.63 8.94 -11.16
C LEU F 30 30.50 8.36 -10.05
N ASP F 31 31.65 8.99 -9.87
CA ASP F 31 32.63 8.52 -8.90
C ASP F 31 32.69 9.41 -7.65
N VAL F 32 32.06 8.96 -6.53
CA VAL F 32 32.05 9.72 -5.30
C VAL F 32 33.02 9.20 -4.25
N LYS F 33 33.72 10.11 -3.59
CA LYS F 33 34.66 9.71 -2.56
C LYS F 33 34.42 10.68 -1.44
N VAL F 34 34.77 10.23 -0.25
CA VAL F 34 34.56 11.10 0.86
C VAL F 34 35.88 11.18 1.55
N TYR F 35 36.32 12.42 1.70
CA TYR F 35 37.56 12.61 2.41
C TYR F 35 37.18 13.27 3.71
N ALA F 36 37.75 12.81 4.83
CA ALA F 36 37.49 13.45 6.13
C ALA F 36 38.57 13.07 7.10
N ASP F 37 38.90 14.04 7.94
CA ASP F 37 39.98 13.86 8.90
C ASP F 37 39.40 13.26 10.17
N ARG F 38 38.08 13.25 10.24
CA ARG F 38 37.39 12.69 11.39
C ARG F 38 36.15 12.02 10.83
N PHE F 39 35.83 10.90 11.48
CA PHE F 39 34.66 10.09 11.20
C PHE F 39 34.04 9.71 12.54
N THR F 40 32.78 9.33 12.53
CA THR F 40 32.13 9.02 13.81
C THR F 40 32.97 7.94 14.45
N PRO F 41 33.02 7.91 15.76
CA PRO F 41 32.32 8.81 16.62
C PRO F 41 33.00 10.15 16.73
N PHE F 42 33.87 10.50 15.80
CA PHE F 42 34.53 11.79 16.01
C PHE F 42 34.03 13.17 15.57
N THR F 43 32.93 13.25 14.85
CA THR F 43 32.43 14.53 14.39
C THR F 43 31.62 15.35 15.35
N THR F 44 31.24 16.53 14.89
CA THR F 44 30.45 17.36 15.75
C THR F 44 29.13 16.67 15.84
N THR F 45 28.67 16.21 14.68
CA THR F 45 27.41 15.50 14.60
C THR F 45 27.30 14.46 15.70
N ASP F 46 28.33 13.63 15.88
CA ASP F 46 28.31 12.65 16.97
C ASP F 46 27.97 13.24 18.36
N VAL F 47 28.05 14.52 18.57
CA VAL F 47 27.79 15.03 19.91
C VAL F 47 26.38 15.55 20.04
N ALA F 48 25.80 15.84 18.89
CA ALA F 48 24.48 16.41 18.93
C ALA F 48 23.44 15.54 19.54
N ALA F 49 22.77 16.21 20.45
CA ALA F 49 21.58 15.75 21.13
C ALA F 49 20.68 15.06 20.08
N GLY F 50 20.51 15.66 18.90
CA GLY F 50 19.73 15.04 17.84
C GLY F 50 18.26 15.40 17.77
N LEU F 51 17.84 16.39 18.54
CA LEU F 51 16.43 16.75 18.52
C LEU F 51 16.07 17.61 17.36
N TRP F 52 14.96 17.38 16.70
CA TRP F 52 14.61 18.27 15.60
C TRP F 52 13.85 19.43 16.18
N GLN F 53 14.44 20.62 16.10
CA GLN F 53 13.81 21.85 16.56
C GLN F 53 14.72 23.00 16.15
N PRO F 54 14.25 23.84 15.24
CA PRO F 54 14.96 25.01 14.76
C PRO F 54 15.00 26.04 15.86
N TYR F 55 15.72 27.15 15.56
CA TYR F 55 15.83 28.20 16.56
C TYR F 55 14.50 28.85 16.79
N THR F 56 14.37 29.57 17.89
CA THR F 56 13.08 30.18 18.14
C THR F 56 12.73 31.31 17.16
N SER F 57 13.76 32.07 16.77
CA SER F 57 13.63 33.25 15.88
C SER F 57 13.49 33.08 14.38
N GLU F 58 12.72 33.95 13.75
CA GLU F 58 12.54 33.77 12.32
C GLU F 58 13.85 33.66 11.56
N PRO F 59 13.80 32.88 10.48
CA PRO F 59 14.93 32.57 9.60
C PRO F 59 15.62 33.70 8.84
N SER F 60 16.95 33.78 8.85
CA SER F 60 17.63 34.86 8.11
C SER F 60 17.45 34.63 6.61
N ASN F 61 17.76 33.43 6.11
CA ASN F 61 17.50 33.17 4.72
C ASN F 61 16.16 32.52 4.87
N PRO F 62 15.30 32.69 3.89
CA PRO F 62 14.01 32.04 3.99
C PRO F 62 14.10 30.58 3.52
N GLN F 63 15.00 30.33 2.58
CA GLN F 63 15.14 28.99 2.06
C GLN F 63 15.32 28.10 3.25
N GLU F 64 15.80 28.67 4.31
CA GLU F 64 16.01 27.83 5.42
C GLU F 64 14.80 27.09 5.95
N ALA F 65 13.78 27.77 6.39
CA ALA F 65 12.61 27.12 6.94
C ALA F 65 12.18 26.00 6.02
N ASN F 66 12.21 26.22 4.72
CA ASN F 66 11.79 25.09 3.92
C ASN F 66 12.73 23.93 4.12
N TRP F 67 14.00 24.24 4.23
CA TRP F 67 14.90 23.13 4.43
C TRP F 67 14.52 22.41 5.71
N ASN F 68 14.24 23.18 6.76
CA ASN F 68 13.84 22.56 8.01
C ASN F 68 12.61 21.69 7.84
N GLN F 69 11.61 22.25 7.17
CA GLN F 69 10.43 21.46 6.96
C GLN F 69 10.68 20.21 6.16
N GLN F 70 11.36 20.33 5.04
CA GLN F 70 11.61 19.15 4.23
C GLN F 70 12.29 18.08 5.06
N THR F 71 13.22 18.51 5.91
CA THR F 71 13.92 17.55 6.76
C THR F 71 12.91 16.85 7.67
N PHE F 72 12.08 17.63 8.34
CA PHE F 72 11.13 17.03 9.22
C PHE F 72 10.28 16.00 8.52
N ASN F 73 9.83 16.33 7.33
CA ASN F 73 9.02 15.37 6.63
C ASN F 73 9.76 14.09 6.25
N TYR F 74 10.93 14.22 5.63
CA TYR F 74 11.72 13.04 5.26
C TYR F 74 11.82 12.24 6.56
N LEU F 75 12.06 12.90 7.67
CA LEU F 75 12.13 12.08 8.83
C LEU F 75 10.80 11.44 9.16
N LEU F 76 9.74 12.24 9.34
CA LEU F 76 8.45 11.64 9.68
C LEU F 76 8.09 10.42 8.87
N SER F 77 8.35 10.55 7.56
CA SER F 77 8.03 9.51 6.62
C SER F 77 8.65 8.16 6.99
N HIS F 78 9.76 8.19 7.72
CA HIS F 78 10.37 6.93 8.09
C HIS F 78 9.83 6.39 9.38
N ILE F 79 8.90 7.13 9.97
CA ILE F 79 8.27 6.70 11.21
C ILE F 79 7.20 5.73 10.81
N GLY F 80 7.48 4.45 11.12
CA GLY F 80 6.55 3.40 10.76
C GLY F 80 7.38 2.29 10.15
N SER F 81 8.50 2.71 9.57
CA SER F 81 9.40 1.74 9.02
C SER F 81 10.02 1.00 10.18
N PRO F 82 10.29 -0.27 9.99
CA PRO F 82 10.95 -1.05 11.01
C PRO F 82 12.39 -0.63 11.19
N ASN F 83 12.88 0.30 10.40
CA ASN F 83 14.28 0.69 10.56
C ASN F 83 14.66 1.95 11.29
N ALA F 84 13.66 2.80 11.34
CA ALA F 84 13.76 4.07 11.97
C ALA F 84 14.68 4.12 13.17
N ALA F 85 14.57 3.15 14.06
CA ALA F 85 15.43 3.36 15.20
C ALA F 85 16.80 2.94 14.86
N ASN F 86 16.87 2.08 13.87
CA ASN F 86 18.19 1.62 13.47
C ASN F 86 18.80 2.77 12.74
N MET F 87 17.94 3.61 12.21
CA MET F 87 18.42 4.76 11.50
C MET F 87 18.70 5.84 12.57
N GLY F 88 18.42 5.58 13.85
CA GLY F 88 18.67 6.53 14.92
C GLY F 88 17.49 7.50 15.12
N LEU F 89 16.35 7.14 14.55
CA LEU F 89 15.15 7.97 14.65
C LEU F 89 14.02 7.48 15.57
N THR F 90 13.36 8.36 16.30
CA THR F 90 12.12 8.06 17.08
C THR F 90 11.38 9.28 17.53
N PRO F 91 10.06 9.18 17.64
CA PRO F 91 9.37 10.39 18.04
C PRO F 91 9.67 10.67 19.50
N VAL F 92 9.58 11.91 19.93
CA VAL F 92 9.81 12.27 21.32
C VAL F 92 8.91 13.48 21.52
N SER F 93 8.26 13.54 22.67
CA SER F 93 7.40 14.69 22.91
C SER F 93 8.02 15.49 24.01
N GLY F 94 7.67 16.77 24.11
CA GLY F 94 8.32 17.54 25.16
C GLY F 94 7.96 19.00 25.27
N TYR F 95 8.53 19.58 26.32
CA TYR F 95 8.32 20.96 26.71
C TYR F 95 9.41 21.97 26.36
N ASN F 96 9.00 23.19 25.99
CA ASN F 96 9.88 24.36 25.79
C ASN F 96 9.40 25.33 26.88
N LEU F 97 10.19 25.54 27.92
CA LEU F 97 9.82 26.44 29.00
C LEU F 97 10.43 27.84 28.85
N PHE F 98 9.66 28.85 29.22
CA PHE F 98 10.08 30.22 29.13
C PHE F 98 9.74 30.87 30.42
N ARG F 99 10.37 32.04 30.63
CA ARG F 99 10.19 32.74 31.89
C ARG F 99 9.18 33.85 31.74
N GLU F 100 8.61 33.94 30.53
CA GLU F 100 7.63 34.96 30.23
C GLU F 100 7.04 34.65 28.86
N ALA F 101 5.89 35.27 28.56
CA ALA F 101 5.20 35.04 27.30
C ALA F 101 6.08 35.39 26.14
N VAL F 102 5.96 34.55 25.12
CA VAL F 102 6.80 34.65 23.95
C VAL F 102 6.05 34.20 22.71
N PRO F 103 6.32 34.83 21.59
CA PRO F 103 5.60 34.51 20.37
C PRO F 103 5.88 33.07 19.94
N ASP F 104 4.94 32.50 19.26
CA ASP F 104 4.96 31.10 18.73
C ASP F 104 6.06 30.88 17.73
N PRO F 105 6.67 29.71 17.72
CA PRO F 105 7.77 29.48 16.79
C PRO F 105 7.25 29.38 15.36
N TYR F 106 8.03 29.76 14.36
CA TYR F 106 7.56 29.65 12.97
C TYR F 106 7.32 28.21 12.63
N TRP F 107 8.02 27.30 13.30
CA TRP F 107 7.81 25.90 12.99
C TRP F 107 6.63 25.29 13.72
N LYS F 108 5.89 26.09 14.49
CA LYS F 108 4.78 25.59 15.28
C LYS F 108 3.95 24.57 14.53
N ASP F 109 3.78 24.78 13.24
CA ASP F 109 2.97 23.81 12.53
C ASP F 109 3.75 22.70 11.86
N MET F 110 5.08 22.76 11.90
CA MET F 110 5.86 21.71 11.28
C MET F 110 5.91 20.51 12.20
N VAL F 111 5.92 20.77 13.50
CA VAL F 111 5.97 19.67 14.44
C VAL F 111 4.56 19.15 14.67
N LEU F 112 4.44 18.01 15.35
CA LEU F 112 3.14 17.43 15.67
C LEU F 112 2.54 17.92 17.00
N GLY F 113 1.32 18.43 16.95
CA GLY F 113 0.62 18.83 18.17
C GLY F 113 1.02 20.06 18.97
N PHE F 114 1.62 21.04 18.28
CA PHE F 114 2.06 22.24 18.96
C PHE F 114 0.94 22.79 19.81
N ARG F 115 1.23 23.25 21.01
CA ARG F 115 0.17 23.81 21.82
C ARG F 115 0.82 24.51 23.00
N LYS F 116 0.16 25.49 23.60
CA LYS F 116 0.76 26.24 24.73
C LYS F 116 0.55 25.46 26.01
N LEU F 117 1.51 25.44 26.92
CA LEU F 117 1.28 24.63 28.11
C LEU F 117 0.24 25.28 28.94
N THR F 118 -0.48 24.45 29.67
CA THR F 118 -1.49 24.92 30.60
C THR F 118 -0.76 25.12 31.93
N PRO F 119 -1.47 25.76 32.84
CA PRO F 119 -0.91 26.03 34.16
C PRO F 119 -0.59 24.75 34.90
N ARG F 120 -1.50 23.78 34.90
CA ARG F 120 -1.15 22.55 35.62
C ARG F 120 0.19 22.02 35.11
N GLU F 121 0.37 22.10 33.79
CA GLU F 121 1.60 21.61 33.22
C GLU F 121 2.75 22.45 33.74
N LEU F 122 2.52 23.75 33.70
CA LEU F 122 3.53 24.69 34.15
C LEU F 122 3.92 24.40 35.55
N ASP F 123 2.94 23.97 36.34
CA ASP F 123 3.36 23.74 37.71
C ASP F 123 4.40 22.63 37.85
N MET F 124 4.47 21.80 36.83
CA MET F 124 5.47 20.77 36.81
C MET F 124 6.89 21.38 36.72
N PHE F 125 7.05 22.69 36.48
CA PHE F 125 8.38 23.30 36.33
C PHE F 125 8.17 24.68 36.88
N PRO F 126 8.55 24.86 38.14
CA PRO F 126 8.28 26.08 38.86
C PRO F 126 9.10 27.23 38.46
N ASP F 127 10.30 26.95 38.05
CA ASP F 127 11.05 28.11 37.72
C ASP F 127 10.58 28.91 36.53
N TYR F 128 9.73 28.28 35.73
CA TYR F 128 9.21 28.92 34.52
C TYR F 128 7.80 29.44 34.55
N ARG F 129 7.39 30.24 33.58
CA ARG F 129 6.02 30.78 33.67
C ARG F 129 5.17 30.65 32.37
N TYR F 130 5.78 30.23 31.27
CA TYR F 130 5.05 30.21 30.02
C TYR F 130 5.78 29.21 29.15
N GLY F 131 5.11 28.61 28.17
CA GLY F 131 5.80 27.63 27.34
C GLY F 131 4.95 26.84 26.35
N TRP F 132 5.59 25.90 25.69
CA TRP F 132 4.88 25.11 24.70
C TRP F 132 5.06 23.64 24.91
N PHE F 133 4.28 22.88 24.16
CA PHE F 133 4.34 21.43 24.18
C PHE F 133 4.14 20.95 22.75
N ASN F 134 4.88 19.91 22.40
CA ASN F 134 4.76 19.39 21.05
C ASN F 134 5.53 18.10 20.90
N THR F 135 5.26 17.39 19.81
CA THR F 135 5.89 16.11 19.61
C THR F 135 6.84 16.36 18.46
N SER F 136 7.96 15.65 18.45
CA SER F 136 8.93 15.81 17.39
C SER F 136 9.74 14.56 17.23
N LEU F 137 10.93 14.70 16.65
CA LEU F 137 11.77 13.55 16.40
C LEU F 137 13.14 13.70 16.96
N ILE F 138 13.78 12.55 17.07
CA ILE F 138 15.13 12.53 17.51
C ILE F 138 15.81 11.74 16.42
N LEU F 139 16.89 12.33 15.92
CA LEU F 139 17.67 11.71 14.87
C LEU F 139 19.04 11.79 15.53
N GLU F 140 19.48 10.70 16.15
CA GLU F 140 20.75 10.67 16.83
C GLU F 140 21.96 10.64 15.89
N GLY F 141 22.88 11.56 16.11
CA GLY F 141 24.04 11.73 15.26
C GLY F 141 24.80 10.48 15.00
N ARG F 142 25.40 9.96 16.07
CA ARG F 142 26.24 8.78 15.93
C ARG F 142 25.51 7.70 15.19
N LYS F 143 24.27 7.45 15.59
CA LYS F 143 23.61 6.39 14.86
C LYS F 143 23.39 6.72 13.41
N TYR F 144 22.76 7.86 13.12
CA TYR F 144 22.51 8.29 11.73
C TYR F 144 23.83 8.24 10.95
N LEU F 145 24.93 8.61 11.58
CA LEU F 145 26.18 8.56 10.85
C LEU F 145 26.45 7.15 10.42
N GLN F 146 26.38 6.23 11.36
CA GLN F 146 26.58 4.84 11.01
C GLN F 146 25.65 4.37 9.90
N TRP F 147 24.38 4.78 9.93
CA TRP F 147 23.46 4.35 8.90
C TRP F 147 23.92 4.85 7.53
N LEU F 148 24.06 6.17 7.46
CA LEU F 148 24.49 6.86 6.24
C LEU F 148 25.74 6.15 5.74
N THR F 149 26.62 5.88 6.68
CA THR F 149 27.81 5.22 6.23
C THR F 149 27.54 3.89 5.54
N GLU F 150 26.77 3.02 6.21
CA GLU F 150 26.46 1.71 5.62
C GLU F 150 25.79 1.92 4.28
N ARG F 151 24.77 2.77 4.25
CA ARG F 151 24.13 3.05 2.98
C ARG F 151 25.16 3.45 1.91
N LEU F 152 25.98 4.47 2.19
CA LEU F 152 26.94 4.93 1.20
C LEU F 152 27.81 3.78 0.78
N THR F 153 28.31 3.11 1.79
CA THR F 153 29.16 2.02 1.49
C THR F 153 28.55 1.04 0.52
N GLU F 154 27.32 0.65 0.75
CA GLU F 154 26.70 -0.31 -0.16
C GLU F 154 26.60 0.31 -1.53
N ARG F 155 26.36 1.60 -1.60
CA ARG F 155 26.23 2.23 -2.90
C ARG F 155 27.59 2.39 -3.54
N GLY F 156 28.60 1.93 -2.81
CA GLY F 156 29.96 2.00 -3.32
C GLY F 156 30.68 3.32 -3.17
N VAL F 157 30.26 4.15 -2.24
CA VAL F 157 30.99 5.39 -2.12
C VAL F 157 32.21 5.05 -1.29
N LYS F 158 33.38 5.52 -1.65
CA LYS F 158 34.55 5.20 -0.89
C LYS F 158 34.97 6.28 0.10
N PHE F 159 35.43 5.82 1.25
CA PHE F 159 35.82 6.77 2.29
C PHE F 159 37.33 6.80 2.45
N PHE F 160 37.91 7.95 2.79
CA PHE F 160 39.36 8.07 3.04
C PHE F 160 39.63 9.01 4.19
N LEU F 161 40.42 8.53 5.12
CA LEU F 161 40.71 9.36 6.26
C LEU F 161 41.79 10.28 5.79
N ARG F 162 41.53 11.54 5.45
CA ARG F 162 42.59 12.43 4.95
C ARG F 162 42.27 13.84 5.42
N LYS F 163 43.29 14.65 5.59
CA LYS F 163 43.07 16.06 5.90
C LYS F 163 43.23 16.91 4.65
N VAL F 164 42.15 17.47 4.12
CA VAL F 164 42.37 18.27 2.96
C VAL F 164 43.07 19.53 3.42
N GLU F 165 44.12 19.83 2.66
CA GLU F 165 44.93 20.98 2.90
C GLU F 165 44.50 22.25 2.06
N SER F 166 43.99 22.10 0.82
CA SER F 166 43.58 23.17 -0.07
C SER F 166 42.60 22.59 -1.09
N PHE F 167 41.61 23.36 -1.52
CA PHE F 167 40.69 22.78 -2.50
C PHE F 167 41.52 22.41 -3.70
N GLU F 168 42.52 23.26 -3.90
CA GLU F 168 43.44 23.11 -5.02
C GLU F 168 43.95 21.69 -5.02
N GLU F 169 44.51 21.31 -3.88
CA GLU F 169 45.04 19.97 -3.67
C GLU F 169 44.06 18.96 -4.24
N VAL F 170 42.79 19.16 -3.80
CA VAL F 170 41.66 18.30 -4.20
C VAL F 170 41.45 18.34 -5.71
N ALA F 171 41.52 19.57 -6.18
CA ALA F 171 41.40 19.81 -7.57
C ALA F 171 42.47 19.02 -8.27
N ARG F 172 43.71 19.29 -7.91
CA ARG F 172 44.78 18.62 -8.59
C ARG F 172 44.68 17.11 -8.49
N GLY F 173 43.81 16.68 -7.59
CA GLY F 173 43.65 15.25 -7.40
C GLY F 173 42.92 14.69 -8.57
N GLY F 174 42.11 15.56 -9.18
CA GLY F 174 41.32 15.16 -10.33
C GLY F 174 39.83 15.19 -10.03
N ALA F 175 39.48 15.96 -9.04
CA ALA F 175 38.08 16.06 -8.75
C ALA F 175 37.40 17.04 -9.71
N ASP F 176 36.25 16.67 -10.29
CA ASP F 176 35.46 17.58 -11.15
C ASP F 176 34.59 18.41 -10.23
N VAL F 177 33.88 17.74 -9.36
CA VAL F 177 33.18 18.58 -8.45
C VAL F 177 33.82 18.25 -7.10
N ILE F 178 33.59 19.15 -6.14
CA ILE F 178 34.06 19.12 -4.78
C ILE F 178 32.95 19.73 -3.87
N ILE F 179 32.47 18.97 -2.88
CA ILE F 179 31.39 19.40 -2.00
C ILE F 179 32.02 19.67 -0.64
N ASN F 180 32.01 20.94 -0.27
CA ASN F 180 32.67 21.35 0.97
C ASN F 180 31.70 21.25 2.11
N CYS F 181 31.96 20.30 3.01
CA CYS F 181 31.06 20.09 4.14
C CYS F 181 31.93 19.95 5.37
N THR F 182 32.79 20.93 5.57
CA THR F 182 33.75 20.91 6.65
C THR F 182 33.33 21.57 7.95
N GLY F 183 32.06 21.92 8.05
CA GLY F 183 31.59 22.49 9.31
C GLY F 183 32.41 23.60 9.90
N VAL F 184 32.49 23.76 11.22
CA VAL F 184 33.27 24.89 11.74
C VAL F 184 34.65 25.04 11.15
N TRP F 185 35.24 23.94 10.72
CA TRP F 185 36.57 24.08 10.19
C TRP F 185 36.62 24.50 8.74
N ALA F 186 35.49 24.90 8.20
CA ALA F 186 35.44 25.26 6.79
C ALA F 186 36.39 26.41 6.48
N GLY F 187 36.60 27.21 7.53
CA GLY F 187 37.43 28.39 7.40
C GLY F 187 38.81 28.12 6.81
N VAL F 188 39.46 27.14 7.37
CA VAL F 188 40.78 26.80 6.90
C VAL F 188 40.86 26.59 5.40
N LEU F 189 39.85 26.01 4.77
CA LEU F 189 39.91 25.76 3.35
C LEU F 189 39.77 27.04 2.53
N GLN F 190 39.08 27.99 3.16
CA GLN F 190 38.84 29.32 2.62
C GLN F 190 38.29 30.14 3.79
N PRO F 191 38.86 31.29 4.07
CA PRO F 191 38.41 32.12 5.19
C PRO F 191 36.97 32.55 4.98
N ASP F 192 36.36 32.62 6.16
CA ASP F 192 34.95 33.01 6.33
C ASP F 192 34.77 33.46 7.76
N PRO F 193 34.88 34.75 7.92
CA PRO F 193 34.78 35.38 9.22
C PRO F 193 33.39 35.23 9.76
N LEU F 194 32.47 34.78 8.91
CA LEU F 194 31.11 34.61 9.36
C LEU F 194 30.86 33.42 10.25
N LEU F 195 31.62 32.39 9.93
CA LEU F 195 31.62 31.11 10.60
C LEU F 195 32.33 31.16 11.93
N GLN F 196 31.79 30.49 12.96
CA GLN F 196 32.41 30.45 14.26
C GLN F 196 32.00 29.30 15.17
N PRO F 197 32.91 28.86 16.01
CA PRO F 197 32.59 27.81 16.94
C PRO F 197 31.54 28.29 17.95
N GLY F 198 30.45 27.53 18.06
CA GLY F 198 29.39 27.77 19.04
C GLY F 198 29.62 26.55 19.93
N ARG F 199 30.46 26.69 20.93
CA ARG F 199 30.83 25.55 21.73
C ARG F 199 29.74 25.06 22.64
N GLY F 200 29.62 23.74 22.74
CA GLY F 200 28.65 23.21 23.66
C GLY F 200 29.21 21.96 24.30
N GLN F 201 29.02 21.84 25.60
CA GLN F 201 29.45 20.67 26.36
C GLN F 201 28.15 20.03 26.84
N ILE F 202 28.11 18.71 27.05
CA ILE F 202 26.89 18.06 27.55
C ILE F 202 27.33 16.87 28.38
N ILE F 203 26.44 16.49 29.30
CA ILE F 203 26.69 15.32 30.12
C ILE F 203 25.69 14.28 29.63
N LYS F 204 26.12 13.06 29.41
CA LYS F 204 25.21 11.96 29.06
C LYS F 204 24.96 11.19 30.34
N VAL F 205 23.69 10.99 30.62
CA VAL F 205 23.43 10.36 31.87
C VAL F 205 22.46 9.21 31.62
N ASP F 206 22.46 8.23 32.50
CA ASP F 206 21.54 7.11 32.35
C ASP F 206 20.37 7.40 33.27
N ALA F 207 19.21 7.72 32.68
CA ALA F 207 18.01 8.04 33.47
C ALA F 207 16.78 7.77 32.60
N PRO F 208 16.54 6.48 32.39
CA PRO F 208 15.46 5.97 31.58
C PRO F 208 14.10 6.42 31.95
N TRP F 209 13.88 6.75 33.21
CA TRP F 209 12.51 7.12 33.40
C TRP F 209 12.18 8.43 32.76
N LEU F 210 13.16 9.17 32.23
CA LEU F 210 12.78 10.46 31.61
C LEU F 210 12.36 10.22 30.17
N LYS F 211 11.08 10.40 29.85
CA LYS F 211 10.63 10.11 28.50
C LYS F 211 10.45 11.30 27.59
N ASN F 212 10.53 12.49 28.15
CA ASN F 212 10.29 13.64 27.29
C ASN F 212 11.37 14.69 27.39
N PHE F 213 11.57 15.43 26.31
CA PHE F 213 12.58 16.46 26.40
C PHE F 213 11.99 17.71 27.09
N ILE F 214 12.87 18.52 27.68
CA ILE F 214 12.50 19.75 28.34
C ILE F 214 13.63 20.70 27.93
N ILE F 215 13.26 21.77 27.27
CA ILE F 215 14.21 22.72 26.80
C ILE F 215 13.80 24.08 27.36
N THR F 216 14.66 24.54 28.25
CA THR F 216 14.50 25.80 28.95
C THR F 216 15.08 26.93 28.11
N HIS F 217 14.67 28.18 28.34
CA HIS F 217 15.26 29.31 27.62
C HIS F 217 15.44 30.58 28.49
N ASP F 218 16.66 31.14 28.48
CA ASP F 218 16.87 32.40 29.18
C ASP F 218 17.13 33.48 28.15
N LEU F 219 16.03 34.22 27.89
CA LEU F 219 16.00 35.26 26.92
C LEU F 219 17.22 36.16 27.09
N GLU F 220 17.51 36.45 28.37
CA GLU F 220 18.67 37.23 28.73
C GLU F 220 19.92 36.44 28.35
N ARG F 221 20.06 35.30 29.03
CA ARG F 221 21.18 34.39 28.90
C ARG F 221 21.49 33.87 27.50
N GLY F 222 20.72 34.35 26.50
CA GLY F 222 20.91 33.87 25.13
C GLY F 222 20.53 32.41 25.00
N ILE F 223 20.08 32.00 23.83
CA ILE F 223 19.63 30.64 23.56
C ILE F 223 20.68 29.60 23.85
N TYR F 224 20.21 28.39 24.23
CA TYR F 224 21.07 27.26 24.59
C TYR F 224 22.08 27.55 25.66
N ASN F 225 21.75 28.37 26.66
CA ASN F 225 22.65 28.64 27.77
C ASN F 225 22.02 28.05 29.00
N SER F 226 20.73 27.95 28.88
CA SER F 226 19.81 27.52 29.89
C SER F 226 19.89 25.99 29.94
N PRO F 227 19.51 25.38 31.03
CA PRO F 227 19.59 23.93 31.06
C PRO F 227 18.53 23.34 30.16
N TYR F 228 18.87 22.14 29.61
CA TYR F 228 17.97 21.39 28.77
C TYR F 228 18.24 19.90 28.91
N ILE F 229 17.19 19.10 28.71
CA ILE F 229 17.28 17.65 28.88
C ILE F 229 16.67 16.98 27.70
N ILE F 230 17.41 16.07 27.07
CA ILE F 230 16.83 15.41 25.92
C ILE F 230 17.08 13.92 25.87
N PRO F 231 15.99 13.20 26.10
CA PRO F 231 16.00 11.75 26.14
C PRO F 231 16.35 11.32 24.74
N GLY F 232 17.29 10.39 24.60
CA GLY F 232 17.74 9.87 23.33
C GLY F 232 17.42 8.39 23.20
N LEU F 233 18.00 7.71 22.23
CA LEU F 233 17.71 6.32 22.03
C LEU F 233 18.12 5.45 23.16
N GLN F 234 19.16 5.81 23.88
CA GLN F 234 19.63 4.88 24.88
C GLN F 234 20.15 5.57 26.12
N ALA F 235 20.21 6.90 26.10
CA ALA F 235 20.69 7.68 27.23
C ALA F 235 20.10 9.07 27.18
N VAL F 236 20.36 9.86 28.20
CA VAL F 236 19.80 11.20 28.22
C VAL F 236 20.89 12.21 28.16
N THR F 237 20.59 13.27 27.41
CA THR F 237 21.53 14.35 27.29
C THR F 237 21.18 15.49 28.21
N LEU F 238 22.07 15.77 29.14
CA LEU F 238 21.94 16.90 30.04
C LEU F 238 22.73 17.99 29.33
N GLY F 239 22.10 19.13 29.16
CA GLY F 239 22.80 20.14 28.44
C GLY F 239 22.62 21.54 28.96
N GLY F 240 23.45 22.40 28.36
CA GLY F 240 23.39 23.77 28.74
C GLY F 240 24.52 24.74 28.47
N THR F 241 25.13 24.73 27.29
CA THR F 241 26.13 25.79 27.02
C THR F 241 26.30 26.05 25.54
N PHE F 242 26.50 27.31 25.19
CA PHE F 242 26.66 27.66 23.79
C PHE F 242 27.57 28.88 23.77
N GLN F 243 28.88 28.66 23.74
CA GLN F 243 29.87 29.74 23.78
C GLN F 243 30.48 30.05 22.43
N VAL F 244 30.06 31.15 21.83
CA VAL F 244 30.60 31.47 20.53
C VAL F 244 32.04 31.94 20.56
N GLY F 245 32.86 31.40 19.67
CA GLY F 245 34.25 31.77 19.64
C GLY F 245 35.11 30.87 20.52
N ASN F 246 34.53 30.12 21.43
CA ASN F 246 35.41 29.25 22.22
C ASN F 246 35.86 28.05 21.42
N TRP F 247 37.16 27.87 21.27
CA TRP F 247 37.62 26.75 20.50
C TRP F 247 38.16 25.70 21.40
N ASN F 248 37.98 25.89 22.69
CA ASN F 248 38.53 24.87 23.58
C ASN F 248 37.79 23.57 23.37
N GLU F 249 38.50 22.52 22.98
CA GLU F 249 37.73 21.30 22.83
C GLU F 249 37.68 20.29 23.92
N ILE F 250 38.08 20.65 25.12
CA ILE F 250 38.06 19.73 26.25
C ILE F 250 36.88 20.03 27.13
N ASN F 251 36.29 19.01 27.75
CA ASN F 251 35.17 19.32 28.62
C ASN F 251 35.80 20.03 29.79
N ASN F 252 35.10 21.02 30.28
CA ASN F 252 35.49 21.87 31.38
C ASN F 252 34.70 21.50 32.65
N ILE F 253 35.36 21.48 33.80
CA ILE F 253 34.61 21.19 35.00
C ILE F 253 33.48 22.17 35.29
N GLN F 254 33.69 23.47 35.23
CA GLN F 254 32.65 24.49 35.56
C GLN F 254 31.44 24.25 34.68
N ASP F 255 31.68 24.04 33.40
CA ASP F 255 30.54 23.76 32.57
C ASP F 255 29.80 22.51 33.06
N HIS F 256 30.58 21.47 33.32
CA HIS F 256 29.98 20.26 33.80
C HIS F 256 29.17 20.62 35.02
N ASN F 257 29.74 21.36 35.95
CA ASN F 257 28.89 21.67 37.09
C ASN F 257 27.69 22.55 36.77
N THR F 258 27.81 23.46 35.84
CA THR F 258 26.62 24.27 35.75
C THR F 258 25.55 23.47 35.06
N ILE F 259 25.97 22.59 34.18
CA ILE F 259 24.97 21.82 33.48
C ILE F 259 24.31 20.90 34.49
N TRP F 260 25.16 20.21 35.21
CA TRP F 260 24.62 19.31 36.18
C TRP F 260 23.73 20.02 37.14
N GLU F 261 24.15 21.14 37.67
CA GLU F 261 23.28 21.76 38.65
C GLU F 261 22.02 22.27 38.03
N GLY F 262 22.11 22.76 36.81
CA GLY F 262 20.91 23.33 36.23
C GLY F 262 19.83 22.33 35.96
N CYS F 263 20.26 21.21 35.39
CA CYS F 263 19.33 20.16 35.04
C CYS F 263 18.80 19.56 36.33
N CYS F 264 19.69 19.27 37.27
CA CYS F 264 19.27 18.65 38.51
C CYS F 264 18.20 19.55 39.11
N ARG F 265 18.17 20.83 38.78
CA ARG F 265 17.11 21.65 39.39
C ARG F 265 15.83 21.45 38.61
N LEU F 266 16.02 21.47 37.33
CA LEU F 266 14.86 21.42 36.48
C LEU F 266 14.21 20.04 36.64
N GLU F 267 14.99 19.03 37.02
CA GLU F 267 14.59 17.62 37.12
C GLU F 267 15.31 16.84 38.20
N PRO F 268 14.80 17.04 39.38
CA PRO F 268 15.34 16.53 40.63
C PRO F 268 15.57 15.05 40.64
N THR F 269 14.93 14.35 39.73
CA THR F 269 15.11 12.94 39.78
C THR F 269 16.49 12.58 39.31
N LEU F 270 17.12 13.49 38.57
CA LEU F 270 18.47 13.27 38.02
C LEU F 270 19.40 12.97 39.15
N LYS F 271 18.94 13.29 40.36
CA LYS F 271 19.69 13.01 41.62
C LYS F 271 20.20 11.58 41.56
N ASP F 272 19.60 10.76 40.75
CA ASP F 272 20.08 9.38 40.75
C ASP F 272 20.50 8.93 39.38
N ALA F 273 20.59 9.84 38.41
CA ALA F 273 21.00 9.39 37.11
C ALA F 273 22.50 9.07 37.25
N LYS F 274 22.99 7.98 36.65
CA LYS F 274 24.40 7.58 36.67
C LYS F 274 24.93 8.40 35.48
N ILE F 275 26.05 9.10 35.64
CA ILE F 275 26.58 9.88 34.50
C ILE F 275 27.36 8.94 33.60
N VAL F 276 27.07 8.87 32.31
CA VAL F 276 27.85 7.94 31.52
C VAL F 276 28.92 8.56 30.64
N GLY F 277 28.90 9.88 30.47
CA GLY F 277 29.91 10.56 29.66
C GLY F 277 29.71 12.08 29.55
N GLU F 278 30.73 12.81 29.11
CA GLU F 278 30.59 14.25 28.89
C GLU F 278 31.19 14.53 27.55
N TYR F 279 30.68 15.53 26.84
CA TYR F 279 31.23 15.78 25.53
C TYR F 279 31.15 17.24 25.22
N THR F 280 32.05 17.67 24.34
CA THR F 280 31.95 19.06 23.92
C THR F 280 32.11 19.12 22.40
N GLY F 281 31.48 20.08 21.75
CA GLY F 281 31.61 20.10 20.31
C GLY F 281 31.38 21.53 19.84
N PHE F 282 31.80 21.77 18.59
CA PHE F 282 31.65 23.11 18.07
C PHE F 282 30.50 23.31 17.13
N ARG F 283 29.48 24.04 17.53
CA ARG F 283 28.41 24.20 16.56
C ARG F 283 28.96 25.13 15.50
N PRO F 284 28.83 24.74 14.24
CA PRO F 284 29.34 25.60 13.17
C PRO F 284 28.42 26.78 13.00
N VAL F 285 28.64 27.82 13.78
CA VAL F 285 27.82 29.01 13.69
C VAL F 285 28.09 29.95 12.51
N ARG F 286 27.02 30.49 11.90
CA ARG F 286 27.09 31.43 10.79
C ARG F 286 25.70 32.03 10.70
N PRO F 287 25.60 33.33 10.42
CA PRO F 287 24.34 34.03 10.32
C PRO F 287 23.35 33.37 9.39
N GLN F 288 23.82 32.75 8.33
CA GLN F 288 22.90 32.06 7.46
C GLN F 288 23.81 31.02 6.79
N VAL F 289 23.28 29.83 6.57
CA VAL F 289 24.00 28.64 6.12
C VAL F 289 24.66 28.96 4.82
N ARG F 290 25.86 28.47 4.58
CA ARG F 290 26.47 28.72 3.29
C ARG F 290 26.23 27.52 2.41
N LEU F 291 25.39 27.69 1.40
CA LEU F 291 25.08 26.58 0.50
C LEU F 291 24.98 27.25 -0.86
N GLU F 292 26.06 27.15 -1.61
CA GLU F 292 26.14 27.81 -2.89
C GLU F 292 27.31 27.26 -3.66
N ARG F 293 27.18 27.44 -4.96
CA ARG F 293 28.19 26.97 -5.88
C ARG F 293 29.32 28.01 -6.00
N GLU F 294 30.51 27.58 -6.38
CA GLU F 294 31.66 28.48 -6.51
C GLU F 294 32.69 27.83 -7.41
N GLN F 295 33.02 28.51 -8.51
CA GLN F 295 34.01 27.99 -9.44
C GLN F 295 35.40 28.36 -8.94
N LEU F 296 36.27 27.37 -8.81
CA LEU F 296 37.63 27.62 -8.38
C LEU F 296 38.46 27.27 -9.57
N ARG F 297 39.33 28.19 -9.93
CA ARG F 297 40.25 27.97 -11.05
C ARG F 297 41.72 27.95 -10.58
N PHE F 298 42.45 26.93 -11.03
CA PHE F 298 43.86 26.79 -10.65
C PHE F 298 44.55 26.42 -11.95
N GLY F 299 45.13 27.45 -12.58
CA GLY F 299 45.81 27.37 -13.87
C GLY F 299 44.81 27.06 -15.01
N SER F 300 44.81 25.80 -15.46
CA SER F 300 43.91 25.29 -16.50
C SER F 300 42.76 24.47 -15.89
N SER F 301 42.84 24.19 -14.58
CA SER F 301 41.84 23.41 -13.87
C SER F 301 40.52 24.12 -13.57
N ASN F 302 39.44 23.64 -14.17
CA ASN F 302 38.11 24.19 -13.92
C ASN F 302 37.30 23.30 -12.99
N THR F 303 37.53 23.42 -11.68
CA THR F 303 36.77 22.61 -10.71
C THR F 303 35.67 23.39 -9.96
N GLU F 304 34.47 22.81 -9.94
CA GLU F 304 33.33 23.42 -9.27
C GLU F 304 33.35 23.02 -7.82
N VAL F 305 32.82 23.91 -7.01
CA VAL F 305 32.78 23.67 -5.58
C VAL F 305 31.41 24.07 -5.07
N ILE F 306 30.77 23.18 -4.32
CA ILE F 306 29.49 23.53 -3.74
C ILE F 306 29.68 23.53 -2.25
N HIS F 307 29.33 24.63 -1.64
CA HIS F 307 29.50 24.70 -0.20
C HIS F 307 28.20 24.34 0.50
N ASN F 308 28.33 23.76 1.69
CA ASN F 308 27.17 23.43 2.47
C ASN F 308 27.74 23.38 3.89
N TYR F 309 27.69 24.50 4.58
CA TYR F 309 28.22 24.53 5.93
C TYR F 309 27.66 25.70 6.72
N GLY F 310 27.83 25.70 8.05
CA GLY F 310 27.33 26.77 8.89
C GLY F 310 25.95 26.50 9.45
N HIS F 311 25.61 25.21 9.54
CA HIS F 311 24.30 24.83 10.06
C HIS F 311 24.08 25.03 11.54
N GLY F 312 25.04 25.65 12.19
CA GLY F 312 24.91 25.98 13.58
C GLY F 312 24.46 24.82 14.41
N GLY F 313 23.59 25.13 15.33
CA GLY F 313 23.07 24.12 16.23
C GLY F 313 21.82 23.43 15.66
N TYR F 314 21.66 23.44 14.33
CA TYR F 314 20.49 22.87 13.67
C TYR F 314 20.86 22.03 12.46
N GLY F 315 22.01 21.43 12.55
CA GLY F 315 22.42 20.61 11.42
C GLY F 315 21.53 19.39 11.22
N LEU F 316 21.30 18.61 12.28
CA LEU F 316 20.47 17.41 12.12
C LEU F 316 19.10 17.86 11.67
N THR F 317 18.63 18.87 12.38
CA THR F 317 17.33 19.43 12.11
C THR F 317 17.08 19.86 10.70
N ILE F 318 18.12 20.22 9.97
CA ILE F 318 17.93 20.71 8.61
C ILE F 318 18.73 19.98 7.53
N HIS F 319 19.51 19.00 7.94
CA HIS F 319 20.35 18.30 7.00
C HIS F 319 19.78 17.94 5.64
N TRP F 320 18.60 17.33 5.61
CA TRP F 320 18.06 16.87 4.35
C TRP F 320 17.76 17.93 3.32
N GLY F 321 17.28 19.07 3.80
CA GLY F 321 16.94 20.16 2.88
C GLY F 321 18.15 20.57 2.05
N CYS F 322 19.17 20.99 2.79
CA CYS F 322 20.43 21.40 2.21
C CYS F 322 20.90 20.31 1.25
N ALA F 323 20.79 19.06 1.68
CA ALA F 323 21.26 17.99 0.83
C ALA F 323 20.54 18.01 -0.47
N LEU F 324 19.23 18.13 -0.41
CA LEU F 324 18.44 18.17 -1.63
C LEU F 324 18.96 19.35 -2.45
N GLU F 325 19.15 20.48 -1.77
CA GLU F 325 19.66 21.64 -2.47
C GLU F 325 20.99 21.45 -3.22
N VAL F 326 22.00 20.95 -2.50
CA VAL F 326 23.27 20.77 -3.12
C VAL F 326 23.08 19.89 -4.33
N ALA F 327 22.18 18.95 -4.18
CA ALA F 327 21.93 18.05 -5.29
C ALA F 327 21.51 18.84 -6.53
N LYS F 328 20.50 19.70 -6.33
CA LYS F 328 20.01 20.55 -7.41
C LYS F 328 21.22 21.27 -8.03
N LEU F 329 22.02 21.97 -7.25
CA LEU F 329 23.15 22.61 -7.88
C LEU F 329 24.03 21.58 -8.58
N PHE F 330 24.36 20.50 -7.89
CA PHE F 330 25.24 19.54 -8.53
C PHE F 330 24.69 19.13 -9.86
N GLY F 331 23.37 19.24 -9.95
CA GLY F 331 22.72 18.89 -11.18
C GLY F 331 23.10 19.94 -12.21
N LYS F 332 22.87 21.21 -11.88
CA LYS F 332 23.21 22.31 -12.78
C LYS F 332 24.66 22.18 -13.18
N VAL F 333 25.51 21.84 -12.23
CA VAL F 333 26.88 21.67 -12.65
C VAL F 333 26.86 20.61 -13.71
N LEU F 334 26.18 19.50 -13.46
CA LEU F 334 26.11 18.49 -14.51
C LEU F 334 25.46 19.06 -15.76
N GLU F 335 24.40 19.88 -15.62
CA GLU F 335 23.78 20.37 -16.84
C GLU F 335 24.68 21.23 -17.72
N GLU F 336 25.51 22.05 -17.08
CA GLU F 336 26.46 22.89 -17.79
C GLU F 336 27.48 22.05 -18.54
N ARG F 337 27.65 20.82 -18.11
CA ARG F 337 28.55 19.88 -18.77
C ARG F 337 27.70 19.12 -19.81
N ASN F 338 26.42 19.46 -19.93
CA ASN F 338 25.60 18.74 -20.91
C ASN F 338 25.55 17.26 -20.51
N LEU F 339 25.74 16.99 -19.23
CA LEU F 339 25.73 15.61 -18.72
C LEU F 339 27.00 14.86 -19.13
N MET G 1 7.38 -35.30 -28.24
CA MET G 1 8.47 -34.68 -27.52
C MET G 1 8.11 -33.35 -26.86
N ARG G 2 8.97 -32.86 -25.97
CA ARG G 2 8.75 -31.63 -25.21
C ARG G 2 9.16 -30.42 -26.05
N VAL G 3 8.16 -29.63 -26.41
CA VAL G 3 8.42 -28.45 -27.24
C VAL G 3 8.03 -27.23 -26.42
N VAL G 4 8.83 -26.17 -26.48
CA VAL G 4 8.51 -24.95 -25.73
C VAL G 4 8.58 -23.75 -26.64
N VAL G 5 7.48 -23.04 -26.66
CA VAL G 5 7.46 -21.89 -27.52
C VAL G 5 7.61 -20.71 -26.62
N ILE G 6 8.63 -19.92 -26.89
CA ILE G 6 8.81 -18.76 -26.05
C ILE G 6 8.22 -17.63 -26.83
N GLY G 7 7.13 -17.07 -26.30
CA GLY G 7 6.45 -15.92 -26.91
C GLY G 7 4.97 -16.16 -27.19
N ALA G 8 4.09 -15.21 -26.90
CA ALA G 8 2.69 -15.46 -27.14
C ALA G 8 2.12 -14.37 -28.07
N GLY G 9 2.98 -13.83 -28.92
CA GLY G 9 2.58 -12.80 -29.89
C GLY G 9 2.08 -13.53 -31.14
N VAL G 10 1.83 -12.80 -32.23
CA VAL G 10 1.32 -13.50 -33.40
C VAL G 10 2.23 -14.60 -33.81
N ILE G 11 3.51 -14.31 -33.82
CA ILE G 11 4.47 -15.35 -34.19
C ILE G 11 4.44 -16.66 -33.39
N GLY G 12 4.64 -16.59 -32.08
CA GLY G 12 4.66 -17.83 -31.34
C GLY G 12 3.37 -18.63 -31.49
N LEU G 13 2.27 -17.95 -31.20
CA LEU G 13 1.00 -18.59 -31.25
C LEU G 13 0.76 -19.28 -32.56
N SER G 14 1.03 -18.60 -33.68
CA SER G 14 0.80 -19.28 -34.95
C SER G 14 1.66 -20.52 -35.00
N THR G 15 2.94 -20.26 -34.79
CA THR G 15 3.88 -21.33 -34.85
C THR G 15 3.49 -22.48 -33.95
N ALA G 16 3.14 -22.17 -32.72
CA ALA G 16 2.78 -23.24 -31.85
C ALA G 16 1.69 -24.03 -32.55
N LEU G 17 0.62 -23.34 -32.88
CA LEU G 17 -0.50 -23.97 -33.52
C LEU G 17 -0.06 -24.74 -34.75
N CYS G 18 0.62 -24.05 -35.61
CA CYS G 18 1.03 -24.67 -36.82
C CYS G 18 1.82 -25.96 -36.60
N ILE G 19 2.77 -25.96 -35.67
CA ILE G 19 3.57 -27.16 -35.42
C ILE G 19 2.60 -28.19 -34.91
N HIS G 20 1.83 -27.77 -33.93
CA HIS G 20 0.92 -28.70 -33.34
C HIS G 20 -0.06 -29.32 -34.31
N GLU G 21 -0.54 -28.49 -35.22
CA GLU G 21 -1.52 -28.95 -36.16
C GLU G 21 -0.88 -30.03 -37.02
N ARG G 22 0.34 -29.83 -37.51
CA ARG G 22 0.94 -30.90 -38.34
C ARG G 22 1.56 -32.13 -37.67
N TYR G 23 2.19 -31.90 -36.53
CA TYR G 23 2.83 -32.99 -35.81
C TYR G 23 2.06 -33.69 -34.69
N HIS G 24 0.83 -33.33 -34.37
CA HIS G 24 0.13 -34.01 -33.29
C HIS G 24 -0.24 -35.43 -33.74
N SER G 25 -0.25 -35.64 -35.05
CA SER G 25 -0.58 -36.94 -35.64
C SER G 25 0.60 -37.87 -35.81
N VAL G 26 1.55 -37.47 -36.66
CA VAL G 26 2.74 -38.25 -36.96
C VAL G 26 3.69 -38.31 -35.76
N LEU G 27 3.14 -37.99 -34.59
CA LEU G 27 3.90 -38.03 -33.34
C LEU G 27 2.91 -38.30 -32.22
N GLN G 28 2.98 -39.50 -31.67
CA GLN G 28 2.07 -39.88 -30.61
C GLN G 28 1.97 -38.89 -29.45
N PRO G 29 2.99 -38.82 -28.59
CA PRO G 29 2.92 -37.89 -27.47
C PRO G 29 3.56 -36.50 -27.42
N LEU G 30 3.43 -35.72 -28.49
CA LEU G 30 3.97 -34.33 -28.50
C LEU G 30 3.45 -33.39 -27.41
N ASP G 31 4.40 -32.72 -26.77
CA ASP G 31 3.97 -31.79 -25.76
C ASP G 31 4.46 -30.35 -25.99
N VAL G 32 3.46 -29.51 -26.21
CA VAL G 32 3.75 -28.10 -26.46
C VAL G 32 3.34 -27.19 -25.31
N LYS G 33 4.20 -26.24 -24.99
CA LYS G 33 3.89 -25.31 -23.91
C LYS G 33 4.32 -23.97 -24.44
N VAL G 34 3.69 -22.95 -23.90
CA VAL G 34 4.03 -21.65 -24.37
C VAL G 34 4.39 -20.86 -23.15
N TYR G 35 5.59 -20.32 -23.21
CA TYR G 35 6.01 -19.49 -22.10
C TYR G 35 6.05 -18.09 -22.65
N ALA G 36 5.53 -17.12 -21.89
CA ALA G 36 5.58 -15.71 -22.32
C ALA G 36 5.37 -14.82 -21.12
N ASP G 37 6.09 -13.71 -21.14
CA ASP G 37 6.04 -12.76 -20.03
C ASP G 37 4.92 -11.78 -20.28
N ARG G 38 4.39 -11.82 -21.50
CA ARG G 38 3.29 -10.94 -21.87
C ARG G 38 2.41 -11.76 -22.79
N PHE G 39 1.11 -11.49 -22.63
CA PHE G 39 0.06 -12.10 -23.42
C PHE G 39 -0.91 -10.97 -23.79
N THR G 40 -1.72 -11.19 -24.81
CA THR G 40 -2.62 -10.12 -25.22
C THR G 40 -3.45 -9.77 -24.02
N PRO G 41 -3.86 -8.52 -23.89
CA PRO G 41 -3.58 -7.48 -24.84
C PRO G 41 -2.19 -6.93 -24.72
N PHE G 42 -1.28 -7.66 -24.09
CA PHE G 42 0.05 -7.02 -23.96
C PHE G 42 1.19 -7.07 -24.96
N THR G 43 1.06 -7.82 -26.05
CA THR G 43 2.14 -7.91 -27.02
C THR G 43 2.26 -6.81 -28.03
N THR G 44 3.29 -6.92 -28.85
CA THR G 44 3.46 -5.91 -29.85
C THR G 44 2.34 -6.13 -30.81
N THR G 45 2.11 -7.41 -31.12
CA THR G 45 1.05 -7.80 -32.01
C THR G 45 -0.24 -7.05 -31.67
N ASP G 46 -0.64 -7.06 -30.40
CA ASP G 46 -1.83 -6.32 -29.99
C ASP G 46 -1.86 -4.84 -30.46
N VAL G 47 -0.77 -4.25 -30.87
CA VAL G 47 -0.83 -2.85 -31.24
C VAL G 47 -0.95 -2.68 -32.73
N ALA G 48 -0.56 -3.73 -33.43
CA ALA G 48 -0.56 -3.62 -34.86
C ALA G 48 -1.90 -3.38 -35.47
N ALA G 49 -1.84 -2.36 -36.30
CA ALA G 49 -2.89 -1.92 -37.19
C ALA G 49 -3.51 -3.21 -37.81
N GLY G 50 -2.69 -4.16 -38.25
CA GLY G 50 -3.22 -5.41 -38.78
C GLY G 50 -3.42 -5.48 -40.29
N LEU G 51 -2.95 -4.48 -41.02
CA LEU G 51 -3.16 -4.51 -42.46
C LEU G 51 -2.19 -5.38 -43.16
N TRP G 52 -2.61 -6.16 -44.14
CA TRP G 52 -1.63 -6.96 -44.84
C TRP G 52 -1.06 -6.13 -45.96
N GLN G 53 0.22 -5.81 -45.87
CA GLN G 53 0.93 -5.05 -46.90
C GLN G 53 2.39 -5.04 -46.51
N PRO G 54 3.24 -5.67 -47.31
CA PRO G 54 4.67 -5.73 -47.12
C PRO G 54 5.25 -4.38 -47.42
N TYR G 55 6.53 -4.17 -47.12
CA TYR G 55 7.05 -2.86 -47.45
C TYR G 55 6.93 -2.66 -48.99
N THR G 56 7.20 -1.45 -49.48
CA THR G 56 7.09 -1.15 -50.90
C THR G 56 8.34 -1.59 -51.65
N SER G 57 9.47 -1.68 -50.94
CA SER G 57 10.73 -2.10 -51.52
C SER G 57 10.87 -3.62 -51.65
N GLU G 58 11.46 -4.07 -52.76
CA GLU G 58 11.68 -5.49 -53.07
C GLU G 58 12.35 -6.16 -51.89
N PRO G 59 11.83 -7.33 -51.52
CA PRO G 59 12.34 -8.04 -50.35
C PRO G 59 13.52 -8.92 -50.81
N SER G 60 14.71 -8.76 -50.21
CA SER G 60 15.89 -9.54 -50.62
C SER G 60 15.80 -11.00 -50.24
N ASN G 61 15.98 -11.20 -48.94
CA ASN G 61 15.92 -12.48 -48.26
C ASN G 61 14.63 -12.99 -48.86
N PRO G 62 14.83 -14.05 -49.61
CA PRO G 62 13.89 -14.74 -50.50
C PRO G 62 12.39 -15.01 -50.28
N GLN G 63 12.22 -15.88 -49.31
CA GLN G 63 10.95 -16.45 -48.94
C GLN G 63 10.11 -15.37 -48.34
N GLU G 64 10.78 -14.28 -47.99
CA GLU G 64 10.09 -13.14 -47.42
C GLU G 64 8.91 -12.90 -48.35
N ALA G 65 9.19 -12.97 -49.65
CA ALA G 65 8.01 -12.72 -50.45
C ALA G 65 7.15 -13.97 -50.46
N ASN G 66 7.74 -15.13 -50.58
CA ASN G 66 6.83 -16.26 -50.58
C ASN G 66 6.11 -16.35 -49.27
N TRP G 67 6.82 -16.07 -48.19
CA TRP G 67 6.13 -16.13 -46.94
C TRP G 67 4.97 -15.15 -46.95
N ASN G 68 5.22 -13.94 -47.46
CA ASN G 68 4.14 -12.98 -47.53
C ASN G 68 2.98 -13.49 -48.34
N GLN G 69 3.29 -14.03 -49.51
CA GLN G 69 2.23 -14.55 -50.32
C GLN G 69 1.47 -15.67 -49.65
N GLN G 70 2.16 -16.65 -49.12
CA GLN G 70 1.47 -17.75 -48.47
C GLN G 70 0.54 -17.23 -47.41
N THR G 71 0.99 -16.22 -46.68
CA THR G 71 0.16 -15.65 -45.63
C THR G 71 -1.10 -15.06 -46.25
N PHE G 72 -0.92 -14.25 -47.28
CA PHE G 72 -2.09 -13.66 -47.89
C PHE G 72 -3.09 -14.70 -48.32
N ASN G 73 -2.60 -15.77 -48.91
CA ASN G 73 -3.54 -16.78 -49.33
C ASN G 73 -4.27 -17.47 -48.18
N TYR G 74 -3.52 -17.93 -47.18
CA TYR G 74 -4.16 -18.57 -46.02
C TYR G 74 -5.22 -17.58 -45.56
N LEU G 75 -4.88 -16.30 -45.53
CA LEU G 75 -5.92 -15.43 -45.11
C LEU G 75 -7.10 -15.41 -46.08
N LEU G 76 -6.84 -15.08 -47.36
CA LEU G 76 -7.94 -15.02 -48.31
C LEU G 76 -8.89 -16.19 -48.21
N SER G 77 -8.29 -17.38 -48.08
CA SER G 77 -9.04 -18.61 -48.02
C SER G 77 -10.11 -18.61 -46.92
N HIS G 78 -9.89 -17.82 -45.87
CA HIS G 78 -10.86 -17.81 -44.81
C HIS G 78 -11.94 -16.78 -45.04
N ILE G 79 -11.82 -16.07 -46.16
CA ILE G 79 -12.79 -15.05 -46.52
C ILE G 79 -13.94 -15.81 -47.17
N GLY G 80 -15.04 -15.87 -46.41
CA GLY G 80 -16.21 -16.59 -46.89
C GLY G 80 -16.68 -17.44 -45.72
N SER G 81 -15.72 -17.79 -44.87
CA SER G 81 -16.07 -18.54 -43.70
C SER G 81 -16.84 -17.61 -42.80
N PRO G 82 -17.78 -18.14 -42.07
CA PRO G 82 -18.53 -17.36 -41.12
C PRO G 82 -17.68 -16.95 -39.94
N ASN G 83 -16.43 -17.39 -39.88
CA ASN G 83 -15.62 -17.02 -38.71
C ASN G 83 -14.60 -15.91 -38.82
N ALA G 84 -14.24 -15.68 -40.07
CA ALA G 84 -13.28 -14.70 -40.42
C ALA G 84 -13.27 -13.49 -39.53
N ALA G 85 -14.42 -12.93 -39.23
CA ALA G 85 -14.25 -11.72 -38.46
C ALA G 85 -14.02 -12.07 -37.05
N ASN G 86 -14.44 -13.26 -36.70
CA ASN G 86 -14.23 -13.68 -35.33
C ASN G 86 -12.76 -13.99 -35.24
N MET G 87 -12.19 -14.30 -36.37
CA MET G 87 -10.79 -14.60 -36.40
C MET G 87 -10.07 -13.24 -36.49
N GLY G 88 -10.79 -12.12 -36.59
CA GLY G 88 -10.18 -10.80 -36.68
C GLY G 88 -9.84 -10.42 -38.12
N LEU G 89 -10.40 -11.14 -39.08
CA LEU G 89 -10.16 -10.89 -40.49
C LEU G 89 -11.29 -10.25 -41.29
N THR G 90 -10.98 -9.34 -42.22
CA THR G 90 -11.94 -8.78 -43.21
C THR G 90 -11.29 -8.05 -44.34
N PRO G 91 -11.90 -8.06 -45.52
CA PRO G 91 -11.22 -7.37 -46.59
C PRO G 91 -11.32 -5.89 -46.35
N VAL G 92 -10.38 -5.11 -46.89
CA VAL G 92 -10.41 -3.66 -46.75
C VAL G 92 -9.75 -3.18 -48.03
N SER G 93 -10.28 -2.11 -48.60
CA SER G 93 -9.68 -1.61 -49.81
C SER G 93 -9.07 -0.28 -49.50
N GLY G 94 -8.12 0.18 -50.30
CA GLY G 94 -7.52 1.45 -49.94
C GLY G 94 -6.41 1.96 -50.83
N TYR G 95 -6.00 3.18 -50.47
CA TYR G 95 -4.98 3.94 -51.16
C TYR G 95 -3.58 3.99 -50.56
N ASN G 96 -2.56 3.97 -51.42
CA ASN G 96 -1.15 4.19 -51.06
C ASN G 96 -0.80 5.49 -51.81
N LEU G 97 -0.64 6.60 -51.11
CA LEU G 97 -0.32 7.87 -51.75
C LEU G 97 1.19 8.17 -51.73
N PHE G 98 1.66 8.77 -52.80
CA PHE G 98 3.06 9.13 -52.93
C PHE G 98 3.11 10.53 -53.44
N ARG G 99 4.29 11.12 -53.30
CA ARG G 99 4.47 12.51 -53.66
C ARG G 99 5.11 12.63 -55.03
N GLU G 100 5.34 11.46 -55.64
CA GLU G 100 5.95 11.40 -56.95
C GLU G 100 5.87 9.96 -57.45
N ALA G 101 6.09 9.78 -58.75
CA ALA G 101 6.01 8.46 -59.36
C ALA G 101 6.99 7.53 -58.72
N VAL G 102 6.52 6.29 -58.57
CA VAL G 102 7.27 5.27 -57.88
C VAL G 102 6.98 3.90 -58.47
N PRO G 103 7.97 3.05 -58.52
CA PRO G 103 7.80 1.74 -59.11
C PRO G 103 6.75 0.91 -58.33
N ASP G 104 6.12 0.03 -59.01
CA ASP G 104 5.06 -0.88 -58.49
C ASP G 104 5.57 -1.82 -57.43
N PRO G 105 4.78 -2.14 -56.43
CA PRO G 105 5.28 -3.01 -55.36
C PRO G 105 5.43 -4.43 -55.87
N TYR G 106 6.37 -5.22 -55.34
CA TYR G 106 6.51 -6.60 -55.80
C TYR G 106 5.25 -7.38 -55.49
N TRP G 107 4.53 -6.96 -54.47
CA TRP G 107 3.31 -7.68 -54.15
C TRP G 107 2.11 -7.26 -54.98
N LYS G 108 2.30 -6.34 -55.91
CA LYS G 108 1.20 -5.82 -56.72
C LYS G 108 0.23 -6.91 -57.13
N ASP G 109 0.74 -8.09 -57.43
CA ASP G 109 -0.19 -9.10 -57.83
C ASP G 109 -0.67 -10.02 -56.73
N MET G 110 -0.13 -9.86 -55.53
CA MET G 110 -0.57 -10.70 -54.44
C MET G 110 -1.88 -10.18 -53.89
N VAL G 111 -2.05 -8.87 -53.92
CA VAL G 111 -3.28 -8.30 -53.42
C VAL G 111 -4.33 -8.33 -54.51
N LEU G 112 -5.58 -8.04 -54.16
CA LEU G 112 -6.68 -8.01 -55.13
C LEU G 112 -6.87 -6.64 -55.80
N GLY G 113 -6.87 -6.62 -57.13
CA GLY G 113 -7.14 -5.39 -57.87
C GLY G 113 -6.17 -4.24 -57.93
N PHE G 114 -4.87 -4.56 -57.78
CA PHE G 114 -3.86 -3.52 -57.80
C PHE G 114 -4.05 -2.63 -59.00
N ARG G 115 -3.91 -1.33 -58.85
CA ARG G 115 -4.06 -0.47 -60.01
C ARG G 115 -3.56 0.91 -59.62
N LYS G 116 -3.13 1.73 -60.57
CA LYS G 116 -2.60 3.07 -60.24
C LYS G 116 -3.75 4.04 -60.08
N LEU G 117 -3.68 4.96 -59.15
CA LEU G 117 -4.83 5.84 -59.00
C LEU G 117 -4.90 6.75 -60.17
N THR G 118 -6.12 7.15 -60.48
CA THR G 118 -6.38 8.09 -61.56
C THR G 118 -6.34 9.47 -60.90
N PRO G 119 -6.30 10.48 -61.75
CA PRO G 119 -6.26 11.86 -61.28
C PRO G 119 -7.48 12.20 -60.46
N ARG G 120 -8.67 11.84 -60.93
CA ARG G 120 -9.83 12.19 -60.10
C ARG G 120 -9.66 11.64 -58.71
N GLU G 121 -9.11 10.43 -58.61
CA GLU G 121 -8.91 9.83 -57.32
C GLU G 121 -7.91 10.66 -56.55
N LEU G 122 -6.83 10.99 -57.26
CA LEU G 122 -5.76 11.77 -56.66
C LEU G 122 -6.30 13.05 -56.13
N ASP G 123 -7.25 13.57 -56.94
CA ASP G 123 -7.86 14.79 -56.47
C ASP G 123 -8.51 14.53 -55.08
N MET G 124 -8.81 13.28 -54.71
CA MET G 124 -9.39 13.16 -53.40
C MET G 124 -8.46 13.60 -52.32
N PHE G 125 -7.16 13.55 -52.62
CA PHE G 125 -6.03 13.91 -51.73
C PHE G 125 -5.12 14.82 -52.55
N PRO G 126 -5.07 16.07 -52.14
CA PRO G 126 -4.34 17.11 -52.87
C PRO G 126 -2.86 17.32 -52.71
N ASP G 127 -2.30 16.84 -51.61
CA ASP G 127 -0.87 17.01 -51.46
C ASP G 127 -0.12 15.85 -52.08
N TYR G 128 -0.83 14.84 -52.59
CA TYR G 128 -0.14 13.70 -53.23
C TYR G 128 -0.40 13.83 -54.71
N ARG G 129 0.42 13.13 -55.48
CA ARG G 129 0.39 13.29 -56.91
C ARG G 129 0.36 11.90 -57.54
N TYR G 130 0.79 10.85 -56.82
CA TYR G 130 0.89 9.60 -57.54
C TYR G 130 0.55 8.53 -56.53
N GLY G 131 0.07 7.37 -56.96
CA GLY G 131 -0.28 6.34 -56.00
C GLY G 131 -0.98 5.11 -56.52
N TRP G 132 -1.37 4.23 -55.60
CA TRP G 132 -2.02 3.02 -56.01
C TRP G 132 -3.32 2.78 -55.28
N PHE G 133 -4.05 1.79 -55.75
CA PHE G 133 -5.30 1.37 -55.14
C PHE G 133 -5.35 -0.14 -55.21
N ASN G 134 -5.89 -0.72 -54.15
CA ASN G 134 -5.98 -2.19 -54.11
C ASN G 134 -6.78 -2.65 -52.93
N THR G 135 -7.16 -3.91 -52.96
CA THR G 135 -8.00 -4.44 -51.90
C THR G 135 -7.07 -5.38 -51.18
N SER G 136 -7.27 -5.53 -49.87
CA SER G 136 -6.44 -6.40 -49.09
C SER G 136 -7.19 -6.87 -47.86
N LEU G 137 -6.44 -7.30 -46.86
CA LEU G 137 -7.06 -7.81 -45.65
C LEU G 137 -6.60 -7.13 -44.41
N ILE G 138 -7.38 -7.33 -43.38
CA ILE G 138 -7.03 -6.81 -42.10
C ILE G 138 -7.14 -8.04 -41.22
N LEU G 139 -6.08 -8.26 -40.47
CA LEU G 139 -6.00 -9.38 -39.56
C LEU G 139 -5.62 -8.63 -38.31
N GLU G 140 -6.60 -8.33 -37.46
CA GLU G 140 -6.35 -7.60 -36.24
C GLU G 140 -5.65 -8.42 -35.14
N GLY G 141 -4.55 -7.86 -34.64
CA GLY G 141 -3.72 -8.54 -33.68
C GLY G 141 -4.46 -9.09 -32.51
N ARG G 142 -5.01 -8.19 -31.71
CA ARG G 142 -5.69 -8.61 -30.49
C ARG G 142 -6.67 -9.69 -30.79
N LYS G 143 -7.48 -9.48 -31.82
CA LYS G 143 -8.44 -10.53 -32.06
C LYS G 143 -7.79 -11.84 -32.45
N TYR G 144 -6.94 -11.81 -33.49
CA TYR G 144 -6.23 -13.03 -33.95
C TYR G 144 -5.55 -13.69 -32.75
N LEU G 145 -5.00 -12.89 -31.83
CA LEU G 145 -4.35 -13.52 -30.70
C LEU G 145 -5.37 -14.33 -29.93
N GLN G 146 -6.48 -13.70 -29.61
CA GLN G 146 -7.52 -14.44 -28.90
C GLN G 146 -7.95 -15.71 -29.64
N TRP G 147 -8.07 -15.64 -30.96
CA TRP G 147 -8.48 -16.83 -31.70
C TRP G 147 -7.45 -17.94 -31.53
N LEU G 148 -6.22 -17.61 -31.91
CA LEU G 148 -5.08 -18.54 -31.83
C LEU G 148 -5.09 -19.13 -30.43
N THR G 149 -5.27 -18.24 -29.46
CA THR G 149 -5.27 -18.79 -28.14
C THR G 149 -6.33 -19.85 -27.91
N GLU G 150 -7.59 -19.53 -28.27
CA GLU G 150 -8.67 -20.51 -28.07
C GLU G 150 -8.34 -21.77 -28.85
N ARG G 151 -7.96 -21.62 -30.10
CA ARG G 151 -7.56 -22.79 -30.86
C ARG G 151 -6.52 -23.62 -30.11
N LEU G 152 -5.40 -22.99 -29.73
CA LEU G 152 -4.33 -23.73 -29.06
C LEU G 152 -4.88 -24.40 -27.85
N THR G 153 -5.59 -23.60 -27.08
CA THR G 153 -6.14 -24.15 -25.88
C THR G 153 -6.94 -25.40 -26.12
N GLU G 154 -7.81 -25.39 -27.11
CA GLU G 154 -8.60 -26.59 -27.35
C GLU G 154 -7.68 -27.73 -27.75
N ARG G 155 -6.62 -27.42 -28.46
CA ARG G 155 -5.72 -28.48 -28.89
C ARG G 155 -4.87 -28.95 -27.71
N GLY G 156 -5.12 -28.32 -26.57
CA GLY G 156 -4.41 -28.67 -25.37
C GLY G 156 -3.01 -28.09 -25.20
N VAL G 157 -2.71 -26.98 -25.85
CA VAL G 157 -1.40 -26.44 -25.64
C VAL G 157 -1.50 -25.66 -24.36
N LYS G 158 -0.53 -25.79 -23.46
CA LYS G 158 -0.61 -25.06 -22.22
C LYS G 158 0.19 -23.78 -22.20
N PHE G 159 -0.38 -22.77 -21.56
CA PHE G 159 0.28 -21.48 -21.49
C PHE G 159 0.83 -21.20 -20.11
N PHE G 160 1.94 -20.49 -19.99
CA PHE G 160 2.52 -20.12 -18.70
C PHE G 160 3.09 -18.73 -18.75
N LEU G 161 2.69 -17.92 -17.78
CA LEU G 161 3.16 -16.56 -17.78
C LEU G 161 4.53 -16.66 -17.15
N ARG G 162 5.60 -16.50 -17.91
CA ARG G 162 6.92 -16.56 -17.29
C ARG G 162 7.96 -15.84 -18.14
N LYS G 163 8.98 -15.44 -17.43
CA LYS G 163 10.04 -14.74 -18.15
C LYS G 163 11.23 -15.66 -18.38
N VAL G 164 11.47 -16.08 -19.62
CA VAL G 164 12.60 -16.93 -19.78
C VAL G 164 13.84 -16.07 -19.59
N GLU G 165 14.73 -16.66 -18.82
CA GLU G 165 16.01 -16.08 -18.45
C GLU G 165 17.15 -16.42 -19.40
N SER G 166 17.22 -17.71 -19.82
CA SER G 166 18.26 -18.27 -20.66
C SER G 166 17.70 -19.48 -21.38
N PHE G 167 18.13 -19.74 -22.62
CA PHE G 167 17.59 -20.91 -23.29
C PHE G 167 17.94 -22.11 -22.44
N GLU G 168 19.11 -21.97 -21.84
CA GLU G 168 19.67 -23.01 -20.99
C GLU G 168 18.61 -23.39 -19.97
N GLU G 169 18.14 -22.37 -19.27
CA GLU G 169 17.10 -22.54 -18.25
C GLU G 169 16.02 -23.45 -18.81
N VAL G 170 15.47 -22.96 -19.93
CA VAL G 170 14.36 -23.63 -20.61
C VAL G 170 14.83 -25.04 -20.87
N ALA G 171 16.01 -25.14 -21.46
CA ALA G 171 16.57 -26.41 -21.87
C ALA G 171 16.46 -27.33 -20.66
N ARG G 172 16.96 -26.78 -19.58
CA ARG G 172 16.99 -27.50 -18.33
C ARG G 172 15.81 -28.36 -17.91
N GLY G 173 14.62 -27.78 -17.97
CA GLY G 173 13.39 -28.49 -17.58
C GLY G 173 12.87 -29.67 -18.40
N GLY G 174 13.36 -29.84 -19.62
CA GLY G 174 12.94 -30.91 -20.52
C GLY G 174 12.54 -30.16 -21.79
N ALA G 175 13.56 -29.71 -22.50
CA ALA G 175 13.35 -28.87 -23.67
C ALA G 175 13.98 -29.50 -24.88
N ASP G 176 13.31 -30.51 -25.42
CA ASP G 176 13.83 -31.14 -26.63
C ASP G 176 14.08 -30.08 -27.67
N VAL G 177 13.04 -29.26 -27.82
CA VAL G 177 13.09 -28.20 -28.77
C VAL G 177 12.61 -26.97 -28.07
N ILE G 178 13.01 -25.84 -28.64
CA ILE G 178 12.65 -24.50 -28.17
C ILE G 178 12.47 -23.62 -29.39
N ILE G 179 11.28 -23.02 -29.46
CA ILE G 179 10.99 -22.13 -30.58
C ILE G 179 11.05 -20.71 -30.04
N ASN G 180 12.04 -19.97 -30.52
CA ASN G 180 12.28 -18.63 -29.99
C ASN G 180 11.48 -17.65 -30.80
N CYS G 181 10.46 -17.06 -30.16
CA CYS G 181 9.60 -16.11 -30.86
C CYS G 181 9.43 -14.91 -29.95
N THR G 182 10.55 -14.37 -29.52
CA THR G 182 10.58 -13.28 -28.57
C THR G 182 10.60 -11.88 -29.15
N GLY G 183 10.40 -11.77 -30.46
CA GLY G 183 10.34 -10.43 -31.04
C GLY G 183 11.44 -9.48 -30.68
N VAL G 184 11.21 -8.17 -30.61
CA VAL G 184 12.34 -7.28 -30.29
C VAL G 184 13.16 -7.70 -29.09
N TRP G 185 12.55 -8.39 -28.15
CA TRP G 185 13.34 -8.75 -27.00
C TRP G 185 14.16 -10.00 -27.18
N ALA G 186 14.25 -10.48 -28.40
CA ALA G 186 14.98 -11.73 -28.66
C ALA G 186 16.43 -11.60 -28.22
N GLY G 187 16.89 -10.36 -28.29
CA GLY G 187 18.28 -10.06 -27.97
C GLY G 187 18.74 -10.60 -26.63
N VAL G 188 17.95 -10.31 -25.62
CA VAL G 188 18.29 -10.76 -24.29
C VAL G 188 18.60 -12.25 -24.21
N LEU G 189 17.89 -13.09 -24.95
CA LEU G 189 18.14 -14.51 -24.87
C LEU G 189 19.45 -14.92 -25.53
N GLN G 190 19.84 -14.09 -26.50
CA GLN G 190 21.06 -14.23 -27.24
C GLN G 190 21.24 -12.92 -28.02
N PRO G 191 22.37 -12.26 -27.91
CA PRO G 191 22.58 -10.99 -28.58
C PRO G 191 22.48 -11.16 -30.08
N ASP G 192 21.96 -10.06 -30.63
CA ASP G 192 21.72 -9.89 -32.06
C ASP G 192 21.61 -8.41 -32.33
N PRO G 193 22.74 -7.86 -32.71
CA PRO G 193 22.86 -6.45 -32.99
C PRO G 193 22.04 -6.09 -34.19
N LEU G 194 21.56 -7.09 -34.90
CA LEU G 194 20.77 -6.82 -36.09
C LEU G 194 19.37 -6.34 -35.82
N LEU G 195 18.84 -6.90 -34.74
CA LEU G 195 17.51 -6.65 -34.22
C LEU G 195 17.41 -5.31 -33.52
N GLN G 196 16.32 -4.58 -33.72
CA GLN G 196 16.12 -3.28 -33.07
C GLN G 196 14.69 -2.80 -32.98
N PRO G 197 14.39 -2.06 -31.93
CA PRO G 197 13.07 -1.52 -31.78
C PRO G 197 12.78 -0.50 -32.89
N GLY G 198 11.68 -0.69 -33.61
CA GLY G 198 11.19 0.23 -34.63
C GLY G 198 9.93 0.73 -33.91
N ARG G 199 10.08 1.79 -33.15
CA ARG G 199 8.97 2.23 -32.34
C ARG G 199 7.85 2.88 -33.12
N GLY G 200 6.63 2.57 -32.72
CA GLY G 200 5.52 3.22 -33.37
C GLY G 200 4.44 3.49 -32.34
N GLN G 201 3.87 4.69 -32.42
CA GLN G 201 2.78 5.10 -31.55
C GLN G 201 1.58 5.26 -32.48
N ILE G 202 0.35 5.06 -32.00
CA ILE G 202 -0.83 5.26 -32.87
C ILE G 202 -1.96 5.72 -31.98
N ILE G 203 -2.91 6.42 -32.61
CA ILE G 203 -4.08 6.87 -31.89
C ILE G 203 -5.21 6.02 -32.45
N LYS G 204 -6.07 5.49 -31.59
CA LYS G 204 -7.26 4.75 -32.04
C LYS G 204 -8.42 5.73 -31.93
N VAL G 205 -9.16 5.84 -33.00
CA VAL G 205 -10.19 6.83 -32.95
C VAL G 205 -11.47 6.17 -33.43
N ASP G 206 -12.60 6.72 -33.00
CA ASP G 206 -13.88 6.18 -33.43
C ASP G 206 -14.35 7.04 -34.59
N ALA G 207 -14.32 6.49 -35.81
CA ALA G 207 -14.73 7.26 -37.00
C ALA G 207 -15.16 6.26 -38.07
N PRO G 208 -16.32 5.66 -37.82
CA PRO G 208 -16.92 4.65 -38.67
C PRO G 208 -17.16 5.04 -40.08
N TRP G 209 -17.32 6.32 -40.34
CA TRP G 209 -17.57 6.51 -41.74
C TRP G 209 -16.35 6.27 -42.57
N LEU G 210 -15.18 6.05 -41.97
CA LEU G 210 -14.01 5.81 -42.84
C LEU G 210 -13.93 4.33 -43.20
N LYS G 211 -14.16 4.00 -44.47
CA LYS G 211 -14.17 2.59 -44.84
C LYS G 211 -12.92 2.06 -45.49
N ASN G 212 -12.01 2.96 -45.84
CA ASN G 212 -10.84 2.47 -46.55
C ASN G 212 -9.55 2.95 -45.94
N PHE G 213 -8.49 2.17 -46.09
CA PHE G 213 -7.24 2.62 -45.55
C PHE G 213 -6.58 3.62 -46.52
N ILE G 214 -5.72 4.47 -46.00
CA ILE G 214 -4.98 5.44 -46.77
C ILE G 214 -3.60 5.42 -46.10
N ILE G 215 -2.60 5.09 -46.89
CA ILE G 215 -1.26 4.99 -46.38
C ILE G 215 -0.41 5.90 -47.24
N THR G 216 0.06 6.95 -46.60
CA THR G 216 0.90 7.98 -47.18
C THR G 216 2.35 7.56 -47.11
N HIS G 217 3.08 8.20 -48.04
CA HIS G 217 4.48 7.92 -48.14
C HIS G 217 5.31 9.11 -48.57
N ASP G 218 6.05 9.65 -47.59
CA ASP G 218 7.02 10.67 -47.90
C ASP G 218 8.25 9.79 -48.21
N LEU G 219 8.82 9.98 -49.42
CA LEU G 219 9.90 9.13 -49.84
C LEU G 219 11.26 9.48 -49.29
N GLU G 220 11.32 10.58 -48.52
CA GLU G 220 12.57 11.02 -47.92
C GLU G 220 12.53 10.85 -46.40
N ARG G 221 11.37 11.21 -45.85
CA ARG G 221 11.07 11.17 -44.42
C ARG G 221 10.89 9.77 -43.88
N GLY G 222 11.92 8.93 -44.08
CA GLY G 222 11.90 7.56 -43.63
C GLY G 222 10.54 6.92 -43.85
N ILE G 223 10.42 5.62 -43.55
CA ILE G 223 9.15 4.93 -43.73
C ILE G 223 8.29 4.96 -42.48
N TYR G 224 6.98 4.97 -42.72
CA TYR G 224 5.98 4.95 -41.65
C TYR G 224 6.07 6.14 -40.72
N ASN G 225 6.49 7.29 -41.25
CA ASN G 225 6.50 8.48 -40.45
C ASN G 225 5.47 9.40 -41.04
N SER G 226 5.13 9.00 -42.25
CA SER G 226 4.10 9.77 -42.88
C SER G 226 2.78 9.36 -42.23
N PRO G 227 1.76 10.21 -42.30
CA PRO G 227 0.52 9.80 -41.66
C PRO G 227 -0.13 8.69 -42.47
N TYR G 228 -0.88 7.84 -41.72
CA TYR G 228 -1.62 6.73 -42.32
C TYR G 228 -2.87 6.46 -41.50
N ILE G 229 -3.91 5.95 -42.17
CA ILE G 229 -5.19 5.69 -41.53
C ILE G 229 -5.66 4.33 -41.90
N ILE G 230 -5.98 3.51 -40.89
CA ILE G 230 -6.43 2.17 -41.23
C ILE G 230 -7.63 1.70 -40.44
N PRO G 231 -8.73 1.62 -41.16
CA PRO G 231 -10.00 1.23 -40.60
C PRO G 231 -9.83 -0.21 -40.19
N GLY G 232 -10.25 -0.54 -38.97
CA GLY G 232 -10.14 -1.88 -38.42
C GLY G 232 -11.53 -2.46 -38.15
N LEU G 233 -11.61 -3.54 -37.40
CA LEU G 233 -12.89 -4.17 -37.15
C LEU G 233 -13.83 -3.33 -36.39
N GLN G 234 -13.34 -2.45 -35.54
CA GLN G 234 -14.29 -1.73 -34.70
C GLN G 234 -13.87 -0.31 -34.42
N ALA G 235 -12.67 0.06 -34.87
CA ALA G 235 -12.15 1.41 -34.68
C ALA G 235 -11.13 1.73 -35.75
N VAL G 236 -10.65 2.96 -35.76
CA VAL G 236 -9.70 3.33 -36.79
C VAL G 236 -8.38 3.65 -36.17
N THR G 237 -7.35 3.24 -36.88
CA THR G 237 -6.01 3.50 -36.42
C THR G 237 -5.41 4.69 -37.14
N LEU G 238 -5.13 5.74 -36.38
CA LEU G 238 -4.47 6.92 -36.88
C LEU G 238 -2.99 6.62 -36.60
N GLY G 239 -2.17 6.76 -37.62
CA GLY G 239 -0.80 6.41 -37.39
C GLY G 239 0.20 7.32 -38.06
N GLY G 240 1.44 7.07 -37.66
CA GLY G 240 2.51 7.84 -38.21
C GLY G 240 3.85 7.94 -37.55
N THR G 241 4.43 6.86 -37.03
CA THR G 241 5.82 7.00 -36.52
C THR G 241 6.57 5.67 -36.54
N PHE G 242 7.85 5.74 -36.83
CA PHE G 242 8.64 4.52 -36.89
C PHE G 242 10.06 4.93 -36.51
N GLN G 243 10.36 4.95 -35.22
CA GLN G 243 11.66 5.38 -34.71
C GLN G 243 12.57 4.23 -34.33
N VAL G 244 13.56 3.95 -35.17
CA VAL G 244 14.44 2.84 -34.84
C VAL G 244 15.39 3.12 -33.69
N GLY G 245 15.49 2.17 -32.77
CA GLY G 245 16.35 2.36 -31.62
C GLY G 245 15.61 2.98 -30.45
N ASN G 246 14.45 3.60 -30.66
CA ASN G 246 13.79 4.15 -29.48
C ASN G 246 13.15 3.05 -28.65
N TRP G 247 13.52 2.97 -27.38
CA TRP G 247 12.94 1.93 -26.56
C TRP G 247 11.95 2.51 -25.63
N ASN G 248 11.65 3.78 -25.81
CA ASN G 248 10.71 4.37 -24.88
C ASN G 248 9.35 3.74 -25.07
N GLU G 249 8.81 3.11 -24.03
CA GLU G 249 7.50 2.54 -24.29
C GLU G 249 6.27 3.28 -23.90
N ILE G 250 6.37 4.56 -23.62
CA ILE G 250 5.21 5.35 -23.24
C ILE G 250 4.76 6.19 -24.40
N ASN G 251 3.46 6.43 -24.52
CA ASN G 251 3.05 7.27 -25.64
C ASN G 251 3.55 8.63 -25.27
N ASN G 252 4.02 9.35 -26.28
CA ASN G 252 4.57 10.68 -26.18
C ASN G 252 3.56 11.72 -26.71
N ILE G 253 3.45 12.86 -26.05
CA ILE G 253 2.55 13.85 -26.57
C ILE G 253 2.89 14.34 -27.97
N GLN G 254 4.18 14.60 -28.21
CA GLN G 254 4.58 15.16 -29.50
C GLN G 254 4.05 14.25 -30.58
N ASP G 255 4.42 12.96 -30.43
CA ASP G 255 4.01 12.00 -31.43
C ASP G 255 2.49 12.05 -31.61
N HIS G 256 1.79 12.04 -30.48
CA HIS G 256 0.36 12.09 -30.56
C HIS G 256 0.01 13.30 -31.39
N ASN G 257 0.58 14.44 -31.09
CA ASN G 257 0.19 15.56 -31.95
C ASN G 257 0.61 15.43 -33.39
N THR G 258 1.73 14.82 -33.68
CA THR G 258 2.02 14.90 -35.09
C THR G 258 1.13 13.92 -35.81
N ILE G 259 0.79 12.84 -35.13
CA ILE G 259 -0.05 11.88 -35.79
C ILE G 259 -1.41 12.52 -36.00
N TRP G 260 -1.91 13.06 -34.92
CA TRP G 260 -3.19 13.67 -35.04
C TRP G 260 -3.20 14.74 -36.09
N GLU G 261 -2.23 15.60 -36.09
CA GLU G 261 -2.31 16.65 -37.09
C GLU G 261 -2.13 16.12 -38.49
N GLY G 262 -1.31 15.12 -38.63
CA GLY G 262 -1.08 14.66 -39.99
C GLY G 262 -2.28 14.01 -40.62
N CYS G 263 -2.93 13.17 -39.82
CA CYS G 263 -4.08 12.46 -40.30
C CYS G 263 -5.20 13.46 -40.50
N CYS G 264 -5.40 14.34 -39.53
CA CYS G 264 -6.49 15.31 -39.63
C CYS G 264 -6.28 16.07 -40.94
N ARG G 265 -5.07 16.20 -41.45
CA ARG G 265 -4.93 16.93 -42.72
C ARG G 265 -5.31 16.05 -43.86
N LEU G 266 -4.87 14.78 -43.75
CA LEU G 266 -5.10 13.86 -44.85
C LEU G 266 -6.60 13.56 -44.92
N GLU G 267 -7.31 13.69 -43.79
CA GLU G 267 -8.72 13.33 -43.64
C GLU G 267 -9.46 14.17 -42.61
N PRO G 268 -9.83 15.32 -43.11
CA PRO G 268 -10.47 16.40 -42.36
C PRO G 268 -11.67 15.98 -41.58
N THR G 269 -12.24 14.86 -41.96
CA THR G 269 -13.43 14.50 -41.24
C THR G 269 -13.09 14.06 -39.85
N LEU G 270 -11.83 13.66 -39.65
CA LEU G 270 -11.35 13.17 -38.36
C LEU G 270 -11.61 14.23 -37.31
N LYS G 271 -11.94 15.42 -37.87
CA LYS G 271 -12.24 16.59 -37.07
C LYS G 271 -13.20 16.16 -36.01
N ASP G 272 -13.96 15.12 -36.23
CA ASP G 272 -14.98 14.74 -35.26
C ASP G 272 -14.81 13.34 -34.77
N ALA G 273 -13.69 12.69 -35.08
CA ALA G 273 -13.52 11.34 -34.58
C ALA G 273 -13.30 11.49 -33.07
N LYS G 274 -13.89 10.63 -32.23
CA LYS G 274 -13.72 10.64 -30.77
C LYS G 274 -12.43 9.79 -30.65
N ILE G 275 -11.45 10.23 -29.88
CA ILE G 275 -10.23 9.43 -29.73
C ILE G 275 -10.48 8.34 -28.69
N VAL G 276 -10.26 7.07 -29.00
CA VAL G 276 -10.53 6.10 -27.97
C VAL G 276 -9.33 5.52 -27.25
N GLY G 277 -8.13 5.76 -27.78
CA GLY G 277 -6.91 5.27 -27.14
C GLY G 277 -5.62 5.58 -27.90
N GLU G 278 -4.46 5.47 -27.25
CA GLU G 278 -3.19 5.68 -27.93
C GLU G 278 -2.31 4.53 -27.56
N TYR G 279 -1.42 4.12 -28.44
CA TYR G 279 -0.59 2.98 -28.08
C TYR G 279 0.75 3.12 -28.72
N THR G 280 1.74 2.48 -28.10
CA THR G 280 3.05 2.47 -28.73
C THR G 280 3.62 1.07 -28.67
N GLY G 281 4.42 0.68 -29.66
CA GLY G 281 4.93 -0.67 -29.61
C GLY G 281 6.23 -0.72 -30.39
N PHE G 282 6.97 -1.79 -30.15
CA PHE G 282 8.25 -1.91 -30.82
C PHE G 282 8.27 -2.83 -32.01
N ARG G 283 8.42 -2.31 -33.20
CA ARG G 283 8.45 -3.27 -34.30
C ARG G 283 9.79 -3.95 -34.19
N PRO G 284 9.78 -5.28 -34.23
CA PRO G 284 11.05 -6.00 -34.12
C PRO G 284 11.79 -5.88 -35.43
N VAL G 285 12.55 -4.81 -35.58
CA VAL G 285 13.32 -4.60 -36.80
C VAL G 285 14.60 -5.44 -36.96
N ARG G 286 14.85 -5.93 -38.18
CA ARG G 286 16.05 -6.70 -38.52
C ARG G 286 16.07 -6.70 -40.05
N PRO G 287 17.26 -6.61 -40.63
CA PRO G 287 17.43 -6.58 -42.07
C PRO G 287 16.77 -7.74 -42.78
N GLN G 288 16.83 -8.91 -42.14
CA GLN G 288 16.27 -10.14 -42.73
C GLN G 288 15.65 -10.80 -41.51
N VAL G 289 14.50 -11.48 -41.63
CA VAL G 289 13.86 -12.21 -40.53
C VAL G 289 14.79 -13.30 -40.11
N ARG G 290 14.87 -13.58 -38.82
CA ARG G 290 15.70 -14.68 -38.42
C ARG G 290 14.83 -15.91 -38.23
N LEU G 291 14.97 -16.87 -39.12
CA LEU G 291 14.16 -18.08 -39.02
C LEU G 291 15.12 -19.18 -39.43
N GLU G 292 15.66 -19.85 -38.42
CA GLU G 292 16.66 -20.87 -38.66
C GLU G 292 16.85 -21.68 -37.41
N ARG G 293 17.35 -22.88 -37.65
CA ARG G 293 17.61 -23.82 -36.59
C ARG G 293 18.97 -23.53 -35.94
N GLU G 294 19.15 -23.94 -34.69
CA GLU G 294 20.41 -23.70 -33.98
C GLU G 294 20.50 -24.68 -32.83
N GLN G 295 21.55 -25.49 -32.83
CA GLN G 295 21.75 -26.47 -31.77
C GLN G 295 22.45 -25.77 -30.58
N LEU G 296 21.86 -25.89 -29.40
CA LEU G 296 22.46 -25.29 -28.22
C LEU G 296 22.82 -26.47 -27.39
N ARG G 297 24.08 -26.48 -26.94
CA ARG G 297 24.55 -27.54 -26.06
C ARG G 297 24.95 -27.00 -24.67
N PHE G 298 24.46 -27.66 -23.63
CA PHE G 298 24.75 -27.24 -22.26
C PHE G 298 25.08 -28.54 -21.54
N GLY G 299 26.39 -28.79 -21.43
CA GLY G 299 26.97 -29.99 -20.83
C GLY G 299 26.68 -31.24 -21.68
N SER G 300 25.71 -32.04 -21.22
CA SER G 300 25.23 -33.25 -21.91
C SER G 300 23.90 -33.01 -22.63
N SER G 301 23.28 -31.83 -22.39
CA SER G 301 22.01 -31.47 -22.99
C SER G 301 22.05 -31.07 -24.47
N ASN G 302 21.40 -31.86 -25.31
CA ASN G 302 21.32 -31.56 -26.74
C ASN G 302 19.95 -30.99 -27.10
N THR G 303 19.74 -29.69 -26.87
CA THR G 303 18.46 -29.06 -27.23
C THR G 303 18.50 -28.21 -28.51
N GLU G 304 17.54 -28.45 -29.39
CA GLU G 304 17.45 -27.72 -30.65
C GLU G 304 16.65 -26.45 -30.41
N VAL G 305 16.99 -25.46 -31.20
CA VAL G 305 16.34 -24.17 -31.08
C VAL G 305 16.02 -23.66 -32.48
N ILE G 306 14.77 -23.27 -32.69
CA ILE G 306 14.42 -22.72 -33.99
C ILE G 306 14.04 -21.28 -33.74
N HIS G 307 14.69 -20.38 -34.45
CA HIS G 307 14.38 -18.99 -34.25
C HIS G 307 13.36 -18.52 -35.28
N ASN G 308 12.55 -17.55 -34.89
CA ASN G 308 11.57 -16.99 -35.80
C ASN G 308 11.32 -15.61 -35.19
N TYR G 309 12.09 -14.63 -35.63
CA TYR G 309 11.88 -13.29 -35.09
C TYR G 309 12.46 -12.23 -36.01
N GLY G 310 12.12 -10.97 -35.80
CA GLY G 310 12.63 -9.87 -36.62
C GLY G 310 11.70 -9.54 -37.76
N HIS G 311 10.42 -9.85 -37.59
CA HIS G 311 9.44 -9.56 -38.64
C HIS G 311 9.08 -8.12 -38.85
N GLY G 312 9.78 -7.25 -38.16
CA GLY G 312 9.60 -5.84 -38.35
C GLY G 312 8.18 -5.42 -38.27
N GLY G 313 7.83 -4.51 -39.16
CA GLY G 313 6.47 -4.00 -39.22
C GLY G 313 5.59 -4.84 -40.13
N TYR G 314 6.00 -6.06 -40.43
CA TYR G 314 5.19 -6.85 -41.32
C TYR G 314 4.80 -8.23 -40.70
N GLY G 315 4.84 -8.37 -39.35
CA GLY G 315 4.62 -9.67 -38.71
C GLY G 315 3.27 -10.29 -39.08
N LEU G 316 2.19 -9.53 -38.95
CA LEU G 316 0.89 -10.09 -39.27
C LEU G 316 0.89 -10.50 -40.72
N THR G 317 1.39 -9.55 -41.50
CA THR G 317 1.47 -9.74 -42.94
C THR G 317 2.18 -10.97 -43.39
N ILE G 318 3.11 -11.48 -42.60
CA ILE G 318 3.88 -12.65 -43.03
C ILE G 318 3.88 -13.83 -42.06
N HIS G 319 3.18 -13.67 -40.95
CA HIS G 319 3.16 -14.72 -39.96
C HIS G 319 3.04 -16.15 -40.40
N TRP G 320 2.08 -16.46 -41.26
CA TRP G 320 1.85 -17.84 -41.65
C TRP G 320 2.98 -18.52 -42.38
N GLY G 321 3.66 -17.76 -43.23
CA GLY G 321 4.77 -18.34 -44.01
C GLY G 321 5.83 -18.91 -43.07
N CYS G 322 6.35 -18.00 -42.26
CA CYS G 322 7.36 -18.35 -41.27
C CYS G 322 6.88 -19.54 -40.47
N ALA G 323 5.61 -19.52 -40.07
CA ALA G 323 5.10 -20.62 -39.28
C ALA G 323 5.24 -21.91 -40.01
N LEU G 324 4.84 -21.90 -41.27
CA LEU G 324 4.95 -23.12 -42.06
C LEU G 324 6.42 -23.49 -42.07
N GLU G 325 7.27 -22.50 -42.29
CA GLU G 325 8.70 -22.79 -42.29
C GLU G 325 9.25 -23.45 -41.02
N VAL G 326 8.99 -22.85 -39.87
CA VAL G 326 9.48 -23.40 -38.65
C VAL G 326 9.01 -24.82 -38.56
N ALA G 327 7.80 -25.03 -39.02
CA ALA G 327 7.26 -26.37 -38.98
C ALA G 327 8.16 -27.34 -39.71
N LYS G 328 8.48 -26.97 -40.96
CA LYS G 328 9.37 -27.78 -41.79
C LYS G 328 10.65 -28.07 -40.97
N LEU G 329 11.32 -27.06 -40.46
CA LEU G 329 12.49 -27.39 -39.68
C LEU G 329 12.13 -28.30 -38.51
N PHE G 330 11.10 -27.94 -37.77
CA PHE G 330 10.79 -28.76 -36.62
C PHE G 330 10.62 -30.19 -37.03
N GLY G 331 10.26 -30.34 -38.29
CA GLY G 331 10.08 -31.67 -38.83
C GLY G 331 11.45 -32.31 -38.92
N LYS G 332 12.37 -31.64 -39.60
CA LYS G 332 13.74 -32.14 -39.74
C LYS G 332 14.29 -32.45 -38.37
N VAL G 333 14.03 -31.58 -37.41
CA VAL G 333 14.51 -31.92 -36.10
C VAL G 333 13.89 -33.26 -35.76
N LEU G 334 12.59 -33.40 -35.97
CA LEU G 334 12.01 -34.70 -35.69
C LEU G 334 12.64 -35.77 -36.57
N GLU G 335 12.92 -35.48 -37.84
CA GLU G 335 13.48 -36.54 -38.67
C GLU G 335 14.84 -37.05 -38.21
N GLU G 336 15.68 -36.14 -37.72
CA GLU G 336 16.98 -36.49 -37.19
C GLU G 336 16.86 -37.38 -35.96
N ARG G 337 15.70 -37.32 -35.32
CA ARG G 337 15.43 -38.16 -34.17
C ARG G 337 14.76 -39.45 -34.71
N ASN G 338 14.60 -39.55 -36.03
CA ASN G 338 13.97 -40.75 -36.56
C ASN G 338 12.54 -40.83 -36.02
N LEU G 339 11.97 -39.67 -35.68
CA LEU G 339 10.61 -39.61 -35.15
C LEU G 339 10.56 -40.11 -33.71
N MET H 1 -49.70 -35.00 -23.56
CA MET H 1 -50.81 -34.56 -24.39
C MET H 1 -50.45 -33.42 -25.34
N ARG H 2 -51.50 -33.10 -26.12
CA ARG H 2 -51.42 -32.03 -27.09
C ARG H 2 -51.59 -30.67 -26.49
N VAL H 3 -50.51 -29.91 -26.62
CA VAL H 3 -50.76 -28.57 -26.10
C VAL H 3 -50.39 -27.56 -27.17
N VAL H 4 -51.19 -26.52 -27.35
CA VAL H 4 -50.88 -25.51 -28.36
C VAL H 4 -50.96 -24.13 -27.75
N VAL H 5 -49.84 -23.44 -27.90
CA VAL H 5 -49.83 -22.11 -27.33
C VAL H 5 -49.99 -21.16 -28.48
N ILE H 6 -51.01 -20.34 -28.39
CA ILE H 6 -51.20 -19.41 -29.47
C ILE H 6 -50.61 -18.13 -28.96
N GLY H 7 -49.53 -17.71 -29.63
CA GLY H 7 -48.83 -16.44 -29.31
C GLY H 7 -47.34 -16.61 -29.00
N ALA H 8 -46.48 -15.75 -29.51
CA ALA H 8 -45.08 -15.94 -29.22
C ALA H 8 -44.51 -14.66 -28.58
N GLY H 9 -45.36 -13.95 -27.86
CA GLY H 9 -44.95 -12.73 -27.16
C GLY H 9 -44.44 -13.14 -25.78
N VAL H 10 -44.18 -12.19 -24.90
CA VAL H 10 -43.65 -12.59 -23.60
C VAL H 10 -44.55 -13.58 -22.94
N ILE H 11 -45.84 -13.29 -22.98
CA ILE H 11 -46.79 -14.22 -22.38
C ILE H 11 -46.76 -15.68 -22.85
N GLY H 12 -46.98 -15.90 -24.14
CA GLY H 12 -46.99 -17.29 -24.58
C GLY H 12 -45.71 -18.03 -24.25
N LEU H 13 -44.62 -17.42 -24.70
CA LEU H 13 -43.34 -18.05 -24.52
C LEU H 13 -43.09 -18.41 -23.08
N SER H 14 -43.35 -17.49 -22.16
CA SER H 14 -43.10 -17.86 -20.77
C SER H 14 -43.96 -19.06 -20.43
N THR H 15 -45.24 -18.87 -20.68
CA THR H 15 -46.19 -19.89 -20.36
C THR H 15 -45.80 -21.21 -20.98
N ALA H 16 -45.46 -21.18 -22.25
CA ALA H 16 -45.10 -22.44 -22.86
C ALA H 16 -44.00 -23.05 -22.01
N LEU H 17 -42.94 -22.29 -21.86
CA LEU H 17 -41.80 -22.77 -21.08
C LEU H 17 -42.23 -23.23 -19.71
N CYS H 18 -42.91 -22.35 -19.04
CA CYS H 18 -43.31 -22.69 -17.71
C CYS H 18 -44.10 -23.99 -17.61
N ILE H 19 -45.04 -24.20 -18.51
CA ILE H 19 -45.85 -25.43 -18.46
C ILE H 19 -44.88 -26.55 -18.74
N HIS H 20 -44.11 -26.36 -19.80
CA HIS H 20 -43.21 -27.40 -20.17
C HIS H 20 -42.22 -27.77 -19.10
N GLU H 21 -41.74 -26.77 -18.40
CA GLU H 21 -40.74 -27.00 -17.40
C GLU H 21 -41.38 -27.86 -16.30
N ARG H 22 -42.48 -27.35 -15.77
CA ARG H 22 -43.19 -28.04 -14.69
C ARG H 22 -43.79 -29.39 -15.06
N TYR H 23 -44.25 -29.58 -16.29
CA TYR H 23 -44.79 -30.89 -16.60
C TYR H 23 -44.16 -31.56 -17.80
N HIS H 24 -43.14 -32.35 -17.58
CA HIS H 24 -42.71 -32.97 -18.79
C HIS H 24 -42.17 -34.27 -18.30
N SER H 25 -41.87 -34.21 -17.02
CA SER H 25 -41.38 -35.35 -16.28
C SER H 25 -42.67 -35.96 -15.76
N VAL H 26 -43.64 -35.09 -15.47
CA VAL H 26 -44.94 -35.48 -14.94
C VAL H 26 -45.85 -36.15 -15.98
N LEU H 27 -45.61 -35.84 -17.25
CA LEU H 27 -46.40 -36.43 -18.33
C LEU H 27 -45.36 -36.81 -19.36
N GLN H 28 -45.16 -38.11 -19.53
CA GLN H 28 -44.16 -38.59 -20.47
C GLN H 28 -44.29 -37.93 -21.83
N PRO H 29 -45.36 -38.22 -22.55
CA PRO H 29 -45.52 -37.57 -23.83
C PRO H 29 -46.31 -36.30 -23.59
N LEU H 30 -45.61 -35.18 -23.61
CA LEU H 30 -46.25 -33.87 -23.50
C LEU H 30 -45.81 -33.10 -24.74
N ASP H 31 -46.79 -32.75 -25.58
CA ASP H 31 -46.53 -32.06 -26.85
C ASP H 31 -46.89 -30.60 -26.84
N VAL H 32 -45.83 -29.83 -26.89
CA VAL H 32 -46.11 -28.41 -26.98
C VAL H 32 -45.71 -27.77 -28.30
N LYS H 33 -46.58 -26.93 -28.83
CA LYS H 33 -46.29 -26.27 -30.09
C LYS H 33 -46.71 -24.84 -29.88
N VAL H 34 -46.08 -23.97 -30.66
CA VAL H 34 -46.44 -22.60 -30.48
C VAL H 34 -46.80 -22.12 -31.85
N TYR H 35 -48.00 -21.58 -31.91
CA TYR H 35 -48.43 -21.03 -33.17
C TYR H 35 -48.47 -19.53 -32.96
N ALA H 36 -47.96 -18.76 -33.92
CA ALA H 36 -48.02 -17.30 -33.84
C ALA H 36 -47.81 -16.71 -35.20
N ASP H 37 -48.54 -15.61 -35.43
CA ASP H 37 -48.51 -14.95 -36.73
C ASP H 37 -47.39 -13.94 -36.71
N ARG H 38 -46.84 -13.69 -35.54
CA ARG H 38 -45.74 -12.75 -35.38
C ARG H 38 -44.84 -13.34 -34.31
N PHE H 39 -43.56 -13.11 -34.53
CA PHE H 39 -42.48 -13.52 -33.64
C PHE H 39 -41.52 -12.34 -33.56
N THR H 40 -40.70 -12.31 -32.51
CA THR H 40 -39.80 -11.17 -32.37
C THR H 40 -38.98 -11.11 -33.63
N PRO H 41 -38.57 -9.94 -34.04
CA PRO H 41 -38.85 -8.70 -33.35
C PRO H 41 -40.25 -8.20 -33.59
N PHE H 42 -41.16 -9.05 -34.03
CA PHE H 42 -42.48 -8.46 -34.29
C PHE H 42 -43.63 -8.27 -33.29
N THR H 43 -43.49 -8.75 -32.06
CA THR H 43 -44.55 -8.62 -31.08
C THR H 43 -44.67 -7.31 -30.35
N THR H 44 -45.69 -7.24 -29.52
CA THR H 44 -45.86 -6.02 -28.78
C THR H 44 -44.72 -6.03 -27.80
N THR H 45 -44.49 -7.19 -27.21
CA THR H 45 -43.42 -7.36 -26.26
C THR H 45 -42.13 -6.72 -26.78
N ASP H 46 -41.74 -7.02 -28.02
CA ASP H 46 -40.56 -6.38 -28.59
C ASP H 46 -40.52 -4.85 -28.47
N VAL H 47 -41.62 -4.17 -28.21
CA VAL H 47 -41.56 -2.72 -28.17
C VAL H 47 -41.43 -2.21 -26.76
N ALA H 48 -41.81 -3.08 -25.82
CA ALA H 48 -41.79 -2.63 -24.47
C ALA H 48 -40.44 -2.27 -23.94
N ALA H 49 -40.50 -1.07 -23.36
CA ALA H 49 -39.45 -0.45 -22.60
C ALA H 49 -38.81 -1.57 -21.71
N GLY H 50 -39.62 -2.39 -21.06
CA GLY H 50 -39.09 -3.48 -20.25
C GLY H 50 -38.87 -3.21 -18.78
N LEU H 51 -39.35 -2.06 -18.30
CA LEU H 51 -39.12 -1.76 -16.90
C LEU H 51 -40.08 -2.45 -16.00
N TRP H 52 -39.65 -2.99 -14.87
CA TRP H 52 -40.62 -3.61 -13.98
C TRP H 52 -41.17 -2.54 -13.09
N GLN H 53 -42.46 -2.24 -13.23
CA GLN H 53 -43.16 -1.26 -12.40
C GLN H 53 -44.62 -1.34 -12.76
N PRO H 54 -45.46 -1.78 -11.83
CA PRO H 54 -46.90 -1.89 -11.99
C PRO H 54 -47.48 -0.51 -12.01
N TYR H 55 -48.79 -0.38 -12.38
CA TYR H 55 -49.42 0.94 -12.33
C TYR H 55 -49.43 1.43 -10.84
N THR H 56 -49.51 2.73 -10.60
CA THR H 56 -49.50 3.24 -9.25
C THR H 56 -50.75 2.87 -8.46
N SER H 57 -51.92 2.96 -9.10
CA SER H 57 -53.12 2.55 -8.39
C SER H 57 -52.94 1.10 -7.96
N GLU H 58 -53.62 0.72 -6.89
CA GLU H 58 -53.64 -0.60 -6.27
C GLU H 58 -54.46 -1.52 -7.16
N PRO H 59 -54.03 -2.76 -7.33
CA PRO H 59 -54.70 -3.69 -8.23
C PRO H 59 -56.15 -4.08 -8.03
N SER H 60 -56.90 -4.03 -9.12
CA SER H 60 -58.33 -4.39 -9.11
C SER H 60 -58.30 -5.86 -8.66
N ASN H 61 -57.75 -6.74 -9.49
CA ASN H 61 -57.66 -8.14 -9.13
C ASN H 61 -56.45 -8.30 -8.22
N PRO H 62 -56.72 -8.44 -6.93
CA PRO H 62 -55.68 -8.69 -5.95
C PRO H 62 -54.69 -9.82 -6.33
N GLN H 63 -55.12 -10.76 -7.17
CA GLN H 63 -54.19 -11.82 -7.57
C GLN H 63 -53.10 -11.11 -8.37
N GLU H 64 -53.45 -10.01 -9.04
CA GLU H 64 -52.46 -9.33 -9.81
C GLU H 64 -51.23 -8.97 -9.00
N ALA H 65 -51.37 -8.35 -7.83
CA ALA H 65 -50.18 -7.93 -7.11
C ALA H 65 -49.32 -9.13 -6.82
N ASN H 66 -49.92 -10.24 -6.43
CA ASN H 66 -49.00 -11.35 -6.19
C ASN H 66 -48.30 -11.73 -7.46
N TRP H 67 -49.01 -11.70 -8.55
CA TRP H 67 -48.33 -12.05 -9.77
C TRP H 67 -47.18 -11.09 -10.00
N ASN H 68 -47.43 -9.81 -9.77
CA ASN H 68 -46.35 -8.84 -9.93
C ASN H 68 -45.18 -9.15 -9.04
N GLN H 69 -45.48 -9.41 -7.77
CA GLN H 69 -44.40 -9.73 -6.87
C GLN H 69 -43.64 -10.98 -7.28
N GLN H 70 -44.34 -12.05 -7.57
CA GLN H 70 -43.66 -13.27 -7.94
C GLN H 70 -42.73 -13.01 -9.12
N THR H 71 -43.20 -12.19 -10.06
CA THR H 71 -42.38 -11.89 -11.22
C THR H 71 -41.11 -11.17 -10.76
N PHE H 72 -41.28 -10.14 -9.94
CA PHE H 72 -40.11 -9.42 -9.49
C PHE H 72 -39.11 -10.34 -8.84
N ASN H 73 -39.59 -11.23 -8.02
CA ASN H 73 -38.64 -12.13 -7.39
C ASN H 73 -37.92 -13.06 -8.35
N TYR H 74 -38.67 -13.73 -9.21
CA TYR H 74 -38.05 -14.63 -10.20
C TYR H 74 -36.99 -13.77 -10.89
N LEU H 75 -37.34 -12.53 -11.20
CA LEU H 75 -36.30 -11.78 -11.83
C LEU H 75 -35.12 -11.54 -10.90
N LEU H 76 -35.37 -10.93 -9.72
CA LEU H 76 -34.25 -10.65 -8.83
C LEU H 76 -33.30 -11.81 -8.67
N SER H 77 -33.89 -13.00 -8.51
CA SER H 77 -33.14 -14.21 -8.30
C SER H 77 -32.09 -14.45 -9.36
N HIS H 78 -32.32 -13.94 -10.58
CA HIS H 78 -31.35 -14.17 -11.63
C HIS H 78 -30.28 -13.10 -11.65
N ILE H 79 -30.40 -12.15 -10.71
CA ILE H 79 -29.41 -11.09 -10.60
C ILE H 79 -28.26 -11.67 -9.82
N GLY H 80 -27.16 -11.91 -10.55
CA GLY H 80 -25.99 -12.49 -9.93
C GLY H 80 -25.53 -13.59 -10.87
N SER H 81 -26.50 -14.12 -11.60
CA SER H 81 -26.16 -15.12 -12.58
C SER H 81 -25.40 -14.41 -13.68
N PRO H 82 -24.46 -15.12 -14.28
CA PRO H 82 -23.73 -14.57 -15.39
C PRO H 82 -24.59 -14.44 -16.62
N ASN H 83 -25.83 -14.88 -16.58
CA ASN H 83 -26.65 -14.79 -17.78
C ASN H 83 -27.68 -13.69 -17.93
N ALA H 84 -28.02 -13.18 -16.76
CA ALA H 84 -28.99 -12.14 -16.63
C ALA H 84 -29.01 -11.16 -17.78
N ALA H 85 -27.87 -10.70 -18.21
CA ALA H 85 -28.04 -9.69 -19.24
C ALA H 85 -28.30 -10.36 -20.52
N ASN H 86 -27.87 -11.59 -20.59
CA ASN H 86 -28.10 -12.32 -21.83
C ASN H 86 -29.56 -12.65 -21.83
N MET H 87 -30.12 -12.69 -20.65
CA MET H 87 -31.52 -12.97 -20.54
C MET H 87 -32.24 -11.62 -20.75
N GLY H 88 -31.52 -10.52 -20.92
CA GLY H 88 -32.13 -9.21 -21.14
C GLY H 88 -32.46 -8.50 -19.82
N LEU H 89 -31.89 -8.99 -18.73
CA LEU H 89 -32.12 -8.42 -17.41
C LEU H 89 -30.98 -7.61 -16.78
N THR H 90 -31.29 -6.52 -16.09
CA THR H 90 -30.31 -5.75 -15.25
C THR H 90 -30.96 -4.76 -14.32
N PRO H 91 -30.34 -4.50 -13.18
CA PRO H 91 -31.00 -3.59 -12.28
C PRO H 91 -30.92 -2.20 -12.87
N VAL H 92 -31.84 -1.32 -12.50
CA VAL H 92 -31.83 0.06 -12.98
C VAL H 92 -32.47 0.81 -11.83
N SER H 93 -31.94 1.99 -11.53
CA SER H 93 -32.54 2.75 -10.46
C SER H 93 -33.15 3.97 -11.06
N GLY H 94 -34.10 4.60 -10.38
CA GLY H 94 -34.70 5.75 -11.01
C GLY H 94 -35.81 6.46 -10.27
N TYR H 95 -36.22 7.56 -10.89
CA TYR H 95 -37.23 8.47 -10.37
C TYR H 95 -38.64 8.37 -10.95
N ASN H 96 -39.65 8.54 -10.11
CA ASN H 96 -41.07 8.67 -10.50
C ASN H 96 -41.42 10.11 -10.06
N LEU H 97 -41.59 11.04 -10.99
CA LEU H 97 -41.91 12.41 -10.66
C LEU H 97 -43.41 12.71 -10.74
N PHE H 98 -43.88 13.53 -9.82
CA PHE H 98 -45.28 13.91 -9.76
C PHE H 98 -45.32 15.39 -9.60
N ARG H 99 -46.52 15.93 -9.87
CA ARG H 99 -46.69 17.37 -9.81
C ARG H 99 -47.31 17.80 -8.51
N GLU H 100 -47.54 16.81 -7.64
CA GLU H 100 -48.13 17.04 -6.35
C GLU H 100 -48.05 15.75 -5.53
N ALA H 101 -48.24 15.88 -4.22
CA ALA H 101 -48.16 14.74 -3.32
C ALA H 101 -49.15 13.69 -3.72
N VAL H 102 -48.68 12.45 -3.59
CA VAL H 102 -49.43 11.28 -4.01
C VAL H 102 -49.13 10.09 -3.14
N PRO H 103 -50.12 9.27 -2.88
CA PRO H 103 -49.93 8.13 -2.01
C PRO H 103 -48.90 7.15 -2.60
N ASP H 104 -48.25 6.45 -1.73
CA ASP H 104 -47.19 5.44 -2.04
C ASP H 104 -47.72 4.29 -2.85
N PRO H 105 -46.93 3.75 -3.76
CA PRO H 105 -47.43 2.66 -4.59
C PRO H 105 -47.58 1.38 -3.77
N TYR H 106 -48.52 0.50 -4.10
CA TYR H 106 -48.66 -0.75 -3.33
C TYR H 106 -47.40 -1.57 -3.46
N TRP H 107 -46.68 -1.39 -4.57
CA TRP H 107 -45.47 -2.17 -4.72
C TRP H 107 -44.26 -1.58 -4.02
N LYS H 108 -44.45 -0.46 -3.31
CA LYS H 108 -43.34 0.24 -2.67
C LYS H 108 -42.36 -0.73 -2.02
N ASP H 109 -42.87 -1.81 -1.46
CA ASP H 109 -41.92 -2.71 -0.84
C ASP H 109 -41.46 -3.85 -1.71
N MET H 110 -42.00 -3.97 -2.91
CA MET H 110 -41.57 -5.04 -3.78
C MET H 110 -40.26 -4.66 -4.45
N VAL H 111 -40.11 -3.37 -4.72
CA VAL H 111 -38.89 -2.93 -5.36
C VAL H 111 -37.82 -2.72 -4.29
N LEU H 112 -36.58 -2.50 -4.71
CA LEU H 112 -35.46 -2.25 -3.80
C LEU H 112 -35.27 -0.77 -3.45
N GLY H 113 -35.26 -0.45 -2.16
CA GLY H 113 -34.99 0.92 -1.72
C GLY H 113 -35.97 2.05 -1.92
N PHE H 114 -37.26 1.70 -1.98
CA PHE H 114 -38.28 2.73 -2.20
C PHE H 114 -38.08 3.86 -1.22
N ARG H 115 -38.22 5.10 -1.67
CA ARG H 115 -38.06 6.19 -0.73
C ARG H 115 -38.57 7.45 -1.43
N LYS H 116 -38.99 8.46 -0.69
CA LYS H 116 -39.54 9.69 -1.31
C LYS H 116 -38.39 10.60 -1.70
N LEU H 117 -38.48 11.29 -2.81
CA LEU H 117 -37.32 12.10 -3.18
C LEU H 117 -37.24 13.26 -2.25
N THR H 118 -36.02 13.72 -2.05
CA THR H 118 -35.76 14.89 -1.22
C THR H 118 -35.81 16.07 -2.18
N PRO H 119 -35.84 17.26 -1.59
CA PRO H 119 -35.88 18.48 -2.36
C PRO H 119 -34.67 18.64 -3.24
N ARG H 120 -33.47 18.40 -2.72
CA ARG H 120 -32.32 18.54 -3.61
C ARG H 120 -32.52 17.70 -4.85
N GLU H 121 -33.05 16.49 -4.64
CA GLU H 121 -33.28 15.61 -5.78
C GLU H 121 -34.28 16.24 -6.69
N LEU H 122 -35.36 16.73 -6.07
CA LEU H 122 -36.42 17.36 -6.83
C LEU H 122 -35.90 18.48 -7.64
N ASP H 123 -35.10 19.32 -6.99
CA ASP H 123 -34.56 20.45 -7.63
C ASP H 123 -33.99 20.08 -8.95
N MET H 124 -33.89 18.79 -9.22
CA MET H 124 -33.35 18.36 -10.50
C MET H 124 -34.47 18.33 -11.52
N PHE H 125 -35.68 18.62 -11.04
CA PHE H 125 -36.82 18.52 -11.93
C PHE H 125 -37.80 19.62 -11.46
N PRO H 126 -37.39 20.83 -11.76
CA PRO H 126 -38.14 21.97 -11.27
C PRO H 126 -39.63 21.87 -11.53
N ASP H 127 -40.00 21.13 -12.59
CA ASP H 127 -41.37 20.99 -13.01
C ASP H 127 -42.18 20.18 -12.10
N TYR H 128 -41.53 19.16 -11.52
CA TYR H 128 -42.23 18.31 -10.57
C TYR H 128 -42.13 18.75 -9.14
N ARG H 129 -43.15 18.44 -8.36
CA ARG H 129 -43.28 18.88 -6.97
C ARG H 129 -43.25 17.72 -5.96
N TYR H 130 -42.98 16.48 -6.40
CA TYR H 130 -43.06 15.43 -5.40
C TYR H 130 -42.73 14.16 -6.15
N GLY H 131 -42.25 13.13 -5.46
CA GLY H 131 -41.91 11.91 -6.17
C GLY H 131 -41.19 10.83 -5.39
N TRP H 132 -40.81 9.77 -6.08
CA TRP H 132 -40.14 8.67 -5.41
C TRP H 132 -38.86 8.28 -6.09
N PHE H 133 -38.12 7.42 -5.40
CA PHE H 133 -36.88 6.88 -5.91
C PHE H 133 -36.82 5.43 -5.51
N ASN H 134 -36.28 4.61 -6.40
CA ASN H 134 -36.19 3.18 -6.10
C ASN H 134 -35.41 2.46 -7.16
N THR H 135 -35.01 1.24 -6.84
CA THR H 135 -34.19 0.48 -7.76
C THR H 135 -35.12 -0.61 -8.25
N SER H 136 -34.93 -1.05 -9.48
CA SER H 136 -35.77 -2.09 -10.04
C SER H 136 -35.03 -2.83 -11.12
N LEU H 137 -35.79 -3.47 -12.01
CA LEU H 137 -35.18 -4.25 -13.06
C LEU H 137 -35.65 -3.87 -14.41
N ILE H 138 -34.88 -4.30 -15.39
CA ILE H 138 -35.24 -4.09 -16.74
C ILE H 138 -35.13 -5.48 -17.32
N LEU H 139 -36.22 -5.87 -17.99
CA LEU H 139 -36.29 -7.17 -18.62
C LEU H 139 -36.69 -6.73 -20.01
N GLU H 140 -35.72 -6.62 -20.91
CA GLU H 140 -35.97 -6.20 -22.27
C GLU H 140 -36.69 -7.25 -23.13
N GLY H 141 -37.78 -6.82 -23.74
CA GLY H 141 -38.63 -7.70 -24.52
C GLY H 141 -37.91 -8.52 -25.54
N ARG H 142 -37.36 -7.82 -26.53
CA ARG H 142 -36.69 -8.50 -27.62
C ARG H 142 -35.70 -9.48 -27.09
N LYS H 143 -34.88 -9.04 -26.15
CA LYS H 143 -33.92 -10.00 -25.68
C LYS H 143 -34.56 -11.19 -24.98
N TYR H 144 -35.40 -10.92 -23.98
CA TYR H 144 -36.10 -12.01 -23.24
C TYR H 144 -36.79 -12.93 -24.26
N LEU H 145 -37.35 -12.36 -25.33
CA LEU H 145 -38.01 -13.23 -26.28
C LEU H 145 -37.00 -14.20 -26.85
N GLN H 146 -35.88 -13.66 -27.31
CA GLN H 146 -34.86 -14.54 -27.85
C GLN H 146 -34.42 -15.60 -26.84
N TRP H 147 -34.28 -15.23 -25.56
CA TRP H 147 -33.87 -16.22 -24.58
C TRP H 147 -34.89 -17.34 -24.48
N LEU H 148 -36.13 -16.93 -24.18
CA LEU H 148 -37.25 -17.85 -24.03
C LEU H 148 -37.26 -18.76 -25.26
N THR H 149 -37.08 -18.12 -26.40
CA THR H 149 -37.09 -18.94 -27.57
C THR H 149 -36.04 -20.03 -27.55
N GLU H 150 -34.79 -19.65 -27.29
CA GLU H 150 -33.70 -20.64 -27.27
C GLU H 150 -34.02 -21.69 -26.22
N ARG H 151 -34.39 -21.24 -25.03
CA ARG H 151 -34.77 -22.23 -24.02
C ARG H 151 -35.83 -23.19 -24.55
N LEU H 152 -36.94 -22.68 -25.05
CA LEU H 152 -38.03 -23.54 -25.52
C LEU H 152 -37.48 -24.47 -26.56
N THR H 153 -36.78 -23.87 -27.49
CA THR H 153 -36.24 -24.67 -28.53
C THR H 153 -35.43 -25.85 -28.03
N GLU H 154 -34.56 -25.61 -27.08
CA GLU H 154 -33.76 -26.72 -26.57
C GLU H 154 -34.66 -27.73 -25.92
N ARG H 155 -35.73 -27.27 -25.29
CA ARG H 155 -36.61 -28.20 -24.62
C ARG H 155 -37.47 -28.93 -25.64
N GLY H 156 -37.23 -28.58 -26.90
CA GLY H 156 -37.96 -29.20 -27.99
C GLY H 156 -39.35 -28.67 -28.27
N VAL H 157 -39.66 -27.45 -27.88
CA VAL H 157 -40.97 -26.97 -28.20
C VAL H 157 -40.88 -26.50 -29.64
N LYS H 158 -41.87 -26.84 -30.46
CA LYS H 158 -41.81 -26.41 -31.84
C LYS H 158 -42.60 -25.17 -32.15
N PHE H 159 -42.04 -24.34 -33.01
CA PHE H 159 -42.71 -23.09 -33.36
C PHE H 159 -43.26 -23.14 -34.77
N PHE H 160 -44.39 -22.48 -35.03
CA PHE H 160 -44.98 -22.41 -36.38
C PHE H 160 -45.56 -21.05 -36.64
N LEU H 161 -45.16 -20.48 -37.77
CA LEU H 161 -45.65 -19.16 -38.08
C LEU H 161 -47.01 -19.40 -38.65
N ARG H 162 -48.04 -19.06 -37.87
CA ARG H 162 -49.44 -19.29 -38.27
C ARG H 162 -50.50 -18.39 -37.77
N LYS H 163 -51.46 -18.15 -38.62
CA LYS H 163 -52.51 -17.31 -38.06
C LYS H 163 -53.70 -18.15 -37.62
N VAL H 164 -53.92 -18.28 -36.32
CA VAL H 164 -55.06 -19.07 -35.94
C VAL H 164 -56.29 -18.27 -36.33
N GLU H 165 -57.31 -18.91 -36.92
CA GLU H 165 -58.57 -18.24 -37.31
C GLU H 165 -59.72 -18.61 -36.35
N SER H 166 -59.67 -19.82 -35.69
CA SER H 166 -60.71 -20.17 -34.74
C SER H 166 -60.13 -21.19 -33.76
N PHE H 167 -60.55 -21.16 -32.49
CA PHE H 167 -59.99 -22.14 -31.57
C PHE H 167 -60.35 -23.50 -32.12
N GLU H 168 -61.53 -23.51 -32.72
CA GLU H 168 -62.09 -24.71 -33.31
C GLU H 168 -61.04 -25.32 -34.23
N GLU H 169 -60.58 -24.49 -35.15
CA GLU H 169 -59.55 -24.88 -36.11
C GLU H 169 -58.46 -25.64 -35.37
N VAL H 170 -58.13 -25.05 -34.25
CA VAL H 170 -57.14 -25.72 -33.44
C VAL H 170 -57.87 -26.85 -32.74
N ALA H 171 -59.08 -26.55 -32.29
CA ALA H 171 -59.88 -27.54 -31.60
C ALA H 171 -60.08 -28.73 -32.55
N ARG H 172 -60.08 -28.49 -33.87
CA ARG H 172 -60.22 -29.59 -34.83
C ARG H 172 -58.95 -30.43 -34.80
N GLY H 173 -57.77 -29.81 -34.84
CA GLY H 173 -56.45 -30.49 -34.80
C GLY H 173 -56.25 -31.23 -33.47
N GLY H 174 -57.38 -31.71 -32.95
CA GLY H 174 -57.46 -32.44 -31.72
C GLY H 174 -56.66 -31.73 -30.67
N ALA H 175 -56.48 -30.43 -30.79
CA ALA H 175 -55.70 -29.73 -29.78
C ALA H 175 -56.40 -29.98 -28.45
N ASP H 176 -55.71 -30.58 -27.47
CA ASP H 176 -56.27 -30.92 -26.13
C ASP H 176 -56.40 -29.79 -25.07
N VAL H 177 -55.52 -28.81 -25.24
CA VAL H 177 -55.43 -27.59 -24.46
C VAL H 177 -54.92 -26.47 -25.41
N ILE H 178 -55.53 -25.30 -25.33
CA ILE H 178 -55.11 -24.30 -26.23
C ILE H 178 -54.88 -23.22 -25.18
N ILE H 179 -53.63 -22.77 -25.15
CA ILE H 179 -53.32 -21.65 -24.26
C ILE H 179 -53.40 -20.40 -25.11
N ASN H 180 -54.39 -19.57 -24.81
CA ASN H 180 -54.63 -18.39 -25.63
C ASN H 180 -53.82 -17.23 -25.07
N CYS H 181 -52.82 -16.81 -25.84
CA CYS H 181 -51.95 -15.72 -25.38
C CYS H 181 -51.80 -14.77 -26.54
N THR H 182 -52.92 -14.33 -27.08
CA THR H 182 -52.95 -13.50 -28.26
C THR H 182 -52.97 -12.00 -28.02
N GLY H 183 -52.77 -11.59 -26.77
CA GLY H 183 -52.71 -10.16 -26.51
C GLY H 183 -53.81 -9.32 -27.07
N VAL H 184 -53.59 -8.06 -27.45
CA VAL H 184 -54.72 -7.27 -27.95
C VAL H 184 -55.56 -7.94 -29.00
N TRP H 185 -54.95 -8.83 -29.77
CA TRP H 185 -55.74 -9.45 -30.80
C TRP H 185 -56.56 -10.63 -30.33
N ALA H 186 -56.64 -10.82 -29.03
CA ALA H 186 -57.37 -11.97 -28.48
C ALA H 186 -58.82 -11.95 -28.91
N GLY H 187 -59.28 -10.73 -29.15
CA GLY H 187 -60.67 -10.50 -29.50
C GLY H 187 -61.15 -11.34 -30.68
N VAL H 188 -60.37 -11.30 -31.74
CA VAL H 188 -60.71 -12.03 -32.92
C VAL H 188 -61.02 -13.50 -32.65
N LEU H 189 -60.31 -14.15 -31.74
CA LEU H 189 -60.54 -15.55 -31.49
C LEU H 189 -61.85 -15.80 -30.76
N GLN H 190 -62.23 -14.76 -30.00
CA GLN H 190 -63.45 -14.74 -29.23
C GLN H 190 -63.62 -13.28 -28.78
N PRO H 191 -64.76 -12.67 -29.02
CA PRO H 191 -64.98 -11.27 -28.65
C PRO H 191 -64.86 -11.09 -27.16
N ASP H 192 -64.33 -9.90 -26.87
CA ASP H 192 -64.09 -9.41 -25.53
C ASP H 192 -63.97 -7.91 -25.60
N PRO H 193 -65.09 -7.28 -25.34
CA PRO H 193 -65.22 -5.84 -25.41
C PRO H 193 -64.39 -5.20 -24.33
N LEU H 194 -63.90 -6.03 -23.41
CA LEU H 194 -63.09 -5.50 -22.33
C LEU H 194 -61.69 -5.08 -22.70
N LEU H 195 -61.18 -5.87 -23.64
CA LEU H 195 -59.86 -5.75 -24.21
C LEU H 195 -59.78 -4.60 -25.20
N GLN H 196 -58.68 -3.85 -25.19
CA GLN H 196 -58.48 -2.74 -26.12
C GLN H 196 -57.06 -2.28 -26.33
N PRO H 197 -56.77 -1.81 -27.53
CA PRO H 197 -55.45 -1.32 -27.80
C PRO H 197 -55.16 -0.06 -26.97
N GLY H 198 -54.05 -0.08 -26.24
CA GLY H 198 -53.56 1.05 -25.46
C GLY H 198 -52.31 1.37 -26.29
N ARG H 199 -52.46 2.22 -27.27
CA ARG H 199 -51.35 2.48 -28.16
C ARG H 199 -50.24 3.28 -27.57
N GLY H 200 -49.02 2.89 -27.90
CA GLY H 200 -47.91 3.66 -27.42
C GLY H 200 -46.83 3.69 -28.50
N GLN H 201 -46.27 4.88 -28.70
CA GLN H 201 -45.18 5.07 -29.65
C GLN H 201 -43.98 5.46 -28.79
N ILE H 202 -42.76 5.15 -29.22
CA ILE H 202 -41.57 5.54 -28.45
C ILE H 202 -40.45 5.79 -29.43
N ILE H 203 -39.50 6.62 -28.99
CA ILE H 203 -38.33 6.89 -29.80
C ILE H 203 -37.19 6.19 -29.07
N LYS H 204 -36.33 5.47 -29.78
CA LYS H 204 -35.14 4.86 -29.20
C LYS H 204 -33.99 5.79 -29.54
N VAL H 205 -33.24 6.15 -28.53
CA VAL H 205 -32.21 7.08 -28.82
C VAL H 205 -30.92 6.56 -28.21
N ASP H 206 -29.80 6.99 -28.76
CA ASP H 206 -28.51 6.57 -28.23
C ASP H 206 -28.04 7.68 -27.31
N ALA H 207 -28.04 7.42 -26.00
CA ALA H 207 -27.63 8.44 -25.01
C ALA H 207 -27.19 7.72 -23.75
N PRO H 208 -26.03 7.07 -23.87
CA PRO H 208 -25.42 6.29 -22.82
C PRO H 208 -25.17 7.00 -21.54
N TRP H 209 -25.00 8.30 -21.57
CA TRP H 209 -24.75 8.81 -20.26
C TRP H 209 -25.96 8.76 -19.38
N LEU H 210 -27.13 8.41 -19.91
CA LEU H 210 -28.29 8.38 -19.00
C LEU H 210 -28.37 7.02 -18.30
N LYS H 211 -28.12 6.99 -16.99
CA LYS H 211 -28.10 5.70 -16.31
C LYS H 211 -29.34 5.34 -15.54
N ASN H 212 -30.25 6.29 -15.40
CA ASN H 212 -31.42 5.96 -14.58
C ASN H 212 -32.72 6.30 -15.28
N PHE H 213 -33.77 5.57 -14.94
CA PHE H 213 -35.03 5.90 -15.56
C PHE H 213 -35.68 7.08 -14.83
N ILE H 214 -36.55 7.79 -15.53
CA ILE H 214 -37.29 8.91 -14.99
C ILE H 214 -38.66 8.74 -15.63
N ILE H 215 -39.66 8.59 -14.78
CA ILE H 215 -41.01 8.38 -15.23
C ILE H 215 -41.86 9.46 -14.59
N THR H 216 -42.33 10.34 -15.45
CA THR H 216 -43.16 11.47 -15.13
C THR H 216 -44.62 11.04 -15.07
N HIS H 217 -45.49 11.71 -14.31
CA HIS H 217 -46.90 11.33 -14.21
C HIS H 217 -47.90 12.50 -14.12
N ASP H 218 -48.77 12.59 -15.12
CA ASP H 218 -49.89 13.55 -15.04
C ASP H 218 -51.14 12.75 -14.75
N LEU H 219 -51.95 13.27 -13.88
CA LEU H 219 -53.17 12.59 -13.50
C LEU H 219 -54.30 13.06 -14.39
N GLU H 220 -54.11 14.25 -14.95
CA GLU H 220 -55.13 14.88 -15.81
C GLU H 220 -54.91 14.63 -17.31
N ARG H 221 -53.75 14.13 -17.69
CA ARG H 221 -53.51 13.74 -19.11
C ARG H 221 -53.57 12.23 -19.17
N GLY H 222 -54.08 11.63 -18.09
CA GLY H 222 -54.19 10.20 -17.99
C GLY H 222 -52.86 9.53 -17.67
N ILE H 223 -52.84 8.21 -17.84
CA ILE H 223 -51.67 7.38 -17.57
C ILE H 223 -50.84 7.12 -18.80
N TYR H 224 -49.53 7.05 -18.57
CA TYR H 224 -48.53 6.77 -19.60
C TYR H 224 -48.58 7.73 -20.77
N ASN H 225 -48.77 9.01 -20.50
CA ASN H 225 -48.82 9.99 -21.56
C ASN H 225 -47.73 11.04 -21.36
N SER H 226 -47.44 11.33 -20.11
CA SER H 226 -46.41 12.22 -19.68
C SER H 226 -45.10 11.69 -20.24
N PRO H 227 -44.09 12.52 -20.38
CA PRO H 227 -42.84 11.98 -20.90
C PRO H 227 -42.19 11.08 -19.88
N TYR H 228 -41.44 10.08 -20.41
CA TYR H 228 -40.68 9.15 -19.60
C TYR H 228 -39.44 8.70 -20.34
N ILE H 229 -38.41 8.35 -19.59
CA ILE H 229 -37.13 7.96 -20.16
C ILE H 229 -36.65 6.71 -19.49
N ILE H 230 -36.33 5.68 -20.28
CA ILE H 230 -35.88 4.46 -19.65
C ILE H 230 -34.69 3.81 -20.32
N PRO H 231 -33.58 3.91 -19.62
CA PRO H 231 -32.31 3.40 -20.08
C PRO H 231 -32.48 1.90 -20.16
N GLY H 232 -32.07 1.30 -21.27
CA GLY H 232 -32.18 -0.12 -21.50
C GLY H 232 -30.79 -0.74 -21.63
N LEU H 233 -30.72 -1.98 -22.11
CA LEU H 233 -29.45 -2.64 -22.23
C LEU H 233 -28.51 -1.99 -23.17
N GLN H 234 -29.00 -1.34 -24.19
CA GLN H 234 -28.06 -0.83 -25.18
C GLN H 234 -28.50 0.48 -25.77
N ALA H 235 -29.69 0.94 -25.41
CA ALA H 235 -30.22 2.22 -25.91
C ALA H 235 -31.23 2.77 -24.93
N VAL H 236 -31.71 3.97 -25.19
CA VAL H 236 -32.66 4.57 -24.26
C VAL H 236 -33.98 4.74 -24.93
N THR H 237 -35.00 4.50 -24.13
CA THR H 237 -36.35 4.66 -24.62
C THR H 237 -36.94 5.97 -24.20
N LEU H 238 -37.24 6.80 -25.17
CA LEU H 238 -37.89 8.08 -24.96
C LEU H 238 -39.38 7.72 -25.14
N GLY H 239 -40.18 8.10 -24.18
CA GLY H 239 -41.55 7.70 -24.30
C GLY H 239 -42.56 8.73 -23.85
N GLY H 240 -43.80 8.40 -24.17
CA GLY H 240 -44.86 9.27 -23.80
C GLY H 240 -46.21 9.22 -24.46
N THR H 241 -46.79 8.06 -24.71
CA THR H 241 -48.19 8.06 -25.21
C THR H 241 -48.92 6.78 -24.89
N PHE H 242 -50.20 6.92 -24.60
CA PHE H 242 -50.99 5.73 -24.26
C PHE H 242 -52.41 6.06 -24.72
N GLN H 243 -52.73 5.76 -25.97
CA GLN H 243 -54.04 6.07 -26.55
C GLN H 243 -54.96 4.86 -26.66
N VAL H 244 -55.92 4.78 -25.77
CA VAL H 244 -56.81 3.63 -25.81
C VAL H 244 -57.76 3.64 -26.99
N GLY H 245 -57.87 2.50 -27.66
CA GLY H 245 -58.74 2.42 -28.82
C GLY H 245 -58.02 2.77 -30.12
N ASN H 246 -56.86 3.40 -30.07
CA ASN H 246 -56.20 3.68 -31.34
C ASN H 246 -55.57 2.42 -31.90
N TRP H 247 -55.96 2.04 -33.11
CA TRP H 247 -55.39 0.85 -33.67
C TRP H 247 -54.40 1.20 -34.73
N ASN H 248 -54.10 2.47 -34.85
CA ASN H 248 -53.16 2.83 -35.90
C ASN H 248 -51.81 2.26 -35.59
N GLU H 249 -51.28 1.40 -36.45
CA GLU H 249 -49.97 0.92 -36.09
C GLU H 249 -48.73 1.55 -36.65
N ILE H 250 -48.85 2.73 -37.22
CA ILE H 250 -47.69 3.41 -37.77
C ILE H 250 -47.23 4.50 -36.85
N ASN H 251 -45.94 4.76 -36.79
CA ASN H 251 -45.52 5.84 -35.90
C ASN H 251 -46.03 7.08 -36.57
N ASN H 252 -46.49 8.01 -35.75
CA ASN H 252 -47.04 9.29 -36.14
C ASN H 252 -46.03 10.41 -35.87
N ILE H 253 -45.93 11.36 -36.79
CA ILE H 253 -45.02 12.46 -36.51
C ILE H 253 -45.36 13.25 -35.25
N GLN H 254 -46.62 13.65 -35.19
CA GLN H 254 -47.04 14.47 -34.08
C GLN H 254 -46.59 13.79 -32.73
N ASP H 255 -46.86 12.48 -32.53
CA ASP H 255 -46.44 11.77 -31.34
C ASP H 255 -44.91 11.85 -31.19
N HIS H 256 -44.23 11.60 -32.29
CA HIS H 256 -42.80 11.66 -32.25
C HIS H 256 -42.44 13.03 -31.72
N ASN H 257 -43.02 14.08 -32.26
CA ASN H 257 -42.63 15.36 -31.69
C ASN H 257 -43.03 15.56 -30.25
N THR H 258 -44.14 15.04 -29.83
CA THR H 258 -44.42 15.43 -28.46
C THR H 258 -43.52 14.64 -27.54
N ILE H 259 -43.19 13.45 -27.97
CA ILE H 259 -42.33 12.65 -27.11
C ILE H 259 -40.98 13.33 -27.06
N TRP H 260 -40.48 13.61 -28.25
CA TRP H 260 -39.20 14.23 -28.28
C TRP H 260 -39.19 15.51 -27.50
N GLU H 261 -40.17 16.34 -27.69
CA GLU H 261 -40.08 17.60 -26.96
C GLU H 261 -40.24 17.41 -25.49
N GLY H 262 -41.05 16.46 -25.10
CA GLY H 262 -41.27 16.32 -23.67
C GLY H 262 -40.07 15.84 -22.92
N CYS H 263 -39.42 14.84 -23.51
CA CYS H 263 -38.26 14.26 -22.89
C CYS H 263 -37.14 15.27 -22.94
N CYS H 264 -36.95 15.91 -24.09
CA CYS H 264 -35.87 16.88 -24.22
C CYS H 264 -36.06 17.91 -23.12
N ARG H 265 -37.29 18.16 -22.71
CA ARG H 265 -37.59 19.14 -21.69
C ARG H 265 -37.30 18.63 -20.36
N LEU H 266 -37.45 17.31 -20.08
CA LEU H 266 -37.20 16.67 -18.80
C LEU H 266 -35.70 16.39 -18.68
N GLU H 267 -35.01 16.25 -19.81
CA GLU H 267 -33.60 15.87 -19.89
C GLU H 267 -32.87 16.46 -21.09
N PRO H 268 -32.49 17.69 -20.87
CA PRO H 268 -31.87 18.57 -21.85
C PRO H 268 -30.67 17.99 -22.53
N THR H 269 -30.09 16.99 -21.91
CA THR H 269 -28.91 16.47 -22.54
C THR H 269 -29.26 15.72 -23.79
N LEU H 270 -30.53 15.28 -23.87
CA LEU H 270 -31.02 14.51 -25.02
C LEU H 270 -30.77 15.30 -26.27
N LYS H 271 -30.61 16.62 -26.06
CA LYS H 271 -30.26 17.59 -27.14
C LYS H 271 -29.16 16.97 -27.98
N ASP H 272 -28.43 15.92 -27.57
CA ASP H 272 -27.42 15.32 -28.43
C ASP H 272 -27.59 13.85 -28.59
N ALA H 273 -28.70 13.29 -28.13
CA ALA H 273 -28.87 11.86 -28.30
C ALA H 273 -29.11 11.65 -29.79
N LYS H 274 -28.53 10.63 -30.43
CA LYS H 274 -28.71 10.30 -31.85
C LYS H 274 -30.00 9.45 -31.75
N ILE H 275 -30.99 9.70 -32.60
CA ILE H 275 -32.21 8.88 -32.54
C ILE H 275 -31.96 7.60 -33.31
N VAL H 276 -32.18 6.42 -32.72
CA VAL H 276 -31.91 5.23 -33.51
C VAL H 276 -33.12 4.51 -34.06
N GLY H 277 -34.32 4.86 -33.59
CA GLY H 277 -35.54 4.24 -34.08
C GLY H 277 -36.82 4.72 -33.40
N GLU H 278 -37.99 4.46 -34.00
CA GLU H 278 -39.25 4.82 -33.35
C GLU H 278 -40.14 3.61 -33.46
N TYR H 279 -41.01 3.41 -32.49
CA TYR H 279 -41.83 2.23 -32.58
C TYR H 279 -43.18 2.50 -31.97
N THR H 280 -44.17 1.73 -32.43
CA THR H 280 -45.47 1.87 -31.79
C THR H 280 -46.03 0.49 -31.52
N GLY H 281 -46.83 0.35 -30.47
CA GLY H 281 -47.33 -0.99 -30.19
C GLY H 281 -48.62 -0.85 -29.41
N PHE H 282 -49.37 -1.95 -29.39
CA PHE H 282 -50.64 -1.91 -28.71
C PHE H 282 -50.65 -2.53 -27.34
N ARG H 283 -50.78 -1.75 -26.29
CA ARG H 283 -50.82 -2.42 -25.00
C ARG H 283 -52.15 -3.13 -24.93
N PRO H 284 -52.14 -4.41 -24.60
CA PRO H 284 -53.41 -5.14 -24.53
C PRO H 284 -54.13 -4.72 -23.26
N VAL H 285 -54.89 -3.65 -23.35
CA VAL H 285 -55.65 -3.17 -22.22
C VAL H 285 -56.93 -3.94 -21.85
N ARG H 286 -57.17 -4.13 -20.55
CA ARG H 286 -58.35 -4.81 -20.03
C ARG H 286 -58.37 -4.47 -18.54
N PRO H 287 -59.54 -4.24 -17.98
CA PRO H 287 -59.71 -3.87 -16.59
C PRO H 287 -59.03 -4.84 -15.65
N GLN H 288 -58.98 -6.10 -16.03
CA GLN H 288 -58.32 -7.07 -15.16
C GLN H 288 -57.81 -7.98 -16.25
N VAL H 289 -56.75 -8.74 -15.92
CA VAL H 289 -56.13 -9.70 -16.83
C VAL H 289 -57.05 -10.88 -16.98
N ARG H 290 -57.15 -11.44 -18.17
CA ARG H 290 -57.99 -12.60 -18.30
C ARG H 290 -57.11 -13.85 -18.22
N LEU H 291 -57.24 -14.58 -17.12
CA LEU H 291 -56.43 -15.77 -16.95
C LEU H 291 -57.38 -16.76 -16.28
N GLU H 292 -57.92 -17.63 -17.11
CA GLU H 292 -58.93 -18.57 -16.64
C GLU H 292 -59.13 -19.64 -17.67
N ARG H 293 -59.62 -20.75 -17.15
CA ARG H 293 -59.87 -21.92 -17.97
C ARG H 293 -61.25 -21.79 -18.65
N GLU H 294 -61.44 -22.47 -19.77
CA GLU H 294 -62.71 -22.41 -20.50
C GLU H 294 -62.80 -23.62 -21.40
N GLN H 295 -63.86 -24.42 -21.20
CA GLN H 295 -64.06 -25.61 -22.01
C GLN H 295 -64.78 -25.20 -23.31
N LEU H 296 -64.20 -25.59 -24.44
CA LEU H 296 -64.81 -25.27 -25.72
C LEU H 296 -65.18 -26.62 -26.26
N ARG H 297 -66.43 -26.73 -26.68
CA ARG H 297 -66.92 -27.97 -27.28
C ARG H 297 -67.32 -27.76 -28.76
N PHE H 298 -66.85 -28.64 -29.62
CA PHE H 298 -67.15 -28.54 -31.05
C PHE H 298 -67.49 -29.97 -31.45
N GLY H 299 -68.79 -30.24 -31.49
CA GLY H 299 -69.37 -31.55 -31.80
C GLY H 299 -69.06 -32.57 -30.68
N SER H 300 -68.10 -33.46 -30.96
CA SER H 300 -67.62 -34.47 -30.01
C SER H 300 -66.28 -34.07 -29.38
N SER H 301 -65.67 -32.98 -29.88
CA SER H 301 -64.39 -32.49 -29.39
C SER H 301 -64.42 -31.75 -28.06
N ASN H 302 -63.76 -32.33 -27.06
CA ASN H 302 -63.66 -31.72 -25.74
C ASN H 302 -62.29 -31.08 -25.52
N THR H 303 -62.09 -29.87 -26.05
CA THR H 303 -60.80 -29.18 -25.86
C THR H 303 -60.83 -28.05 -24.82
N GLU H 304 -59.86 -28.07 -23.90
CA GLU H 304 -59.76 -27.07 -22.85
C GLU H 304 -58.98 -25.90 -23.38
N VAL H 305 -59.32 -24.74 -22.84
CA VAL H 305 -58.67 -23.52 -23.25
C VAL H 305 -58.33 -22.71 -22.02
N ILE H 306 -57.07 -22.27 -21.91
CA ILE H 306 -56.72 -21.44 -20.78
C ILE H 306 -56.34 -20.09 -21.35
N HIS H 307 -57.00 -19.07 -20.86
CA HIS H 307 -56.69 -17.76 -21.38
C HIS H 307 -55.67 -17.06 -20.50
N ASN H 308 -54.85 -16.20 -21.10
CA ASN H 308 -53.88 -15.44 -20.36
C ASN H 308 -53.63 -14.26 -21.27
N TYR H 309 -54.39 -13.18 -21.06
CA TYR H 309 -54.21 -12.02 -21.90
C TYR H 309 -54.78 -10.77 -21.24
N GLY H 310 -54.44 -9.59 -21.74
CA GLY H 310 -54.94 -8.33 -21.17
C GLY H 310 -54.00 -7.74 -20.16
N HIS H 311 -52.72 -8.09 -20.27
CA HIS H 311 -51.74 -7.57 -19.32
C HIS H 311 -51.38 -6.11 -19.46
N GLY H 312 -52.09 -5.42 -20.32
CA GLY H 312 -51.92 -4.00 -20.46
C GLY H 312 -50.48 -3.62 -20.63
N GLY H 313 -50.14 -2.53 -19.99
CA GLY H 313 -48.78 -2.02 -20.06
C GLY H 313 -47.88 -2.62 -18.98
N TYR H 314 -48.19 -3.81 -18.52
CA TYR H 314 -47.36 -4.35 -17.47
C TYR H 314 -47.10 -5.83 -17.71
N GLY H 315 -47.14 -6.25 -18.95
CA GLY H 315 -46.91 -7.64 -19.28
C GLY H 315 -45.56 -8.17 -18.78
N LEU H 316 -44.48 -7.46 -19.10
CA LEU H 316 -43.18 -7.93 -18.67
C LEU H 316 -43.17 -7.99 -17.16
N THR H 317 -43.65 -6.89 -16.61
CA THR H 317 -43.73 -6.75 -15.18
C THR H 317 -44.42 -7.84 -14.44
N ILE H 318 -45.36 -8.52 -15.09
CA ILE H 318 -46.13 -9.55 -14.39
C ILE H 318 -46.12 -10.93 -15.07
N HIS H 319 -45.44 -11.03 -16.19
CA HIS H 319 -45.43 -12.27 -16.92
C HIS H 319 -45.30 -13.58 -16.15
N TRP H 320 -44.33 -13.67 -15.26
CA TRP H 320 -44.10 -14.92 -14.56
C TRP H 320 -45.22 -15.42 -13.69
N GLY H 321 -45.89 -14.49 -13.03
CA GLY H 321 -46.98 -14.87 -12.13
C GLY H 321 -48.06 -15.65 -12.89
N CYS H 322 -48.59 -14.95 -13.89
CA CYS H 322 -49.61 -15.51 -14.76
C CYS H 322 -49.12 -16.86 -15.27
N ALA H 323 -47.87 -16.92 -15.68
CA ALA H 323 -47.37 -18.17 -16.20
C ALA H 323 -47.49 -19.26 -15.19
N LEU H 324 -47.08 -18.97 -13.98
CA LEU H 324 -47.18 -19.97 -12.93
C LEU H 324 -48.65 -20.34 -12.82
N GLU H 325 -49.50 -19.32 -12.83
CA GLU H 325 -50.93 -19.60 -12.74
C GLU H 325 -51.49 -20.54 -13.81
N VAL H 326 -51.24 -20.21 -15.07
CA VAL H 326 -51.74 -21.03 -16.14
C VAL H 326 -51.27 -22.44 -15.91
N ALA H 327 -50.05 -22.53 -15.42
CA ALA H 327 -49.50 -23.85 -15.15
C ALA H 327 -50.40 -24.62 -14.20
N LYS H 328 -50.71 -23.98 -13.08
CA LYS H 328 -51.59 -24.58 -12.07
C LYS H 328 -52.87 -25.05 -12.79
N LEU H 329 -53.55 -24.17 -13.52
CA LEU H 329 -54.73 -24.68 -14.18
C LEU H 329 -54.38 -25.83 -15.11
N PHE H 330 -53.35 -25.65 -15.94
CA PHE H 330 -53.04 -26.71 -16.87
C PHE H 330 -52.88 -28.02 -16.14
N GLY H 331 -52.49 -27.87 -14.88
CA GLY H 331 -52.30 -29.04 -14.05
C GLY H 331 -53.68 -29.65 -13.81
N LYS H 332 -54.60 -28.83 -13.30
CA LYS H 332 -55.96 -29.29 -13.02
C LYS H 332 -56.52 -29.91 -14.28
N VAL H 333 -56.27 -29.28 -15.42
CA VAL H 333 -56.77 -29.92 -16.60
C VAL H 333 -56.15 -31.29 -16.63
N LEU H 334 -54.84 -31.38 -16.42
CA LEU H 334 -54.26 -32.71 -16.40
C LEU H 334 -54.88 -33.55 -15.28
N GLU H 335 -55.15 -32.97 -14.11
CA GLU H 335 -55.70 -33.82 -13.05
C GLU H 335 -57.06 -34.43 -13.38
N GLU H 336 -57.90 -33.65 -14.05
CA GLU H 336 -59.22 -34.11 -14.47
C GLU H 336 -59.10 -35.25 -15.47
N ARG H 337 -57.95 -35.35 -16.12
CA ARG H 337 -57.69 -36.43 -17.05
C ARG H 337 -57.01 -37.55 -16.23
N ASN H 338 -56.84 -37.36 -14.93
CA ASN H 338 -56.19 -38.41 -14.15
C ASN H 338 -54.77 -38.60 -14.66
N LEU H 339 -54.21 -37.55 -15.26
CA LEU H 339 -52.86 -37.60 -15.81
C LEU H 339 -52.81 -38.43 -17.09
#